data_7WTD
#
_entry.id   7WTD
#
_cell.length_a   1.00
_cell.length_b   1.00
_cell.length_c   1.00
_cell.angle_alpha   90.00
_cell.angle_beta   90.00
_cell.angle_gamma   90.00
#
_symmetry.space_group_name_H-M   'P 1'
#
loop_
_entity.id
_entity.type
_entity.pdbx_description
1 polymer 'Pyruvate carboxylase, mitochondrial'
2 non-polymer "ADENOSINE-5'-TRIPHOSPHATE"
3 non-polymer 'COENZYME A'
#
_entity_poly.entity_id   1
_entity_poly.type   'polypeptide(L)'
_entity_poly.pdbx_seq_one_letter_code
;MLKFRTVHGGLRLLGIRRTSTAPAASPNVRRLEYKPIKKVMVANRGEIAIRVFRACTELGIRTVAIYSEQDTGQMHRQKA
DEAYLIGRGLAPVQAYLHIPDIIKVAKENNVDAVHPGYGFLSERADFAQACQDAGVRFIGPSPEVVRKMGDKVEARAIAI
AAGVPVVPGTDAPITSLHEAHEFSNTYGFPIIFKAAYGGGGRGMRVVHSYEELEENYTRAYSEALAAFGNGALFVEKFIE
KPRHIEVQILGDQYGNILHLYERDCSIQRRHQKVVEIAPAAHLDPQLRTRLTSDSVKLAKQVGYENAGTVEFLVDRHGKH
YFIEVNSRLQVEHTVTEEITDVDLVHAQIHVAEGRSLPDLGLRQENIRINGCAIQCRVTTEDPARSFQPDTGRIEVFRSG
EGMGIRLDNASAFQGAVISPHYDSLLVKVIAHGKDHPTAATKMSRALAEFRVRGVKTNIAFLQNVLNNQQFLAGTVDTQF
IDENPELFQLRPAQNRAQKLLHYLGHVMVNGPTTPIPVKASPSPTDPVVPAVPIGPPPAGFRDILLREGPEGFARAVRNH
PGLLLMDTTFRDAHQSLLATRVRTHDLKKIAPYVAHNFSKLFSMENWGGATFDVAMRFLYECPWRRLQELRELIPNIPFQ
MLLRGANAVGYTNYPDNVVFKFCEVAKENGMDVFRVFDSLNYLPNMLLGMEAAGSAGGVVEAAISYTGDVADPSRTKYSL
QYYMGLAEELVRAGTHILCIKDMAGLLKPTACTMLVSSLRDRFPDLPLHIHTHDTSGAGVAAMLACAQAGADVVDVAADS
MSGMTSQPSMGALVACTRGTPLDTEVPMERVFDYSEYWEGARGLYAAFDCTATMKSGNSDVYENEIPGGQYTNLHFQAHS
MGLGSKFKEVKKAYVEANQMLGDLIKVTPSSKIVGDLAQFMVQNGLSRAEAEAQAEELSFPRSVVEFLQGYIGVPHGGFP
EPFRSKVLKDLPRVEGRPGASLPPLDLQALEKELVDRHGEEVTPEDVLSAAMYPDVFAHFKDFTATFGPLDSLNTRLFLQ
GPKIAEEFEVELERGKTLHIKALAVSDLNRAGQRQVFFELNGQLRSILVKDTQAMKEMHFHPKALKDVKGQIGAPMPGKV
IDIKVVAGAKVAKGQPLCVLSAMKMETVVTSPMEGTVRKVHVTKDMTLEGDDLILEIE
;
_entity_poly.pdbx_strand_id   A,B,C,D
#
# COMPACT_ATOMS: atom_id res chain seq x y z
N ASN A 495 46.39 -23.97 -8.20
CA ASN A 495 46.75 -25.20 -8.91
C ASN A 495 45.60 -25.64 -9.82
N ARG A 496 44.87 -26.66 -9.37
CA ARG A 496 43.76 -27.21 -10.13
C ARG A 496 42.41 -26.92 -9.48
N ALA A 497 42.29 -27.08 -8.16
CA ALA A 497 41.03 -26.79 -7.49
C ALA A 497 40.76 -25.29 -7.43
N GLN A 498 41.78 -24.47 -7.65
CA GLN A 498 41.60 -23.02 -7.59
C GLN A 498 40.62 -22.55 -8.66
N LYS A 499 40.74 -23.09 -9.87
CA LYS A 499 39.82 -22.72 -10.94
C LYS A 499 38.40 -23.17 -10.63
N LEU A 500 38.25 -24.34 -10.02
CA LEU A 500 36.94 -24.80 -9.59
C LEU A 500 36.35 -23.85 -8.56
N LEU A 501 37.19 -23.38 -7.64
CA LEU A 501 36.74 -22.38 -6.67
C LEU A 501 36.31 -21.10 -7.37
N HIS A 502 37.07 -20.67 -8.37
CA HIS A 502 36.69 -19.49 -9.14
C HIS A 502 35.32 -19.67 -9.77
N TYR A 503 35.10 -20.82 -10.40
CA TYR A 503 33.83 -21.06 -11.06
C TYR A 503 32.68 -21.07 -10.07
N LEU A 504 32.85 -21.76 -8.94
CA LEU A 504 31.76 -21.82 -7.97
C LEU A 504 31.46 -20.43 -7.40
N GLY A 505 32.50 -19.67 -7.06
CA GLY A 505 32.26 -18.32 -6.58
C GLY A 505 31.52 -17.49 -7.62
N HIS A 506 31.93 -17.62 -8.89
CA HIS A 506 31.30 -16.88 -9.96
C HIS A 506 29.82 -17.24 -10.08
N VAL A 507 29.49 -18.54 -9.98
CA VAL A 507 28.11 -18.94 -10.16
C VAL A 507 27.26 -18.52 -8.96
N MET A 508 27.81 -18.58 -7.75
CA MET A 508 26.99 -18.12 -6.62
C MET A 508 26.80 -16.60 -6.63
N VAL A 509 27.78 -15.85 -7.12
CA VAL A 509 27.62 -14.40 -7.08
C VAL A 509 26.74 -13.93 -8.23
N ASN A 510 26.84 -14.59 -9.39
CA ASN A 510 26.12 -14.15 -10.57
C ASN A 510 24.88 -14.98 -10.88
N GLY A 511 24.68 -16.10 -10.18
CA GLY A 511 23.59 -16.99 -10.51
C GLY A 511 24.00 -17.99 -11.57
N PRO A 512 23.03 -18.56 -12.28
CA PRO A 512 23.34 -19.54 -13.32
C PRO A 512 24.09 -18.89 -14.49
N THR A 513 24.97 -19.68 -15.10
CA THR A 513 25.71 -19.20 -16.26
C THR A 513 25.03 -19.62 -17.56
N THR A 514 24.83 -20.92 -17.75
CA THR A 514 24.15 -21.41 -18.93
C THR A 514 22.70 -20.94 -18.93
N PRO A 515 22.13 -20.70 -20.12
CA PRO A 515 20.75 -20.20 -20.18
C PRO A 515 19.76 -21.16 -19.55
N ILE A 516 18.74 -20.58 -18.91
CA ILE A 516 17.68 -21.36 -18.26
C ILE A 516 16.35 -20.89 -18.81
N PRO A 517 15.53 -21.80 -19.39
CA PRO A 517 14.26 -21.37 -20.00
C PRO A 517 13.29 -20.77 -18.99
N VAL A 518 12.96 -21.52 -17.94
CA VAL A 518 12.07 -21.08 -16.88
C VAL A 518 12.76 -21.30 -15.54
N LYS A 519 12.56 -20.37 -14.61
CA LYS A 519 13.28 -20.38 -13.35
C LYS A 519 12.54 -21.26 -12.35
N ALA A 520 13.21 -22.32 -11.90
CA ALA A 520 12.66 -23.21 -10.89
C ALA A 520 13.83 -23.84 -10.12
N SER A 521 13.51 -24.36 -8.95
CA SER A 521 14.55 -24.93 -8.10
C SER A 521 14.49 -26.45 -8.12
N PRO A 522 15.56 -27.13 -8.55
CA PRO A 522 15.58 -28.59 -8.48
C PRO A 522 15.47 -29.08 -7.04
N SER A 523 14.69 -30.14 -6.86
CA SER A 523 14.45 -30.65 -5.52
C SER A 523 15.68 -31.40 -5.00
N PRO A 524 16.02 -31.24 -3.71
CA PRO A 524 17.22 -31.88 -3.14
C PRO A 524 17.02 -33.34 -2.74
N THR A 525 16.82 -34.20 -3.75
CA THR A 525 16.69 -35.63 -3.54
C THR A 525 17.77 -36.35 -4.34
N ASP A 526 18.47 -37.28 -3.70
CA ASP A 526 19.52 -38.01 -4.39
C ASP A 526 19.01 -39.38 -4.84
N PRO A 527 18.94 -39.63 -6.14
CA PRO A 527 18.47 -40.94 -6.61
C PRO A 527 19.38 -42.06 -6.14
N VAL A 528 18.78 -43.21 -5.86
CA VAL A 528 19.50 -44.39 -5.40
C VAL A 528 19.51 -45.42 -6.52
N VAL A 529 20.59 -46.20 -6.59
CA VAL A 529 20.76 -47.22 -7.63
C VAL A 529 20.71 -48.59 -6.97
N PRO A 530 19.85 -49.50 -7.43
CA PRO A 530 19.85 -50.86 -6.89
C PRO A 530 21.16 -51.57 -7.19
N ALA A 531 21.57 -52.40 -6.24
CA ALA A 531 22.85 -53.08 -6.34
C ALA A 531 22.81 -54.18 -7.41
N VAL A 532 23.98 -54.48 -7.94
CA VAL A 532 24.15 -55.56 -8.93
C VAL A 532 25.34 -56.40 -8.48
N PRO A 533 25.43 -57.67 -8.89
CA PRO A 533 26.55 -58.50 -8.46
C PRO A 533 27.89 -57.95 -8.93
N ILE A 534 28.92 -58.18 -8.10
CA ILE A 534 30.24 -57.64 -8.39
C ILE A 534 30.94 -58.37 -9.54
N GLY A 535 30.49 -59.58 -9.89
CA GLY A 535 31.11 -60.34 -10.94
C GLY A 535 30.90 -59.72 -12.30
N PRO A 536 31.48 -60.31 -13.34
CA PRO A 536 31.31 -59.77 -14.68
C PRO A 536 29.88 -59.86 -15.12
N PRO A 537 29.39 -58.87 -15.88
CA PRO A 537 28.01 -58.93 -16.36
C PRO A 537 27.83 -60.07 -17.34
N PRO A 538 26.62 -60.63 -17.42
CA PRO A 538 26.38 -61.72 -18.37
C PRO A 538 26.57 -61.26 -19.82
N ALA A 539 27.01 -62.20 -20.65
CA ALA A 539 27.43 -61.89 -22.01
C ALA A 539 26.25 -61.46 -22.87
N GLY A 540 26.57 -60.77 -23.96
CA GLY A 540 25.55 -60.27 -24.88
C GLY A 540 25.96 -60.30 -26.34
N PHE A 541 25.39 -59.39 -27.13
CA PHE A 541 25.61 -59.39 -28.58
C PHE A 541 27.02 -58.96 -28.96
N ARG A 542 27.71 -58.20 -28.11
CA ARG A 542 29.03 -57.71 -28.48
C ARG A 542 30.00 -58.86 -28.70
N ASP A 543 29.97 -59.87 -27.85
CA ASP A 543 30.83 -61.03 -28.03
C ASP A 543 30.51 -61.76 -29.32
N ILE A 544 29.22 -61.89 -29.63
CA ILE A 544 28.80 -62.55 -30.87
C ILE A 544 29.34 -61.81 -32.07
N LEU A 545 29.24 -60.48 -32.06
CA LEU A 545 29.79 -59.70 -33.17
C LEU A 545 31.30 -59.83 -33.24
N LEU A 546 31.96 -59.85 -32.08
CA LEU A 546 33.42 -59.97 -32.06
C LEU A 546 33.88 -61.29 -32.67
N ARG A 547 33.19 -62.38 -32.36
CA ARG A 547 33.65 -63.69 -32.81
C ARG A 547 33.05 -64.07 -34.16
N GLU A 548 31.72 -64.04 -34.26
CA GLU A 548 31.06 -64.55 -35.46
C GLU A 548 31.28 -63.64 -36.66
N GLY A 549 31.36 -62.33 -36.45
CA GLY A 549 31.54 -61.40 -37.53
C GLY A 549 30.23 -60.81 -37.99
N PRO A 550 30.29 -59.69 -38.72
CA PRO A 550 29.06 -58.92 -39.01
C PRO A 550 28.02 -59.70 -39.79
N GLU A 551 28.43 -60.46 -40.81
CA GLU A 551 27.46 -61.23 -41.58
C GLU A 551 26.83 -62.32 -40.74
N GLY A 552 27.66 -63.09 -40.03
CA GLY A 552 27.13 -64.09 -39.11
C GLY A 552 26.32 -63.46 -37.99
N PHE A 553 26.73 -62.28 -37.55
CA PHE A 553 25.97 -61.56 -36.52
C PHE A 553 24.56 -61.25 -36.99
N ALA A 554 24.44 -60.66 -38.19
CA ALA A 554 23.12 -60.33 -38.73
C ALA A 554 22.31 -61.60 -38.98
N ARG A 555 22.95 -62.65 -39.50
CA ARG A 555 22.25 -63.90 -39.74
C ARG A 555 21.71 -64.50 -38.45
N ALA A 556 22.51 -64.47 -37.39
CA ALA A 556 22.06 -64.99 -36.09
C ALA A 556 20.92 -64.15 -35.54
N VAL A 557 21.00 -62.83 -35.67
CA VAL A 557 19.91 -61.97 -35.24
C VAL A 557 18.63 -62.32 -35.98
N ARG A 558 18.75 -62.62 -37.28
CA ARG A 558 17.60 -63.11 -38.03
C ARG A 558 17.11 -64.46 -37.50
N ASN A 559 18.03 -65.32 -37.10
CA ASN A 559 17.69 -66.70 -36.74
C ASN A 559 17.29 -66.87 -35.28
N HIS A 560 17.31 -65.81 -34.49
CA HIS A 560 16.95 -65.94 -33.07
C HIS A 560 15.47 -66.30 -32.95
N PRO A 561 15.12 -67.27 -32.09
CA PRO A 561 13.72 -67.67 -31.94
C PRO A 561 12.93 -66.74 -31.02
N GLY A 562 13.03 -65.44 -31.27
CA GLY A 562 12.32 -64.47 -30.48
C GLY A 562 12.71 -63.06 -30.87
N LEU A 563 11.85 -62.13 -30.51
CA LEU A 563 12.12 -60.71 -30.76
C LEU A 563 13.26 -60.23 -29.87
N LEU A 564 14.06 -59.30 -30.40
CA LEU A 564 15.16 -58.73 -29.66
C LEU A 564 14.91 -57.25 -29.35
N LEU A 565 15.67 -56.74 -28.39
CA LEU A 565 15.45 -55.42 -27.81
C LEU A 565 16.71 -54.57 -27.99
N MET A 566 16.52 -53.28 -28.28
CA MET A 566 17.62 -52.34 -28.36
C MET A 566 17.27 -51.12 -27.50
N ASP A 567 18.25 -50.64 -26.74
CA ASP A 567 18.02 -49.56 -25.79
C ASP A 567 18.49 -48.22 -26.37
N THR A 568 17.63 -47.22 -26.32
CA THR A 568 17.96 -45.87 -26.77
C THR A 568 17.65 -44.84 -25.69
N THR A 569 17.59 -45.28 -24.43
CA THR A 569 17.36 -44.36 -23.32
C THR A 569 18.49 -43.34 -23.19
N PHE A 570 19.72 -43.78 -23.40
CA PHE A 570 20.87 -42.92 -23.15
C PHE A 570 20.92 -41.73 -24.11
N ARG A 571 20.28 -41.83 -25.27
CA ARG A 571 20.37 -40.78 -26.28
C ARG A 571 19.04 -40.08 -26.52
N ASP A 572 18.01 -40.81 -26.96
CA ASP A 572 16.84 -40.14 -27.50
C ASP A 572 15.85 -39.73 -26.42
N ALA A 573 15.87 -40.41 -25.27
CA ALA A 573 14.93 -40.09 -24.21
C ALA A 573 15.12 -38.66 -23.72
N HIS A 574 16.35 -38.31 -23.34
CA HIS A 574 16.62 -36.96 -22.88
C HIS A 574 16.68 -35.96 -24.02
N GLN A 575 17.05 -36.41 -25.22
CA GLN A 575 17.01 -35.52 -26.37
C GLN A 575 15.58 -35.05 -26.64
N SER A 576 14.61 -35.94 -26.51
CA SER A 576 13.22 -35.58 -26.75
C SER A 576 12.64 -34.79 -25.57
N LEU A 577 12.76 -35.33 -24.36
CA LEU A 577 12.16 -34.67 -23.21
C LEU A 577 12.97 -33.45 -22.78
N LEU A 578 14.22 -33.66 -22.41
CA LEU A 578 15.08 -32.59 -21.93
C LEU A 578 15.61 -31.81 -23.13
N ALA A 579 16.59 -30.94 -22.88
CA ALA A 579 17.39 -30.34 -23.94
C ALA A 579 18.72 -31.08 -24.08
N THR A 580 18.67 -32.40 -23.92
CA THR A 580 19.82 -33.31 -23.86
C THR A 580 20.99 -32.67 -23.09
N ARG A 581 20.68 -32.19 -21.90
CA ARG A 581 21.68 -31.61 -21.00
C ARG A 581 22.13 -32.61 -19.94
N VAL A 582 22.06 -33.90 -20.24
CA VAL A 582 22.42 -34.92 -19.26
C VAL A 582 23.94 -35.09 -19.23
N ARG A 583 24.51 -35.05 -18.03
CA ARG A 583 25.93 -35.26 -17.84
C ARG A 583 26.27 -36.74 -17.86
N THR A 584 27.53 -37.04 -18.18
CA THR A 584 27.99 -38.43 -18.11
C THR A 584 27.98 -38.95 -16.68
N HIS A 585 28.02 -38.04 -15.69
CA HIS A 585 27.93 -38.44 -14.31
C HIS A 585 26.61 -39.17 -14.02
N ASP A 586 25.52 -38.73 -14.65
CA ASP A 586 24.24 -39.41 -14.47
C ASP A 586 24.29 -40.82 -15.05
N LEU A 587 24.95 -40.99 -16.19
CA LEU A 587 24.98 -42.29 -16.84
C LEU A 587 25.94 -43.27 -16.17
N LYS A 588 26.97 -42.75 -15.49
CA LYS A 588 27.94 -43.62 -14.85
C LYS A 588 27.31 -44.43 -13.71
N LYS A 589 26.33 -43.85 -13.01
CA LYS A 589 25.76 -44.55 -11.87
C LYS A 589 24.73 -45.59 -12.29
N ILE A 590 24.34 -45.61 -13.57
CA ILE A 590 23.39 -46.60 -14.06
C ILE A 590 24.04 -47.61 -15.00
N ALA A 591 25.21 -47.32 -15.57
CA ALA A 591 25.83 -48.26 -16.51
C ALA A 591 26.02 -49.66 -15.94
N PRO A 592 26.58 -49.88 -14.74
CA PRO A 592 26.71 -51.25 -14.25
C PRO A 592 25.40 -51.98 -14.08
N TYR A 593 24.33 -51.25 -13.73
CA TYR A 593 23.01 -51.88 -13.61
C TYR A 593 22.57 -52.50 -14.92
N VAL A 594 22.61 -51.72 -16.01
CA VAL A 594 22.21 -52.22 -17.31
C VAL A 594 23.14 -53.35 -17.76
N ALA A 595 24.44 -53.19 -17.51
CA ALA A 595 25.39 -54.21 -17.91
C ALA A 595 25.07 -55.56 -17.25
N HIS A 596 24.92 -55.56 -15.93
CA HIS A 596 24.73 -56.82 -15.21
C HIS A 596 23.32 -57.38 -15.37
N ASN A 597 22.34 -56.54 -15.70
CA ASN A 597 20.96 -57.00 -15.80
C ASN A 597 20.52 -57.22 -17.23
N PHE A 598 20.66 -56.19 -18.08
CA PHE A 598 20.19 -56.25 -19.46
C PHE A 598 21.31 -56.79 -20.34
N SER A 599 21.32 -58.13 -20.50
CA SER A 599 22.34 -58.80 -21.28
C SER A 599 21.87 -59.22 -22.66
N LYS A 600 20.56 -59.37 -22.86
CA LYS A 600 20.02 -59.79 -24.15
C LYS A 600 19.70 -58.63 -25.08
N LEU A 601 19.99 -57.39 -24.66
CA LEU A 601 19.76 -56.24 -25.50
C LEU A 601 20.62 -56.31 -26.76
N PHE A 602 20.01 -55.94 -27.89
CA PHE A 602 20.72 -56.04 -29.17
C PHE A 602 21.87 -55.05 -29.23
N SER A 603 21.62 -53.79 -28.91
CA SER A 603 22.65 -52.76 -28.90
C SER A 603 22.13 -51.58 -28.09
N MET A 604 22.88 -50.48 -28.09
CA MET A 604 22.51 -49.29 -27.35
C MET A 604 22.85 -48.06 -28.19
N GLU A 605 21.99 -47.05 -28.12
CA GLU A 605 22.15 -45.82 -28.88
C GLU A 605 22.54 -44.68 -27.94
N ASN A 606 23.64 -44.02 -28.25
CA ASN A 606 24.24 -43.05 -27.33
C ASN A 606 24.51 -41.68 -27.94
N TRP A 607 24.88 -41.61 -29.22
CA TRP A 607 24.99 -40.31 -29.88
C TRP A 607 23.81 -40.07 -30.82
N GLY A 608 23.65 -38.80 -31.19
CA GLY A 608 22.52 -38.41 -32.02
C GLY A 608 22.76 -37.08 -32.68
N GLY A 609 21.74 -36.62 -33.40
CA GLY A 609 21.84 -35.40 -34.19
C GLY A 609 22.12 -34.16 -33.38
N ALA A 610 21.15 -33.72 -32.58
CA ALA A 610 21.33 -32.52 -31.75
C ALA A 610 21.98 -32.86 -30.42
N THR A 611 23.09 -33.57 -30.47
CA THR A 611 23.85 -33.94 -29.29
C THR A 611 25.25 -33.33 -29.27
N PHE A 612 26.03 -33.59 -30.32
CA PHE A 612 27.42 -33.11 -30.36
C PHE A 612 27.47 -31.59 -30.31
N ASP A 613 26.64 -30.93 -31.11
CA ASP A 613 26.64 -29.46 -31.17
C ASP A 613 26.29 -28.87 -29.81
N VAL A 614 25.24 -29.38 -29.18
CA VAL A 614 24.81 -28.84 -27.89
C VAL A 614 25.82 -29.20 -26.80
N ALA A 615 26.64 -30.23 -27.03
CA ALA A 615 27.65 -30.58 -26.04
C ALA A 615 28.65 -29.46 -25.79
N MET A 616 28.88 -28.59 -26.77
CA MET A 616 29.72 -27.42 -26.55
C MET A 616 29.00 -26.10 -26.63
N ARG A 617 27.86 -26.01 -27.33
CA ARG A 617 27.24 -24.71 -27.55
C ARG A 617 26.62 -24.16 -26.27
N PHE A 618 25.65 -24.88 -25.71
CA PHE A 618 25.06 -24.50 -24.42
C PHE A 618 25.78 -25.18 -23.26
N LEU A 619 25.92 -26.50 -23.35
CA LEU A 619 26.66 -27.24 -22.34
C LEU A 619 28.16 -27.12 -22.59
N TYR A 620 28.95 -27.59 -21.63
CA TYR A 620 30.41 -27.52 -21.73
C TYR A 620 30.96 -28.92 -21.44
N GLU A 621 30.93 -29.80 -22.44
CA GLU A 621 31.41 -31.17 -22.29
C GLU A 621 31.85 -31.72 -23.64
N CYS A 622 32.79 -32.67 -23.58
CA CYS A 622 33.32 -33.30 -24.78
C CYS A 622 32.72 -34.69 -24.95
N PRO A 623 32.01 -34.97 -26.04
CA PRO A 623 31.41 -36.32 -26.19
C PRO A 623 32.42 -37.42 -26.44
N TRP A 624 33.61 -37.09 -26.97
CA TRP A 624 34.59 -38.12 -27.25
C TRP A 624 35.02 -38.85 -25.98
N ARG A 625 35.37 -38.11 -24.94
CA ARG A 625 35.71 -38.76 -23.68
C ARG A 625 34.50 -39.44 -23.06
N ARG A 626 33.30 -38.95 -23.37
CA ARG A 626 32.10 -39.63 -22.90
C ARG A 626 32.02 -41.04 -23.47
N LEU A 627 32.23 -41.17 -24.78
CA LEU A 627 32.28 -42.51 -25.37
C LEU A 627 33.44 -43.31 -24.82
N GLN A 628 34.59 -42.66 -24.63
CA GLN A 628 35.76 -43.37 -24.13
C GLN A 628 35.50 -43.99 -22.76
N GLU A 629 34.81 -43.27 -21.88
CA GLU A 629 34.49 -43.81 -20.57
C GLU A 629 33.35 -44.81 -20.63
N LEU A 630 32.36 -44.58 -21.50
CA LEU A 630 31.21 -45.49 -21.56
C LEU A 630 31.59 -46.85 -22.11
N ARG A 631 32.38 -46.88 -23.19
CA ARG A 631 32.67 -48.14 -23.87
C ARG A 631 33.45 -49.09 -22.97
N GLU A 632 34.44 -48.57 -22.24
CA GLU A 632 35.24 -49.44 -21.38
C GLU A 632 34.41 -50.01 -20.24
N LEU A 633 33.36 -49.30 -19.80
CA LEU A 633 32.52 -49.79 -18.72
C LEU A 633 31.48 -50.80 -19.18
N ILE A 634 31.25 -50.92 -20.48
CA ILE A 634 30.25 -51.86 -21.00
C ILE A 634 30.91 -52.72 -22.08
N PRO A 635 31.71 -53.72 -21.72
CA PRO A 635 32.20 -54.67 -22.73
C PRO A 635 31.21 -55.79 -22.97
N ASN A 636 29.94 -55.45 -23.07
CA ASN A 636 28.88 -56.45 -23.20
C ASN A 636 27.93 -56.18 -24.35
N ILE A 637 27.59 -54.91 -24.59
CA ILE A 637 26.56 -54.52 -25.55
C ILE A 637 27.19 -53.62 -26.60
N PRO A 638 27.03 -53.91 -27.88
CA PRO A 638 27.53 -52.98 -28.91
C PRO A 638 26.77 -51.66 -28.85
N PHE A 639 27.44 -50.59 -29.27
CA PHE A 639 26.87 -49.27 -29.25
C PHE A 639 26.50 -48.79 -30.65
N GLN A 640 25.60 -47.81 -30.71
CA GLN A 640 25.09 -47.28 -31.95
C GLN A 640 24.98 -45.76 -31.86
N MET A 641 25.32 -45.06 -32.94
CA MET A 641 25.15 -43.62 -33.00
C MET A 641 24.14 -43.28 -34.08
N LEU A 642 23.74 -42.02 -34.13
CA LEU A 642 23.01 -41.47 -35.26
C LEU A 642 23.99 -40.74 -36.16
N LEU A 643 24.37 -41.37 -37.27
CA LEU A 643 25.38 -40.85 -38.18
C LEU A 643 24.74 -40.55 -39.52
N ARG A 644 24.87 -39.30 -39.98
CA ARG A 644 24.37 -38.91 -41.29
C ARG A 644 25.41 -39.18 -42.36
N GLY A 645 24.95 -39.25 -43.60
CA GLY A 645 25.78 -39.68 -44.71
C GLY A 645 26.88 -38.72 -45.11
N ALA A 646 26.50 -37.58 -45.70
CA ALA A 646 27.49 -36.63 -46.19
C ALA A 646 28.06 -35.78 -45.07
N ASN A 647 27.21 -35.00 -44.41
CA ASN A 647 27.65 -34.26 -43.23
C ASN A 647 27.86 -35.24 -42.08
N ALA A 648 29.02 -35.12 -41.41
CA ALA A 648 29.36 -36.07 -40.36
C ALA A 648 28.43 -35.93 -39.16
N VAL A 649 28.48 -34.78 -38.49
CA VAL A 649 27.57 -34.47 -37.39
C VAL A 649 26.98 -33.08 -37.48
N GLY A 650 27.52 -32.21 -38.33
CA GLY A 650 27.13 -30.82 -38.37
C GLY A 650 26.01 -30.55 -39.34
N TYR A 651 26.01 -29.34 -39.89
CA TYR A 651 24.95 -28.87 -40.77
C TYR A 651 25.38 -28.71 -42.22
N THR A 652 26.67 -28.88 -42.52
CA THR A 652 27.17 -28.67 -43.87
C THR A 652 28.02 -29.85 -44.30
N ASN A 653 28.13 -30.03 -45.61
CA ASN A 653 28.85 -31.17 -46.16
C ASN A 653 30.34 -31.02 -45.93
N TYR A 654 31.03 -32.15 -45.96
CA TYR A 654 32.44 -32.24 -45.64
C TYR A 654 33.15 -33.07 -46.71
N PRO A 655 34.46 -32.90 -46.86
CA PRO A 655 35.19 -33.73 -47.82
C PRO A 655 35.09 -35.21 -47.48
N ASP A 656 35.33 -36.05 -48.48
CA ASP A 656 35.23 -37.49 -48.27
C ASP A 656 36.23 -37.98 -47.23
N ASN A 657 37.46 -37.46 -47.28
CA ASN A 657 38.51 -37.96 -46.40
C ASN A 657 38.19 -37.70 -44.94
N VAL A 658 37.64 -36.52 -44.62
CA VAL A 658 37.39 -36.21 -43.21
C VAL A 658 36.27 -37.07 -42.66
N VAL A 659 35.24 -37.35 -43.46
CA VAL A 659 34.17 -38.24 -43.01
C VAL A 659 34.70 -39.66 -42.85
N PHE A 660 35.58 -40.09 -43.77
CA PHE A 660 36.20 -41.41 -43.65
C PHE A 660 36.99 -41.52 -42.36
N LYS A 661 37.78 -40.49 -42.04
CA LYS A 661 38.54 -40.49 -40.78
C LYS A 661 37.61 -40.48 -39.58
N PHE A 662 36.53 -39.71 -39.64
CA PHE A 662 35.54 -39.72 -38.56
C PHE A 662 35.05 -41.13 -38.29
N CYS A 663 34.59 -41.82 -39.34
CA CYS A 663 34.05 -43.15 -39.17
C CYS A 663 35.11 -44.13 -38.68
N GLU A 664 36.32 -44.05 -39.23
CA GLU A 664 37.35 -45.02 -38.86
C GLU A 664 37.80 -44.83 -37.41
N VAL A 665 37.93 -43.58 -36.96
CA VAL A 665 38.32 -43.37 -35.56
C VAL A 665 37.17 -43.73 -34.63
N ALA A 666 35.92 -43.50 -35.07
CA ALA A 666 34.79 -43.89 -34.23
C ALA A 666 34.75 -45.40 -34.03
N LYS A 667 35.02 -46.17 -35.11
CA LYS A 667 35.19 -47.62 -34.94
C LYS A 667 36.39 -47.95 -34.05
N GLU A 668 37.52 -47.29 -34.28
CA GLU A 668 38.74 -47.68 -33.60
C GLU A 668 38.66 -47.39 -32.10
N ASN A 669 37.77 -46.47 -31.71
CA ASN A 669 37.60 -46.16 -30.30
C ASN A 669 37.09 -47.37 -29.52
N GLY A 670 36.52 -48.35 -30.21
CA GLY A 670 36.00 -49.53 -29.56
C GLY A 670 34.53 -49.78 -29.89
N MET A 671 33.94 -48.83 -30.61
CA MET A 671 32.53 -48.93 -31.00
C MET A 671 32.38 -49.90 -32.18
N ASP A 672 31.18 -50.47 -32.29
CA ASP A 672 30.95 -51.61 -33.16
C ASP A 672 30.12 -51.30 -34.39
N VAL A 673 28.91 -50.75 -34.22
CA VAL A 673 27.94 -50.64 -35.30
C VAL A 673 27.60 -49.17 -35.55
N PHE A 674 27.47 -48.81 -36.83
CA PHE A 674 27.05 -47.47 -37.23
C PHE A 674 25.69 -47.52 -37.92
N ARG A 675 24.82 -46.58 -37.58
CA ARG A 675 23.55 -46.39 -38.25
C ARG A 675 23.72 -45.26 -39.26
N VAL A 676 23.45 -45.56 -40.54
CA VAL A 676 23.73 -44.65 -41.64
C VAL A 676 22.41 -44.25 -42.28
N PHE A 677 22.22 -42.94 -42.46
CA PHE A 677 21.03 -42.39 -43.07
C PHE A 677 21.34 -40.96 -43.51
N ASP A 678 20.31 -40.25 -43.96
CA ASP A 678 20.45 -38.83 -44.27
C ASP A 678 19.08 -38.17 -44.19
N SER A 679 19.09 -36.84 -44.23
CA SER A 679 17.85 -36.08 -44.08
C SER A 679 16.85 -36.40 -45.19
N LEU A 680 17.32 -36.45 -46.43
CA LEU A 680 16.52 -36.86 -47.56
C LEU A 680 17.21 -38.03 -48.25
N ASN A 681 16.43 -39.00 -48.72
CA ASN A 681 16.98 -40.27 -49.17
C ASN A 681 17.76 -40.10 -50.47
N TYR A 682 18.91 -39.45 -50.34
CA TYR A 682 19.81 -39.19 -51.45
C TYR A 682 20.85 -40.31 -51.50
N LEU A 683 20.78 -41.12 -52.55
CA LEU A 683 21.55 -42.36 -52.61
C LEU A 683 23.05 -42.16 -52.40
N PRO A 684 23.72 -41.20 -53.07
CA PRO A 684 25.18 -41.07 -52.85
C PRO A 684 25.55 -40.84 -51.40
N ASN A 685 24.69 -40.18 -50.63
CA ASN A 685 24.98 -39.99 -49.21
C ASN A 685 25.07 -41.34 -48.49
N MET A 686 24.08 -42.21 -48.71
CA MET A 686 24.15 -43.55 -48.13
C MET A 686 25.35 -44.32 -48.65
N LEU A 687 25.67 -44.18 -49.94
CA LEU A 687 26.83 -44.88 -50.48
C LEU A 687 28.12 -44.43 -49.79
N LEU A 688 28.30 -43.13 -49.62
CA LEU A 688 29.46 -42.63 -48.89
C LEU A 688 29.50 -43.18 -47.47
N GLY A 689 28.37 -43.11 -46.77
CA GLY A 689 28.35 -43.60 -45.40
C GLY A 689 28.70 -45.08 -45.30
N MET A 690 28.09 -45.89 -46.16
CA MET A 690 28.30 -47.33 -46.08
C MET A 690 29.70 -47.71 -46.50
N GLU A 691 30.25 -47.04 -47.52
CA GLU A 691 31.62 -47.36 -47.92
C GLU A 691 32.62 -46.94 -46.86
N ALA A 692 32.37 -45.81 -46.19
CA ALA A 692 33.22 -45.42 -45.08
C ALA A 692 33.15 -46.45 -43.96
N ALA A 693 31.94 -46.92 -43.62
CA ALA A 693 31.80 -47.91 -42.57
C ALA A 693 32.49 -49.21 -42.95
N GLY A 694 32.36 -49.63 -44.22
CA GLY A 694 33.00 -50.86 -44.65
C GLY A 694 34.51 -50.77 -44.65
N SER A 695 35.05 -49.64 -45.13
CA SER A 695 36.49 -49.42 -45.06
C SER A 695 36.96 -49.39 -43.62
N ALA A 696 36.13 -48.91 -42.71
CA ALA A 696 36.45 -48.98 -41.29
C ALA A 696 36.49 -50.43 -40.80
N GLY A 697 35.65 -51.28 -41.39
CA GLY A 697 35.61 -52.67 -41.03
C GLY A 697 34.57 -53.06 -40.00
N GLY A 698 33.57 -52.20 -39.75
CA GLY A 698 32.53 -52.48 -38.80
C GLY A 698 31.21 -52.79 -39.49
N VAL A 699 30.19 -53.04 -38.66
CA VAL A 699 28.87 -53.39 -39.18
C VAL A 699 28.26 -52.17 -39.85
N VAL A 700 27.83 -52.35 -41.09
CA VAL A 700 27.17 -51.31 -41.85
C VAL A 700 25.67 -51.49 -41.67
N GLU A 701 25.00 -50.42 -41.23
CA GLU A 701 23.55 -50.45 -41.05
C GLU A 701 22.97 -49.20 -41.69
N ALA A 702 22.32 -49.36 -42.83
CA ALA A 702 21.60 -48.27 -43.48
C ALA A 702 20.15 -48.28 -43.01
N ALA A 703 19.52 -47.11 -43.09
CA ALA A 703 18.13 -46.96 -42.69
C ALA A 703 17.40 -46.10 -43.71
N ILE A 704 16.08 -46.30 -43.77
CA ILE A 704 15.21 -45.53 -44.66
C ILE A 704 14.25 -44.73 -43.79
N SER A 705 14.22 -43.43 -44.02
CA SER A 705 13.23 -42.59 -43.34
C SER A 705 11.83 -42.93 -43.85
N TYR A 706 10.87 -42.94 -42.94
CA TYR A 706 9.49 -43.23 -43.29
C TYR A 706 8.62 -42.01 -43.03
N THR A 707 7.70 -41.74 -43.95
CA THR A 707 6.84 -40.59 -43.87
C THR A 707 5.53 -40.92 -44.59
N GLY A 708 4.44 -40.35 -44.08
CA GLY A 708 3.13 -40.61 -44.65
C GLY A 708 2.60 -41.98 -44.26
N ASP A 709 1.51 -42.35 -44.89
CA ASP A 709 0.87 -43.65 -44.67
C ASP A 709 0.76 -44.43 -45.97
N VAL A 710 1.23 -45.68 -45.95
CA VAL A 710 1.17 -46.52 -47.13
C VAL A 710 -0.26 -47.02 -47.38
N ALA A 711 -1.06 -47.18 -46.34
CA ALA A 711 -2.40 -47.74 -46.51
C ALA A 711 -3.28 -46.82 -47.36
N ASP A 712 -3.13 -45.52 -47.19
CA ASP A 712 -3.95 -44.58 -47.96
C ASP A 712 -3.52 -44.59 -49.41
N PRO A 713 -4.40 -44.93 -50.35
CA PRO A 713 -4.04 -44.85 -51.78
C PRO A 713 -3.84 -43.44 -52.26
N SER A 714 -4.37 -42.43 -51.56
CA SER A 714 -4.14 -41.04 -51.95
C SER A 714 -2.66 -40.69 -51.80
N ARG A 715 -2.02 -41.16 -50.75
CA ARG A 715 -0.62 -40.87 -50.49
C ARG A 715 0.25 -41.98 -51.08
N THR A 716 0.62 -41.85 -52.35
CA THR A 716 1.51 -42.80 -53.01
C THR A 716 2.61 -42.14 -53.81
N LYS A 717 2.89 -40.86 -53.57
CA LYS A 717 4.03 -40.21 -54.24
C LYS A 717 5.32 -40.94 -53.93
N TYR A 718 5.51 -41.35 -52.69
CA TYR A 718 6.55 -42.29 -52.30
C TYR A 718 5.86 -43.45 -51.58
N SER A 719 5.66 -44.54 -52.30
CA SER A 719 4.79 -45.62 -51.85
C SER A 719 5.61 -46.89 -51.64
N LEU A 720 4.89 -47.99 -51.41
CA LEU A 720 5.54 -49.25 -51.04
C LEU A 720 6.51 -49.70 -52.12
N GLN A 721 6.14 -49.55 -53.39
CA GLN A 721 7.06 -49.89 -54.46
C GLN A 721 8.31 -49.02 -54.42
N TYR A 722 8.15 -47.72 -54.09
CA TYR A 722 9.31 -46.85 -53.95
C TYR A 722 10.22 -47.31 -52.83
N TYR A 723 9.63 -47.68 -51.68
CA TYR A 723 10.44 -48.12 -50.55
C TYR A 723 11.17 -49.43 -50.87
N MET A 724 10.48 -50.37 -51.53
CA MET A 724 11.15 -51.62 -51.85
C MET A 724 12.23 -51.43 -52.92
N GLY A 725 12.02 -50.50 -53.85
CA GLY A 725 13.10 -50.16 -54.76
C GLY A 725 14.30 -49.57 -54.05
N LEU A 726 14.05 -48.69 -53.07
CA LEU A 726 15.14 -48.16 -52.26
C LEU A 726 15.87 -49.28 -51.52
N ALA A 727 15.11 -50.23 -50.98
CA ALA A 727 15.72 -51.36 -50.28
C ALA A 727 16.56 -52.19 -51.23
N GLU A 728 16.08 -52.39 -52.46
CA GLU A 728 16.87 -53.12 -53.46
C GLU A 728 18.17 -52.39 -53.75
N GLU A 729 18.10 -51.07 -53.91
CA GLU A 729 19.33 -50.31 -54.16
C GLU A 729 20.30 -50.44 -53.00
N LEU A 730 19.80 -50.31 -51.77
CA LEU A 730 20.67 -50.39 -50.60
C LEU A 730 21.30 -51.77 -50.46
N VAL A 731 20.51 -52.83 -50.68
CA VAL A 731 21.07 -54.17 -50.54
C VAL A 731 22.04 -54.47 -51.67
N ARG A 732 21.80 -53.91 -52.86
CA ARG A 732 22.79 -54.02 -53.93
C ARG A 732 24.08 -53.32 -53.55
N ALA A 733 23.98 -52.16 -52.90
CA ALA A 733 25.17 -51.56 -52.30
C ALA A 733 25.77 -52.49 -51.24
N GLY A 734 24.93 -53.09 -50.41
CA GLY A 734 25.38 -54.05 -49.42
C GLY A 734 25.40 -53.52 -48.01
N THR A 735 24.38 -53.88 -47.24
CA THR A 735 24.30 -53.52 -45.83
C THR A 735 23.97 -54.77 -45.03
N HIS A 736 24.59 -54.88 -43.85
CA HIS A 736 24.35 -56.05 -43.01
C HIS A 736 22.91 -56.08 -42.49
N ILE A 737 22.37 -54.94 -42.10
CA ILE A 737 21.03 -54.86 -41.52
C ILE A 737 20.32 -53.64 -42.09
N LEU A 738 19.05 -53.82 -42.47
CA LEU A 738 18.20 -52.73 -42.93
C LEU A 738 17.30 -52.29 -41.79
N CYS A 739 17.00 -51.00 -41.75
CA CYS A 739 16.13 -50.43 -40.73
C CYS A 739 15.14 -49.47 -41.36
N ILE A 740 14.00 -49.33 -40.68
CA ILE A 740 13.00 -48.31 -41.00
C ILE A 740 12.88 -47.42 -39.78
N LYS A 741 13.05 -46.12 -39.98
CA LYS A 741 13.11 -45.17 -38.88
C LYS A 741 11.92 -44.22 -38.93
N ASP A 742 11.32 -43.97 -37.76
CA ASP A 742 10.20 -43.05 -37.62
C ASP A 742 10.49 -42.15 -36.43
N MET A 743 11.25 -41.07 -36.66
CA MET A 743 11.47 -40.10 -35.61
C MET A 743 10.21 -39.33 -35.26
N ALA A 744 9.19 -39.39 -36.12
CA ALA A 744 7.92 -38.72 -35.88
C ALA A 744 6.87 -39.66 -35.29
N GLY A 745 7.16 -40.95 -35.20
CA GLY A 745 6.22 -41.89 -34.62
C GLY A 745 4.89 -41.96 -35.36
N LEU A 746 4.94 -42.02 -36.68
CA LEU A 746 3.75 -42.09 -37.52
C LEU A 746 3.31 -43.53 -37.82
N LEU A 747 3.97 -44.52 -37.22
CA LEU A 747 3.65 -45.91 -37.52
C LEU A 747 2.24 -46.26 -37.07
N LYS A 748 1.61 -47.14 -37.82
CA LYS A 748 0.26 -47.63 -37.56
C LYS A 748 0.25 -49.15 -37.70
N PRO A 749 -0.63 -49.84 -36.97
CA PRO A 749 -0.49 -51.31 -36.82
C PRO A 749 -0.51 -52.08 -38.14
N THR A 750 -1.62 -52.02 -38.86
CA THR A 750 -1.78 -52.88 -40.02
C THR A 750 -0.95 -52.41 -41.20
N ALA A 751 -0.77 -51.09 -41.34
CA ALA A 751 0.02 -50.57 -42.45
C ALA A 751 1.47 -51.03 -42.35
N CYS A 752 2.11 -50.81 -41.22
CA CYS A 752 3.48 -51.28 -41.09
C CYS A 752 3.54 -52.80 -40.98
N THR A 753 2.47 -53.46 -40.54
CA THR A 753 2.45 -54.91 -40.56
C THR A 753 2.54 -55.44 -41.98
N MET A 754 1.73 -54.88 -42.89
CA MET A 754 1.78 -55.35 -44.27
C MET A 754 3.07 -54.91 -44.96
N LEU A 755 3.63 -53.76 -44.55
CA LEU A 755 4.94 -53.39 -45.05
C LEU A 755 6.00 -54.41 -44.63
N VAL A 756 5.97 -54.81 -43.36
CA VAL A 756 6.92 -55.79 -42.85
C VAL A 756 6.75 -57.11 -43.58
N SER A 757 5.51 -57.51 -43.84
CA SER A 757 5.28 -58.73 -44.61
C SER A 757 5.84 -58.60 -46.03
N SER A 758 5.55 -57.49 -46.70
CA SER A 758 5.96 -57.29 -48.08
C SER A 758 7.48 -57.19 -48.22
N LEU A 759 8.17 -56.82 -47.15
CA LEU A 759 9.64 -56.82 -47.19
C LEU A 759 10.24 -58.13 -46.73
N ARG A 760 9.58 -58.83 -45.80
CA ARG A 760 10.12 -60.07 -45.26
C ARG A 760 9.97 -61.22 -46.23
N ASP A 761 8.83 -61.30 -46.93
CA ASP A 761 8.66 -62.35 -47.92
C ASP A 761 9.69 -62.24 -49.03
N ARG A 762 9.96 -61.01 -49.48
CA ARG A 762 10.97 -60.80 -50.50
C ARG A 762 12.38 -61.03 -49.97
N PHE A 763 12.60 -60.77 -48.68
CA PHE A 763 13.91 -60.86 -48.07
C PHE A 763 13.82 -61.66 -46.77
N PRO A 764 13.67 -62.98 -46.87
CA PRO A 764 13.56 -63.78 -45.65
C PRO A 764 14.80 -63.74 -44.77
N ASP A 765 15.99 -63.66 -45.36
CA ASP A 765 17.23 -63.69 -44.61
C ASP A 765 17.71 -62.31 -44.18
N LEU A 766 16.96 -61.26 -44.50
CA LEU A 766 17.40 -59.90 -44.19
C LEU A 766 16.93 -59.51 -42.79
N PRO A 767 17.85 -59.17 -41.89
CA PRO A 767 17.44 -58.67 -40.57
C PRO A 767 16.78 -57.31 -40.67
N LEU A 768 15.83 -57.06 -39.77
CA LEU A 768 15.09 -55.81 -39.72
C LEU A 768 15.29 -55.09 -38.40
N HIS A 769 15.11 -53.77 -38.45
CA HIS A 769 15.17 -52.90 -37.28
C HIS A 769 14.13 -51.80 -37.45
N ILE A 770 13.52 -51.39 -36.35
CA ILE A 770 12.44 -50.41 -36.38
C ILE A 770 12.63 -49.41 -35.27
N HIS A 771 12.38 -48.14 -35.58
CA HIS A 771 12.50 -47.06 -34.61
C HIS A 771 11.28 -46.16 -34.69
N THR A 772 10.76 -45.76 -33.53
CA THR A 772 9.57 -44.93 -33.49
C THR A 772 9.51 -44.20 -32.15
N HIS A 773 8.58 -43.26 -32.07
CA HIS A 773 8.36 -42.44 -30.89
C HIS A 773 6.91 -42.51 -30.47
N ASP A 774 6.68 -42.45 -29.15
CA ASP A 774 5.35 -42.60 -28.57
C ASP A 774 4.50 -41.34 -28.70
N THR A 775 4.95 -40.36 -29.48
CA THR A 775 4.24 -39.09 -29.51
C THR A 775 2.81 -39.24 -30.02
N SER A 776 2.56 -40.23 -30.88
CA SER A 776 1.20 -40.47 -31.36
C SER A 776 0.29 -40.96 -30.25
N GLY A 777 0.81 -41.82 -29.38
CA GLY A 777 0.00 -42.46 -28.37
C GLY A 777 -0.47 -43.87 -28.70
N ALA A 778 0.00 -44.43 -29.82
CA ALA A 778 -0.33 -45.80 -30.22
C ALA A 778 0.93 -46.61 -30.44
N GLY A 779 2.01 -46.29 -29.72
CA GLY A 779 3.28 -46.94 -29.98
C GLY A 779 3.27 -48.43 -29.70
N VAL A 780 2.76 -48.83 -28.54
CA VAL A 780 2.90 -50.23 -28.11
C VAL A 780 2.02 -51.14 -28.94
N ALA A 781 0.78 -50.71 -29.23
CA ALA A 781 -0.15 -51.56 -29.95
C ALA A 781 0.33 -51.85 -31.36
N ALA A 782 0.51 -50.80 -32.15
CA ALA A 782 1.06 -50.94 -33.49
C ALA A 782 2.41 -51.64 -33.45
N MET A 783 3.20 -51.36 -32.40
CA MET A 783 4.56 -51.83 -32.38
C MET A 783 4.61 -53.35 -32.20
N LEU A 784 3.81 -53.88 -31.27
CA LEU A 784 3.68 -55.33 -31.13
C LEU A 784 3.04 -55.95 -32.35
N ALA A 785 1.92 -55.40 -32.82
CA ALA A 785 1.24 -55.98 -33.97
C ALA A 785 2.09 -55.91 -35.23
N CYS A 786 3.15 -55.12 -35.21
CA CYS A 786 4.02 -54.93 -36.36
C CYS A 786 5.28 -55.77 -36.26
N ALA A 787 5.76 -56.02 -35.03
CA ALA A 787 6.86 -56.94 -34.79
C ALA A 787 6.40 -58.38 -34.72
N GLN A 788 5.09 -58.63 -34.71
CA GLN A 788 4.59 -60.00 -34.72
C GLN A 788 5.05 -60.74 -35.98
N ALA A 789 5.10 -60.04 -37.11
CA ALA A 789 5.60 -60.63 -38.34
C ALA A 789 7.12 -60.73 -38.26
N GLY A 790 7.76 -61.06 -39.38
CA GLY A 790 9.20 -61.22 -39.41
C GLY A 790 9.94 -59.96 -39.01
N ALA A 791 10.52 -59.97 -37.81
CA ALA A 791 11.24 -58.83 -37.29
C ALA A 791 12.36 -59.33 -36.38
N ASP A 792 13.36 -58.48 -36.17
CA ASP A 792 14.53 -58.84 -35.40
C ASP A 792 14.67 -58.02 -34.12
N VAL A 793 14.74 -56.70 -34.24
CA VAL A 793 15.08 -55.82 -33.13
C VAL A 793 14.01 -54.74 -32.99
N VAL A 794 13.78 -54.30 -31.76
CA VAL A 794 12.81 -53.26 -31.46
C VAL A 794 13.48 -52.21 -30.57
N ASP A 795 12.93 -51.00 -30.61
CA ASP A 795 13.51 -49.87 -29.90
C ASP A 795 12.58 -49.41 -28.79
N VAL A 796 13.11 -49.30 -27.58
CA VAL A 796 12.33 -48.97 -26.39
C VAL A 796 13.05 -47.93 -25.55
N ALA A 797 12.31 -47.40 -24.57
CA ALA A 797 12.81 -46.39 -23.65
C ALA A 797 12.43 -46.78 -22.23
N ALA A 798 13.03 -46.08 -21.26
CA ALA A 798 12.72 -46.32 -19.86
C ALA A 798 11.29 -45.90 -19.55
N ASP A 799 10.69 -46.59 -18.57
CA ASP A 799 9.30 -46.30 -18.21
C ASP A 799 9.14 -44.88 -17.70
N SER A 800 10.12 -44.39 -16.95
CA SER A 800 10.04 -43.02 -16.43
C SER A 800 10.02 -42.01 -17.57
N MET A 801 10.85 -42.22 -18.58
CA MET A 801 10.88 -41.36 -19.78
C MET A 801 10.12 -41.99 -20.93
N SER A 802 9.06 -42.73 -20.65
CA SER A 802 8.19 -43.25 -21.69
C SER A 802 7.01 -42.31 -21.88
N GLY A 803 6.12 -42.66 -22.81
CA GLY A 803 5.06 -41.75 -23.15
C GLY A 803 5.64 -40.49 -23.74
N MET A 804 4.92 -39.39 -23.58
CA MET A 804 5.38 -38.05 -23.97
C MET A 804 5.67 -38.09 -25.47
N THR A 805 6.93 -38.03 -25.91
CA THR A 805 7.30 -38.14 -27.31
C THR A 805 8.48 -39.10 -27.51
N SER A 806 8.78 -39.93 -26.53
CA SER A 806 9.95 -40.80 -26.59
C SER A 806 9.56 -42.18 -27.12
N GLN A 807 10.47 -43.13 -27.00
CA GLN A 807 10.29 -44.49 -27.48
C GLN A 807 9.35 -45.29 -26.57
N PRO A 808 8.81 -46.41 -27.06
CA PRO A 808 7.91 -47.21 -26.24
C PRO A 808 8.56 -47.71 -24.96
N SER A 809 7.73 -47.86 -23.93
CA SER A 809 8.20 -48.37 -22.65
C SER A 809 8.59 -49.84 -22.77
N MET A 810 9.77 -50.19 -22.27
CA MET A 810 10.18 -51.59 -22.29
C MET A 810 9.31 -52.45 -21.40
N GLY A 811 8.78 -51.88 -20.31
CA GLY A 811 7.95 -52.65 -19.41
C GLY A 811 6.68 -53.17 -20.07
N ALA A 812 5.99 -52.31 -20.82
CA ALA A 812 4.77 -52.73 -21.48
C ALA A 812 5.04 -53.83 -22.50
N LEU A 813 6.08 -53.67 -23.31
CA LEU A 813 6.41 -54.67 -24.32
C LEU A 813 6.78 -56.00 -23.66
N VAL A 814 7.57 -55.96 -22.58
CA VAL A 814 7.93 -57.19 -21.90
C VAL A 814 6.70 -57.86 -21.31
N ALA A 815 5.84 -57.07 -20.64
CA ALA A 815 4.74 -57.66 -19.89
C ALA A 815 3.65 -58.21 -20.79
N CYS A 816 3.27 -57.46 -21.84
CA CYS A 816 2.17 -57.92 -22.69
C CYS A 816 2.52 -59.20 -23.45
N THR A 817 3.81 -59.48 -23.63
CA THR A 817 4.25 -60.67 -24.34
C THR A 817 4.64 -61.73 -23.32
N ARG A 818 3.62 -62.38 -22.75
CA ARG A 818 3.81 -63.56 -21.90
C ARG A 818 3.25 -64.81 -22.55
N GLY A 819 1.97 -64.81 -22.93
CA GLY A 819 1.38 -65.94 -23.60
C GLY A 819 1.60 -65.89 -25.09
N THR A 820 2.85 -65.81 -25.50
CA THR A 820 3.22 -65.66 -26.90
C THR A 820 4.54 -66.37 -27.16
N PRO A 821 4.67 -67.06 -28.29
CA PRO A 821 5.93 -67.77 -28.58
C PRO A 821 7.15 -66.87 -28.65
N LEU A 822 6.97 -65.57 -28.90
CA LEU A 822 8.07 -64.62 -28.99
C LEU A 822 8.27 -63.85 -27.68
N ASP A 823 8.11 -64.56 -26.55
CA ASP A 823 8.29 -63.97 -25.23
C ASP A 823 9.62 -63.21 -25.13
N THR A 824 9.62 -62.17 -24.30
CA THR A 824 10.78 -61.31 -24.16
C THR A 824 11.88 -61.90 -23.28
N GLU A 825 11.52 -62.70 -22.28
CA GLU A 825 12.47 -63.29 -21.34
C GLU A 825 13.28 -62.19 -20.63
N VAL A 826 12.57 -61.33 -19.93
CA VAL A 826 13.19 -60.22 -19.21
C VAL A 826 12.73 -60.22 -17.75
N PRO A 827 13.66 -60.29 -16.79
CA PRO A 827 13.26 -60.11 -15.39
C PRO A 827 12.67 -58.73 -15.18
N MET A 828 11.43 -58.70 -14.67
CA MET A 828 10.61 -57.51 -14.74
C MET A 828 10.80 -56.58 -13.54
N GLU A 829 11.15 -57.12 -12.37
CA GLU A 829 11.54 -56.26 -11.27
C GLU A 829 12.78 -55.46 -11.60
N ARG A 830 13.63 -56.00 -12.47
CA ARG A 830 14.76 -55.22 -12.98
C ARG A 830 14.27 -54.01 -13.76
N VAL A 831 13.25 -54.20 -14.59
CA VAL A 831 12.65 -53.08 -15.31
C VAL A 831 12.07 -52.07 -14.32
N PHE A 832 11.44 -52.56 -13.25
CA PHE A 832 10.89 -51.66 -12.24
C PHE A 832 11.98 -50.82 -11.60
N ASP A 833 13.11 -51.46 -11.25
CA ASP A 833 14.20 -50.73 -10.61
C ASP A 833 14.81 -49.71 -11.55
N TYR A 834 14.98 -50.08 -12.82
CA TYR A 834 15.48 -49.15 -13.82
C TYR A 834 14.55 -47.94 -13.94
N SER A 835 13.24 -48.20 -14.00
CA SER A 835 12.27 -47.12 -14.14
C SER A 835 12.28 -46.20 -12.93
N GLU A 836 12.35 -46.77 -11.72
CA GLU A 836 12.34 -45.90 -10.54
C GLU A 836 13.63 -45.11 -10.43
N TYR A 837 14.77 -45.70 -10.81
CA TYR A 837 16.01 -44.93 -10.86
C TYR A 837 15.86 -43.73 -11.78
N TRP A 838 15.35 -43.94 -12.99
CA TRP A 838 15.25 -42.82 -13.90
C TRP A 838 14.16 -41.83 -13.48
N GLU A 839 13.14 -42.30 -12.78
CA GLU A 839 12.16 -41.37 -12.21
C GLU A 839 12.81 -40.47 -11.18
N GLY A 840 13.66 -41.03 -10.32
CA GLY A 840 14.37 -40.22 -9.35
C GLY A 840 15.36 -39.27 -10.01
N ALA A 841 16.05 -39.74 -11.06
CA ALA A 841 17.06 -38.92 -11.71
C ALA A 841 16.45 -37.85 -12.59
N ARG A 842 15.20 -38.01 -13.00
CA ARG A 842 14.57 -37.06 -13.90
C ARG A 842 14.25 -35.74 -13.19
N GLY A 843 14.11 -35.77 -11.86
CA GLY A 843 13.83 -34.56 -11.12
C GLY A 843 15.02 -33.63 -10.99
N LEU A 844 16.22 -34.10 -11.33
CA LEU A 844 17.41 -33.26 -11.22
C LEU A 844 17.29 -32.03 -12.11
N TYR A 845 16.94 -32.24 -13.37
CA TYR A 845 16.84 -31.13 -14.34
C TYR A 845 15.43 -30.53 -14.33
N ALA A 846 14.98 -30.11 -13.16
CA ALA A 846 13.62 -29.61 -13.01
C ALA A 846 13.41 -28.22 -13.61
N ALA A 847 14.45 -27.39 -13.65
CA ALA A 847 14.32 -26.03 -14.17
C ALA A 847 14.02 -25.99 -15.66
N PHE A 848 14.29 -27.08 -16.38
CA PHE A 848 13.98 -27.15 -17.81
C PHE A 848 13.57 -28.58 -18.13
N ASP A 849 12.35 -28.75 -18.64
CA ASP A 849 11.84 -30.08 -18.95
C ASP A 849 10.59 -29.93 -19.80
N CYS A 850 10.45 -30.83 -20.77
CA CYS A 850 9.19 -30.90 -21.52
C CYS A 850 8.01 -31.14 -20.60
N THR A 851 8.21 -31.85 -19.50
CA THR A 851 7.14 -32.06 -18.54
C THR A 851 6.62 -30.74 -17.98
N ALA A 852 7.53 -29.83 -17.63
CA ALA A 852 7.10 -28.52 -17.14
C ALA A 852 6.36 -27.74 -18.22
N THR A 853 6.69 -27.97 -19.49
CA THR A 853 6.08 -27.22 -20.58
C THR A 853 4.72 -27.82 -20.95
N MET A 854 4.72 -29.07 -21.40
CA MET A 854 3.51 -29.73 -21.86
C MET A 854 3.41 -31.11 -21.22
N LYS A 855 2.18 -31.59 -21.05
CA LYS A 855 1.88 -32.54 -19.98
C LYS A 855 2.18 -33.99 -20.33
N SER A 856 1.54 -34.54 -21.37
CA SER A 856 1.56 -35.99 -21.55
C SER A 856 1.63 -36.37 -23.03
N GLY A 857 2.30 -35.57 -23.85
CA GLY A 857 2.32 -35.80 -25.28
C GLY A 857 0.93 -35.58 -25.86
N ASN A 858 0.87 -35.58 -27.19
CA ASN A 858 -0.41 -35.36 -27.86
C ASN A 858 -0.31 -35.78 -29.31
N SER A 859 -1.46 -35.81 -29.97
CA SER A 859 -1.56 -36.01 -31.41
C SER A 859 -1.26 -34.69 -32.10
N ASP A 860 -1.62 -34.58 -33.38
CA ASP A 860 -1.24 -33.53 -34.34
C ASP A 860 0.13 -33.79 -34.93
N VAL A 861 0.83 -34.84 -34.49
CA VAL A 861 2.07 -35.22 -35.17
C VAL A 861 1.74 -35.82 -36.52
N TYR A 862 0.52 -36.35 -36.69
CA TYR A 862 0.08 -36.85 -37.99
C TYR A 862 -0.06 -35.74 -39.02
N GLU A 863 -0.07 -34.48 -38.59
CA GLU A 863 -0.06 -33.33 -39.48
C GLU A 863 1.19 -32.49 -39.36
N ASN A 864 1.99 -32.70 -38.31
CA ASN A 864 3.24 -31.97 -38.09
C ASN A 864 4.46 -32.81 -38.40
N GLU A 865 4.41 -34.11 -38.11
CA GLU A 865 5.53 -35.05 -38.26
C GLU A 865 6.86 -34.43 -37.82
N ILE A 866 6.81 -33.57 -36.82
CA ILE A 866 8.05 -32.99 -36.27
C ILE A 866 8.76 -34.04 -35.42
N PRO A 867 10.07 -34.21 -35.53
CA PRO A 867 10.78 -35.10 -34.63
C PRO A 867 10.64 -34.64 -33.19
N GLY A 868 10.64 -35.61 -32.27
CA GLY A 868 10.33 -35.34 -30.88
C GLY A 868 11.24 -34.33 -30.20
N GLY A 869 12.55 -34.49 -30.36
CA GLY A 869 13.47 -33.54 -29.76
C GLY A 869 13.30 -32.14 -30.30
N GLN A 870 13.20 -32.02 -31.63
CA GLN A 870 12.98 -30.73 -32.24
C GLN A 870 11.63 -30.16 -31.82
N TYR A 871 10.61 -31.01 -31.73
CA TYR A 871 9.28 -30.56 -31.33
C TYR A 871 9.31 -29.96 -29.93
N THR A 872 9.92 -30.68 -28.98
CA THR A 872 9.98 -30.18 -27.61
C THR A 872 10.82 -28.91 -27.52
N ASN A 873 11.93 -28.87 -28.27
CA ASN A 873 12.78 -27.68 -28.26
C ASN A 873 12.01 -26.47 -28.75
N LEU A 874 11.33 -26.60 -29.89
CA LEU A 874 10.53 -25.51 -30.42
C LEU A 874 9.42 -25.14 -29.46
N HIS A 875 8.81 -26.14 -28.82
CA HIS A 875 7.72 -25.89 -27.89
C HIS A 875 8.18 -25.01 -26.72
N PHE A 876 9.27 -25.40 -26.05
CA PHE A 876 9.66 -24.63 -24.89
C PHE A 876 10.34 -23.31 -25.28
N GLN A 877 10.95 -23.22 -26.46
CA GLN A 877 11.42 -21.93 -26.93
C GLN A 877 10.25 -20.99 -27.19
N ALA A 878 9.18 -21.49 -27.81
CA ALA A 878 8.00 -20.67 -28.05
C ALA A 878 7.33 -20.27 -26.74
N HIS A 879 7.42 -21.13 -25.72
CA HIS A 879 6.94 -20.76 -24.40
C HIS A 879 7.85 -19.70 -23.77
N SER A 880 9.15 -19.76 -24.06
CA SER A 880 10.09 -18.86 -23.41
C SER A 880 10.01 -17.46 -24.00
N MET A 881 10.35 -17.29 -25.27
CA MET A 881 10.26 -15.96 -25.86
C MET A 881 8.82 -15.50 -25.97
N GLY A 882 7.93 -16.39 -26.40
CA GLY A 882 6.52 -16.06 -26.43
C GLY A 882 5.76 -16.72 -25.30
N LEU A 883 4.75 -17.49 -25.64
CA LEU A 883 3.98 -18.23 -24.65
C LEU A 883 3.49 -19.53 -25.30
N GLY A 884 2.66 -20.27 -24.56
CA GLY A 884 2.04 -21.45 -25.12
C GLY A 884 1.02 -21.17 -26.20
N SER A 885 0.41 -19.98 -26.16
CA SER A 885 -0.53 -19.60 -27.21
C SER A 885 0.16 -19.27 -28.52
N LYS A 886 1.38 -18.74 -28.47
CA LYS A 886 2.12 -18.39 -29.67
C LYS A 886 2.85 -19.58 -30.28
N PHE A 887 2.84 -20.74 -29.60
CA PHE A 887 3.33 -21.95 -30.24
C PHE A 887 2.31 -22.51 -31.22
N LYS A 888 1.04 -22.11 -31.09
CA LYS A 888 -0.02 -22.68 -31.93
C LYS A 888 0.13 -22.28 -33.39
N GLU A 889 0.41 -21.01 -33.67
CA GLU A 889 0.56 -20.58 -35.06
C GLU A 889 1.87 -21.05 -35.66
N VAL A 890 2.87 -21.37 -34.82
CA VAL A 890 4.14 -21.87 -35.33
C VAL A 890 3.93 -23.21 -36.02
N LYS A 891 3.09 -24.07 -35.45
CA LYS A 891 2.83 -25.37 -36.06
C LYS A 891 2.10 -25.25 -37.39
N LYS A 892 1.10 -24.38 -37.49
CA LYS A 892 0.41 -24.22 -38.78
C LYS A 892 1.32 -23.57 -39.81
N ALA A 893 2.27 -22.75 -39.37
CA ALA A 893 3.29 -22.23 -40.27
C ALA A 893 4.36 -23.27 -40.59
N TYR A 894 4.60 -24.23 -39.69
CA TYR A 894 5.57 -25.27 -39.96
C TYR A 894 5.19 -26.11 -41.17
N VAL A 895 3.92 -26.49 -41.27
CA VAL A 895 3.48 -27.31 -42.40
C VAL A 895 3.53 -26.51 -43.69
N GLU A 896 3.21 -25.22 -43.63
CA GLU A 896 3.34 -24.36 -44.81
C GLU A 896 4.79 -24.27 -45.26
N ALA A 897 5.70 -24.06 -44.31
CA ALA A 897 7.12 -23.97 -44.64
C ALA A 897 7.63 -25.27 -45.24
N ASN A 898 7.21 -26.40 -44.69
CA ASN A 898 7.58 -27.69 -45.27
C ASN A 898 7.03 -27.82 -46.69
N GLN A 899 5.73 -27.57 -46.87
CA GLN A 899 5.08 -27.81 -48.15
C GLN A 899 5.65 -26.95 -49.26
N MET A 900 5.92 -25.67 -48.98
CA MET A 900 6.40 -24.78 -50.03
C MET A 900 7.78 -25.21 -50.54
N LEU A 901 8.55 -25.88 -49.70
CA LEU A 901 9.81 -26.48 -50.13
C LEU A 901 9.62 -27.89 -50.67
N GLY A 902 8.39 -28.26 -51.02
CA GLY A 902 8.10 -29.61 -51.46
C GLY A 902 7.84 -30.55 -50.30
N ASP A 903 7.25 -31.69 -50.62
CA ASP A 903 6.95 -32.68 -49.59
C ASP A 903 8.21 -33.47 -49.25
N LEU A 904 9.15 -32.85 -48.54
CA LEU A 904 10.44 -33.44 -48.25
C LEU A 904 10.45 -34.01 -46.84
N ILE A 905 11.33 -34.99 -46.62
CA ILE A 905 11.52 -35.57 -45.30
C ILE A 905 12.13 -34.53 -44.38
N LYS A 906 11.61 -34.43 -43.16
CA LYS A 906 12.10 -33.46 -42.19
C LYS A 906 12.90 -34.20 -41.12
N VAL A 907 14.22 -34.19 -41.28
CA VAL A 907 15.15 -34.68 -40.26
C VAL A 907 15.98 -33.46 -39.84
N THR A 908 16.83 -33.65 -38.83
CA THR A 908 17.60 -32.61 -38.16
C THR A 908 18.03 -31.49 -39.11
N PRO A 909 18.70 -31.78 -40.25
CA PRO A 909 19.00 -30.69 -41.19
C PRO A 909 17.74 -30.07 -41.79
N SER A 910 16.89 -30.89 -42.42
CA SER A 910 15.68 -30.36 -43.02
C SER A 910 14.74 -29.81 -41.95
N SER A 911 14.72 -30.44 -40.78
CA SER A 911 13.87 -29.95 -39.70
C SER A 911 14.29 -28.55 -39.28
N LYS A 912 15.60 -28.33 -39.08
CA LYS A 912 16.05 -27.00 -38.71
C LYS A 912 15.82 -26.01 -39.84
N ILE A 913 15.93 -26.46 -41.10
CA ILE A 913 15.67 -25.57 -42.22
C ILE A 913 14.22 -25.09 -42.19
N VAL A 914 13.28 -26.03 -42.06
CA VAL A 914 11.86 -25.67 -42.05
C VAL A 914 11.54 -24.83 -40.82
N GLY A 915 12.18 -25.14 -39.68
CA GLY A 915 11.93 -24.37 -38.48
C GLY A 915 12.42 -22.94 -38.59
N ASP A 916 13.61 -22.74 -39.15
CA ASP A 916 14.12 -21.40 -39.33
C ASP A 916 13.29 -20.61 -40.34
N LEU A 917 12.85 -21.27 -41.42
CA LEU A 917 12.00 -20.58 -42.37
C LEU A 917 10.66 -20.22 -41.73
N ALA A 918 10.13 -21.10 -40.87
CA ALA A 918 8.91 -20.77 -40.14
C ALA A 918 9.13 -19.61 -39.18
N GLN A 919 10.31 -19.55 -38.56
CA GLN A 919 10.63 -18.41 -37.71
C GLN A 919 10.63 -17.12 -38.53
N PHE A 920 11.25 -17.16 -39.71
CA PHE A 920 11.15 -16.02 -40.62
C PHE A 920 9.69 -15.67 -40.87
N MET A 921 8.90 -16.68 -41.21
CA MET A 921 7.47 -16.52 -41.48
C MET A 921 6.77 -15.80 -40.33
N VAL A 922 7.09 -16.16 -39.09
CA VAL A 922 6.29 -15.68 -37.96
C VAL A 922 6.82 -14.34 -37.45
N GLN A 923 8.10 -14.24 -37.09
CA GLN A 923 8.56 -12.97 -36.55
C GLN A 923 8.83 -11.93 -37.63
N ASN A 924 8.66 -12.27 -38.91
CA ASN A 924 8.62 -11.23 -39.93
C ASN A 924 7.20 -10.69 -40.15
N GLY A 925 6.20 -11.30 -39.53
CA GLY A 925 4.83 -10.81 -39.63
C GLY A 925 4.30 -10.72 -41.03
N LEU A 926 4.61 -11.71 -41.86
CA LEU A 926 4.18 -11.74 -43.26
C LEU A 926 3.24 -12.91 -43.51
N SER A 927 2.46 -12.80 -44.58
CA SER A 927 1.45 -13.80 -44.90
C SER A 927 1.98 -14.79 -45.93
N ARG A 928 1.08 -15.62 -46.44
CA ARG A 928 1.39 -16.63 -47.45
C ARG A 928 1.39 -16.07 -48.87
N ALA A 929 0.22 -15.60 -49.33
CA ALA A 929 0.04 -15.32 -50.76
C ALA A 929 0.91 -14.14 -51.20
N GLU A 930 0.84 -13.04 -50.48
CA GLU A 930 1.61 -11.85 -50.88
C GLU A 930 3.11 -12.11 -50.80
N ALA A 931 3.56 -12.79 -49.74
CA ALA A 931 4.99 -13.05 -49.59
C ALA A 931 5.51 -13.97 -50.67
N GLU A 932 4.77 -15.03 -50.99
CA GLU A 932 5.28 -16.01 -51.96
C GLU A 932 4.97 -15.65 -53.39
N ALA A 933 4.11 -14.66 -53.63
CA ALA A 933 3.90 -14.18 -55.00
C ALA A 933 5.16 -13.52 -55.53
N GLN A 934 5.86 -12.77 -54.69
CA GLN A 934 7.13 -12.15 -55.02
C GLN A 934 8.18 -12.68 -54.04
N ALA A 935 8.94 -13.69 -54.47
CA ALA A 935 9.93 -14.34 -53.63
C ALA A 935 11.36 -13.93 -53.92
N GLU A 936 11.59 -13.07 -54.92
CA GLU A 936 12.97 -12.70 -55.27
C GLU A 936 13.58 -11.77 -54.23
N GLU A 937 12.83 -10.76 -53.80
CA GLU A 937 13.42 -9.69 -52.99
C GLU A 937 13.72 -10.13 -51.56
N LEU A 938 12.97 -11.10 -51.05
CA LEU A 938 13.12 -11.50 -49.66
C LEU A 938 14.53 -12.03 -49.37
N SER A 939 15.10 -11.56 -48.26
CA SER A 939 16.45 -11.94 -47.85
C SER A 939 16.34 -13.04 -46.79
N PHE A 940 16.25 -14.27 -47.24
CA PHE A 940 16.15 -15.41 -46.35
C PHE A 940 17.48 -15.66 -45.65
N PRO A 941 17.46 -16.26 -44.46
CA PRO A 941 18.70 -16.43 -43.69
C PRO A 941 19.67 -17.37 -44.40
N ARG A 942 20.85 -17.52 -43.77
CA ARG A 942 21.95 -18.22 -44.41
C ARG A 942 21.60 -19.67 -44.73
N SER A 943 20.91 -20.34 -43.81
CA SER A 943 20.61 -21.76 -44.00
C SER A 943 19.65 -21.97 -45.17
N VAL A 944 18.66 -21.09 -45.33
CA VAL A 944 17.72 -21.22 -46.44
C VAL A 944 18.45 -21.08 -47.77
N VAL A 945 19.33 -20.09 -47.87
CA VAL A 945 20.10 -19.89 -49.10
C VAL A 945 21.03 -21.06 -49.33
N GLU A 946 21.60 -21.62 -48.26
CA GLU A 946 22.46 -22.80 -48.38
C GLU A 946 21.70 -23.97 -48.97
N PHE A 947 20.51 -24.26 -48.45
CA PHE A 947 19.76 -25.41 -48.95
C PHE A 947 19.27 -25.17 -50.37
N LEU A 948 18.66 -24.02 -50.63
CA LEU A 948 18.18 -23.72 -51.98
C LEU A 948 19.33 -23.64 -52.97
N GLN A 949 20.54 -23.37 -52.50
CA GLN A 949 21.72 -23.38 -53.34
C GLN A 949 22.22 -24.78 -53.62
N GLY A 950 21.61 -25.80 -53.03
CA GLY A 950 21.99 -27.17 -53.28
C GLY A 950 23.23 -27.63 -52.56
N TYR A 951 23.68 -26.91 -51.53
CA TYR A 951 24.83 -27.35 -50.77
C TYR A 951 24.56 -28.69 -50.09
N ILE A 952 23.65 -28.71 -49.12
CA ILE A 952 23.47 -29.89 -48.29
C ILE A 952 23.05 -31.09 -49.13
N GLY A 953 22.37 -30.85 -50.24
CA GLY A 953 22.04 -31.90 -51.17
C GLY A 953 20.86 -31.51 -52.03
N VAL A 954 20.72 -32.26 -53.13
CA VAL A 954 19.57 -32.08 -54.01
C VAL A 954 18.53 -33.13 -53.65
N PRO A 955 17.29 -32.73 -53.38
CA PRO A 955 16.27 -33.70 -52.99
C PRO A 955 15.95 -34.66 -54.11
N HIS A 956 15.51 -35.85 -53.72
CA HIS A 956 15.09 -36.85 -54.70
C HIS A 956 13.94 -36.33 -55.54
N GLY A 957 12.99 -35.65 -54.91
CA GLY A 957 11.91 -35.01 -55.66
C GLY A 957 12.39 -33.88 -56.54
N GLY A 958 13.36 -33.12 -56.06
CA GLY A 958 13.91 -32.02 -56.82
C GLY A 958 13.55 -30.67 -56.21
N PHE A 959 14.40 -29.68 -56.46
CA PHE A 959 14.16 -28.34 -55.94
C PHE A 959 12.96 -27.70 -56.62
N PRO A 960 12.26 -26.79 -55.93
CA PRO A 960 11.22 -26.00 -56.58
C PRO A 960 11.82 -24.97 -57.52
N GLU A 961 11.65 -25.17 -58.82
CA GLU A 961 12.30 -24.29 -59.80
C GLU A 961 11.93 -22.83 -59.66
N PRO A 962 10.65 -22.44 -59.55
CA PRO A 962 10.36 -20.99 -59.43
C PRO A 962 10.93 -20.38 -58.16
N PHE A 963 10.75 -21.04 -57.02
CA PHE A 963 11.28 -20.50 -55.77
C PHE A 963 12.81 -20.43 -55.80
N ARG A 964 13.46 -21.48 -56.32
CA ARG A 964 14.91 -21.47 -56.40
C ARG A 964 15.42 -20.35 -57.29
N SER A 965 14.80 -20.19 -58.46
CA SER A 965 15.22 -19.13 -59.38
C SER A 965 15.00 -17.76 -58.76
N LYS A 966 13.86 -17.57 -58.07
CA LYS A 966 13.58 -16.28 -57.46
C LYS A 966 14.57 -15.95 -56.35
N VAL A 967 14.86 -16.93 -55.48
CA VAL A 967 15.65 -16.63 -54.29
C VAL A 967 17.14 -16.55 -54.64
N LEU A 968 17.66 -17.53 -55.37
CA LEU A 968 19.10 -17.58 -55.61
C LEU A 968 19.57 -16.39 -56.42
N LYS A 969 18.78 -15.93 -57.40
CA LYS A 969 19.15 -14.84 -58.28
C LYS A 969 20.48 -15.13 -58.97
N ASP A 970 21.54 -14.43 -58.58
CA ASP A 970 22.87 -14.61 -59.17
C ASP A 970 23.89 -14.97 -58.09
N LEU A 971 23.91 -16.26 -57.73
CA LEU A 971 24.90 -16.81 -56.83
C LEU A 971 25.40 -18.13 -57.40
N PRO A 972 26.65 -18.50 -57.10
CA PRO A 972 27.14 -19.80 -57.55
C PRO A 972 26.30 -20.94 -56.97
N ARG A 973 25.95 -21.88 -57.83
CA ARG A 973 25.12 -23.02 -57.44
C ARG A 973 25.92 -24.30 -57.60
N VAL A 974 25.93 -25.11 -56.54
CA VAL A 974 26.63 -26.39 -56.56
C VAL A 974 25.65 -27.50 -56.92
N GLU A 975 25.99 -28.25 -57.97
CA GLU A 975 25.17 -29.36 -58.43
C GLU A 975 25.97 -30.66 -58.33
N GLY A 976 25.30 -31.76 -58.65
CA GLY A 976 25.92 -33.05 -58.42
C GLY A 976 25.94 -33.36 -56.93
N ARG A 977 26.98 -34.07 -56.51
CA ARG A 977 27.18 -34.32 -55.10
C ARG A 977 28.18 -33.32 -54.54
N PRO A 978 27.73 -32.34 -53.74
CA PRO A 978 28.66 -31.32 -53.23
C PRO A 978 29.68 -31.85 -52.24
N GLY A 979 29.55 -33.11 -51.79
CA GLY A 979 30.59 -33.70 -50.97
C GLY A 979 31.93 -33.71 -51.69
N ALA A 980 31.92 -34.00 -52.98
CA ALA A 980 33.14 -33.90 -53.80
C ALA A 980 33.18 -32.60 -54.58
N SER A 981 32.02 -32.07 -54.98
CA SER A 981 32.00 -30.86 -55.79
C SER A 981 32.57 -29.66 -55.05
N LEU A 982 32.25 -29.52 -53.77
CA LEU A 982 32.81 -28.44 -52.98
C LEU A 982 34.31 -28.68 -52.78
N PRO A 983 35.11 -27.62 -52.67
CA PRO A 983 36.56 -27.80 -52.59
C PRO A 983 36.97 -28.45 -51.28
N PRO A 984 37.60 -29.61 -51.33
CA PRO A 984 38.06 -30.27 -50.09
C PRO A 984 39.14 -29.46 -49.40
N LEU A 985 39.14 -29.54 -48.08
CA LEU A 985 40.15 -28.88 -47.25
C LEU A 985 41.10 -29.90 -46.67
N ASP A 986 42.25 -29.41 -46.20
CA ASP A 986 43.28 -30.27 -45.63
C ASP A 986 43.20 -30.20 -44.11
N LEU A 987 43.42 -31.35 -43.45
CA LEU A 987 43.42 -31.40 -42.00
C LEU A 987 44.68 -30.79 -41.41
N GLN A 988 45.83 -30.99 -42.06
CA GLN A 988 47.10 -30.55 -41.49
C GLN A 988 47.18 -29.03 -41.40
N ALA A 989 46.58 -28.32 -42.35
CA ALA A 989 46.61 -26.86 -42.30
C ALA A 989 45.91 -26.34 -41.06
N LEU A 990 44.67 -26.76 -40.83
CA LEU A 990 43.94 -26.34 -39.64
C LEU A 990 44.61 -26.86 -38.37
N GLU A 991 45.24 -28.04 -38.46
CA GLU A 991 45.87 -28.62 -37.27
C GLU A 991 47.10 -27.79 -36.86
N LYS A 992 47.93 -27.41 -37.82
CA LYS A 992 48.99 -26.44 -37.56
C LYS A 992 48.43 -25.12 -37.01
N GLU A 993 47.38 -24.60 -37.64
CA GLU A 993 46.83 -23.33 -37.19
C GLU A 993 46.42 -23.38 -35.72
N LEU A 994 45.70 -24.43 -35.33
CA LEU A 994 45.20 -24.52 -33.97
C LEU A 994 46.29 -24.91 -32.98
N VAL A 995 47.28 -25.70 -33.41
CA VAL A 995 48.35 -26.04 -32.47
C VAL A 995 49.22 -24.81 -32.21
N ASP A 996 49.36 -23.92 -33.20
CA ASP A 996 50.05 -22.66 -32.96
C ASP A 996 49.21 -21.67 -32.17
N ARG A 997 47.88 -21.69 -32.36
CA ARG A 997 47.00 -20.75 -31.70
C ARG A 997 46.73 -21.12 -30.24
N HIS A 998 46.77 -22.41 -29.91
CA HIS A 998 46.41 -22.89 -28.58
C HIS A 998 47.39 -23.98 -28.11
N GLY A 999 48.65 -23.83 -28.43
CA GLY A 999 49.67 -24.72 -27.91
C GLY A 999 49.56 -26.14 -28.44
N GLU A 1000 50.42 -27.00 -27.90
CA GLU A 1000 50.57 -28.38 -28.35
C GLU A 1000 49.40 -29.27 -27.98
N GLU A 1001 48.60 -28.89 -26.99
CA GLU A 1001 47.52 -29.73 -26.47
C GLU A 1001 46.34 -29.83 -27.45
N VAL A 1002 46.58 -30.58 -28.52
CA VAL A 1002 45.62 -30.75 -29.62
C VAL A 1002 45.46 -32.24 -29.91
N THR A 1003 44.23 -32.69 -30.10
CA THR A 1003 43.90 -34.05 -30.48
C THR A 1003 43.04 -34.06 -31.75
N PRO A 1004 43.13 -35.11 -32.57
CA PRO A 1004 42.39 -35.10 -33.84
C PRO A 1004 40.90 -34.98 -33.69
N GLU A 1005 40.33 -35.53 -32.60
CA GLU A 1005 38.90 -35.34 -32.34
C GLU A 1005 38.60 -33.86 -32.11
N ASP A 1006 39.45 -33.17 -31.37
CA ASP A 1006 39.31 -31.72 -31.23
C ASP A 1006 39.46 -31.04 -32.57
N VAL A 1007 40.34 -31.55 -33.42
CA VAL A 1007 40.50 -31.00 -34.76
C VAL A 1007 39.19 -31.08 -35.52
N LEU A 1008 38.53 -32.24 -35.48
CA LEU A 1008 37.25 -32.38 -36.16
C LEU A 1008 36.20 -31.45 -35.55
N SER A 1009 36.14 -31.39 -34.22
CA SER A 1009 35.13 -30.57 -33.57
C SER A 1009 35.28 -29.10 -33.96
N ALA A 1010 36.52 -28.61 -34.00
CA ALA A 1010 36.75 -27.26 -34.51
C ALA A 1010 36.46 -27.18 -35.99
N ALA A 1011 36.66 -28.28 -36.72
CA ALA A 1011 36.41 -28.28 -38.16
C ALA A 1011 34.95 -28.03 -38.48
N MET A 1012 34.04 -28.59 -37.68
CA MET A 1012 32.64 -28.19 -37.84
C MET A 1012 32.45 -26.71 -37.54
N TYR A 1013 32.67 -26.29 -36.29
CA TYR A 1013 32.47 -24.89 -35.90
C TYR A 1013 33.64 -24.45 -35.04
N PRO A 1014 34.54 -23.65 -35.60
CA PRO A 1014 35.71 -23.18 -34.83
C PRO A 1014 35.36 -22.29 -33.64
N ASP A 1015 34.30 -21.47 -33.76
CA ASP A 1015 34.02 -20.47 -32.74
C ASP A 1015 33.56 -21.11 -31.43
N VAL A 1016 32.68 -22.11 -31.51
CA VAL A 1016 32.23 -22.77 -30.29
C VAL A 1016 33.39 -23.54 -29.65
N PHE A 1017 34.29 -24.10 -30.47
CA PHE A 1017 35.47 -24.73 -29.91
C PHE A 1017 36.38 -23.71 -29.24
N ALA A 1018 36.47 -22.50 -29.79
CA ALA A 1018 37.24 -21.46 -29.14
C ALA A 1018 36.65 -21.11 -27.78
N HIS A 1019 35.33 -20.99 -27.71
CA HIS A 1019 34.67 -20.75 -26.42
C HIS A 1019 34.97 -21.89 -25.45
N PHE A 1020 34.86 -23.12 -25.92
CA PHE A 1020 35.12 -24.29 -25.08
C PHE A 1020 36.55 -24.28 -24.56
N LYS A 1021 37.52 -24.03 -25.43
CA LYS A 1021 38.92 -24.07 -25.02
C LYS A 1021 39.23 -22.92 -24.07
N ASP A 1022 38.61 -21.75 -24.26
CA ASP A 1022 38.79 -20.65 -23.32
C ASP A 1022 38.24 -21.02 -21.95
N PHE A 1023 37.06 -21.63 -21.91
CA PHE A 1023 36.49 -22.01 -20.62
C PHE A 1023 37.31 -23.10 -19.93
N THR A 1024 37.82 -24.05 -20.71
CA THR A 1024 38.70 -25.07 -20.12
C THR A 1024 39.97 -24.45 -19.58
N ALA A 1025 40.54 -23.48 -20.30
CA ALA A 1025 41.75 -22.82 -19.81
C ALA A 1025 41.48 -22.07 -18.52
N THR A 1026 40.38 -21.33 -18.45
CA THR A 1026 40.14 -20.49 -17.28
C THR A 1026 39.64 -21.30 -16.08
N PHE A 1027 38.95 -22.42 -16.30
CA PHE A 1027 38.34 -23.16 -15.21
C PHE A 1027 38.89 -24.58 -15.05
N GLY A 1028 39.80 -25.01 -15.93
CA GLY A 1028 40.46 -26.29 -15.76
C GLY A 1028 39.55 -27.47 -16.01
N PRO A 1029 39.92 -28.63 -15.45
CA PRO A 1029 39.12 -29.83 -15.63
C PRO A 1029 37.77 -29.71 -14.94
N LEU A 1030 36.80 -30.44 -15.47
CA LEU A 1030 35.44 -30.41 -14.95
C LEU A 1030 34.81 -31.80 -14.98
N ASP A 1031 33.48 -31.86 -14.82
CA ASP A 1031 32.68 -33.06 -15.02
C ASP A 1031 32.86 -34.07 -13.91
N SER A 1032 33.58 -33.70 -12.86
CA SER A 1032 33.62 -34.47 -11.63
C SER A 1032 32.67 -33.92 -10.57
N LEU A 1033 31.76 -33.03 -10.98
CA LEU A 1033 30.85 -32.35 -10.07
C LEU A 1033 29.45 -32.95 -10.18
N ASN A 1034 28.66 -32.75 -9.14
CA ASN A 1034 27.26 -33.17 -9.19
C ASN A 1034 26.47 -32.25 -10.12
N THR A 1035 25.34 -32.76 -10.61
CA THR A 1035 24.49 -31.95 -11.47
C THR A 1035 23.98 -30.73 -10.73
N ARG A 1036 23.59 -30.90 -9.47
CA ARG A 1036 23.22 -29.76 -8.63
C ARG A 1036 24.41 -28.84 -8.44
N LEU A 1037 25.60 -29.43 -8.25
CA LEU A 1037 26.81 -28.63 -8.10
C LEU A 1037 27.11 -27.83 -9.37
N PHE A 1038 26.92 -28.44 -10.54
CA PHE A 1038 27.20 -27.74 -11.78
C PHE A 1038 26.17 -26.64 -12.04
N LEU A 1039 24.89 -26.91 -11.78
CA LEU A 1039 23.83 -25.99 -12.15
C LEU A 1039 23.48 -25.02 -11.03
N GLN A 1040 23.39 -25.50 -9.79
CA GLN A 1040 23.07 -24.64 -8.66
C GLN A 1040 24.24 -24.43 -7.71
N GLY A 1041 25.10 -25.44 -7.56
CA GLY A 1041 26.26 -25.31 -6.71
C GLY A 1041 25.90 -25.35 -5.25
N PRO A 1042 26.87 -25.11 -4.38
CA PRO A 1042 26.60 -25.13 -2.93
C PRO A 1042 25.70 -23.99 -2.51
N LYS A 1043 24.88 -24.26 -1.50
CA LYS A 1043 24.06 -23.25 -0.87
C LYS A 1043 24.73 -22.84 0.43
N ILE A 1044 24.25 -21.74 1.03
CA ILE A 1044 24.93 -21.20 2.20
C ILE A 1044 24.97 -22.22 3.32
N ALA A 1045 26.18 -22.50 3.81
CA ALA A 1045 26.41 -23.37 4.96
C ALA A 1045 25.85 -24.79 4.73
N GLU A 1046 26.45 -25.47 3.77
CA GLU A 1046 26.14 -26.88 3.56
C GLU A 1046 27.43 -27.62 3.20
N GLU A 1047 27.46 -28.91 3.54
CA GLU A 1047 28.64 -29.74 3.35
C GLU A 1047 28.43 -30.70 2.18
N PHE A 1048 29.48 -30.89 1.37
CA PHE A 1048 29.45 -31.85 0.28
C PHE A 1048 30.88 -32.26 -0.08
N GLU A 1049 30.98 -33.40 -0.77
CA GLU A 1049 32.26 -33.97 -1.16
C GLU A 1049 32.37 -33.99 -2.69
N VAL A 1050 33.55 -33.64 -3.20
CA VAL A 1050 33.83 -33.70 -4.63
C VAL A 1050 35.16 -34.42 -4.82
N GLU A 1051 35.17 -35.45 -5.66
CA GLU A 1051 36.38 -36.15 -6.04
C GLU A 1051 36.70 -35.79 -7.49
N LEU A 1052 37.74 -34.98 -7.69
CA LEU A 1052 38.11 -34.56 -9.04
C LEU A 1052 38.99 -35.60 -9.71
N GLU A 1053 40.13 -35.91 -9.10
CA GLU A 1053 41.07 -36.87 -9.66
C GLU A 1053 41.35 -37.98 -8.67
N ARG A 1054 41.92 -39.07 -9.18
CA ARG A 1054 42.34 -40.18 -8.33
C ARG A 1054 43.48 -39.78 -7.39
N GLY A 1055 44.23 -38.73 -7.75
CA GLY A 1055 45.39 -38.36 -6.96
C GLY A 1055 45.05 -37.91 -5.55
N LYS A 1056 44.05 -37.04 -5.41
CA LYS A 1056 43.73 -36.44 -4.12
C LYS A 1056 42.23 -36.45 -3.87
N THR A 1057 41.88 -36.35 -2.59
CA THR A 1057 40.49 -36.31 -2.15
C THR A 1057 40.29 -35.04 -1.33
N LEU A 1058 39.22 -34.30 -1.64
CA LEU A 1058 39.00 -32.99 -1.04
C LEU A 1058 37.54 -32.85 -0.64
N HIS A 1059 37.31 -32.26 0.55
CA HIS A 1059 35.99 -31.92 1.02
C HIS A 1059 35.78 -30.41 0.91
N ILE A 1060 34.52 -30.00 0.87
CA ILE A 1060 34.16 -28.60 0.66
C ILE A 1060 33.11 -28.19 1.70
N LYS A 1061 33.26 -26.98 2.22
CA LYS A 1061 32.29 -26.38 3.13
C LYS A 1061 32.12 -24.90 2.80
N ALA A 1062 30.88 -24.43 2.85
CA ALA A 1062 30.54 -23.06 2.47
C ALA A 1062 30.45 -22.21 3.74
N LEU A 1063 31.29 -21.18 3.82
CA LEU A 1063 31.37 -20.34 5.02
C LEU A 1063 30.55 -19.06 4.91
N ALA A 1064 30.89 -18.18 3.97
CA ALA A 1064 30.28 -16.86 3.92
C ALA A 1064 30.76 -16.12 2.68
N VAL A 1065 30.15 -14.96 2.45
CA VAL A 1065 30.46 -14.09 1.32
C VAL A 1065 30.73 -12.69 1.84
N SER A 1066 31.65 -11.99 1.20
CA SER A 1066 31.98 -10.61 1.56
C SER A 1066 30.95 -9.67 0.95
N ASP A 1067 31.27 -8.39 0.91
CA ASP A 1067 30.43 -7.37 0.27
C ASP A 1067 31.16 -6.78 -0.93
N LEU A 1068 30.42 -5.98 -1.70
CA LEU A 1068 30.99 -5.34 -2.88
C LEU A 1068 31.83 -4.14 -2.47
N ASN A 1069 33.05 -4.06 -2.97
CA ASN A 1069 33.97 -2.99 -2.60
C ASN A 1069 34.37 -2.10 -3.77
N ARG A 1070 34.84 -2.69 -4.87
CA ARG A 1070 35.41 -1.93 -5.98
C ARG A 1070 34.46 -1.97 -7.17
N ALA A 1071 33.47 -1.06 -7.15
CA ALA A 1071 32.53 -0.89 -8.27
C ALA A 1071 31.90 -2.22 -8.68
N GLY A 1072 31.51 -3.02 -7.69
CA GLY A 1072 30.95 -4.32 -7.97
C GLY A 1072 31.99 -5.42 -8.11
N GLN A 1073 32.76 -5.65 -7.03
CA GLN A 1073 33.72 -6.75 -7.00
C GLN A 1073 33.56 -7.47 -5.67
N ARG A 1074 32.87 -8.61 -5.70
CA ARG A 1074 32.57 -9.39 -4.51
C ARG A 1074 33.75 -10.30 -4.15
N GLN A 1075 33.69 -10.90 -2.97
CA GLN A 1075 34.68 -11.88 -2.54
C GLN A 1075 34.01 -12.88 -1.61
N VAL A 1076 34.58 -14.08 -1.50
CA VAL A 1076 34.00 -15.17 -0.72
C VAL A 1076 35.10 -15.81 0.12
N PHE A 1077 34.73 -16.17 1.36
CA PHE A 1077 35.62 -16.89 2.26
C PHE A 1077 35.13 -18.31 2.42
N PHE A 1078 36.01 -19.28 2.14
CA PHE A 1078 35.67 -20.69 2.23
C PHE A 1078 36.79 -21.44 2.96
N GLU A 1079 36.41 -22.54 3.61
CA GLU A 1079 37.34 -23.38 4.36
C GLU A 1079 37.55 -24.69 3.61
N LEU A 1080 38.81 -25.06 3.42
CA LEU A 1080 39.18 -26.35 2.87
C LEU A 1080 39.68 -27.22 4.03
N ASN A 1081 39.93 -28.50 3.73
CA ASN A 1081 40.45 -29.40 4.74
C ASN A 1081 41.81 -28.94 5.23
N GLY A 1082 41.88 -28.43 6.46
CA GLY A 1082 43.11 -28.02 7.08
C GLY A 1082 43.45 -26.55 6.96
N GLN A 1083 42.84 -25.83 6.03
CA GLN A 1083 43.18 -24.43 5.83
C GLN A 1083 42.05 -23.70 5.15
N LEU A 1084 42.02 -22.38 5.32
CA LEU A 1084 41.04 -21.52 4.68
C LEU A 1084 41.61 -20.93 3.41
N ARG A 1085 40.72 -20.67 2.45
CA ARG A 1085 41.11 -20.04 1.19
C ARG A 1085 40.14 -18.91 0.88
N SER A 1086 40.67 -17.86 0.25
CA SER A 1086 39.91 -16.66 -0.07
C SER A 1086 40.20 -16.26 -1.50
N ILE A 1087 39.13 -16.02 -2.28
CA ILE A 1087 39.25 -15.74 -3.70
C ILE A 1087 38.36 -14.55 -4.05
N LEU A 1088 38.92 -13.60 -4.80
CA LEU A 1088 38.16 -12.48 -5.34
C LEU A 1088 37.39 -12.93 -6.58
N VAL A 1089 36.16 -12.46 -6.71
CA VAL A 1089 35.32 -12.76 -7.85
C VAL A 1089 34.70 -11.46 -8.35
N LYS A 1090 34.81 -11.20 -9.65
CA LYS A 1090 34.33 -9.96 -10.24
C LYS A 1090 32.82 -10.07 -10.52
N ASP A 1091 32.05 -9.12 -9.99
CA ASP A 1091 30.62 -9.08 -10.28
C ASP A 1091 30.40 -8.59 -11.70
N THR A 1092 29.26 -8.99 -12.28
CA THR A 1092 28.99 -8.69 -13.68
C THR A 1092 28.08 -7.48 -13.89
N GLN A 1093 27.63 -6.81 -12.83
CA GLN A 1093 26.73 -5.68 -12.95
C GLN A 1093 27.48 -4.35 -13.03
N ALA A 1094 28.80 -4.38 -13.14
CA ALA A 1094 29.58 -3.15 -13.26
C ALA A 1094 29.47 -2.57 -14.67
N ASN B 495 44.60 -15.40 23.71
CA ASN B 495 45.53 -14.89 24.71
C ASN B 495 45.24 -13.42 25.00
N ARG B 496 46.14 -12.54 24.54
CA ARG B 496 46.02 -11.11 24.74
C ARG B 496 45.42 -10.37 23.56
N ALA B 497 46.01 -10.50 22.37
CA ALA B 497 45.42 -9.90 21.18
C ALA B 497 44.09 -10.58 20.85
N GLN B 498 44.03 -11.90 20.99
CA GLN B 498 42.77 -12.60 20.75
C GLN B 498 41.69 -12.12 21.70
N LYS B 499 42.08 -11.73 22.91
CA LYS B 499 41.11 -11.20 23.88
C LYS B 499 40.44 -9.93 23.34
N LEU B 500 41.25 -8.96 22.91
CA LEU B 500 40.68 -7.72 22.39
C LEU B 500 39.95 -7.95 21.08
N LEU B 501 40.39 -8.93 20.29
CA LEU B 501 39.65 -9.26 19.07
C LEU B 501 38.26 -9.82 19.41
N HIS B 502 38.19 -10.65 20.46
CA HIS B 502 36.90 -11.14 20.92
C HIS B 502 36.03 -9.98 21.37
N TYR B 503 36.63 -9.03 22.09
CA TYR B 503 35.92 -7.86 22.56
C TYR B 503 35.36 -7.06 21.38
N LEU B 504 36.18 -6.85 20.35
CA LEU B 504 35.73 -6.12 19.17
C LEU B 504 34.61 -6.87 18.45
N GLY B 505 34.70 -8.19 18.37
CA GLY B 505 33.62 -8.96 17.79
C GLY B 505 32.32 -8.77 18.54
N HIS B 506 32.38 -8.83 19.88
CA HIS B 506 31.18 -8.57 20.68
C HIS B 506 30.66 -7.16 20.44
N VAL B 507 31.56 -6.19 20.33
CA VAL B 507 31.15 -4.81 20.09
C VAL B 507 30.40 -4.70 18.76
N MET B 508 30.95 -5.32 17.71
CA MET B 508 30.35 -5.19 16.38
C MET B 508 29.01 -5.90 16.31
N VAL B 509 28.95 -7.14 16.81
CA VAL B 509 27.70 -7.90 16.73
C VAL B 509 26.63 -7.24 17.59
N ASN B 510 26.98 -6.86 18.81
CA ASN B 510 26.04 -6.27 19.75
C ASN B 510 26.13 -4.75 19.68
N GLY B 511 25.51 -4.10 20.66
CA GLY B 511 25.76 -2.71 20.92
C GLY B 511 26.80 -2.58 22.02
N PRO B 512 26.98 -1.37 22.54
CA PRO B 512 27.86 -1.20 23.71
C PRO B 512 27.12 -1.58 24.99
N THR B 513 27.90 -1.96 26.01
CA THR B 513 27.29 -2.34 27.28
C THR B 513 26.52 -1.18 27.89
N THR B 514 27.10 0.01 27.85
CA THR B 514 26.38 1.19 28.29
C THR B 514 25.28 1.55 27.29
N PRO B 515 24.09 1.87 27.77
CA PRO B 515 23.01 2.23 26.84
C PRO B 515 23.32 3.49 26.05
N ILE B 516 22.77 3.58 24.85
CA ILE B 516 22.89 4.74 23.98
C ILE B 516 21.50 5.35 23.83
N PRO B 517 21.17 6.35 24.65
CA PRO B 517 19.78 6.87 24.64
C PRO B 517 19.35 7.49 23.33
N VAL B 518 20.25 8.13 22.60
CA VAL B 518 19.90 8.93 21.42
C VAL B 518 20.46 8.26 20.18
N LYS B 519 19.62 8.18 19.14
CA LYS B 519 20.01 7.58 17.86
C LYS B 519 20.92 8.56 17.12
N ALA B 520 22.21 8.45 17.40
CA ALA B 520 23.22 9.28 16.75
C ALA B 520 24.55 8.54 16.72
N SER B 521 25.44 9.00 15.86
CA SER B 521 26.76 8.39 15.68
C SER B 521 27.83 9.46 15.72
N PRO B 522 29.04 9.12 16.15
CA PRO B 522 30.13 10.10 16.17
C PRO B 522 30.45 10.63 14.78
N SER B 523 30.73 11.94 14.72
CA SER B 523 31.08 12.56 13.46
C SER B 523 32.48 12.15 13.01
N PRO B 524 32.71 12.07 11.69
CA PRO B 524 34.04 11.73 11.16
C PRO B 524 35.00 12.92 11.07
N THR B 525 35.17 13.64 12.17
CA THR B 525 36.06 14.79 12.23
C THR B 525 36.96 14.65 13.44
N ASP B 526 38.22 14.28 13.20
CA ASP B 526 39.17 14.13 14.28
C ASP B 526 39.75 15.49 14.67
N PRO B 527 40.19 15.65 15.92
CA PRO B 527 40.74 16.94 16.35
C PRO B 527 42.19 17.11 15.91
N VAL B 528 42.65 18.36 15.99
CA VAL B 528 43.99 18.74 15.53
C VAL B 528 44.85 19.07 16.74
N VAL B 529 46.05 18.50 16.77
CA VAL B 529 46.98 18.70 17.88
C VAL B 529 48.00 19.75 17.46
N PRO B 530 48.06 20.90 18.12
CA PRO B 530 49.10 21.89 17.78
C PRO B 530 50.47 21.43 18.25
N ALA B 531 51.49 22.02 17.64
CA ALA B 531 52.87 21.62 17.90
C ALA B 531 53.47 22.42 19.06
N VAL B 532 54.29 21.75 19.85
CA VAL B 532 55.01 22.37 20.97
C VAL B 532 56.45 21.87 20.96
N PRO B 533 57.39 22.61 21.56
CA PRO B 533 58.78 22.14 21.59
C PRO B 533 58.99 20.91 22.46
N ILE B 534 60.22 20.40 22.49
CA ILE B 534 60.53 19.19 23.25
C ILE B 534 61.20 19.48 24.57
N GLY B 535 61.82 20.66 24.74
CA GLY B 535 62.55 20.97 25.95
C GLY B 535 61.64 21.08 27.17
N PRO B 536 62.26 21.30 28.32
CA PRO B 536 61.50 21.28 29.57
C PRO B 536 60.49 22.42 29.61
N PRO B 537 59.36 22.23 30.27
CA PRO B 537 58.33 23.25 30.31
C PRO B 537 58.74 24.43 31.17
N PRO B 538 58.09 25.59 31.02
CA PRO B 538 58.34 26.71 31.93
C PRO B 538 57.95 26.38 33.35
N ALA B 539 58.32 27.24 34.31
CA ALA B 539 58.16 26.96 35.73
C ALA B 539 56.79 27.39 36.21
N GLY B 540 56.18 26.55 37.06
CA GLY B 540 54.89 26.85 37.65
C GLY B 540 54.96 27.09 39.14
N PHE B 541 54.28 26.22 39.91
CA PHE B 541 54.29 26.32 41.36
C PHE B 541 54.63 25.01 42.06
N ARG B 542 54.68 23.89 41.33
CA ARG B 542 55.10 22.63 41.91
C ARG B 542 56.53 22.71 42.43
N ASP B 543 57.37 23.51 41.76
CA ASP B 543 58.73 23.70 42.22
C ASP B 543 58.79 24.32 43.61
N ILE B 544 57.90 25.27 43.90
CA ILE B 544 57.89 25.89 45.22
C ILE B 544 57.57 24.85 46.28
N LEU B 545 56.57 24.00 46.02
CA LEU B 545 56.22 22.95 46.98
C LEU B 545 57.38 21.97 47.17
N LEU B 546 58.01 21.56 46.07
CA LEU B 546 59.14 20.64 46.17
C LEU B 546 60.34 21.30 46.84
N ARG B 547 60.36 22.63 46.89
CA ARG B 547 61.48 23.37 47.47
C ARG B 547 61.14 24.05 48.79
N GLU B 548 59.93 24.58 48.93
CA GLU B 548 59.55 25.33 50.12
C GLU B 548 58.44 24.62 50.87
N GLY B 549 58.22 24.98 52.13
CA GLY B 549 57.14 24.44 52.90
C GLY B 549 55.79 24.90 52.35
N PRO B 550 54.72 24.22 52.75
CA PRO B 550 53.39 24.56 52.21
C PRO B 550 52.92 25.94 52.62
N GLU B 551 53.13 26.34 53.88
CA GLU B 551 52.73 27.68 54.30
C GLU B 551 53.62 28.73 53.65
N GLY B 552 54.89 28.42 53.42
CA GLY B 552 55.74 29.32 52.66
C GLY B 552 55.20 29.54 51.25
N PHE B 553 54.75 28.45 50.61
CA PHE B 553 54.14 28.57 49.30
C PHE B 553 52.86 29.39 49.36
N ALA B 554 52.05 29.19 50.40
CA ALA B 554 50.83 29.96 50.55
C ALA B 554 51.12 31.45 50.73
N ARG B 555 52.15 31.78 51.50
CA ARG B 555 52.54 33.17 51.66
C ARG B 555 53.05 33.75 50.35
N ALA B 556 53.81 32.96 49.60
CA ALA B 556 54.28 33.43 48.29
C ALA B 556 53.10 33.71 47.37
N VAL B 557 52.10 32.84 47.37
CA VAL B 557 50.93 33.03 46.53
C VAL B 557 50.15 34.27 46.96
N ARG B 558 49.94 34.43 48.27
CA ARG B 558 49.21 35.59 48.76
C ARG B 558 49.95 36.88 48.41
N ASN B 559 51.27 36.89 48.54
CA ASN B 559 52.07 38.04 48.17
C ASN B 559 52.38 38.09 46.68
N HIS B 560 51.99 37.08 45.92
CA HIS B 560 52.25 37.08 44.48
C HIS B 560 51.44 38.18 43.82
N PRO B 561 52.07 39.09 43.07
CA PRO B 561 51.33 40.19 42.45
C PRO B 561 50.52 39.70 41.26
N GLY B 562 49.24 40.06 41.23
CA GLY B 562 48.40 39.70 40.10
C GLY B 562 47.29 38.74 40.43
N LEU B 563 47.06 37.77 39.55
CA LEU B 563 45.99 36.79 39.70
C LEU B 563 46.48 35.43 39.23
N LEU B 564 45.80 34.38 39.68
CA LEU B 564 46.15 33.01 39.32
C LEU B 564 44.90 32.23 38.95
N LEU B 565 45.12 31.19 38.13
CA LEU B 565 44.07 30.28 37.72
C LEU B 565 44.44 28.87 38.16
N MET B 566 43.45 28.04 38.45
CA MET B 566 43.72 26.65 38.75
C MET B 566 42.76 25.79 37.94
N ASP B 567 43.31 25.07 36.97
CA ASP B 567 42.52 24.46 35.90
C ASP B 567 41.70 23.28 36.42
N THR B 568 40.58 23.04 35.76
CA THR B 568 39.61 22.03 36.17
C THR B 568 39.08 21.21 35.01
N THR B 569 39.72 21.27 33.84
CA THR B 569 39.17 20.63 32.65
C THR B 569 39.19 19.10 32.71
N PHE B 570 39.62 18.47 33.80
CA PHE B 570 39.58 17.02 33.90
C PHE B 570 38.38 16.48 34.66
N ARG B 571 37.77 17.27 35.55
CA ARG B 571 36.72 16.72 36.40
C ARG B 571 35.35 17.33 36.15
N ASP B 572 35.19 18.63 36.36
CA ASP B 572 33.85 19.17 36.54
C ASP B 572 33.10 19.35 35.23
N ALA B 573 33.81 19.67 34.15
CA ALA B 573 33.15 19.82 32.87
C ALA B 573 32.49 18.53 32.42
N HIS B 574 33.08 17.38 32.78
CA HIS B 574 32.52 16.08 32.45
C HIS B 574 31.10 15.94 32.97
N GLN B 575 30.94 15.99 34.30
CA GLN B 575 29.61 15.91 34.89
C GLN B 575 28.70 17.05 34.48
N SER B 576 29.23 18.26 34.32
CA SER B 576 28.37 19.38 33.97
C SER B 576 27.77 19.22 32.58
N LEU B 577 28.55 18.73 31.63
CA LEU B 577 28.12 18.64 30.24
C LEU B 577 27.79 17.23 29.78
N LEU B 578 28.73 16.31 29.88
CA LEU B 578 28.56 14.94 29.42
C LEU B 578 28.01 14.08 30.55
N ALA B 579 28.02 12.77 30.34
CA ALA B 579 27.77 11.80 31.40
C ALA B 579 29.06 11.39 32.09
N THR B 580 30.07 12.27 32.08
CA THR B 580 31.40 12.02 32.64
C THR B 580 32.02 10.79 31.98
N ARG B 581 32.04 10.85 30.65
CA ARG B 581 32.41 9.73 29.81
C ARG B 581 33.52 10.09 28.83
N VAL B 582 34.58 10.72 29.33
CA VAL B 582 35.70 11.08 28.49
C VAL B 582 36.89 10.20 28.87
N ARG B 583 37.39 9.44 27.90
CA ARG B 583 38.44 8.47 28.14
C ARG B 583 39.79 9.16 28.36
N THR B 584 40.70 8.44 29.00
CA THR B 584 42.06 8.96 29.19
C THR B 584 42.83 9.00 27.88
N HIS B 585 42.39 8.23 26.88
CA HIS B 585 43.06 8.26 25.58
C HIS B 585 42.99 9.65 24.96
N ASP B 586 41.84 10.31 25.07
CA ASP B 586 41.73 11.69 24.60
C ASP B 586 42.55 12.64 25.47
N LEU B 587 42.75 12.29 26.75
CA LEU B 587 43.41 13.20 27.67
C LEU B 587 44.91 12.98 27.74
N LYS B 588 45.44 11.92 27.14
CA LYS B 588 46.87 11.66 27.14
C LYS B 588 47.57 12.31 25.95
N LYS B 589 46.98 13.37 25.40
CA LYS B 589 47.54 14.06 24.24
C LYS B 589 47.70 15.56 24.47
N ILE B 590 47.27 16.07 25.62
CA ILE B 590 47.38 17.49 25.90
C ILE B 590 48.50 17.81 26.87
N ALA B 591 48.88 16.88 27.74
CA ALA B 591 49.85 17.16 28.80
C ALA B 591 51.15 17.79 28.30
N PRO B 592 51.80 17.29 27.24
CA PRO B 592 52.95 18.04 26.72
C PRO B 592 52.60 19.45 26.25
N TYR B 593 51.41 19.64 25.68
CA TYR B 593 51.04 20.96 25.16
C TYR B 593 50.88 21.98 26.28
N VAL B 594 50.10 21.65 27.31
CA VAL B 594 49.74 22.63 28.32
C VAL B 594 50.94 23.00 29.19
N ALA B 595 51.73 22.00 29.60
CA ALA B 595 52.86 22.27 30.48
C ALA B 595 53.90 23.12 29.78
N HIS B 596 54.24 22.79 28.53
CA HIS B 596 55.25 23.53 27.80
C HIS B 596 54.76 24.92 27.42
N ASN B 597 53.46 25.17 27.50
CA ASN B 597 52.88 26.48 27.19
C ASN B 597 52.41 27.21 28.44
N PHE B 598 51.56 26.58 29.25
CA PHE B 598 50.96 27.23 30.40
C PHE B 598 51.81 26.96 31.63
N SER B 599 52.18 28.03 32.35
CA SER B 599 53.00 27.89 33.55
C SER B 599 52.50 28.73 34.72
N LYS B 600 51.51 29.59 34.52
CA LYS B 600 50.97 30.41 35.60
C LYS B 600 49.78 29.75 36.30
N LEU B 601 49.39 28.57 35.86
CA LEU B 601 48.26 27.88 36.51
C LEU B 601 48.64 27.45 37.91
N PHE B 602 47.69 27.54 38.83
CA PHE B 602 47.95 27.19 40.22
C PHE B 602 48.15 25.68 40.38
N SER B 603 47.18 24.88 39.96
CA SER B 603 47.27 23.43 40.01
C SER B 603 46.18 22.88 39.09
N MET B 604 45.94 21.57 39.19
CA MET B 604 44.98 20.90 38.33
C MET B 604 43.98 20.10 39.15
N GLU B 605 42.72 20.11 38.72
CA GLU B 605 41.67 19.27 39.28
C GLU B 605 41.50 18.06 38.37
N ASN B 606 41.65 16.87 38.95
CA ASN B 606 41.51 15.63 38.20
C ASN B 606 40.35 14.77 38.71
N TRP B 607 40.31 14.47 40.00
CA TRP B 607 39.27 13.64 40.57
C TRP B 607 38.17 14.49 41.20
N GLY B 608 37.06 13.84 41.52
CA GLY B 608 35.95 14.52 42.13
C GLY B 608 34.83 13.56 42.45
N GLY B 609 33.61 14.07 42.35
CA GLY B 609 32.44 13.26 42.63
C GLY B 609 32.30 12.06 41.71
N ALA B 610 32.07 12.30 40.43
CA ALA B 610 31.93 11.23 39.45
C ALA B 610 33.28 10.92 38.80
N THR B 611 34.20 10.40 39.63
CA THR B 611 35.51 10.00 39.12
C THR B 611 35.68 8.49 39.25
N PHE B 612 35.00 7.90 40.23
CA PHE B 612 35.01 6.45 40.39
C PHE B 612 33.80 5.80 39.73
N ASP B 613 32.60 6.20 40.14
CA ASP B 613 31.40 5.46 39.76
C ASP B 613 31.25 5.34 38.25
N VAL B 614 31.32 6.47 37.53
CA VAL B 614 31.19 6.41 36.08
C VAL B 614 32.38 5.70 35.46
N ALA B 615 33.57 5.85 36.05
CA ALA B 615 34.75 5.13 35.59
C ALA B 615 34.78 3.69 36.09
N MET B 616 33.76 3.27 36.83
CA MET B 616 33.63 1.89 37.25
C MET B 616 32.34 1.23 36.76
N ARG B 617 31.34 2.00 36.36
CA ARG B 617 30.05 1.46 35.95
C ARG B 617 29.86 1.46 34.43
N PHE B 618 29.99 2.62 33.79
CA PHE B 618 29.83 2.71 32.35
C PHE B 618 31.14 2.82 31.59
N LEU B 619 32.22 3.18 32.26
CA LEU B 619 33.56 3.22 31.66
C LEU B 619 34.40 2.15 32.34
N TYR B 620 35.06 1.33 31.54
CA TYR B 620 35.86 0.22 32.07
C TYR B 620 37.33 0.66 32.12
N GLU B 621 37.61 1.57 33.06
CA GLU B 621 38.96 2.07 33.28
C GLU B 621 39.22 2.12 34.78
N CYS B 622 40.46 2.46 35.13
CA CYS B 622 40.90 2.52 36.53
C CYS B 622 41.35 3.94 36.84
N PRO B 623 40.61 4.69 37.66
CA PRO B 623 41.04 6.05 38.02
C PRO B 623 42.39 6.09 38.69
N TRP B 624 42.77 5.04 39.44
CA TRP B 624 44.12 4.95 39.99
C TRP B 624 45.16 4.99 38.88
N ARG B 625 44.99 4.15 37.86
CA ARG B 625 45.93 4.17 36.73
C ARG B 625 45.75 5.45 35.91
N ARG B 626 44.56 6.04 35.95
CA ARG B 626 44.36 7.33 35.29
C ARG B 626 45.23 8.42 35.91
N LEU B 627 45.32 8.43 37.24
CA LEU B 627 46.08 9.48 37.91
C LEU B 627 47.56 9.10 38.05
N GLN B 628 47.88 7.82 37.93
CA GLN B 628 49.26 7.38 38.18
C GLN B 628 50.22 7.91 37.12
N GLU B 629 49.84 7.80 35.84
CA GLU B 629 50.73 8.21 34.77
C GLU B 629 50.55 9.66 34.35
N LEU B 630 49.58 10.37 34.95
CA LEU B 630 49.45 11.79 34.68
C LEU B 630 50.58 12.59 35.30
N ARG B 631 51.26 12.02 36.31
CA ARG B 631 52.30 12.75 37.02
C ARG B 631 53.57 12.89 36.19
N GLU B 632 53.97 11.83 35.48
CA GLU B 632 55.21 11.84 34.72
C GLU B 632 55.19 12.82 33.55
N LEU B 633 54.00 13.25 33.11
CA LEU B 633 53.90 14.17 31.99
C LEU B 633 53.86 15.63 32.41
N ILE B 634 53.52 15.92 33.67
CA ILE B 634 53.47 17.29 34.16
C ILE B 634 54.27 17.42 35.45
N PRO B 635 55.62 17.43 35.40
CA PRO B 635 56.36 17.85 36.59
C PRO B 635 56.51 19.37 36.62
N ASN B 636 55.41 20.07 36.34
CA ASN B 636 55.37 21.52 36.27
C ASN B 636 54.28 22.12 37.15
N ILE B 637 53.08 21.56 37.11
CA ILE B 637 51.91 22.12 37.78
C ILE B 637 51.36 21.07 38.72
N PRO B 638 51.07 21.40 39.98
CA PRO B 638 50.58 20.38 40.91
C PRO B 638 49.15 19.96 40.62
N PHE B 639 48.69 18.96 41.35
CA PHE B 639 47.36 18.38 41.18
C PHE B 639 46.52 18.53 42.45
N GLN B 640 45.21 18.63 42.23
CA GLN B 640 44.24 18.68 43.32
C GLN B 640 43.06 17.79 42.97
N MET B 641 42.39 17.26 43.98
CA MET B 641 41.14 16.54 43.77
C MET B 641 40.05 17.14 44.65
N LEU B 642 38.80 16.88 44.27
CA LEU B 642 37.65 17.12 45.13
C LEU B 642 37.49 15.92 46.04
N LEU B 643 37.32 16.18 47.34
CA LEU B 643 37.17 15.14 48.35
C LEU B 643 35.90 15.36 49.15
N ARG B 644 35.33 14.27 49.64
CA ARG B 644 34.19 14.27 50.54
C ARG B 644 34.63 13.79 51.92
N GLY B 645 34.12 14.48 52.95
CA GLY B 645 34.66 14.33 54.29
C GLY B 645 34.31 13.06 55.05
N ALA B 646 33.05 12.91 55.45
CA ALA B 646 32.68 11.79 56.30
C ALA B 646 32.82 10.46 55.55
N ASN B 647 32.05 10.31 54.48
CA ASN B 647 32.29 9.24 53.53
C ASN B 647 33.62 9.49 52.83
N ALA B 648 34.45 8.44 52.72
CA ALA B 648 35.73 8.59 52.05
C ALA B 648 35.54 8.96 50.58
N VAL B 649 34.92 8.07 49.81
CA VAL B 649 34.58 8.34 48.42
C VAL B 649 33.17 7.92 48.06
N GLY B 650 32.38 7.43 49.01
CA GLY B 650 31.05 6.91 48.76
C GLY B 650 29.94 7.90 49.08
N TYR B 651 28.80 7.37 49.50
CA TYR B 651 27.67 8.19 49.91
C TYR B 651 27.30 8.03 51.38
N THR B 652 27.89 7.06 52.08
CA THR B 652 27.64 6.85 53.49
C THR B 652 28.96 6.81 54.23
N ASN B 653 28.92 7.14 55.53
CA ASN B 653 30.13 7.29 56.31
C ASN B 653 30.89 5.97 56.40
N TYR B 654 32.20 6.08 56.52
CA TYR B 654 33.12 4.96 56.53
C TYR B 654 34.06 5.11 57.72
N PRO B 655 34.73 4.04 58.13
CA PRO B 655 35.71 4.17 59.23
C PRO B 655 36.78 5.20 58.90
N ASP B 656 37.20 5.94 59.93
CA ASP B 656 38.13 7.04 59.73
C ASP B 656 39.48 6.56 59.19
N ASN B 657 39.94 5.41 59.67
CA ASN B 657 41.24 4.92 59.21
C ASN B 657 41.24 4.61 57.72
N VAL B 658 40.07 4.30 57.16
CA VAL B 658 39.95 4.16 55.71
C VAL B 658 40.30 5.47 55.02
N VAL B 659 39.75 6.58 55.53
CA VAL B 659 40.10 7.90 55.00
C VAL B 659 41.58 8.18 55.22
N PHE B 660 42.13 7.67 56.32
CA PHE B 660 43.56 7.85 56.59
C PHE B 660 44.42 7.20 55.50
N LYS B 661 44.14 5.93 55.19
CA LYS B 661 44.88 5.30 54.09
C LYS B 661 44.61 6.00 52.77
N PHE B 662 43.37 6.46 52.57
CA PHE B 662 43.05 7.21 51.35
C PHE B 662 43.99 8.40 51.18
N CYS B 663 44.09 9.23 52.20
CA CYS B 663 44.96 10.40 52.12
C CYS B 663 46.42 10.01 52.01
N GLU B 664 46.84 8.95 52.71
CA GLU B 664 48.24 8.52 52.65
C GLU B 664 48.62 8.11 51.24
N VAL B 665 47.80 7.27 50.60
CA VAL B 665 48.12 6.83 49.25
C VAL B 665 47.99 7.97 48.26
N ALA B 666 47.06 8.91 48.50
CA ALA B 666 46.96 10.08 47.64
C ALA B 666 48.23 10.91 47.69
N LYS B 667 48.81 11.07 48.88
CA LYS B 667 50.09 11.77 48.96
C LYS B 667 51.21 10.95 48.32
N GLU B 668 51.16 9.63 48.50
CA GLU B 668 52.25 8.78 48.02
C GLU B 668 52.33 8.76 46.49
N ASN B 669 51.18 8.62 45.82
CA ASN B 669 51.21 8.38 44.38
C ASN B 669 51.65 9.60 43.58
N GLY B 670 51.28 10.80 44.01
CA GLY B 670 51.61 11.99 43.25
C GLY B 670 50.55 13.08 43.32
N MET B 671 49.42 12.78 43.95
CA MET B 671 48.43 13.81 44.23
C MET B 671 49.04 14.86 45.15
N ASP B 672 48.75 16.13 44.89
CA ASP B 672 49.42 17.23 45.58
C ASP B 672 48.52 18.00 46.53
N VAL B 673 47.34 18.42 46.08
CA VAL B 673 46.48 19.29 46.87
C VAL B 673 45.14 18.60 47.11
N PHE B 674 44.51 18.91 48.24
CA PHE B 674 43.21 18.37 48.60
C PHE B 674 42.20 19.51 48.64
N ARG B 675 40.97 19.23 48.20
CA ARG B 675 39.84 20.08 48.46
C ARG B 675 38.94 19.37 49.46
N VAL B 676 39.00 19.78 50.72
CA VAL B 676 38.29 19.12 51.81
C VAL B 676 36.94 19.80 51.97
N PHE B 677 35.87 19.02 51.92
CA PHE B 677 34.52 19.55 51.96
C PHE B 677 33.54 18.40 52.18
N ASP B 678 32.43 18.72 52.83
CA ASP B 678 31.34 17.78 53.02
C ASP B 678 30.04 18.45 52.65
N SER B 679 29.10 17.65 52.13
CA SER B 679 27.87 18.21 51.56
C SER B 679 27.10 19.03 52.58
N LEU B 680 26.96 18.52 53.79
CA LEU B 680 26.26 19.22 54.86
C LEU B 680 27.26 20.05 55.67
N ASN B 681 26.73 20.87 56.57
CA ASN B 681 27.54 21.64 57.51
C ASN B 681 27.74 20.90 58.83
N TYR B 682 27.79 19.57 58.78
CA TYR B 682 28.16 18.81 59.96
C TYR B 682 29.62 19.06 60.27
N LEU B 683 29.89 19.89 61.27
CA LEU B 683 31.26 20.30 61.57
C LEU B 683 32.22 19.13 61.75
N PRO B 684 31.89 18.05 62.47
CA PRO B 684 32.86 16.95 62.60
C PRO B 684 33.28 16.35 61.27
N ASN B 685 32.42 16.39 60.24
CA ASN B 685 32.83 15.89 58.93
C ASN B 685 34.00 16.68 58.38
N MET B 686 33.88 18.01 58.34
CA MET B 686 34.97 18.84 57.86
C MET B 686 36.19 18.71 58.77
N LEU B 687 35.95 18.63 60.08
CA LEU B 687 37.05 18.48 61.03
C LEU B 687 37.85 17.22 60.74
N LEU B 688 37.17 16.09 60.56
CA LEU B 688 37.85 14.84 60.28
C LEU B 688 38.56 14.90 58.94
N GLY B 689 37.92 15.50 57.93
CA GLY B 689 38.57 15.59 56.62
C GLY B 689 39.86 16.38 56.67
N MET B 690 39.81 17.56 57.28
CA MET B 690 41.02 18.38 57.39
C MET B 690 42.07 17.74 58.29
N GLU B 691 41.64 17.08 59.38
CA GLU B 691 42.59 16.43 60.27
C GLU B 691 43.31 15.30 59.55
N ALA B 692 42.58 14.49 58.79
CA ALA B 692 43.21 13.42 58.03
C ALA B 692 44.14 13.97 56.97
N ALA B 693 43.72 15.03 56.28
CA ALA B 693 44.57 15.63 55.24
C ALA B 693 45.87 16.15 55.83
N GLY B 694 45.79 16.81 57.00
CA GLY B 694 47.00 17.27 57.65
C GLY B 694 47.86 16.13 58.18
N SER B 695 47.23 15.10 58.74
CA SER B 695 47.97 13.99 59.33
C SER B 695 48.74 13.21 58.28
N ALA B 696 48.12 13.01 57.11
CA ALA B 696 48.83 12.32 56.03
C ALA B 696 50.07 13.09 55.61
N GLY B 697 50.02 14.41 55.71
CA GLY B 697 51.15 15.25 55.35
C GLY B 697 50.98 15.87 53.99
N GLY B 698 50.51 17.11 53.97
CA GLY B 698 50.23 17.80 52.72
C GLY B 698 49.31 18.96 52.95
N VAL B 699 49.22 19.81 51.93
CA VAL B 699 48.41 21.02 52.01
C VAL B 699 46.95 20.64 52.19
N VAL B 700 46.27 21.35 53.09
CA VAL B 700 44.85 21.13 53.37
C VAL B 700 44.11 22.38 52.93
N GLU B 701 43.27 22.22 51.90
CA GLU B 701 42.46 23.31 51.37
C GLU B 701 41.00 22.96 51.56
N ALA B 702 40.26 23.84 52.25
CA ALA B 702 38.90 23.58 52.64
C ALA B 702 37.94 24.48 51.86
N ALA B 703 36.70 24.02 51.72
CA ALA B 703 35.66 24.75 51.03
C ALA B 703 34.38 24.74 51.86
N ILE B 704 33.55 25.76 51.66
CA ILE B 704 32.25 25.88 52.33
C ILE B 704 31.19 26.10 51.26
N SER B 705 30.17 25.26 51.27
CA SER B 705 29.08 25.43 50.32
C SER B 705 28.31 26.70 50.61
N TYR B 706 27.99 27.44 49.55
CA TYR B 706 27.19 28.65 49.66
C TYR B 706 25.80 28.40 49.08
N THR B 707 24.79 28.97 49.71
CA THR B 707 23.41 28.76 49.31
C THR B 707 22.61 30.03 49.52
N GLY B 708 21.57 30.21 48.69
CA GLY B 708 20.67 31.33 48.84
C GLY B 708 21.31 32.65 48.44
N ASP B 709 20.64 33.73 48.82
CA ASP B 709 21.11 35.09 48.56
C ASP B 709 21.64 35.68 49.86
N VAL B 710 22.97 35.74 49.98
CA VAL B 710 23.58 36.34 51.16
C VAL B 710 23.40 37.84 51.20
N ALA B 711 23.06 38.46 50.08
CA ALA B 711 22.83 39.91 50.02
C ALA B 711 21.48 40.31 50.60
N ASP B 712 20.53 39.39 50.72
CA ASP B 712 19.23 39.70 51.29
C ASP B 712 19.25 39.42 52.78
N PRO B 713 19.02 40.43 53.63
CA PRO B 713 18.95 40.16 55.09
C PRO B 713 17.82 39.23 55.47
N SER B 714 16.80 39.07 54.61
CA SER B 714 15.68 38.20 54.93
C SER B 714 16.13 36.76 55.12
N ARG B 715 17.12 36.32 54.35
CA ARG B 715 17.66 34.98 54.51
C ARG B 715 18.33 34.86 55.87
N THR B 716 17.95 33.83 56.63
CA THR B 716 18.35 33.77 58.03
C THR B 716 18.94 32.42 58.40
N LYS B 717 18.53 31.36 57.70
CA LYS B 717 18.98 30.02 58.06
C LYS B 717 20.50 29.91 58.00
N TYR B 718 21.10 30.36 56.92
CA TYR B 718 22.56 30.45 56.78
C TYR B 718 22.88 31.93 56.79
N SER B 719 23.05 32.49 57.99
CA SER B 719 23.17 33.93 58.13
C SER B 719 24.56 34.41 57.71
N LEU B 720 24.71 35.73 57.69
CA LEU B 720 26.01 36.33 57.41
C LEU B 720 27.06 35.83 58.39
N GLN B 721 26.89 36.18 59.67
CA GLN B 721 27.88 35.83 60.69
C GLN B 721 28.04 34.32 60.83
N TYR B 722 27.07 33.55 60.36
CA TYR B 722 27.22 32.09 60.32
C TYR B 722 28.44 31.68 59.53
N TYR B 723 28.57 32.19 58.31
CA TYR B 723 29.68 31.80 57.45
C TYR B 723 31.01 32.26 58.02
N MET B 724 31.08 33.49 58.55
CA MET B 724 32.33 33.95 59.13
C MET B 724 32.69 33.15 60.37
N GLY B 725 31.70 32.78 61.18
CA GLY B 725 31.98 31.93 62.32
C GLY B 725 32.52 30.58 61.91
N LEU B 726 31.92 29.98 60.88
CA LEU B 726 32.44 28.72 60.35
C LEU B 726 33.87 28.87 59.88
N ALA B 727 34.15 29.94 59.13
CA ALA B 727 35.49 30.17 58.62
C ALA B 727 36.48 30.35 59.76
N GLU B 728 36.10 31.12 60.78
CA GLU B 728 37.01 31.37 61.89
C GLU B 728 37.29 30.10 62.67
N GLU B 729 36.26 29.29 62.92
CA GLU B 729 36.49 28.07 63.69
C GLU B 729 37.33 27.07 62.90
N LEU B 730 37.12 26.99 61.58
CA LEU B 730 37.93 26.07 60.79
C LEU B 730 39.38 26.54 60.72
N VAL B 731 39.59 27.85 60.55
CA VAL B 731 40.97 28.34 60.49
C VAL B 731 41.63 28.22 61.85
N ARG B 732 40.85 28.31 62.93
CA ARG B 732 41.37 28.02 64.25
C ARG B 732 41.79 26.55 64.36
N ALA B 733 41.01 25.65 63.76
CA ALA B 733 41.44 24.27 63.65
C ALA B 733 42.72 24.15 62.83
N GLY B 734 42.95 25.10 61.91
CA GLY B 734 44.19 25.13 61.15
C GLY B 734 44.02 24.78 59.69
N THR B 735 44.09 25.77 58.81
CA THR B 735 43.97 25.54 57.37
C THR B 735 45.04 26.30 56.61
N HIS B 736 45.13 26.05 55.31
CA HIS B 736 46.07 26.75 54.44
C HIS B 736 45.38 27.71 53.49
N ILE B 737 44.31 27.28 52.82
CA ILE B 737 43.55 28.12 51.90
C ILE B 737 42.07 27.86 52.14
N LEU B 738 41.29 28.94 52.13
CA LEU B 738 39.85 28.85 52.34
C LEU B 738 39.10 29.03 51.02
N CYS B 739 38.00 28.32 50.87
CA CYS B 739 37.17 28.39 49.67
C CYS B 739 35.70 28.56 50.04
N ILE B 740 34.92 29.01 49.05
CA ILE B 740 33.48 29.21 49.20
C ILE B 740 32.82 28.40 48.08
N LYS B 741 32.38 27.20 48.41
CA LYS B 741 32.00 26.20 47.41
C LYS B 741 30.64 26.54 46.81
N ASP B 742 30.56 26.45 45.48
CA ASP B 742 29.31 26.70 44.76
C ASP B 742 29.16 25.75 43.57
N MET B 743 28.51 24.60 43.79
CA MET B 743 27.99 23.83 42.65
C MET B 743 26.75 24.48 42.03
N ALA B 744 25.99 25.25 42.81
CA ALA B 744 24.75 25.81 42.30
C ALA B 744 24.95 27.01 41.38
N GLY B 745 26.13 27.63 41.43
CA GLY B 745 26.43 28.75 40.56
C GLY B 745 25.53 29.93 40.79
N LEU B 746 25.32 30.29 42.06
CA LEU B 746 24.45 31.39 42.42
C LEU B 746 25.21 32.58 42.99
N LEU B 747 26.49 32.70 42.66
CA LEU B 747 27.33 33.79 43.17
C LEU B 747 26.94 35.08 42.44
N LYS B 748 26.49 36.06 43.21
CA LYS B 748 26.01 37.31 42.62
C LYS B 748 26.99 38.44 42.85
N PRO B 749 27.04 39.42 41.94
CA PRO B 749 28.10 40.47 42.02
C PRO B 749 28.08 41.26 43.32
N THR B 750 26.93 41.77 43.74
CA THR B 750 26.88 42.45 45.03
C THR B 750 27.18 41.49 46.17
N ALA B 751 26.60 40.29 46.10
CA ALA B 751 26.94 39.24 47.06
C ALA B 751 28.42 38.93 47.02
N CYS B 752 28.97 38.76 45.82
CA CYS B 752 30.42 38.66 45.61
C CYS B 752 31.21 39.68 46.41
N THR B 753 30.98 40.96 46.13
CA THR B 753 31.83 41.99 46.72
C THR B 753 31.67 42.03 48.23
N MET B 754 30.44 41.91 48.75
CA MET B 754 30.27 41.99 50.19
C MET B 754 30.91 40.79 50.89
N LEU B 755 30.70 39.58 50.35
CA LEU B 755 31.26 38.39 50.99
C LEU B 755 32.79 38.39 50.92
N VAL B 756 33.34 38.80 49.79
CA VAL B 756 34.80 38.83 49.67
C VAL B 756 35.39 39.86 50.62
N SER B 757 34.75 41.03 50.71
CA SER B 757 35.19 42.03 51.68
C SER B 757 35.17 41.47 53.09
N SER B 758 34.07 40.82 53.47
CA SER B 758 33.97 40.26 54.82
C SER B 758 35.06 39.23 55.07
N LEU B 759 35.34 38.38 54.09
CA LEU B 759 36.43 37.42 54.20
C LEU B 759 37.77 38.13 54.37
N ARG B 760 37.96 39.24 53.66
CA ARG B 760 39.27 39.86 53.59
C ARG B 760 39.64 40.60 54.86
N ASP B 761 38.65 41.11 55.60
CA ASP B 761 38.95 41.94 56.77
C ASP B 761 39.73 41.16 57.82
N ARG B 762 39.21 40.00 58.23
CA ARG B 762 39.76 39.26 59.35
C ARG B 762 40.96 38.41 58.97
N PHE B 763 41.20 38.19 57.68
CA PHE B 763 42.38 37.46 57.22
C PHE B 763 42.82 38.00 55.87
N PRO B 764 43.48 39.16 55.85
CA PRO B 764 44.23 39.55 54.66
C PRO B 764 45.62 38.94 54.68
N ASP B 765 45.69 37.68 55.08
CA ASP B 765 46.93 36.92 55.18
C ASP B 765 46.84 35.57 54.49
N LEU B 766 45.70 34.91 54.55
CA LEU B 766 45.57 33.58 53.97
C LEU B 766 44.97 33.68 52.57
N PRO B 767 45.42 32.86 51.62
CA PRO B 767 44.87 32.92 50.26
C PRO B 767 43.39 32.58 50.25
N LEU B 768 42.65 33.26 49.39
CA LEU B 768 41.23 32.99 49.18
C LEU B 768 41.05 32.17 47.91
N HIS B 769 40.25 31.11 48.00
CA HIS B 769 39.98 30.24 46.88
C HIS B 769 38.49 30.25 46.57
N ILE B 770 38.16 29.99 45.30
CA ILE B 770 36.78 30.03 44.83
C ILE B 770 36.62 28.99 43.73
N HIS B 771 35.40 28.48 43.59
CA HIS B 771 35.09 27.44 42.62
C HIS B 771 33.59 27.41 42.40
N THR B 772 33.16 27.49 41.15
CA THR B 772 31.74 27.59 40.86
C THR B 772 31.45 26.99 39.49
N HIS B 773 30.16 26.92 39.17
CA HIS B 773 29.68 26.43 37.89
C HIS B 773 28.95 27.56 37.19
N ASP B 774 29.44 27.96 36.01
CA ASP B 774 28.78 28.99 35.21
C ASP B 774 27.56 28.38 34.52
N THR B 775 26.55 28.10 35.34
CA THR B 775 25.36 27.40 34.87
C THR B 775 24.31 28.36 34.34
N SER B 776 23.89 29.33 35.16
CA SER B 776 22.89 30.28 34.72
C SER B 776 23.42 31.21 33.63
N GLY B 777 24.75 31.29 33.48
CA GLY B 777 25.36 32.17 32.52
C GLY B 777 25.91 33.45 33.10
N ALA B 778 26.02 33.56 34.42
CA ALA B 778 26.54 34.75 35.08
C ALA B 778 27.85 34.48 35.80
N GLY B 779 28.58 33.45 35.37
CA GLY B 779 29.83 33.11 36.03
C GLY B 779 30.89 34.17 35.87
N VAL B 780 31.09 34.68 34.65
CA VAL B 780 32.23 35.55 34.39
C VAL B 780 32.09 36.90 35.10
N ALA B 781 30.88 37.46 35.14
CA ALA B 781 30.72 38.81 35.69
C ALA B 781 31.01 38.84 37.18
N ALA B 782 30.23 38.08 37.97
CA ALA B 782 30.48 38.02 39.40
C ALA B 782 31.83 37.39 39.69
N MET B 783 32.30 36.53 38.79
CA MET B 783 33.61 35.89 38.97
C MET B 783 34.72 36.94 38.94
N LEU B 784 34.66 37.86 37.97
CA LEU B 784 35.65 38.91 37.91
C LEU B 784 35.44 39.96 38.99
N ALA B 785 34.18 40.14 39.43
CA ALA B 785 33.95 40.99 40.59
C ALA B 785 34.69 40.46 41.81
N CYS B 786 34.57 39.15 42.07
CA CYS B 786 35.30 38.52 43.17
C CYS B 786 36.80 38.61 42.95
N ALA B 787 37.26 38.40 41.72
CA ALA B 787 38.69 38.47 41.43
C ALA B 787 39.24 39.87 41.73
N GLN B 788 38.51 40.91 41.30
CA GLN B 788 38.95 42.27 41.57
C GLN B 788 38.93 42.57 43.06
N ALA B 789 37.88 42.12 43.76
CA ALA B 789 37.77 42.44 45.18
C ALA B 789 38.91 41.82 45.98
N GLY B 790 38.93 40.50 46.12
CA GLY B 790 40.01 39.86 46.86
C GLY B 790 40.43 38.47 46.44
N ALA B 791 39.87 37.94 45.36
CA ALA B 791 40.11 36.55 45.03
C ALA B 791 41.56 36.32 44.60
N ASP B 792 42.06 35.12 44.89
CA ASP B 792 43.45 34.76 44.63
C ASP B 792 43.60 33.60 43.67
N VAL B 793 42.88 32.50 43.90
CA VAL B 793 42.96 31.32 43.06
C VAL B 793 41.61 31.11 42.40
N VAL B 794 41.63 30.87 41.09
CA VAL B 794 40.42 30.82 40.26
C VAL B 794 40.37 29.49 39.53
N ASP B 795 39.18 28.89 39.48
CA ASP B 795 39.00 27.58 38.88
C ASP B 795 38.24 27.72 37.57
N VAL B 796 38.87 27.24 36.48
CA VAL B 796 38.39 27.46 35.13
C VAL B 796 38.68 26.23 34.28
N ALA B 797 37.78 25.92 33.35
CA ALA B 797 37.98 24.89 32.34
C ALA B 797 38.09 25.52 30.97
N ALA B 798 38.29 24.68 29.96
CA ALA B 798 38.50 25.14 28.60
C ALA B 798 37.22 25.75 28.03
N ASP B 799 37.37 26.46 26.91
CA ASP B 799 36.22 27.14 26.31
C ASP B 799 35.31 26.18 25.59
N SER B 800 35.85 25.07 25.07
CA SER B 800 35.00 24.07 24.43
C SER B 800 34.05 23.41 25.43
N MET B 801 34.44 23.30 26.69
CA MET B 801 33.56 22.77 27.72
C MET B 801 33.08 23.90 28.62
N SER B 802 32.85 25.08 28.04
CA SER B 802 32.41 26.25 28.78
C SER B 802 30.96 26.56 28.44
N GLY B 803 30.47 27.63 29.05
CA GLY B 803 29.08 28.00 28.85
C GLY B 803 28.16 26.91 29.38
N MET B 804 26.96 26.88 28.83
CA MET B 804 26.01 25.81 29.10
C MET B 804 25.73 25.70 30.59
N THR B 805 26.45 24.81 31.27
CA THR B 805 26.31 24.63 32.71
C THR B 805 27.66 24.63 33.44
N SER B 806 28.76 24.42 32.72
CA SER B 806 30.07 24.25 33.35
C SER B 806 30.68 25.62 33.66
N GLN B 807 31.94 25.62 34.05
CA GLN B 807 32.70 26.76 34.55
C GLN B 807 32.97 27.78 33.45
N PRO B 808 33.27 29.03 33.82
CA PRO B 808 33.57 30.04 32.80
C PRO B 808 34.81 29.67 32.00
N SER B 809 34.90 30.23 30.80
CA SER B 809 36.00 29.93 29.91
C SER B 809 37.24 30.74 30.27
N MET B 810 38.42 30.15 30.03
CA MET B 810 39.67 30.85 30.34
C MET B 810 39.96 31.94 29.31
N GLY B 811 39.60 31.70 28.05
CA GLY B 811 39.86 32.69 27.02
C GLY B 811 39.17 34.01 27.27
N ALA B 812 37.90 33.96 27.71
CA ALA B 812 37.14 35.18 27.94
C ALA B 812 37.79 36.02 29.05
N LEU B 813 38.18 35.38 30.15
CA LEU B 813 38.77 36.13 31.26
C LEU B 813 40.16 36.64 30.88
N VAL B 814 40.94 35.84 30.15
CA VAL B 814 42.25 36.30 29.72
C VAL B 814 42.12 37.52 28.83
N ALA B 815 41.14 37.51 27.93
CA ALA B 815 40.89 38.68 27.08
C ALA B 815 40.44 39.87 27.92
N CYS B 816 39.54 39.66 28.87
CA CYS B 816 39.09 40.76 29.71
C CYS B 816 40.17 41.22 30.69
N THR B 817 40.82 40.28 31.36
CA THR B 817 41.85 40.61 32.35
C THR B 817 43.25 40.52 31.74
N ARG B 818 43.51 41.32 30.70
CA ARG B 818 44.85 41.42 30.14
C ARG B 818 45.43 42.82 30.32
N GLY B 819 44.69 43.84 29.91
CA GLY B 819 45.06 45.21 30.23
C GLY B 819 44.53 45.60 31.60
N THR B 820 44.78 44.73 32.58
CA THR B 820 44.26 44.84 33.93
C THR B 820 45.41 44.65 34.91
N PRO B 821 45.41 45.38 36.04
CA PRO B 821 46.50 45.19 37.01
C PRO B 821 46.66 43.75 37.50
N LEU B 822 45.60 42.94 37.44
CA LEU B 822 45.71 41.54 37.81
C LEU B 822 46.68 40.80 36.88
N ASP B 823 46.79 41.26 35.63
CA ASP B 823 47.88 40.88 34.74
C ASP B 823 47.96 39.35 34.57
N THR B 824 46.91 38.80 33.94
CA THR B 824 46.96 37.40 33.54
C THR B 824 48.24 37.12 32.77
N GLU B 825 48.43 37.80 31.64
CA GLU B 825 49.70 37.87 30.91
C GLU B 825 50.21 36.46 30.57
N VAL B 826 49.36 35.72 29.88
CA VAL B 826 49.69 34.39 29.38
C VAL B 826 49.52 34.44 27.87
N PRO B 827 50.36 33.75 27.09
CA PRO B 827 50.15 33.77 25.63
C PRO B 827 48.79 33.19 25.27
N MET B 828 47.90 34.07 24.82
CA MET B 828 46.48 33.75 24.67
C MET B 828 46.13 33.29 23.27
N GLU B 829 47.08 33.28 22.34
CA GLU B 829 46.83 32.70 21.03
C GLU B 829 46.83 31.18 21.11
N ARG B 830 47.66 30.62 21.98
CA ARG B 830 47.66 29.17 22.20
C ARG B 830 46.32 28.70 22.75
N VAL B 831 45.63 29.57 23.48
CA VAL B 831 44.30 29.23 23.99
C VAL B 831 43.35 28.95 22.84
N PHE B 832 43.48 29.68 21.73
CA PHE B 832 42.63 29.43 20.57
C PHE B 832 42.79 27.99 20.08
N ASP B 833 44.02 27.56 19.84
CA ASP B 833 44.23 26.20 19.33
C ASP B 833 43.85 25.15 20.36
N TYR B 834 44.11 25.41 21.64
CA TYR B 834 43.69 24.47 22.68
C TYR B 834 42.17 24.29 22.68
N SER B 835 41.43 25.40 22.68
CA SER B 835 39.98 25.33 22.69
C SER B 835 39.45 24.69 21.41
N GLU B 836 40.11 24.95 20.28
CA GLU B 836 39.64 24.36 19.03
C GLU B 836 39.91 22.86 18.99
N TYR B 837 41.06 22.43 19.54
CA TYR B 837 41.31 21.00 19.70
C TYR B 837 40.21 20.35 20.54
N TRP B 838 39.86 20.99 21.66
CA TRP B 838 38.83 20.40 22.50
C TRP B 838 37.46 20.42 21.82
N GLU B 839 37.17 21.45 21.02
CA GLU B 839 35.92 21.47 20.27
C GLU B 839 35.88 20.34 19.25
N GLY B 840 36.99 20.11 18.55
CA GLY B 840 37.05 18.98 17.63
C GLY B 840 36.89 17.65 18.33
N ALA B 841 37.46 17.52 19.53
CA ALA B 841 37.33 16.29 20.30
C ALA B 841 35.95 16.11 20.92
N ARG B 842 35.19 17.20 21.08
CA ARG B 842 33.88 17.10 21.74
C ARG B 842 32.83 16.47 20.83
N GLY B 843 33.00 16.58 19.52
CA GLY B 843 32.00 16.07 18.59
C GLY B 843 31.80 14.57 18.65
N LEU B 844 32.74 13.85 19.27
CA LEU B 844 32.66 12.41 19.33
C LEU B 844 31.49 11.95 20.20
N TYR B 845 31.36 12.52 21.39
CA TYR B 845 30.34 12.08 22.35
C TYR B 845 29.02 12.81 22.15
N ALA B 846 28.47 12.74 20.94
CA ALA B 846 27.21 13.40 20.62
C ALA B 846 25.99 12.60 21.06
N ALA B 847 26.15 11.31 21.35
CA ALA B 847 25.01 10.49 21.75
C ALA B 847 24.51 10.81 23.16
N PHE B 848 25.35 11.45 23.97
CA PHE B 848 25.01 11.74 25.36
C PHE B 848 25.63 13.08 25.74
N ASP B 849 24.80 13.96 26.28
CA ASP B 849 25.23 15.28 26.73
C ASP B 849 24.02 16.00 27.29
N CYS B 850 24.28 17.07 28.06
CA CYS B 850 23.17 17.91 28.49
C CYS B 850 22.56 18.70 27.35
N THR B 851 23.27 18.81 26.21
CA THR B 851 22.70 19.41 25.02
C THR B 851 21.94 18.41 24.16
N ALA B 852 21.49 17.30 24.73
CA ALA B 852 20.67 16.35 23.99
C ALA B 852 19.30 16.96 23.70
N THR B 853 18.58 17.34 24.75
CA THR B 853 17.27 17.97 24.62
C THR B 853 17.26 19.43 25.04
N MET B 854 17.73 19.74 26.25
CA MET B 854 17.86 21.13 26.67
C MET B 854 19.08 21.73 25.99
N LYS B 855 18.86 22.35 24.82
CA LYS B 855 19.96 22.73 23.95
C LYS B 855 20.72 23.94 24.47
N SER B 856 20.13 24.71 25.38
CA SER B 856 20.72 25.96 25.84
C SER B 856 21.10 25.82 27.31
N GLY B 857 21.74 26.86 27.83
CA GLY B 857 22.21 26.81 29.21
C GLY B 857 21.05 26.68 30.19
N ASN B 858 21.37 26.25 31.40
CA ASN B 858 20.37 25.94 32.41
C ASN B 858 20.13 27.16 33.30
N SER B 859 18.91 27.68 33.27
CA SER B 859 18.48 28.73 34.17
C SER B 859 17.72 28.13 35.35
N ASP B 860 17.10 28.97 36.17
CA ASP B 860 16.17 28.57 37.21
C ASP B 860 16.84 27.75 38.32
N VAL B 861 18.15 27.56 38.25
CA VAL B 861 18.87 26.93 39.36
C VAL B 861 18.76 27.77 40.62
N TYR B 862 18.57 29.09 40.47
CA TYR B 862 18.31 29.96 41.62
C TYR B 862 17.03 29.58 42.34
N GLU B 863 16.11 28.87 41.69
CA GLU B 863 14.93 28.35 42.35
C GLU B 863 14.89 26.84 42.41
N ASN B 864 15.79 26.15 41.71
CA ASN B 864 15.88 24.70 41.75
C ASN B 864 17.03 24.23 42.63
N GLU B 865 18.08 25.05 42.74
CA GLU B 865 19.28 24.76 43.55
C GLU B 865 19.75 23.31 43.39
N ILE B 866 19.51 22.71 42.24
CA ILE B 866 20.01 21.37 41.95
C ILE B 866 21.44 21.47 41.45
N PRO B 867 22.33 20.56 41.84
CA PRO B 867 23.68 20.55 41.28
C PRO B 867 23.65 20.36 39.78
N GLY B 868 24.47 21.14 39.07
CA GLY B 868 24.54 21.02 37.62
C GLY B 868 25.12 19.68 37.19
N GLY B 869 26.19 19.24 37.86
CA GLY B 869 26.75 17.94 37.55
C GLY B 869 25.77 16.81 37.77
N GLN B 870 24.83 16.99 38.69
CA GLN B 870 23.76 16.02 38.86
C GLN B 870 22.55 16.33 38.00
N TYR B 871 22.33 17.60 37.68
CA TYR B 871 21.24 17.96 36.76
C TYR B 871 21.44 17.31 35.40
N THR B 872 22.65 17.39 34.86
CA THR B 872 22.92 16.80 33.55
C THR B 872 22.72 15.30 33.57
N ASN B 873 23.20 14.63 34.62
CA ASN B 873 22.99 13.18 34.73
C ASN B 873 21.52 12.83 34.85
N LEU B 874 20.76 13.58 35.65
CA LEU B 874 19.33 13.33 35.79
C LEU B 874 18.61 13.47 34.46
N HIS B 875 18.86 14.57 33.75
CA HIS B 875 18.20 14.79 32.46
C HIS B 875 18.60 13.72 31.45
N PHE B 876 19.88 13.34 31.46
CA PHE B 876 20.37 12.28 30.58
C PHE B 876 19.61 10.98 30.82
N GLN B 877 19.56 10.53 32.08
CA GLN B 877 18.91 9.25 32.36
C GLN B 877 17.41 9.33 32.12
N ALA B 878 16.78 10.46 32.44
CA ALA B 878 15.35 10.62 32.21
C ALA B 878 15.03 10.57 30.72
N HIS B 879 15.82 11.25 29.89
CA HIS B 879 15.56 11.21 28.46
C HIS B 879 15.91 9.85 27.88
N SER B 880 16.84 9.13 28.51
CA SER B 880 17.04 7.73 28.16
C SER B 880 15.79 6.93 28.45
N MET B 881 15.10 7.24 29.55
CA MET B 881 13.82 6.65 29.88
C MET B 881 12.68 7.28 29.09
N GLY B 882 12.98 8.17 28.16
CA GLY B 882 11.93 8.82 27.37
C GLY B 882 11.12 9.83 28.14
N LEU B 883 11.71 10.44 29.16
CA LEU B 883 11.00 11.44 29.95
C LEU B 883 11.16 12.81 29.31
N GLY B 884 10.09 13.31 28.68
CA GLY B 884 10.15 14.59 28.01
C GLY B 884 9.56 15.71 28.85
N SER B 885 8.41 16.23 28.45
CA SER B 885 7.73 17.25 29.24
C SER B 885 7.33 16.72 30.61
N LYS B 886 7.11 15.41 30.74
CA LYS B 886 6.83 14.80 32.03
C LYS B 886 8.05 14.82 32.95
N PHE B 887 9.25 14.99 32.40
CA PHE B 887 10.43 15.14 33.25
C PHE B 887 10.43 16.48 33.97
N LYS B 888 9.62 17.43 33.51
CA LYS B 888 9.51 18.71 34.20
C LYS B 888 9.00 18.52 35.63
N GLU B 889 7.97 17.68 35.79
CA GLU B 889 7.46 17.41 37.13
C GLU B 889 8.41 16.54 37.94
N VAL B 890 9.25 15.75 37.27
CA VAL B 890 10.26 14.97 37.97
C VAL B 890 11.20 15.91 38.72
N LYS B 891 11.62 16.99 38.06
CA LYS B 891 12.39 18.01 38.72
C LYS B 891 11.55 18.82 39.70
N LYS B 892 10.25 18.96 39.44
CA LYS B 892 9.38 19.78 40.29
C LYS B 892 9.27 19.22 41.69
N ALA B 893 9.21 17.89 41.83
CA ALA B 893 9.01 17.27 43.14
C ALA B 893 10.25 17.34 44.02
N TYR B 894 11.36 17.87 43.50
CA TYR B 894 12.60 17.88 44.26
C TYR B 894 12.55 18.91 45.38
N VAL B 895 11.97 20.07 45.12
CA VAL B 895 11.99 21.16 46.08
C VAL B 895 11.10 20.85 47.28
N GLU B 896 9.93 20.26 47.05
CA GLU B 896 9.08 19.87 48.17
C GLU B 896 9.72 18.75 48.97
N ALA B 897 10.45 17.86 48.31
CA ALA B 897 11.21 16.84 49.04
C ALA B 897 12.23 17.50 49.97
N ASN B 898 12.96 18.50 49.46
CA ASN B 898 13.88 19.23 50.31
C ASN B 898 13.16 19.91 51.46
N GLN B 899 12.04 20.57 51.17
CA GLN B 899 11.32 21.33 52.19
C GLN B 899 10.80 20.42 53.30
N MET B 900 10.23 19.27 52.92
CA MET B 900 9.78 18.31 53.91
C MET B 900 10.95 17.76 54.71
N LEU B 901 12.08 17.52 54.05
CA LEU B 901 13.28 17.12 54.77
C LEU B 901 13.99 18.30 55.43
N GLY B 902 13.50 19.52 55.21
CA GLY B 902 14.17 20.70 55.72
C GLY B 902 15.21 21.19 54.73
N ASP B 903 15.26 22.50 54.51
CA ASP B 903 16.18 23.06 53.52
C ASP B 903 17.61 22.87 54.01
N LEU B 904 18.32 21.91 53.40
CA LEU B 904 19.68 21.58 53.79
C LEU B 904 20.58 21.65 52.57
N ILE B 905 21.87 21.88 52.83
CA ILE B 905 22.85 21.94 51.75
C ILE B 905 23.21 20.53 51.30
N LYS B 906 23.35 20.37 49.99
CA LYS B 906 23.47 19.05 49.38
C LYS B 906 24.53 19.08 48.28
N VAL B 907 25.55 18.22 48.40
CA VAL B 907 26.43 18.03 47.26
C VAL B 907 26.56 16.56 46.87
N THR B 908 27.27 15.76 47.68
CA THR B 908 27.43 14.38 47.21
C THR B 908 26.29 13.46 47.66
N PRO B 909 26.12 13.16 48.98
CA PRO B 909 25.12 12.17 49.37
C PRO B 909 23.71 12.72 49.32
N SER B 910 23.54 13.89 49.93
CA SER B 910 22.21 14.42 50.17
C SER B 910 21.52 14.85 48.88
N SER B 911 22.28 15.29 47.89
CA SER B 911 21.68 15.55 46.59
C SER B 911 21.02 14.31 46.03
N LYS B 912 21.73 13.17 46.07
CA LYS B 912 21.17 11.92 45.56
C LYS B 912 20.00 11.45 46.42
N ILE B 913 20.08 11.65 47.74
CA ILE B 913 18.99 11.24 48.62
C ILE B 913 17.73 12.02 48.29
N VAL B 914 17.84 13.34 48.19
CA VAL B 914 16.66 14.13 47.82
C VAL B 914 16.20 13.75 46.42
N GLY B 915 17.15 13.40 45.54
CA GLY B 915 16.78 13.05 44.17
C GLY B 915 15.90 11.82 44.11
N ASP B 916 16.35 10.71 44.68
CA ASP B 916 15.55 9.50 44.58
C ASP B 916 14.33 9.57 45.50
N LEU B 917 14.41 10.33 46.59
CA LEU B 917 13.22 10.57 47.41
C LEU B 917 12.15 11.28 46.61
N ALA B 918 12.53 12.33 45.88
CA ALA B 918 11.56 13.03 45.03
C ALA B 918 11.07 12.15 43.89
N GLN B 919 11.96 11.32 43.35
CA GLN B 919 11.56 10.38 42.30
C GLN B 919 10.43 9.48 42.79
N PHE B 920 10.63 8.84 43.95
CA PHE B 920 9.59 7.99 44.53
C PHE B 920 8.34 8.80 44.86
N MET B 921 8.54 9.98 45.45
CA MET B 921 7.45 10.85 45.87
C MET B 921 6.54 11.20 44.71
N VAL B 922 7.12 11.44 43.53
CA VAL B 922 6.32 11.86 42.39
C VAL B 922 5.79 10.65 41.63
N GLN B 923 6.56 9.56 41.57
CA GLN B 923 6.10 8.39 40.82
C GLN B 923 4.93 7.73 41.53
N ASN B 924 4.79 7.93 42.84
CA ASN B 924 3.58 7.45 43.51
C ASN B 924 2.41 8.40 43.36
N GLY B 925 2.61 9.56 42.73
CA GLY B 925 1.55 10.53 42.56
C GLY B 925 1.01 11.05 43.88
N LEU B 926 1.92 11.38 44.79
CA LEU B 926 1.57 11.76 46.15
C LEU B 926 1.51 13.27 46.29
N SER B 927 0.85 13.71 47.34
CA SER B 927 0.76 15.13 47.70
C SER B 927 1.43 15.37 49.05
N ARG B 928 1.64 16.64 49.36
CA ARG B 928 2.39 17.01 50.56
C ARG B 928 1.55 16.83 51.82
N ALA B 929 0.26 17.19 51.75
CA ALA B 929 -0.58 17.19 52.95
C ALA B 929 -0.70 15.79 53.55
N GLU B 930 -1.08 14.82 52.72
CA GLU B 930 -1.23 13.46 53.22
C GLU B 930 0.12 12.84 53.59
N ALA B 931 1.19 13.20 52.87
CA ALA B 931 2.51 12.69 53.21
C ALA B 931 2.92 13.15 54.61
N GLU B 932 2.70 14.43 54.92
CA GLU B 932 2.96 14.91 56.28
C GLU B 932 2.03 14.25 57.29
N ALA B 933 0.74 14.14 56.95
CA ALA B 933 -0.23 13.54 57.86
C ALA B 933 0.08 12.07 58.10
N GLN B 934 0.03 11.26 57.04
CA GLN B 934 0.24 9.81 57.14
C GLN B 934 1.48 9.44 56.35
N ALA B 935 2.49 8.94 57.06
CA ALA B 935 3.73 8.46 56.46
C ALA B 935 4.23 7.16 57.06
N GLU B 936 3.77 6.80 58.26
CA GLU B 936 4.20 5.54 58.87
C GLU B 936 3.78 4.36 58.02
N GLU B 937 2.54 4.37 57.54
CA GLU B 937 2.11 3.30 56.64
C GLU B 937 2.73 3.47 55.25
N LEU B 938 3.05 4.68 54.87
CA LEU B 938 3.69 4.92 53.57
C LEU B 938 5.10 4.36 53.57
N SER B 939 5.42 3.59 52.53
CA SER B 939 6.75 3.03 52.36
C SER B 939 7.68 4.09 51.78
N PHE B 940 8.99 3.88 51.97
CA PHE B 940 9.98 4.79 51.44
C PHE B 940 11.23 4.02 51.01
N PRO B 941 12.00 4.57 50.06
CA PRO B 941 13.25 3.90 49.66
C PRO B 941 14.23 3.81 50.81
N ARG B 942 15.10 2.80 50.74
CA ARG B 942 16.05 2.55 51.82
C ARG B 942 17.00 3.73 52.03
N SER B 943 17.22 4.53 51.00
CA SER B 943 18.05 5.72 51.14
C SER B 943 17.44 6.71 52.13
N VAL B 944 16.11 6.86 52.08
CA VAL B 944 15.43 7.75 53.01
C VAL B 944 15.65 7.30 54.44
N VAL B 945 15.52 5.99 54.67
CA VAL B 945 15.73 5.44 56.01
C VAL B 945 17.18 5.64 56.45
N GLU B 946 18.13 5.41 55.54
CA GLU B 946 19.53 5.59 55.88
C GLU B 946 19.82 7.02 56.27
N PHE B 947 19.27 7.98 55.54
CA PHE B 947 19.43 9.39 55.91
C PHE B 947 18.80 9.66 57.27
N LEU B 948 17.58 9.18 57.48
CA LEU B 948 16.87 9.47 58.72
C LEU B 948 17.53 8.84 59.93
N GLN B 949 18.29 7.76 59.74
CA GLN B 949 19.00 7.15 60.86
C GLN B 949 20.02 8.11 61.45
N GLY B 950 20.72 8.85 60.60
CA GLY B 950 21.69 9.82 61.08
C GLY B 950 23.11 9.50 60.68
N TYR B 951 23.28 8.70 59.62
CA TYR B 951 24.61 8.35 59.16
C TYR B 951 25.35 9.58 58.64
N ILE B 952 24.66 10.45 57.90
CA ILE B 952 25.31 11.64 57.37
C ILE B 952 25.65 12.63 58.48
N GLY B 953 24.70 12.86 59.39
CA GLY B 953 24.92 13.77 60.49
C GLY B 953 23.79 14.76 60.68
N VAL B 954 23.81 15.52 61.77
CA VAL B 954 22.75 16.49 62.04
C VAL B 954 23.03 17.78 61.28
N PRO B 955 22.06 18.29 60.53
CA PRO B 955 22.24 19.59 59.88
C PRO B 955 22.24 20.72 60.89
N HIS B 956 22.52 21.92 60.38
CA HIS B 956 22.47 23.11 61.23
C HIS B 956 21.06 23.35 61.76
N GLY B 957 20.06 23.22 60.89
CA GLY B 957 18.68 23.41 61.29
C GLY B 957 17.99 22.18 61.86
N GLY B 958 18.70 21.06 61.93
CA GLY B 958 18.11 19.83 62.43
C GLY B 958 17.20 19.18 61.41
N PHE B 959 16.57 18.08 61.84
CA PHE B 959 15.64 17.34 61.01
C PHE B 959 14.34 17.15 61.78
N PRO B 960 13.21 17.18 61.08
CA PRO B 960 11.92 17.05 61.78
C PRO B 960 11.80 15.72 62.50
N GLU B 961 11.21 15.77 63.70
CA GLU B 961 10.98 14.61 64.53
C GLU B 961 9.76 13.79 64.11
N PRO B 962 8.61 14.41 63.78
CA PRO B 962 7.43 13.57 63.48
C PRO B 962 7.64 12.61 62.32
N PHE B 963 8.22 13.07 61.20
CA PHE B 963 8.38 12.20 60.05
C PHE B 963 9.33 11.05 60.34
N ARG B 964 10.46 11.35 60.99
CA ARG B 964 11.41 10.28 61.31
C ARG B 964 10.83 9.30 62.31
N SER B 965 10.05 9.79 63.28
CA SER B 965 9.41 8.89 64.23
C SER B 965 8.40 8.00 63.53
N LYS B 966 7.60 8.57 62.61
CA LYS B 966 6.58 7.81 61.92
C LYS B 966 7.15 6.77 60.97
N VAL B 967 8.14 7.13 60.16
CA VAL B 967 8.71 6.21 59.17
C VAL B 967 9.67 5.22 59.81
N LEU B 968 10.49 5.69 60.75
CA LEU B 968 11.53 4.86 61.34
C LEU B 968 10.95 3.73 62.20
N LYS B 969 9.73 3.90 62.71
CA LYS B 969 9.11 2.92 63.60
C LYS B 969 9.99 2.65 64.82
N ASP B 970 10.74 1.54 64.80
CA ASP B 970 11.56 1.13 65.91
C ASP B 970 12.96 0.77 65.45
N LEU B 971 13.40 1.35 64.35
CA LEU B 971 14.74 1.10 63.85
C LEU B 971 15.78 1.74 64.77
N PRO B 972 16.98 1.17 64.84
CA PRO B 972 18.05 1.80 65.62
C PRO B 972 18.41 3.17 65.07
N ARG B 973 18.73 4.10 65.97
CA ARG B 973 19.09 5.45 65.59
C ARG B 973 20.53 5.73 66.00
N VAL B 974 21.29 6.26 65.04
CA VAL B 974 22.71 6.56 65.24
C VAL B 974 22.85 8.06 65.50
N GLU B 975 23.49 8.41 66.61
CA GLU B 975 23.68 9.80 67.00
C GLU B 975 25.17 10.10 67.12
N GLY B 976 25.50 11.39 67.01
CA GLY B 976 26.89 11.79 67.06
C GLY B 976 27.59 11.52 65.75
N ARG B 977 28.89 11.25 65.82
CA ARG B 977 29.67 10.92 64.63
C ARG B 977 29.57 9.43 64.35
N PRO B 978 28.93 9.02 63.25
CA PRO B 978 28.85 7.58 62.96
C PRO B 978 30.19 6.92 62.72
N GLY B 979 31.20 7.69 62.30
CA GLY B 979 32.53 7.11 62.12
C GLY B 979 33.09 6.52 63.40
N ALA B 980 32.98 7.27 64.50
CA ALA B 980 33.33 6.69 65.81
C ALA B 980 32.33 5.62 66.21
N SER B 981 31.05 5.85 65.92
CA SER B 981 30.03 4.84 66.22
C SER B 981 30.26 3.55 65.44
N LEU B 982 30.61 3.66 64.17
CA LEU B 982 30.93 2.45 63.40
C LEU B 982 32.27 1.90 63.88
N PRO B 983 32.32 0.64 64.28
CA PRO B 983 33.59 0.05 64.70
C PRO B 983 34.57 -0.01 63.54
N PRO B 984 35.84 0.29 63.78
CA PRO B 984 36.84 0.16 62.72
C PRO B 984 36.93 -1.29 62.26
N LEU B 985 37.08 -1.47 60.95
CA LEU B 985 37.15 -2.79 60.35
C LEU B 985 38.54 -3.03 59.78
N ASP B 986 39.00 -4.28 59.92
CA ASP B 986 40.32 -4.67 59.46
C ASP B 986 40.30 -4.79 57.94
N LEU B 987 41.13 -3.99 57.27
CA LEU B 987 41.27 -4.08 55.83
C LEU B 987 42.20 -5.21 55.41
N GLN B 988 42.99 -5.75 56.35
CA GLN B 988 43.88 -6.86 56.01
C GLN B 988 43.09 -8.10 55.60
N ALA B 989 41.98 -8.37 56.29
CA ALA B 989 41.14 -9.50 55.93
C ALA B 989 40.51 -9.33 54.56
N LEU B 990 40.06 -8.12 54.23
CA LEU B 990 39.50 -7.87 52.91
C LEU B 990 40.56 -8.07 51.82
N GLU B 991 41.80 -7.66 52.10
CA GLU B 991 42.88 -7.91 51.16
C GLU B 991 43.08 -9.39 50.92
N LYS B 992 43.08 -10.18 52.01
CA LYS B 992 43.23 -11.63 51.87
C LYS B 992 42.06 -12.22 51.07
N GLU B 993 40.85 -11.73 51.31
CA GLU B 993 39.68 -12.20 50.57
C GLU B 993 39.84 -11.94 49.08
N LEU B 994 40.26 -10.73 48.72
CA LEU B 994 40.41 -10.39 47.31
C LEU B 994 41.56 -11.17 46.67
N VAL B 995 42.64 -11.40 47.41
CA VAL B 995 43.72 -12.24 46.92
C VAL B 995 43.22 -13.65 46.65
N ASP B 996 42.48 -14.23 47.60
CA ASP B 996 41.97 -15.57 47.41
C ASP B 996 40.96 -15.62 46.28
N ARG B 997 40.31 -14.50 45.98
CA ARG B 997 39.35 -14.48 44.89
C ARG B 997 40.05 -14.43 43.53
N HIS B 998 40.87 -13.40 43.28
CA HIS B 998 41.49 -13.33 41.97
C HIS B 998 42.94 -12.82 41.96
N GLY B 999 43.62 -12.72 43.09
CA GLY B 999 44.87 -11.98 43.18
C GLY B 999 46.02 -12.82 43.70
N GLU B 1000 47.23 -12.46 43.29
CA GLU B 1000 48.44 -12.90 43.96
C GLU B 1000 49.49 -11.81 44.13
N GLU B 1001 49.41 -10.69 43.42
CA GLU B 1001 50.30 -9.55 43.67
C GLU B 1001 49.51 -8.26 43.76
N VAL B 1002 48.21 -8.36 44.04
CA VAL B 1002 47.35 -7.18 44.00
C VAL B 1002 47.74 -6.20 45.09
N THR B 1003 47.45 -4.92 44.86
CA THR B 1003 47.88 -3.80 45.68
C THR B 1003 46.71 -3.16 46.41
N PRO B 1004 46.98 -2.48 47.54
CA PRO B 1004 45.87 -1.99 48.39
C PRO B 1004 44.94 -0.99 47.73
N GLU B 1005 45.38 -0.30 46.67
CA GLU B 1005 44.48 0.63 45.99
C GLU B 1005 43.29 -0.11 45.41
N ASP B 1006 43.52 -1.31 44.88
CA ASP B 1006 42.42 -2.17 44.48
C ASP B 1006 41.51 -2.48 45.66
N VAL B 1007 42.11 -2.70 46.84
CA VAL B 1007 41.32 -3.04 48.02
C VAL B 1007 40.38 -1.89 48.38
N LEU B 1008 40.89 -0.66 48.36
CA LEU B 1008 40.02 0.47 48.69
C LEU B 1008 39.00 0.74 47.59
N SER B 1009 39.38 0.53 46.33
CA SER B 1009 38.42 0.66 45.24
C SER B 1009 37.27 -0.32 45.41
N ALA B 1010 37.58 -1.54 45.87
CA ALA B 1010 36.53 -2.47 46.25
C ALA B 1010 35.76 -1.96 47.47
N ALA B 1011 36.47 -1.32 48.40
CA ALA B 1011 35.81 -0.74 49.58
C ALA B 1011 34.80 0.33 49.19
N MET B 1012 34.89 0.89 47.98
CA MET B 1012 33.79 1.67 47.45
C MET B 1012 32.51 0.85 47.43
N TYR B 1013 32.47 -0.18 46.58
CA TYR B 1013 31.45 -1.23 46.63
C TYR B 1013 32.07 -2.50 46.06
N PRO B 1014 32.06 -3.62 46.80
CA PRO B 1014 32.67 -4.85 46.27
C PRO B 1014 32.03 -5.35 44.98
N ASP B 1015 30.73 -5.11 44.79
CA ASP B 1015 30.04 -5.66 43.64
C ASP B 1015 30.57 -5.07 42.34
N VAL B 1016 30.70 -3.74 42.28
CA VAL B 1016 31.19 -3.11 41.06
C VAL B 1016 32.65 -3.46 40.83
N PHE B 1017 33.44 -3.61 41.90
CA PHE B 1017 34.83 -4.02 41.73
C PHE B 1017 34.93 -5.41 41.15
N ALA B 1018 34.11 -6.35 41.65
CA ALA B 1018 34.12 -7.70 41.10
C ALA B 1018 33.66 -7.70 39.64
N HIS B 1019 32.63 -6.92 39.34
CA HIS B 1019 32.15 -6.81 37.96
C HIS B 1019 33.27 -6.31 37.05
N PHE B 1020 33.94 -5.24 37.44
CA PHE B 1020 35.04 -4.69 36.65
C PHE B 1020 36.17 -5.69 36.51
N LYS B 1021 36.55 -6.36 37.60
CA LYS B 1021 37.66 -7.29 37.55
C LYS B 1021 37.36 -8.45 36.60
N ASP B 1022 36.16 -9.02 36.67
CA ASP B 1022 35.81 -10.10 35.76
C ASP B 1022 35.75 -9.60 34.32
N PHE B 1023 35.19 -8.40 34.11
CA PHE B 1023 35.07 -7.88 32.75
C PHE B 1023 36.44 -7.66 32.13
N THR B 1024 37.39 -7.13 32.91
CA THR B 1024 38.75 -6.96 32.41
C THR B 1024 39.43 -8.31 32.18
N ALA B 1025 39.23 -9.26 33.09
CA ALA B 1025 39.81 -10.59 32.94
C ALA B 1025 39.17 -11.38 31.80
N THR B 1026 38.07 -10.88 31.23
CA THR B 1026 37.40 -11.56 30.13
C THR B 1026 37.73 -10.95 28.77
N PHE B 1027 37.56 -9.64 28.61
CA PHE B 1027 37.65 -9.00 27.30
C PHE B 1027 39.04 -8.51 26.94
N GLY B 1028 39.87 -8.15 27.92
CA GLY B 1028 41.22 -7.72 27.63
C GLY B 1028 41.55 -6.34 28.17
N PRO B 1029 42.82 -5.94 28.03
CA PRO B 1029 43.28 -4.65 28.56
C PRO B 1029 42.76 -3.50 27.72
N LEU B 1030 42.31 -2.45 28.40
CA LEU B 1030 41.74 -1.25 27.78
C LEU B 1030 42.84 -0.20 27.59
N ASP B 1031 42.43 1.06 27.39
CA ASP B 1031 43.31 2.24 27.30
C ASP B 1031 44.27 2.15 26.12
N SER B 1032 43.86 1.46 25.07
CA SER B 1032 44.54 1.50 23.79
C SER B 1032 43.58 1.69 22.63
N LEU B 1033 42.31 1.95 22.90
CA LEU B 1033 41.27 2.01 21.89
C LEU B 1033 40.71 3.42 21.80
N ASN B 1034 40.32 3.82 20.59
CA ASN B 1034 39.85 5.16 20.35
C ASN B 1034 38.43 5.34 20.87
N THR B 1035 37.92 6.57 20.75
CA THR B 1035 36.61 6.90 21.28
C THR B 1035 35.50 6.28 20.43
N ARG B 1036 35.45 6.65 19.13
CA ARG B 1036 34.42 6.10 18.26
C ARG B 1036 34.60 4.60 18.07
N LEU B 1037 35.84 4.12 18.14
CA LEU B 1037 36.09 2.69 18.10
C LEU B 1037 35.48 1.99 19.29
N PHE B 1038 35.59 2.60 20.48
CA PHE B 1038 35.00 2.02 21.68
C PHE B 1038 33.48 2.10 21.66
N LEU B 1039 32.94 3.21 21.13
CA LEU B 1039 31.51 3.49 21.25
C LEU B 1039 30.74 3.03 20.02
N GLN B 1040 31.19 3.41 18.83
CA GLN B 1040 30.46 3.09 17.61
C GLN B 1040 30.98 1.83 16.93
N GLY B 1041 32.29 1.64 16.93
CA GLY B 1041 32.89 0.48 16.30
C GLY B 1041 33.51 0.83 14.96
N PRO B 1042 34.37 -0.06 14.46
CA PRO B 1042 35.05 0.21 13.18
C PRO B 1042 34.14 -0.11 12.01
N LYS B 1043 34.06 0.81 11.05
CA LYS B 1043 33.33 0.54 9.82
C LYS B 1043 34.03 -0.57 9.03
N ILE B 1044 33.25 -1.27 8.21
CA ILE B 1044 33.81 -2.40 7.47
C ILE B 1044 34.86 -1.90 6.47
N ALA B 1045 35.84 -2.76 6.20
CA ALA B 1045 36.93 -2.47 5.27
C ALA B 1045 37.68 -1.20 5.65
N GLU B 1046 37.88 -1.01 6.95
CA GLU B 1046 38.61 0.14 7.46
C GLU B 1046 39.79 -0.35 8.29
N GLU B 1047 40.96 0.20 8.02
CA GLU B 1047 42.21 -0.26 8.63
C GLU B 1047 42.54 0.61 9.83
N PHE B 1048 42.91 -0.04 10.94
CA PHE B 1048 43.20 0.65 12.18
C PHE B 1048 44.46 0.09 12.83
N GLU B 1049 45.06 0.90 13.70
CA GLU B 1049 46.23 0.52 14.47
C GLU B 1049 45.94 0.73 15.94
N VAL B 1050 46.35 -0.23 16.77
CA VAL B 1050 46.22 -0.14 18.21
C VAL B 1050 47.57 -0.46 18.84
N GLU B 1051 48.04 0.42 19.73
CA GLU B 1051 49.30 0.24 20.42
C GLU B 1051 49.05 -0.01 21.90
N LEU B 1052 49.60 -1.12 22.40
CA LEU B 1052 49.47 -1.49 23.80
C LEU B 1052 50.82 -1.56 24.51
N GLU B 1053 51.81 -2.22 23.89
CA GLU B 1053 53.11 -2.40 24.52
C GLU B 1053 54.20 -1.71 23.73
N ARG B 1054 55.45 -1.80 24.21
CA ARG B 1054 56.56 -1.13 23.54
C ARG B 1054 56.91 -1.79 22.22
N GLY B 1055 56.73 -3.11 22.12
CA GLY B 1055 57.10 -3.83 20.91
C GLY B 1055 55.93 -4.37 20.11
N LYS B 1056 54.85 -4.72 20.78
CA LYS B 1056 53.69 -5.31 20.12
C LYS B 1056 52.93 -4.23 19.37
N THR B 1057 53.19 -4.15 18.07
CA THR B 1057 52.46 -3.26 17.16
C THR B 1057 51.60 -4.12 16.25
N LEU B 1058 50.38 -3.65 15.99
CA LEU B 1058 49.42 -4.42 15.22
C LEU B 1058 48.60 -3.51 14.32
N HIS B 1059 48.22 -4.04 13.16
CA HIS B 1059 47.34 -3.37 12.22
C HIS B 1059 46.11 -4.25 11.99
N ILE B 1060 44.92 -3.64 12.09
CA ILE B 1060 43.67 -4.37 12.01
C ILE B 1060 42.79 -3.75 10.94
N LYS B 1061 42.11 -4.61 10.18
CA LYS B 1061 41.11 -4.19 9.22
C LYS B 1061 39.95 -5.18 9.24
N ALA B 1062 38.73 -4.64 9.16
CA ALA B 1062 37.52 -5.44 9.26
C ALA B 1062 37.16 -6.00 7.88
N LEU B 1063 36.96 -7.31 7.82
CA LEU B 1063 36.68 -7.97 6.54
C LEU B 1063 35.19 -8.13 6.29
N ALA B 1064 34.51 -8.91 7.13
CA ALA B 1064 33.09 -9.21 6.93
C ALA B 1064 32.59 -9.96 8.16
N VAL B 1065 31.26 -10.11 8.23
CA VAL B 1065 30.60 -10.81 9.32
C VAL B 1065 29.58 -11.77 8.73
N SER B 1066 29.44 -12.94 9.35
CA SER B 1066 28.49 -13.95 8.89
C SER B 1066 27.07 -13.57 9.33
N ASP B 1067 26.12 -14.47 9.09
CA ASP B 1067 24.72 -14.24 9.41
C ASP B 1067 24.24 -15.28 10.41
N LEU B 1068 22.99 -15.10 10.87
CA LEU B 1068 22.40 -15.99 11.87
C LEU B 1068 22.30 -17.40 11.28
N ASN B 1069 23.12 -18.32 11.78
CA ASN B 1069 23.16 -19.65 11.19
C ASN B 1069 22.05 -20.57 11.70
N ARG B 1070 22.09 -20.92 12.98
CA ARG B 1070 20.95 -21.68 13.53
C ARG B 1070 20.48 -21.15 14.87
N ALA B 1071 21.39 -20.66 15.70
CA ALA B 1071 21.06 -20.25 17.06
C ALA B 1071 21.83 -19.00 17.45
N GLY B 1072 21.90 -18.03 16.55
CA GLY B 1072 22.68 -16.83 16.85
C GLY B 1072 24.16 -17.08 17.01
N GLN B 1073 24.76 -17.83 16.09
CA GLN B 1073 26.19 -18.03 16.06
C GLN B 1073 26.76 -17.34 14.82
N ARG B 1074 27.72 -16.45 15.04
CA ARG B 1074 28.30 -15.66 13.96
C ARG B 1074 29.80 -15.90 13.86
N GLN B 1075 30.29 -15.85 12.62
CA GLN B 1075 31.71 -16.02 12.33
C GLN B 1075 32.26 -14.73 11.76
N VAL B 1076 33.38 -14.27 12.29
CA VAL B 1076 33.98 -13.00 11.90
C VAL B 1076 35.43 -13.24 11.53
N PHE B 1077 35.90 -12.58 10.47
CA PHE B 1077 37.26 -12.72 9.98
C PHE B 1077 38.01 -11.41 10.19
N PHE B 1078 39.14 -11.50 10.87
CA PHE B 1078 40.00 -10.35 11.14
C PHE B 1078 41.36 -10.55 10.49
N GLU B 1079 42.03 -9.44 10.21
CA GLU B 1079 43.34 -9.43 9.57
C GLU B 1079 44.33 -8.68 10.45
N LEU B 1080 45.40 -9.37 10.85
CA LEU B 1080 46.49 -8.76 11.59
C LEU B 1080 47.56 -8.32 10.59
N ASN B 1081 48.75 -7.98 11.08
CA ASN B 1081 49.84 -7.57 10.20
C ASN B 1081 50.24 -8.70 9.26
N GLY B 1082 50.36 -9.92 9.79
CA GLY B 1082 50.75 -11.05 8.98
C GLY B 1082 49.97 -12.32 9.31
N GLN B 1083 49.03 -12.21 10.24
CA GLN B 1083 48.18 -13.32 10.64
C GLN B 1083 46.73 -12.97 10.36
N LEU B 1084 45.95 -14.00 10.01
CA LEU B 1084 44.54 -13.84 9.73
C LEU B 1084 43.79 -15.03 10.32
N ARG B 1085 42.82 -14.74 11.18
CA ARG B 1085 42.09 -15.77 11.90
C ARG B 1085 40.61 -15.44 11.93
N SER B 1086 39.80 -16.47 12.13
CA SER B 1086 38.35 -16.35 12.21
C SER B 1086 37.88 -16.85 13.57
N ILE B 1087 37.02 -16.08 14.23
CA ILE B 1087 36.60 -16.34 15.60
C ILE B 1087 35.09 -16.36 15.68
N LEU B 1088 34.55 -17.31 16.44
CA LEU B 1088 33.11 -17.40 16.67
C LEU B 1088 32.71 -16.45 17.78
N VAL B 1089 31.53 -15.85 17.64
CA VAL B 1089 30.96 -14.96 18.65
C VAL B 1089 29.52 -15.38 18.87
N LYS B 1090 29.05 -15.27 20.12
CA LYS B 1090 27.74 -15.78 20.51
C LYS B 1090 26.73 -14.64 20.55
N ASP B 1091 25.77 -14.68 19.62
CA ASP B 1091 24.64 -13.76 19.66
C ASP B 1091 23.68 -14.16 20.77
N THR B 1092 22.98 -13.16 21.33
CA THR B 1092 22.07 -13.40 22.45
C THR B 1092 20.62 -13.02 22.17
N GLN B 1093 20.33 -12.19 21.18
CA GLN B 1093 18.94 -11.86 20.89
C GLN B 1093 18.19 -13.02 20.25
N ALA B 1094 18.90 -14.08 19.85
CA ALA B 1094 18.29 -15.28 19.28
C ALA B 1094 17.38 -14.99 18.10
N GLU C 33 -54.54 -4.46 -23.13
CA GLU C 33 -55.52 -5.26 -23.86
C GLU C 33 -54.82 -6.35 -24.66
N TYR C 34 -53.60 -6.06 -25.10
CA TYR C 34 -52.86 -6.93 -26.00
C TYR C 34 -51.70 -7.57 -25.26
N LYS C 35 -50.83 -8.23 -26.04
CA LYS C 35 -49.79 -9.05 -25.46
C LYS C 35 -48.89 -8.23 -24.54
N PRO C 36 -48.74 -8.61 -23.28
CA PRO C 36 -47.84 -7.89 -22.38
C PRO C 36 -46.39 -8.20 -22.67
N ILE C 37 -45.51 -7.33 -22.16
CA ILE C 37 -44.07 -7.48 -22.30
C ILE C 37 -43.49 -8.00 -21.00
N LYS C 38 -42.61 -9.00 -21.10
CA LYS C 38 -41.99 -9.61 -19.94
C LYS C 38 -40.53 -9.24 -19.76
N LYS C 39 -39.86 -8.76 -20.82
CA LYS C 39 -38.45 -8.44 -20.75
C LYS C 39 -38.14 -7.36 -21.78
N VAL C 40 -37.26 -6.42 -21.40
CA VAL C 40 -36.92 -5.27 -22.23
C VAL C 40 -35.42 -5.09 -22.23
N MET C 41 -34.87 -4.74 -23.40
CA MET C 41 -33.45 -4.47 -23.56
C MET C 41 -33.27 -3.06 -24.11
N VAL C 42 -32.16 -2.42 -23.73
CA VAL C 42 -31.85 -1.05 -24.15
C VAL C 42 -30.61 -1.08 -25.04
N ALA C 43 -30.56 -0.17 -26.00
CA ALA C 43 -29.47 -0.12 -26.97
C ALA C 43 -28.58 1.11 -26.79
N ASN C 44 -28.58 1.73 -25.62
CA ASN C 44 -27.80 2.94 -25.35
C ASN C 44 -26.88 2.70 -24.16
N ARG C 45 -26.24 3.79 -23.72
CA ARG C 45 -25.40 3.79 -22.53
C ARG C 45 -25.58 5.13 -21.82
N GLY C 46 -25.31 5.13 -20.52
CA GLY C 46 -25.31 6.36 -19.76
C GLY C 46 -26.59 6.53 -18.95
N GLU C 47 -27.18 7.73 -19.01
CA GLU C 47 -28.31 8.06 -18.15
C GLU C 47 -29.60 7.42 -18.65
N ILE C 48 -29.74 7.26 -19.97
CA ILE C 48 -30.97 6.69 -20.51
C ILE C 48 -31.15 5.26 -20.05
N ALA C 49 -30.06 4.48 -20.02
CA ALA C 49 -30.15 3.11 -19.53
C ALA C 49 -30.67 3.08 -18.11
N ILE C 50 -30.15 3.95 -17.24
CA ILE C 50 -30.60 4.00 -15.85
C ILE C 50 -32.07 4.37 -15.76
N ARG C 51 -32.48 5.39 -16.52
CA ARG C 51 -33.86 5.84 -16.46
C ARG C 51 -34.82 4.74 -16.90
N VAL C 52 -34.49 4.07 -18.01
CA VAL C 52 -35.36 3.01 -18.51
C VAL C 52 -35.38 1.83 -17.56
N PHE C 53 -34.23 1.51 -16.95
CA PHE C 53 -34.20 0.41 -16.00
C PHE C 53 -35.07 0.70 -14.79
N ARG C 54 -35.02 1.93 -14.28
CA ARG C 54 -35.89 2.29 -13.17
C ARG C 54 -37.36 2.17 -13.56
N ALA C 55 -37.71 2.67 -14.75
CA ALA C 55 -39.10 2.61 -15.19
C ALA C 55 -39.58 1.17 -15.31
N CYS C 56 -38.74 0.29 -15.86
CA CYS C 56 -39.13 -1.11 -16.01
C CYS C 56 -39.23 -1.81 -14.66
N THR C 57 -38.29 -1.54 -13.75
CA THR C 57 -38.35 -2.16 -12.43
C THR C 57 -39.58 -1.71 -11.66
N GLU C 58 -40.05 -0.48 -11.89
CA GLU C 58 -41.30 -0.06 -11.30
C GLU C 58 -42.48 -0.91 -11.74
N LEU C 59 -42.41 -1.50 -12.94
CA LEU C 59 -43.49 -2.32 -13.47
C LEU C 59 -43.21 -3.81 -13.39
N GLY C 60 -42.16 -4.22 -12.67
CA GLY C 60 -41.85 -5.62 -12.51
C GLY C 60 -41.49 -6.33 -13.80
N ILE C 61 -40.62 -5.71 -14.59
CA ILE C 61 -40.18 -6.25 -15.88
C ILE C 61 -38.69 -6.50 -15.80
N ARG C 62 -38.26 -7.68 -16.27
CA ARG C 62 -36.83 -7.99 -16.28
C ARG C 62 -36.11 -7.06 -17.24
N THR C 63 -34.83 -6.80 -16.94
CA THR C 63 -34.03 -5.83 -17.69
C THR C 63 -32.78 -6.49 -18.23
N VAL C 64 -32.45 -6.16 -19.49
CA VAL C 64 -31.24 -6.65 -20.15
C VAL C 64 -30.47 -5.45 -20.68
N ALA C 65 -29.16 -5.43 -20.43
CA ALA C 65 -28.30 -4.33 -20.82
C ALA C 65 -27.18 -4.83 -21.72
N ILE C 66 -26.65 -3.92 -22.53
CA ILE C 66 -25.54 -4.22 -23.43
C ILE C 66 -24.41 -3.24 -23.16
N TYR C 67 -23.19 -3.67 -23.45
CA TYR C 67 -22.02 -2.83 -23.23
C TYR C 67 -20.90 -3.28 -24.16
N SER C 68 -19.96 -2.36 -24.39
CA SER C 68 -18.80 -2.63 -25.21
C SER C 68 -17.60 -2.94 -24.32
N GLU C 69 -16.53 -3.43 -24.95
CA GLU C 69 -15.35 -3.83 -24.19
C GLU C 69 -14.71 -2.66 -23.47
N GLN C 70 -14.59 -1.52 -24.15
CA GLN C 70 -14.03 -0.33 -23.50
C GLN C 70 -14.95 0.18 -22.40
N ASP C 71 -16.26 0.12 -22.61
CA ASP C 71 -17.25 0.62 -21.66
C ASP C 71 -17.57 -0.43 -20.60
N THR C 72 -16.54 -0.94 -19.93
CA THR C 72 -16.71 -2.02 -18.98
C THR C 72 -16.76 -1.56 -17.53
N GLY C 73 -16.35 -0.34 -17.23
CA GLY C 73 -16.35 0.18 -15.89
C GLY C 73 -17.48 1.11 -15.54
N GLN C 74 -18.48 1.24 -16.41
CA GLN C 74 -19.56 2.17 -16.16
C GLN C 74 -20.54 1.62 -15.14
N MET C 75 -21.39 2.50 -14.63
CA MET C 75 -22.37 2.16 -13.61
C MET C 75 -23.71 1.72 -14.20
N HIS C 76 -23.87 1.79 -15.51
CA HIS C 76 -25.16 1.47 -16.12
C HIS C 76 -25.37 -0.03 -16.32
N ARG C 77 -24.39 -0.86 -16.00
CA ARG C 77 -24.56 -2.31 -16.09
C ARG C 77 -24.81 -2.97 -14.74
N GLN C 78 -24.51 -2.29 -13.63
CA GLN C 78 -24.82 -2.85 -12.32
C GLN C 78 -26.29 -2.69 -11.97
N LYS C 79 -27.02 -1.86 -12.73
CA LYS C 79 -28.45 -1.58 -12.46
C LYS C 79 -29.35 -2.39 -13.40
N ALA C 80 -28.83 -3.48 -13.97
CA ALA C 80 -29.61 -4.33 -14.86
C ALA C 80 -29.53 -5.77 -14.39
N ASP C 81 -30.60 -6.53 -14.68
CA ASP C 81 -30.63 -7.93 -14.27
C ASP C 81 -29.53 -8.73 -14.96
N GLU C 82 -29.35 -8.53 -16.26
CA GLU C 82 -28.32 -9.21 -17.02
C GLU C 82 -27.71 -8.25 -18.03
N ALA C 83 -26.40 -8.37 -18.22
CA ALA C 83 -25.66 -7.52 -19.16
C ALA C 83 -24.78 -8.39 -20.03
N TYR C 84 -24.74 -8.10 -21.33
CA TYR C 84 -24.01 -8.91 -22.28
C TYR C 84 -23.04 -8.05 -23.08
N LEU C 85 -21.91 -8.64 -23.51
CA LEU C 85 -20.89 -7.88 -24.29
C LEU C 85 -21.27 -7.87 -25.78
N ILE C 86 -20.95 -6.78 -26.49
CA ILE C 86 -21.20 -6.69 -27.97
C ILE C 86 -19.99 -6.01 -28.62
N GLY C 87 -19.88 -6.06 -29.95
CA GLY C 87 -18.79 -5.36 -30.66
C GLY C 87 -17.41 -5.74 -30.13
N ARG C 88 -17.13 -7.04 -30.02
CA ARG C 88 -15.84 -7.51 -29.44
C ARG C 88 -14.66 -7.01 -30.27
N GLY C 89 -14.74 -7.06 -31.60
CA GLY C 89 -13.60 -6.66 -32.45
C GLY C 89 -13.90 -5.42 -33.27
N LEU C 90 -14.65 -4.46 -32.71
CA LEU C 90 -15.03 -3.26 -33.43
C LEU C 90 -14.46 -2.02 -32.75
N ALA C 91 -14.73 -0.86 -33.34
CA ALA C 91 -14.32 0.41 -32.78
C ALA C 91 -15.11 0.74 -31.54
N PRO C 92 -14.55 1.54 -30.62
CA PRO C 92 -15.27 1.86 -29.38
C PRO C 92 -16.58 2.58 -29.61
N VAL C 93 -16.73 3.32 -30.71
CA VAL C 93 -17.95 4.06 -30.96
C VAL C 93 -18.84 3.29 -31.93
N GLN C 94 -18.23 2.46 -32.78
CA GLN C 94 -18.99 1.68 -33.75
C GLN C 94 -19.44 0.34 -33.20
N ALA C 95 -19.03 -0.04 -31.99
CA ALA C 95 -19.51 -1.27 -31.39
C ALA C 95 -21.01 -1.20 -31.11
N TYR C 96 -21.51 -0.03 -30.71
CA TYR C 96 -22.93 0.16 -30.44
C TYR C 96 -23.75 0.31 -31.72
N LEU C 97 -23.13 0.28 -32.88
CA LEU C 97 -23.84 0.45 -34.14
C LEU C 97 -23.93 -0.84 -34.96
N HIS C 98 -23.58 -1.98 -34.38
CA HIS C 98 -23.60 -3.25 -35.09
C HIS C 98 -24.97 -3.90 -34.90
N ILE C 99 -25.82 -3.80 -35.92
CA ILE C 99 -27.17 -4.36 -35.82
C ILE C 99 -27.17 -5.88 -35.65
N PRO C 100 -26.46 -6.67 -36.47
CA PRO C 100 -26.60 -8.13 -36.34
C PRO C 100 -26.27 -8.68 -34.97
N ASP C 101 -25.25 -8.12 -34.32
CA ASP C 101 -24.90 -8.59 -32.98
C ASP C 101 -26.03 -8.31 -31.99
N ILE C 102 -26.62 -7.12 -32.06
CA ILE C 102 -27.73 -6.77 -31.18
C ILE C 102 -28.91 -7.69 -31.42
N ILE C 103 -29.23 -7.96 -32.68
CA ILE C 103 -30.34 -8.85 -32.99
C ILE C 103 -30.07 -10.26 -32.46
N LYS C 104 -28.84 -10.74 -32.63
CA LYS C 104 -28.50 -12.07 -32.14
C LYS C 104 -28.62 -12.14 -30.62
N VAL C 105 -28.18 -11.10 -29.92
CA VAL C 105 -28.34 -11.06 -28.47
C VAL C 105 -29.81 -11.08 -28.08
N ALA C 106 -30.64 -10.32 -28.80
CA ALA C 106 -32.06 -10.28 -28.48
C ALA C 106 -32.71 -11.64 -28.69
N LYS C 107 -32.32 -12.36 -29.74
CA LYS C 107 -32.96 -13.64 -30.04
C LYS C 107 -32.70 -14.68 -28.96
N GLU C 108 -31.47 -14.76 -28.46
CA GLU C 108 -31.10 -15.85 -27.56
C GLU C 108 -31.58 -15.66 -26.13
N ASN C 109 -32.06 -14.47 -25.76
CA ASN C 109 -32.46 -14.21 -24.37
C ASN C 109 -33.96 -13.98 -24.23
N ASN C 110 -34.76 -14.33 -25.24
CA ASN C 110 -36.21 -14.24 -25.18
C ASN C 110 -36.66 -12.83 -24.82
N VAL C 111 -36.09 -11.86 -25.52
CA VAL C 111 -36.44 -10.46 -25.33
C VAL C 111 -37.70 -10.16 -26.13
N ASP C 112 -38.59 -9.36 -25.54
CA ASP C 112 -39.87 -9.05 -26.16
C ASP C 112 -39.88 -7.68 -26.81
N ALA C 113 -39.21 -6.70 -26.21
CA ALA C 113 -39.15 -5.35 -26.76
C ALA C 113 -37.77 -4.76 -26.53
N VAL C 114 -37.40 -3.82 -27.38
CA VAL C 114 -36.09 -3.17 -27.32
C VAL C 114 -36.30 -1.66 -27.31
N HIS C 115 -35.58 -0.96 -26.43
CA HIS C 115 -35.70 0.48 -26.31
C HIS C 115 -34.56 1.16 -27.03
N PRO C 116 -34.82 2.10 -27.93
CA PRO C 116 -33.74 2.69 -28.73
C PRO C 116 -33.07 3.90 -28.09
N GLY C 117 -33.62 4.41 -26.98
CA GLY C 117 -33.06 5.62 -26.34
C GLY C 117 -32.94 6.77 -27.32
N TYR C 118 -31.88 7.56 -27.21
CA TYR C 118 -31.64 8.67 -28.17
C TYR C 118 -30.20 8.67 -28.67
N GLY C 119 -29.99 8.81 -30.00
CA GLY C 119 -28.62 8.94 -30.54
C GLY C 119 -27.87 7.62 -30.71
N PHE C 120 -28.53 6.48 -30.47
CA PHE C 120 -27.87 5.17 -30.70
C PHE C 120 -28.79 4.25 -31.53
N LEU C 121 -28.85 4.46 -32.85
CA LEU C 121 -29.69 3.64 -33.78
C LEU C 121 -31.15 4.07 -33.65
N SER C 122 -31.42 5.10 -32.83
CA SER C 122 -32.80 5.61 -32.63
C SER C 122 -33.35 6.20 -33.93
N GLU C 123 -32.51 6.93 -34.68
CA GLU C 123 -32.99 7.61 -35.92
C GLU C 123 -32.52 6.82 -37.15
N ARG C 124 -32.42 5.49 -37.05
CA ARG C 124 -32.04 4.67 -38.23
C ARG C 124 -33.24 3.80 -38.60
N ALA C 125 -33.85 4.06 -39.77
CA ALA C 125 -35.06 3.34 -40.13
C ALA C 125 -34.80 1.85 -40.33
N ASP C 126 -33.58 1.49 -40.76
CA ASP C 126 -33.27 0.09 -41.01
C ASP C 126 -33.29 -0.73 -39.73
N PHE C 127 -32.84 -0.14 -38.61
CA PHE C 127 -32.81 -0.88 -37.36
C PHE C 127 -34.22 -1.25 -36.89
N ALA C 128 -35.17 -0.32 -37.04
CA ALA C 128 -36.55 -0.63 -36.68
C ALA C 128 -37.11 -1.75 -37.56
N GLN C 129 -36.79 -1.73 -38.85
CA GLN C 129 -37.24 -2.81 -39.73
C GLN C 129 -36.64 -4.14 -39.33
N ALA C 130 -35.36 -4.14 -38.97
CA ALA C 130 -34.72 -5.38 -38.52
C ALA C 130 -35.36 -5.90 -37.24
N CYS C 131 -35.66 -5.00 -36.29
CA CYS C 131 -36.32 -5.43 -35.06
C CYS C 131 -37.70 -5.99 -35.34
N GLN C 132 -38.46 -5.35 -36.23
CA GLN C 132 -39.79 -5.85 -36.58
C GLN C 132 -39.71 -7.22 -37.25
N ASP C 133 -38.71 -7.42 -38.12
CA ASP C 133 -38.59 -8.69 -38.82
C ASP C 133 -38.22 -9.85 -37.91
N ALA C 134 -37.73 -9.56 -36.70
CA ALA C 134 -37.32 -10.61 -35.77
C ALA C 134 -38.39 -10.93 -34.75
N GLY C 135 -39.60 -10.36 -34.88
CA GLY C 135 -40.67 -10.61 -33.94
C GLY C 135 -40.61 -9.78 -32.68
N VAL C 136 -39.65 -8.87 -32.56
CA VAL C 136 -39.49 -8.04 -31.38
C VAL C 136 -40.15 -6.68 -31.63
N ARG C 137 -40.95 -6.22 -30.68
CA ARG C 137 -41.52 -4.90 -30.77
C ARG C 137 -40.44 -3.83 -30.68
N PHE C 138 -40.69 -2.71 -31.33
CA PHE C 138 -39.78 -1.57 -31.32
C PHE C 138 -40.47 -0.42 -30.57
N ILE C 139 -39.81 0.08 -29.53
CA ILE C 139 -40.40 1.13 -28.69
C ILE C 139 -40.21 2.45 -29.42
N GLY C 140 -41.24 2.91 -30.12
CA GLY C 140 -41.16 4.15 -30.85
C GLY C 140 -42.10 4.17 -32.03
N PRO C 141 -41.87 5.09 -32.97
CA PRO C 141 -42.71 5.18 -34.15
C PRO C 141 -42.39 4.08 -35.16
N SER C 142 -43.31 3.90 -36.10
CA SER C 142 -43.14 2.91 -37.14
C SER C 142 -42.00 3.30 -38.09
N PRO C 143 -41.36 2.32 -38.72
CA PRO C 143 -40.24 2.66 -39.63
C PRO C 143 -40.63 3.58 -40.76
N GLU C 144 -41.87 3.51 -41.25
CA GLU C 144 -42.30 4.41 -42.30
C GLU C 144 -42.25 5.86 -41.86
N VAL C 145 -42.71 6.15 -40.63
CA VAL C 145 -42.67 7.51 -40.13
C VAL C 145 -41.24 7.98 -39.95
N VAL C 146 -40.36 7.09 -39.48
CA VAL C 146 -38.96 7.45 -39.31
C VAL C 146 -38.33 7.79 -40.65
N ARG C 147 -38.62 6.99 -41.68
CA ARG C 147 -38.09 7.28 -43.01
C ARG C 147 -38.66 8.59 -43.55
N LYS C 148 -39.94 8.86 -43.30
CA LYS C 148 -40.52 10.14 -43.70
C LYS C 148 -39.80 11.30 -43.04
N MET C 149 -39.46 11.15 -41.76
CA MET C 149 -38.64 12.12 -41.08
C MET C 149 -37.17 11.89 -41.47
N GLY C 150 -36.25 12.60 -40.83
CA GLY C 150 -34.86 12.47 -41.22
C GLY C 150 -34.46 13.50 -42.25
N ASP C 151 -34.47 13.13 -43.52
CA ASP C 151 -34.16 14.08 -44.58
C ASP C 151 -35.16 15.24 -44.57
N LYS C 152 -34.65 16.43 -44.88
CA LYS C 152 -35.41 17.65 -44.68
C LYS C 152 -36.40 17.94 -45.80
N VAL C 153 -36.21 17.37 -47.00
CA VAL C 153 -37.09 17.71 -48.11
C VAL C 153 -38.51 17.24 -47.85
N GLU C 154 -38.66 15.98 -47.43
CA GLU C 154 -39.99 15.45 -47.15
C GLU C 154 -40.63 16.17 -45.98
N ALA C 155 -39.85 16.50 -44.95
CA ALA C 155 -40.40 17.21 -43.81
C ALA C 155 -40.91 18.59 -44.22
N ARG C 156 -40.14 19.31 -45.03
CA ARG C 156 -40.59 20.62 -45.50
C ARG C 156 -41.83 20.50 -46.38
N ALA C 157 -41.86 19.48 -47.25
CA ALA C 157 -43.03 19.29 -48.10
C ALA C 157 -44.26 18.99 -47.27
N ILE C 158 -44.13 18.15 -46.25
CA ILE C 158 -45.26 17.85 -45.38
C ILE C 158 -45.72 19.09 -44.64
N ALA C 159 -44.77 19.87 -44.11
CA ALA C 159 -45.15 21.07 -43.35
C ALA C 159 -45.87 22.09 -44.22
N ILE C 160 -45.35 22.33 -45.43
CA ILE C 160 -46.01 23.27 -46.34
C ILE C 160 -47.34 22.72 -46.84
N ALA C 161 -47.49 21.40 -46.84
CA ALA C 161 -48.79 20.79 -47.25
C ALA C 161 -49.95 21.50 -46.55
N ALA C 162 -50.01 21.47 -45.22
CA ALA C 162 -51.09 22.20 -44.51
C ALA C 162 -50.55 23.10 -43.38
N GLY C 163 -50.75 24.42 -43.49
CA GLY C 163 -50.39 25.37 -42.40
C GLY C 163 -48.93 25.29 -41.98
N VAL C 164 -48.65 25.47 -40.68
CA VAL C 164 -47.27 25.33 -40.13
C VAL C 164 -46.22 26.02 -41.02
N PRO C 165 -46.25 27.36 -41.19
CA PRO C 165 -45.36 28.06 -42.12
C PRO C 165 -43.86 27.86 -41.81
N VAL C 166 -43.04 27.73 -42.85
CA VAL C 166 -41.57 27.47 -42.66
C VAL C 166 -40.77 28.71 -43.05
N VAL C 167 -39.46 28.71 -42.81
CA VAL C 167 -38.59 29.84 -43.16
C VAL C 167 -38.49 29.95 -44.67
N PRO C 168 -38.41 31.16 -45.24
CA PRO C 168 -38.16 31.28 -46.67
C PRO C 168 -36.84 30.65 -47.04
N GLY C 169 -36.81 29.98 -48.19
CA GLY C 169 -35.59 29.31 -48.62
C GLY C 169 -35.87 28.42 -49.81
N THR C 170 -34.81 27.81 -50.31
CA THR C 170 -34.91 26.91 -51.45
C THR C 170 -35.58 25.61 -51.04
N ASP C 171 -36.26 24.99 -52.01
CA ASP C 171 -36.83 23.65 -51.79
C ASP C 171 -35.80 22.57 -52.10
N ALA C 172 -35.29 22.57 -53.32
CA ALA C 172 -34.26 21.62 -53.71
C ALA C 172 -32.90 22.06 -53.17
N PRO C 173 -31.97 21.13 -52.96
CA PRO C 173 -30.62 21.51 -52.56
C PRO C 173 -29.95 22.39 -53.61
N ILE C 174 -29.11 23.30 -53.12
CA ILE C 174 -28.41 24.27 -53.96
C ILE C 174 -26.93 23.90 -54.03
N THR C 175 -26.40 23.82 -55.24
CA THR C 175 -24.99 23.52 -55.45
C THR C 175 -24.28 24.53 -56.35
N SER C 176 -24.94 25.61 -56.75
CA SER C 176 -24.37 26.56 -57.69
C SER C 176 -24.32 27.96 -57.10
N LEU C 177 -23.25 28.68 -57.45
CA LEU C 177 -23.11 30.06 -57.00
C LEU C 177 -24.17 30.97 -57.63
N HIS C 178 -24.48 30.75 -58.91
CA HIS C 178 -25.38 31.65 -59.61
C HIS C 178 -26.80 31.59 -59.02
N GLU C 179 -27.35 30.39 -58.87
CA GLU C 179 -28.69 30.28 -58.30
C GLU C 179 -28.72 30.81 -56.88
N ALA C 180 -27.64 30.61 -56.12
CA ALA C 180 -27.50 31.26 -54.83
C ALA C 180 -27.60 32.77 -54.97
N HIS C 181 -27.02 33.33 -56.05
CA HIS C 181 -27.12 34.77 -56.25
C HIS C 181 -28.55 35.23 -56.49
N GLU C 182 -29.32 34.51 -57.32
CA GLU C 182 -30.71 34.94 -57.48
C GLU C 182 -31.51 34.81 -56.18
N PHE C 183 -31.34 33.71 -55.45
CA PHE C 183 -32.09 33.61 -54.19
C PHE C 183 -31.61 34.63 -53.16
N SER C 184 -30.35 35.05 -53.22
CA SER C 184 -29.90 36.16 -52.40
C SER C 184 -30.57 37.46 -52.82
N ASN C 185 -30.68 37.68 -54.13
CA ASN C 185 -31.22 38.93 -54.64
C ASN C 185 -32.71 39.05 -54.36
N THR C 186 -33.43 37.93 -54.40
CA THR C 186 -34.89 37.98 -54.28
C THR C 186 -35.33 38.31 -52.86
N TYR C 187 -34.96 37.46 -51.90
CA TYR C 187 -35.52 37.59 -50.55
C TYR C 187 -34.79 38.66 -49.75
N GLY C 188 -33.51 38.48 -49.51
CA GLY C 188 -32.76 39.41 -48.69
C GLY C 188 -31.28 39.11 -48.71
N PHE C 189 -30.51 40.05 -48.21
CA PHE C 189 -29.05 40.00 -48.32
C PHE C 189 -28.41 39.04 -47.31
N PRO C 190 -28.69 39.15 -46.00
CA PRO C 190 -28.05 38.23 -45.05
C PRO C 190 -28.58 36.81 -45.20
N ILE C 191 -27.68 35.86 -45.45
CA ILE C 191 -28.04 34.47 -45.67
C ILE C 191 -27.12 33.57 -44.88
N ILE C 192 -27.59 32.35 -44.65
CA ILE C 192 -26.81 31.29 -43.99
C ILE C 192 -26.80 30.06 -44.89
N PHE C 193 -25.64 29.45 -45.03
CA PHE C 193 -25.52 28.19 -45.75
C PHE C 193 -25.83 27.04 -44.79
N LYS C 194 -26.84 26.24 -45.13
CA LYS C 194 -27.25 25.09 -44.33
C LYS C 194 -26.91 23.83 -45.11
N ALA C 195 -26.16 22.93 -44.48
CA ALA C 195 -25.68 21.73 -45.13
C ALA C 195 -26.60 20.55 -44.88
N ALA C 196 -26.35 19.47 -45.61
CA ALA C 196 -27.01 18.19 -45.38
C ALA C 196 -25.98 17.20 -44.88
N TYR C 197 -26.36 15.93 -44.74
CA TYR C 197 -25.47 14.90 -44.23
C TYR C 197 -25.02 15.26 -42.80
N GLY C 198 -26.00 15.29 -41.91
CA GLY C 198 -25.74 15.65 -40.53
C GLY C 198 -26.53 16.87 -40.07
N GLY C 199 -27.38 16.69 -39.06
CA GLY C 199 -28.16 17.80 -38.55
C GLY C 199 -27.34 18.80 -37.76
N GLY C 200 -26.05 18.46 -37.57
CA GLY C 200 -25.12 19.31 -36.79
C GLY C 200 -24.76 20.63 -37.44
N GLY C 201 -23.99 21.46 -36.72
CA GLY C 201 -23.61 22.80 -37.22
C GLY C 201 -23.05 22.72 -38.64
N ARG C 202 -22.08 21.85 -38.87
CA ARG C 202 -21.45 21.70 -40.22
C ARG C 202 -20.89 23.07 -40.64
N GLY C 203 -21.17 23.50 -41.88
CA GLY C 203 -20.74 24.84 -42.33
C GLY C 203 -21.78 25.89 -41.99
N MET C 204 -21.94 26.22 -40.71
CA MET C 204 -22.98 27.21 -40.30
C MET C 204 -22.38 28.61 -40.35
N ARG C 205 -22.16 29.14 -41.55
CA ARG C 205 -21.56 30.46 -41.70
C ARG C 205 -22.55 31.41 -42.37
N VAL C 206 -22.39 32.69 -42.08
CA VAL C 206 -23.34 33.72 -42.50
C VAL C 206 -22.64 34.65 -43.47
N VAL C 207 -23.40 35.17 -44.43
CA VAL C 207 -22.88 36.08 -45.44
C VAL C 207 -23.48 37.47 -45.23
N HIS C 208 -22.60 38.47 -45.12
CA HIS C 208 -23.02 39.86 -45.05
C HIS C 208 -22.50 40.70 -46.22
N SER C 209 -21.73 40.12 -47.13
CA SER C 209 -21.17 40.88 -48.25
C SER C 209 -21.26 40.07 -49.53
N TYR C 210 -20.56 40.51 -50.58
CA TYR C 210 -20.43 39.72 -51.79
C TYR C 210 -19.01 39.21 -52.01
N GLU C 211 -18.01 40.05 -51.77
CA GLU C 211 -16.62 39.60 -51.86
C GLU C 211 -16.37 38.41 -50.96
N GLU C 212 -16.82 38.49 -49.70
CA GLU C 212 -16.73 37.32 -48.83
C GLU C 212 -17.74 36.26 -49.23
N LEU C 213 -18.82 36.65 -49.91
CA LEU C 213 -19.83 35.67 -50.31
C LEU C 213 -19.25 34.62 -51.26
N GLU C 214 -18.54 35.07 -52.30
CA GLU C 214 -18.02 34.10 -53.27
C GLU C 214 -17.02 33.15 -52.62
N GLU C 215 -16.08 33.68 -51.84
CA GLU C 215 -15.06 32.83 -51.24
C GLU C 215 -15.66 31.91 -50.18
N ASN C 216 -16.65 32.40 -49.42
CA ASN C 216 -17.31 31.55 -48.43
C ASN C 216 -18.10 30.44 -49.10
N TYR C 217 -18.77 30.74 -50.21
CA TYR C 217 -19.47 29.70 -50.96
C TYR C 217 -18.49 28.65 -51.46
N THR C 218 -17.35 29.09 -52.02
CA THR C 218 -16.36 28.14 -52.50
C THR C 218 -15.83 27.27 -51.37
N ARG C 219 -15.48 27.88 -50.24
CA ARG C 219 -14.95 27.14 -49.11
C ARG C 219 -15.98 26.15 -48.56
N ALA C 220 -17.23 26.59 -48.40
CA ALA C 220 -18.27 25.71 -47.87
C ALA C 220 -18.57 24.55 -48.82
N TYR C 221 -18.62 24.83 -50.12
CA TYR C 221 -18.86 23.78 -51.10
C TYR C 221 -17.73 22.77 -51.10
N SER C 222 -16.47 23.26 -51.01
CA SER C 222 -15.33 22.35 -50.95
C SER C 222 -15.38 21.49 -49.69
N GLU C 223 -15.71 22.10 -48.55
CA GLU C 223 -15.79 21.34 -47.30
C GLU C 223 -16.89 20.29 -47.36
N ALA C 224 -18.05 20.66 -47.94
CA ALA C 224 -19.15 19.72 -48.05
C ALA C 224 -18.79 18.55 -48.97
N LEU C 225 -18.11 18.83 -50.09
CA LEU C 225 -17.77 17.74 -51.01
C LEU C 225 -16.64 16.87 -50.46
N ALA C 226 -15.73 17.44 -49.67
CA ALA C 226 -14.56 16.69 -49.23
C ALA C 226 -14.80 15.99 -47.88
N ALA C 227 -15.06 16.77 -46.83
CA ALA C 227 -15.19 16.19 -45.50
C ALA C 227 -16.49 15.41 -45.34
N PHE C 228 -17.48 15.71 -46.18
CA PHE C 228 -18.81 15.13 -46.06
C PHE C 228 -19.18 14.39 -47.35
N GLY C 229 -20.43 13.97 -47.44
CA GLY C 229 -20.92 13.27 -48.61
C GLY C 229 -21.58 14.20 -49.60
N ASN C 230 -22.91 14.19 -49.63
CA ASN C 230 -23.64 15.05 -50.53
C ASN C 230 -23.31 16.52 -50.27
N GLY C 231 -23.03 17.25 -51.36
CA GLY C 231 -22.79 18.68 -51.24
C GLY C 231 -24.06 19.48 -51.30
N ALA C 232 -25.07 19.04 -50.54
CA ALA C 232 -26.38 19.69 -50.54
C ALA C 232 -26.36 20.87 -49.60
N LEU C 233 -26.58 22.06 -50.13
CA LEU C 233 -26.62 23.29 -49.36
C LEU C 233 -27.91 24.03 -49.66
N PHE C 234 -28.32 24.91 -48.75
CA PHE C 234 -29.53 25.68 -48.92
C PHE C 234 -29.26 27.15 -48.67
N VAL C 235 -30.02 28.00 -49.36
CA VAL C 235 -29.95 29.44 -49.21
C VAL C 235 -31.22 29.90 -48.51
N GLU C 236 -31.07 30.40 -47.28
CA GLU C 236 -32.24 30.85 -46.48
C GLU C 236 -31.83 32.05 -45.64
N LYS C 237 -32.80 32.82 -45.16
CA LYS C 237 -32.48 34.06 -44.39
C LYS C 237 -32.08 33.69 -42.96
N PHE C 238 -31.08 34.37 -42.41
CA PHE C 238 -30.68 34.13 -41.00
C PHE C 238 -31.51 35.04 -40.10
N ILE C 239 -32.40 34.47 -39.28
CA ILE C 239 -33.20 35.28 -38.33
C ILE C 239 -32.21 36.02 -37.41
N GLU C 240 -32.31 37.35 -37.32
CA GLU C 240 -31.31 38.08 -36.54
C GLU C 240 -31.43 37.74 -35.05
N LYS C 241 -32.65 37.57 -34.56
CA LYS C 241 -32.89 37.38 -33.13
C LYS C 241 -33.72 36.13 -32.92
N PRO C 242 -33.10 34.96 -33.02
CA PRO C 242 -33.84 33.70 -32.91
C PRO C 242 -34.32 33.40 -31.49
N ARG C 243 -35.42 32.67 -31.38
CA ARG C 243 -35.92 32.21 -30.08
C ARG C 243 -36.82 31.01 -30.36
N HIS C 244 -36.35 29.81 -30.05
CA HIS C 244 -37.00 28.59 -30.49
C HIS C 244 -37.71 27.88 -29.34
N ILE C 245 -38.87 27.30 -29.67
CA ILE C 245 -39.75 26.65 -28.70
C ILE C 245 -39.92 25.19 -29.09
N GLU C 246 -39.85 24.31 -28.10
CA GLU C 246 -40.06 22.88 -28.29
C GLU C 246 -41.38 22.46 -27.69
N VAL C 247 -41.97 21.41 -28.27
CA VAL C 247 -43.22 20.84 -27.77
C VAL C 247 -43.08 19.32 -27.74
N GLN C 248 -43.52 18.71 -26.64
CA GLN C 248 -43.52 17.26 -26.51
C GLN C 248 -44.85 16.70 -27.00
N ILE C 249 -44.76 15.69 -27.88
CA ILE C 249 -45.93 15.09 -28.51
C ILE C 249 -46.01 13.63 -28.07
N LEU C 250 -47.19 13.23 -27.63
CA LEU C 250 -47.45 11.85 -27.20
C LEU C 250 -48.71 11.35 -27.90
N GLY C 251 -48.62 10.21 -28.54
CA GLY C 251 -49.74 9.64 -29.25
C GLY C 251 -49.82 8.14 -29.09
N ASP C 252 -51.01 7.60 -29.33
CA ASP C 252 -51.28 6.18 -29.15
C ASP C 252 -51.50 5.50 -30.50
N GLN C 253 -51.73 4.19 -30.43
CA GLN C 253 -51.99 3.39 -31.62
C GLN C 253 -53.41 3.51 -32.13
N TYR C 254 -54.27 4.24 -31.42
CA TYR C 254 -55.68 4.37 -31.80
C TYR C 254 -56.00 5.76 -32.34
N GLY C 255 -54.99 6.51 -32.78
CA GLY C 255 -55.21 7.83 -33.31
C GLY C 255 -55.63 8.87 -32.29
N ASN C 256 -55.08 8.83 -31.09
CA ASN C 256 -55.28 9.84 -30.06
C ASN C 256 -53.93 10.43 -29.70
N ILE C 257 -53.79 11.73 -29.84
CA ILE C 257 -52.50 12.41 -29.69
C ILE C 257 -52.61 13.43 -28.57
N LEU C 258 -51.63 13.43 -27.68
CA LEU C 258 -51.59 14.31 -26.52
C LEU C 258 -50.29 15.10 -26.51
N HIS C 259 -50.40 16.42 -26.51
CA HIS C 259 -49.26 17.30 -26.33
C HIS C 259 -49.07 17.59 -24.85
N LEU C 260 -47.81 17.65 -24.42
CA LEU C 260 -47.58 17.94 -23.01
C LEU C 260 -47.63 19.44 -22.75
N TYR C 261 -46.61 20.16 -23.18
CA TYR C 261 -46.54 21.63 -23.10
C TYR C 261 -45.27 22.08 -23.83
N GLU C 262 -44.97 23.38 -23.75
CA GLU C 262 -43.85 23.95 -24.48
C GLU C 262 -42.59 24.02 -23.61
N ARG C 263 -41.51 24.48 -24.23
CA ARG C 263 -40.22 24.66 -23.56
C ARG C 263 -39.46 25.79 -24.24
N ASP C 264 -38.42 26.28 -23.54
CA ASP C 264 -37.51 27.27 -24.09
C ASP C 264 -36.10 26.84 -23.73
N CYS C 265 -35.22 26.79 -24.74
CA CYS C 265 -33.81 26.49 -24.53
C CYS C 265 -32.95 27.41 -25.40
N SER C 266 -33.24 28.70 -25.38
CA SER C 266 -32.58 29.63 -26.30
C SER C 266 -31.08 29.75 -26.03
N ILE C 267 -30.63 29.40 -24.83
CA ILE C 267 -29.22 29.54 -24.47
C ILE C 267 -28.40 28.50 -25.23
N GLN C 268 -27.62 28.96 -26.21
CA GLN C 268 -26.79 28.08 -27.02
C GLN C 268 -25.38 28.65 -27.09
N ARG C 269 -24.38 27.82 -26.76
CA ARG C 269 -23.00 28.26 -26.79
C ARG C 269 -22.58 28.68 -28.21
N ARG C 270 -22.54 27.72 -29.13
CA ARG C 270 -22.41 28.03 -30.55
C ARG C 270 -23.61 27.55 -31.35
N HIS C 271 -23.92 26.25 -31.32
CA HIS C 271 -25.18 25.75 -31.84
C HIS C 271 -25.74 24.59 -31.00
N GLN C 272 -25.23 24.40 -29.79
CA GLN C 272 -25.64 23.30 -28.93
C GLN C 272 -26.41 23.83 -27.74
N LYS C 273 -27.36 23.04 -27.25
CA LYS C 273 -28.18 23.44 -26.11
C LYS C 273 -27.32 23.53 -24.85
N VAL C 274 -27.65 24.49 -23.99
CA VAL C 274 -26.91 24.69 -22.75
C VAL C 274 -27.83 24.57 -21.55
N VAL C 275 -28.83 25.46 -21.47
CA VAL C 275 -29.74 25.52 -20.34
C VAL C 275 -31.17 25.60 -20.85
N GLU C 276 -32.06 24.85 -20.22
CA GLU C 276 -33.46 24.76 -20.62
C GLU C 276 -34.36 25.27 -19.51
N ILE C 277 -35.44 25.96 -19.91
CA ILE C 277 -36.45 26.45 -18.99
C ILE C 277 -37.75 25.72 -19.30
N ALA C 278 -38.34 25.10 -18.27
CA ALA C 278 -39.48 24.22 -18.51
C ALA C 278 -40.67 24.95 -19.10
N PRO C 279 -41.21 25.99 -18.46
CA PRO C 279 -42.30 26.74 -19.10
C PRO C 279 -41.76 27.84 -19.99
N ALA C 280 -42.65 28.40 -20.80
CA ALA C 280 -42.28 29.52 -21.66
C ALA C 280 -41.94 30.73 -20.81
N ALA C 281 -40.87 31.42 -21.17
CA ALA C 281 -40.43 32.60 -20.43
C ALA C 281 -41.47 33.71 -20.50
N HIS C 282 -41.74 34.22 -21.70
CA HIS C 282 -42.74 35.27 -21.91
C HIS C 282 -43.33 35.04 -23.30
N LEU C 283 -44.45 34.32 -23.35
CA LEU C 283 -45.12 34.00 -24.59
C LEU C 283 -46.58 34.46 -24.52
N ASP C 284 -47.06 35.01 -25.62
CA ASP C 284 -48.46 35.40 -25.69
C ASP C 284 -49.35 34.17 -25.63
N PRO C 285 -50.42 34.20 -24.84
CA PRO C 285 -51.32 33.02 -24.78
C PRO C 285 -51.88 32.63 -26.12
N GLN C 286 -52.22 33.59 -26.97
CA GLN C 286 -52.69 33.27 -28.32
C GLN C 286 -51.60 32.55 -29.10
N LEU C 287 -50.36 33.01 -28.99
CA LEU C 287 -49.25 32.31 -29.63
C LEU C 287 -49.09 30.92 -29.04
N ARG C 288 -49.25 30.78 -27.72
CA ARG C 288 -49.15 29.48 -27.08
C ARG C 288 -50.14 28.49 -27.68
N THR C 289 -51.41 28.89 -27.73
CA THR C 289 -52.43 27.96 -28.22
C THR C 289 -52.29 27.73 -29.73
N ARG C 290 -51.89 28.74 -30.49
CA ARG C 290 -51.68 28.55 -31.92
C ARG C 290 -50.56 27.55 -32.18
N LEU C 291 -49.44 27.69 -31.47
CA LEU C 291 -48.33 26.78 -31.66
C LEU C 291 -48.70 25.37 -31.23
N THR C 292 -49.43 25.24 -30.11
CA THR C 292 -49.84 23.92 -29.66
C THR C 292 -50.77 23.25 -30.67
N SER C 293 -51.73 24.00 -31.20
CA SER C 293 -52.65 23.44 -32.19
C SER C 293 -51.92 23.05 -33.46
N ASP C 294 -50.97 23.88 -33.90
CA ASP C 294 -50.20 23.53 -35.09
C ASP C 294 -49.38 22.26 -34.88
N SER C 295 -48.77 22.12 -33.70
CA SER C 295 -48.01 20.90 -33.43
C SER C 295 -48.92 19.68 -33.43
N VAL C 296 -50.10 19.79 -32.81
CA VAL C 296 -51.03 18.66 -32.79
C VAL C 296 -51.47 18.31 -34.20
N LYS C 297 -51.78 19.32 -35.01
CA LYS C 297 -52.22 19.08 -36.38
C LYS C 297 -51.13 18.39 -37.19
N LEU C 298 -49.88 18.86 -37.07
CA LEU C 298 -48.79 18.24 -37.80
C LEU C 298 -48.57 16.80 -37.36
N ALA C 299 -48.68 16.55 -36.05
CA ALA C 299 -48.56 15.17 -35.57
C ALA C 299 -49.68 14.29 -36.13
N LYS C 300 -50.90 14.82 -36.19
CA LYS C 300 -52.03 14.07 -36.71
C LYS C 300 -51.86 13.75 -38.19
N GLN C 301 -51.41 14.72 -38.99
CA GLN C 301 -51.36 14.51 -40.44
C GLN C 301 -50.41 13.38 -40.80
N VAL C 302 -49.22 13.35 -40.19
CA VAL C 302 -48.30 12.24 -40.46
C VAL C 302 -48.80 10.97 -39.79
N GLY C 303 -49.72 11.07 -38.84
CA GLY C 303 -50.17 9.91 -38.10
C GLY C 303 -49.11 9.39 -37.16
N TYR C 304 -48.50 10.30 -36.40
CA TYR C 304 -47.38 9.93 -35.49
C TYR C 304 -47.87 9.10 -34.30
N GLU C 305 -47.07 8.18 -33.76
CA GLU C 305 -47.63 7.29 -32.70
C GLU C 305 -46.67 6.98 -31.54
N ASN C 306 -45.87 7.94 -31.07
CA ASN C 306 -45.01 7.66 -29.88
C ASN C 306 -44.47 8.95 -29.27
N ALA C 307 -43.60 8.84 -28.26
CA ALA C 307 -42.95 10.05 -27.68
C ALA C 307 -42.20 10.77 -28.81
N GLY C 308 -42.61 12.00 -29.14
CA GLY C 308 -42.01 12.72 -30.27
C GLY C 308 -41.82 14.19 -29.96
N THR C 309 -40.92 14.88 -30.66
CA THR C 309 -40.65 16.28 -30.37
C THR C 309 -40.83 17.12 -31.63
N VAL C 310 -41.49 18.27 -31.47
CA VAL C 310 -41.70 19.22 -32.56
C VAL C 310 -41.03 20.53 -32.18
N GLU C 311 -40.12 21.00 -33.03
CA GLU C 311 -39.36 22.21 -32.78
C GLU C 311 -39.95 23.38 -33.56
N PHE C 312 -39.59 24.59 -33.17
CA PHE C 312 -40.10 25.79 -33.80
C PHE C 312 -39.03 26.87 -33.78
N LEU C 313 -39.43 28.09 -34.11
CA LEU C 313 -38.53 29.23 -34.13
C LEU C 313 -39.37 30.49 -34.20
N VAL C 314 -39.08 31.46 -33.33
CA VAL C 314 -39.90 32.65 -33.16
C VAL C 314 -39.05 33.89 -33.37
N ASP C 315 -39.60 34.87 -34.08
CA ASP C 315 -38.98 36.15 -34.34
C ASP C 315 -39.51 37.18 -33.35
N ARG C 316 -38.90 38.38 -33.35
CA ARG C 316 -39.26 39.41 -32.40
C ARG C 316 -40.67 39.95 -32.64
N HIS C 317 -40.99 40.29 -33.89
CA HIS C 317 -42.36 40.70 -34.20
C HIS C 317 -43.35 39.57 -33.95
N GLY C 318 -42.87 38.33 -34.02
CA GLY C 318 -43.68 37.15 -33.80
C GLY C 318 -43.91 36.40 -35.09
N LYS C 319 -43.09 35.37 -35.32
CA LYS C 319 -43.21 34.55 -36.52
C LYS C 319 -42.78 33.14 -36.14
N HIS C 320 -43.72 32.21 -36.08
CA HIS C 320 -43.43 30.82 -35.75
C HIS C 320 -43.00 30.11 -37.01
N TYR C 321 -41.71 29.78 -37.10
CA TYR C 321 -41.15 29.14 -38.28
C TYR C 321 -40.75 27.71 -37.89
N PHE C 322 -41.32 26.74 -38.60
CA PHE C 322 -41.05 25.34 -38.33
C PHE C 322 -39.62 24.98 -38.74
N ILE C 323 -38.96 24.16 -37.92
CA ILE C 323 -37.57 23.78 -38.15
C ILE C 323 -37.45 22.31 -38.54
N GLU C 324 -37.85 21.41 -37.63
CA GLU C 324 -37.74 19.98 -37.88
C GLU C 324 -38.60 19.25 -36.86
N VAL C 325 -38.67 17.93 -37.01
CA VAL C 325 -39.39 17.07 -36.10
C VAL C 325 -38.45 15.97 -35.63
N ASN C 326 -38.34 15.81 -34.32
CA ASN C 326 -37.52 14.76 -33.73
C ASN C 326 -38.39 13.55 -33.43
N SER C 327 -37.98 12.39 -33.94
CA SER C 327 -38.77 11.17 -33.83
C SER C 327 -38.49 10.40 -32.53
N ARG C 328 -37.56 10.87 -31.71
CA ARG C 328 -37.18 10.18 -30.49
C ARG C 328 -37.55 11.02 -29.27
N LEU C 329 -37.28 10.48 -28.09
CA LEU C 329 -37.45 11.21 -26.85
C LEU C 329 -36.22 12.07 -26.60
N GLN C 330 -36.44 13.34 -26.28
CA GLN C 330 -35.35 14.30 -26.14
C GLN C 330 -34.72 14.22 -24.76
N VAL C 331 -33.44 14.62 -24.70
CA VAL C 331 -32.69 14.55 -23.45
C VAL C 331 -33.18 15.57 -22.42
N GLU C 332 -33.88 16.62 -22.86
CA GLU C 332 -34.43 17.61 -21.95
C GLU C 332 -35.91 17.38 -21.67
N HIS C 333 -36.35 16.12 -21.63
CA HIS C 333 -37.72 15.78 -21.28
C HIS C 333 -37.98 15.86 -19.78
N THR C 334 -36.92 15.86 -18.95
CA THR C 334 -37.12 15.80 -17.51
C THR C 334 -37.84 17.04 -16.98
N VAL C 335 -37.53 18.21 -17.53
CA VAL C 335 -38.17 19.43 -17.04
C VAL C 335 -39.67 19.42 -17.36
N THR C 336 -40.05 18.94 -18.53
CA THR C 336 -41.47 18.76 -18.82
C THR C 336 -42.09 17.70 -17.94
N GLU C 337 -41.31 16.68 -17.58
CA GLU C 337 -41.79 15.59 -16.74
C GLU C 337 -42.18 16.05 -15.35
N GLU C 338 -41.65 17.17 -14.86
CA GLU C 338 -41.90 17.61 -13.49
C GLU C 338 -42.99 18.66 -13.38
N ILE C 339 -43.15 19.51 -14.39
CA ILE C 339 -44.25 20.48 -14.37
C ILE C 339 -45.60 19.77 -14.44
N THR C 340 -45.69 18.77 -15.31
CA THR C 340 -46.92 17.98 -15.46
C THR C 340 -47.01 16.85 -14.45
N ASP C 341 -45.89 16.40 -13.89
CA ASP C 341 -45.85 15.27 -12.98
C ASP C 341 -46.44 14.01 -13.63
N VAL C 342 -46.12 13.82 -14.91
CA VAL C 342 -46.53 12.65 -15.67
C VAL C 342 -45.26 11.95 -16.16
N ASP C 343 -45.11 10.68 -15.78
CA ASP C 343 -43.92 9.92 -16.14
C ASP C 343 -43.99 9.54 -17.61
N LEU C 344 -43.01 9.98 -18.39
CA LEU C 344 -43.03 9.76 -19.83
C LEU C 344 -42.67 8.33 -20.21
N VAL C 345 -41.70 7.72 -19.52
CA VAL C 345 -41.28 6.37 -19.89
C VAL C 345 -42.39 5.37 -19.56
N HIS C 346 -43.10 5.58 -18.45
CA HIS C 346 -44.22 4.71 -18.13
C HIS C 346 -45.29 4.75 -19.23
N ALA C 347 -45.65 5.97 -19.66
CA ALA C 347 -46.64 6.09 -20.72
C ALA C 347 -46.13 5.49 -22.02
N GLN C 348 -44.84 5.65 -22.31
CA GLN C 348 -44.26 5.09 -23.52
C GLN C 348 -44.36 3.57 -23.52
N ILE C 349 -44.00 2.94 -22.40
CA ILE C 349 -44.09 1.48 -22.32
C ILE C 349 -45.54 1.03 -22.39
N HIS C 350 -46.44 1.74 -21.71
CA HIS C 350 -47.85 1.35 -21.72
C HIS C 350 -48.44 1.43 -23.11
N VAL C 351 -48.10 2.49 -23.87
CA VAL C 351 -48.61 2.61 -25.22
C VAL C 351 -47.91 1.63 -26.17
N ALA C 352 -46.70 1.20 -25.82
CA ALA C 352 -46.10 0.10 -26.58
C ALA C 352 -46.85 -1.19 -26.34
N GLU C 353 -47.36 -1.40 -25.12
CA GLU C 353 -48.15 -2.59 -24.83
C GLU C 353 -49.42 -2.61 -25.69
N GLY C 354 -50.10 -1.47 -25.80
CA GLY C 354 -51.31 -1.40 -26.59
C GLY C 354 -52.42 -0.66 -25.87
N ARG C 355 -52.24 -0.38 -24.59
CA ARG C 355 -53.26 0.33 -23.83
C ARG C 355 -53.44 1.74 -24.36
N SER C 356 -54.70 2.16 -24.48
CA SER C 356 -55.03 3.48 -24.99
C SER C 356 -54.87 4.52 -23.88
N LEU C 357 -54.79 5.78 -24.30
CA LEU C 357 -54.61 6.87 -23.35
C LEU C 357 -55.74 6.99 -22.33
N PRO C 358 -57.02 6.94 -22.70
CA PRO C 358 -58.07 7.08 -21.67
C PRO C 358 -57.99 6.01 -20.59
N ASP C 359 -57.57 4.79 -20.94
CA ASP C 359 -57.41 3.76 -19.92
C ASP C 359 -56.31 4.15 -18.93
N LEU C 360 -55.22 4.73 -19.42
CA LEU C 360 -54.17 5.20 -18.53
C LEU C 360 -54.62 6.37 -17.68
N GLY C 361 -55.67 7.07 -18.10
CA GLY C 361 -56.16 8.22 -17.36
C GLY C 361 -55.44 9.50 -17.73
N LEU C 362 -55.23 9.71 -19.03
CA LEU C 362 -54.48 10.85 -19.54
C LEU C 362 -55.35 11.60 -20.55
N ARG C 363 -55.75 12.81 -20.19
CA ARG C 363 -56.54 13.66 -21.07
C ARG C 363 -55.95 15.07 -21.08
N GLN C 364 -56.10 15.76 -22.20
CA GLN C 364 -55.55 17.11 -22.33
C GLN C 364 -56.22 18.08 -21.37
N GLU C 365 -57.41 17.74 -20.88
CA GLU C 365 -58.08 18.53 -19.86
C GLU C 365 -57.71 18.09 -18.45
N ASN C 366 -56.92 17.03 -18.30
CA ASN C 366 -56.58 16.50 -16.99
C ASN C 366 -55.23 16.95 -16.48
N ILE C 367 -54.33 17.41 -17.35
CA ILE C 367 -53.02 17.85 -16.91
C ILE C 367 -52.99 19.36 -16.77
N ARG C 368 -52.08 19.85 -15.95
CA ARG C 368 -52.00 21.28 -15.67
C ARG C 368 -50.58 21.65 -15.25
N ILE C 369 -50.29 22.94 -15.31
CA ILE C 369 -48.96 23.49 -14.99
C ILE C 369 -48.83 23.63 -13.49
N ASN C 370 -47.64 23.32 -12.96
CA ASN C 370 -47.39 23.45 -11.53
C ASN C 370 -45.93 23.86 -11.35
N GLY C 371 -45.69 25.16 -11.21
CA GLY C 371 -44.37 25.66 -10.90
C GLY C 371 -43.49 25.86 -12.12
N CYS C 372 -42.18 25.89 -11.88
CA CYS C 372 -41.18 26.08 -12.92
C CYS C 372 -39.99 25.19 -12.63
N ALA C 373 -39.24 24.86 -13.68
CA ALA C 373 -38.08 24.00 -13.54
C ALA C 373 -36.95 24.48 -14.46
N ILE C 374 -35.72 24.15 -14.08
CA ILE C 374 -34.53 24.51 -14.82
C ILE C 374 -33.61 23.30 -14.86
N GLN C 375 -32.98 23.06 -16.00
CA GLN C 375 -32.05 21.95 -16.17
C GLN C 375 -30.69 22.48 -16.61
N CYS C 376 -29.63 21.91 -16.06
CA CYS C 376 -28.27 22.25 -16.45
C CYS C 376 -27.46 20.97 -16.63
N ARG C 377 -26.67 20.94 -17.69
CA ARG C 377 -25.86 19.78 -18.04
C ARG C 377 -24.43 20.02 -17.58
N VAL C 378 -23.91 19.14 -16.73
CA VAL C 378 -22.56 19.27 -16.19
C VAL C 378 -21.62 18.43 -17.04
N THR C 379 -20.64 19.07 -17.64
CA THR C 379 -19.71 18.43 -18.56
C THR C 379 -18.27 18.64 -18.07
N THR C 380 -17.33 18.11 -18.85
CA THR C 380 -15.90 18.26 -18.58
C THR C 380 -15.22 19.15 -19.61
N GLU C 381 -15.89 20.23 -20.00
CA GLU C 381 -15.39 21.14 -21.02
C GLU C 381 -14.75 22.36 -20.35
N ASP C 382 -13.51 22.64 -20.71
CA ASP C 382 -12.82 23.81 -20.18
C ASP C 382 -13.54 25.06 -20.66
N PRO C 383 -14.17 25.83 -19.77
CA PRO C 383 -14.98 26.97 -20.22
C PRO C 383 -14.17 28.21 -20.56
N ALA C 384 -12.85 28.11 -20.65
CA ALA C 384 -12.00 29.24 -20.94
C ALA C 384 -11.37 29.17 -22.32
N ARG C 385 -10.63 28.08 -22.61
CA ARG C 385 -9.87 28.02 -23.86
C ARG C 385 -10.75 28.01 -25.11
N SER C 386 -11.50 26.93 -25.36
CA SER C 386 -12.40 26.88 -26.50
C SER C 386 -13.65 26.04 -26.22
N PHE C 387 -14.02 25.88 -24.95
CA PHE C 387 -14.92 24.80 -24.53
C PHE C 387 -14.37 23.44 -24.97
N GLN C 388 -13.05 23.28 -24.88
CA GLN C 388 -12.39 22.06 -25.33
C GLN C 388 -12.61 20.94 -24.31
N PRO C 389 -12.95 19.74 -24.73
CA PRO C 389 -13.15 18.65 -23.78
C PRO C 389 -11.86 18.32 -23.02
N ASP C 390 -12.02 17.95 -21.77
CA ASP C 390 -10.91 17.56 -20.91
C ASP C 390 -11.13 16.14 -20.40
N THR C 391 -10.03 15.39 -20.30
CA THR C 391 -10.07 14.00 -19.87
C THR C 391 -9.12 13.80 -18.70
N GLY C 392 -9.45 12.86 -17.83
CA GLY C 392 -8.63 12.62 -16.66
C GLY C 392 -9.30 11.65 -15.72
N ARG C 393 -8.94 11.74 -14.45
CA ARG C 393 -9.46 10.88 -13.41
C ARG C 393 -10.09 11.73 -12.31
N ILE C 394 -11.31 11.37 -11.92
CA ILE C 394 -12.01 12.09 -10.87
C ILE C 394 -11.50 11.61 -9.52
N GLU C 395 -11.08 12.57 -8.68
CA GLU C 395 -10.52 12.26 -7.38
C GLU C 395 -11.47 12.55 -6.23
N VAL C 396 -12.32 13.56 -6.37
CA VAL C 396 -13.29 13.92 -5.34
C VAL C 396 -14.64 14.09 -6.00
N PHE C 397 -15.67 13.45 -5.46
CA PHE C 397 -17.03 13.61 -5.93
C PHE C 397 -17.98 13.75 -4.75
N ARG C 398 -18.96 14.64 -4.90
CA ARG C 398 -19.96 14.86 -3.86
C ARG C 398 -21.23 15.35 -4.54
N SER C 399 -22.35 15.23 -3.82
CA SER C 399 -23.66 15.56 -4.37
C SER C 399 -24.44 16.43 -3.40
N GLY C 400 -25.36 17.21 -3.95
CA GLY C 400 -26.23 18.05 -3.16
C GLY C 400 -27.69 17.83 -3.47
N GLU C 401 -28.45 17.38 -2.48
CA GLU C 401 -29.87 17.05 -2.63
C GLU C 401 -30.67 17.81 -1.59
N GLY C 402 -31.68 18.55 -2.04
CA GLY C 402 -32.48 19.39 -1.18
C GLY C 402 -33.96 19.24 -1.46
N MET C 403 -34.69 20.32 -1.18
CA MET C 403 -36.15 20.30 -1.35
C MET C 403 -36.53 20.09 -2.81
N GLY C 404 -35.98 20.91 -3.71
CA GLY C 404 -36.39 20.86 -5.10
C GLY C 404 -35.29 20.47 -6.06
N ILE C 405 -34.47 19.51 -5.67
CA ILE C 405 -33.35 19.05 -6.48
C ILE C 405 -33.54 17.58 -6.83
N ARG C 406 -33.56 17.30 -8.12
CA ARG C 406 -33.57 15.94 -8.64
C ARG C 406 -32.28 15.68 -9.39
N LEU C 407 -31.65 14.54 -9.10
CA LEU C 407 -30.33 14.23 -9.60
C LEU C 407 -30.38 12.95 -10.42
N ASP C 408 -29.64 12.94 -11.53
CA ASP C 408 -29.56 11.78 -12.43
C ASP C 408 -28.09 11.48 -12.68
N ASN C 409 -27.48 10.70 -11.79
CA ASN C 409 -26.05 10.40 -11.86
C ASN C 409 -25.83 9.41 -13.01
N ALA C 410 -25.16 9.88 -14.06
CA ALA C 410 -24.88 9.01 -15.20
C ALA C 410 -23.62 8.16 -14.97
N SER C 411 -22.47 8.81 -14.83
CA SER C 411 -21.20 8.10 -14.71
C SER C 411 -20.27 8.82 -13.74
N ALA C 412 -20.83 9.49 -12.74
CA ALA C 412 -20.06 10.29 -11.80
C ALA C 412 -20.01 9.57 -10.46
N PHE C 413 -18.80 9.15 -10.07
CA PHE C 413 -18.60 8.48 -8.79
C PHE C 413 -17.13 8.59 -8.42
N GLN C 414 -16.84 8.26 -7.17
CA GLN C 414 -15.48 8.36 -6.66
C GLN C 414 -14.54 7.48 -7.46
N GLY C 415 -13.40 8.04 -7.87
CA GLY C 415 -12.40 7.29 -8.61
C GLY C 415 -12.85 6.83 -9.98
N ALA C 416 -13.56 7.67 -10.72
CA ALA C 416 -14.05 7.35 -12.04
C ALA C 416 -13.09 7.89 -13.10
N VAL C 417 -12.98 7.18 -14.21
CA VAL C 417 -12.15 7.59 -15.34
C VAL C 417 -13.05 8.00 -16.49
N ILE C 418 -12.88 9.23 -16.98
CA ILE C 418 -13.66 9.74 -18.09
C ILE C 418 -12.90 9.48 -19.39
N SER C 419 -13.56 8.83 -20.36
CA SER C 419 -12.99 8.44 -21.64
C SER C 419 -13.20 9.52 -22.69
N PRO C 420 -12.27 9.64 -23.64
CA PRO C 420 -12.43 10.62 -24.72
C PRO C 420 -13.17 10.09 -25.94
N HIS C 421 -13.78 8.90 -25.86
CA HIS C 421 -14.45 8.32 -27.01
C HIS C 421 -15.94 8.65 -27.08
N TYR C 422 -16.57 8.96 -25.95
CA TYR C 422 -18.01 9.12 -25.89
C TYR C 422 -18.37 10.54 -25.49
N ASP C 423 -19.64 10.78 -25.24
CA ASP C 423 -20.08 12.09 -24.77
C ASP C 423 -19.44 12.40 -23.42
N SER C 424 -19.44 13.68 -23.06
CA SER C 424 -18.74 14.18 -21.88
C SER C 424 -19.72 14.70 -20.83
N LEU C 425 -20.80 13.97 -20.61
CA LEU C 425 -21.80 14.34 -19.61
C LEU C 425 -21.51 13.63 -18.29
N LEU C 426 -21.44 14.40 -17.21
CA LEU C 426 -21.21 13.84 -15.89
C LEU C 426 -22.52 13.62 -15.12
N VAL C 427 -23.27 14.70 -14.88
CA VAL C 427 -24.50 14.66 -14.11
C VAL C 427 -25.52 15.58 -14.76
N LYS C 428 -26.78 15.16 -14.75
CA LYS C 428 -27.90 15.98 -15.19
C LYS C 428 -28.64 16.44 -13.93
N VAL C 429 -28.57 17.73 -13.64
CA VAL C 429 -29.15 18.30 -12.44
C VAL C 429 -30.39 19.11 -12.80
N ILE C 430 -31.49 18.86 -12.10
CA ILE C 430 -32.75 19.55 -12.34
C ILE C 430 -33.20 20.20 -11.04
N ALA C 431 -33.67 21.44 -11.13
CA ALA C 431 -34.15 22.18 -9.97
C ALA C 431 -35.59 22.62 -10.22
N HIS C 432 -36.44 22.44 -9.22
CA HIS C 432 -37.85 22.78 -9.31
C HIS C 432 -38.24 23.71 -8.17
N GLY C 433 -39.05 24.71 -8.47
CA GLY C 433 -39.53 25.65 -7.49
C GLY C 433 -40.84 26.26 -7.95
N LYS C 434 -41.41 27.10 -7.09
CA LYS C 434 -42.69 27.72 -7.41
C LYS C 434 -42.54 28.91 -8.36
N ASP C 435 -41.33 29.42 -8.53
CA ASP C 435 -41.10 30.56 -9.40
C ASP C 435 -39.72 30.45 -10.04
N HIS C 436 -39.53 31.21 -11.12
CA HIS C 436 -38.26 31.20 -11.84
C HIS C 436 -37.09 31.65 -10.98
N PRO C 437 -37.12 32.81 -10.30
CA PRO C 437 -35.97 33.19 -9.47
C PRO C 437 -35.69 32.21 -8.35
N THR C 438 -36.73 31.65 -7.72
CA THR C 438 -36.53 30.69 -6.66
C THR C 438 -35.83 29.44 -7.17
N ALA C 439 -36.26 28.93 -8.32
CA ALA C 439 -35.61 27.76 -8.91
C ALA C 439 -34.17 28.07 -9.27
N ALA C 440 -33.91 29.26 -9.81
CA ALA C 440 -32.55 29.64 -10.16
C ALA C 440 -31.66 29.69 -8.93
N THR C 441 -32.15 30.28 -7.83
CA THR C 441 -31.37 30.34 -6.61
C THR C 441 -31.11 28.97 -6.03
N LYS C 442 -32.13 28.09 -6.07
CA LYS C 442 -31.94 26.73 -5.60
C LYS C 442 -30.88 26.00 -6.42
N MET C 443 -30.91 26.18 -7.75
CA MET C 443 -29.91 25.55 -8.59
C MET C 443 -28.52 26.10 -8.31
N SER C 444 -28.42 27.42 -8.07
CA SER C 444 -27.12 27.99 -7.72
C SER C 444 -26.59 27.39 -6.43
N ARG C 445 -27.45 27.24 -5.43
CA ARG C 445 -27.04 26.61 -4.18
C ARG C 445 -26.59 25.17 -4.41
N ALA C 446 -27.34 24.43 -5.21
CA ALA C 446 -26.98 23.04 -5.48
C ALA C 446 -25.64 22.94 -6.18
N LEU C 447 -25.41 23.79 -7.18
CA LEU C 447 -24.12 23.79 -7.88
C LEU C 447 -22.98 24.15 -6.95
N ALA C 448 -23.20 25.13 -6.07
CA ALA C 448 -22.18 25.46 -5.08
C ALA C 448 -21.90 24.28 -4.16
N GLU C 449 -22.93 23.48 -3.86
CA GLU C 449 -22.75 22.35 -2.96
C GLU C 449 -21.99 21.21 -3.63
N PHE C 450 -22.06 21.09 -4.95
CA PHE C 450 -21.28 20.07 -5.65
C PHE C 450 -19.79 20.32 -5.48
N ARG C 451 -19.01 19.24 -5.57
CA ARG C 451 -17.55 19.34 -5.48
C ARG C 451 -16.95 18.28 -6.40
N VAL C 452 -16.31 18.73 -7.47
CA VAL C 452 -15.63 17.86 -8.42
C VAL C 452 -14.18 18.30 -8.51
N ARG C 453 -13.27 17.42 -8.10
CA ARG C 453 -11.85 17.71 -8.10
C ARG C 453 -11.11 16.72 -8.98
N GLY C 454 -10.07 17.21 -9.65
CA GLY C 454 -9.23 16.36 -10.47
C GLY C 454 -9.38 16.59 -11.95
N VAL C 455 -10.62 16.79 -12.40
CA VAL C 455 -10.92 17.04 -13.80
C VAL C 455 -11.58 18.41 -13.89
N LYS C 456 -10.98 19.30 -14.67
CA LYS C 456 -11.53 20.64 -14.83
C LYS C 456 -12.88 20.59 -15.53
N THR C 457 -13.83 21.35 -15.01
CA THR C 457 -15.20 21.34 -15.49
C THR C 457 -15.76 22.75 -15.57
N ASN C 458 -17.07 22.89 -15.77
CA ASN C 458 -17.66 24.18 -16.10
C ASN C 458 -18.79 24.59 -15.15
N ILE C 459 -18.60 24.38 -13.84
CA ILE C 459 -19.58 24.92 -12.90
C ILE C 459 -19.53 26.45 -12.89
N ALA C 460 -18.33 27.02 -12.99
CA ALA C 460 -18.18 28.46 -12.86
C ALA C 460 -18.93 29.21 -13.95
N PHE C 461 -18.88 28.70 -15.19
CA PHE C 461 -19.60 29.34 -16.28
C PHE C 461 -21.10 29.35 -16.02
N LEU C 462 -21.65 28.23 -15.56
CA LEU C 462 -23.07 28.18 -15.22
C LEU C 462 -23.40 29.09 -14.06
N GLN C 463 -22.49 29.22 -13.09
CA GLN C 463 -22.70 30.14 -11.99
C GLN C 463 -22.79 31.58 -12.50
N ASN C 464 -21.91 31.95 -13.43
CA ASN C 464 -21.98 33.28 -14.03
C ASN C 464 -23.29 33.46 -14.79
N VAL C 465 -23.73 32.43 -15.51
CA VAL C 465 -24.99 32.52 -16.23
C VAL C 465 -26.15 32.77 -15.27
N LEU C 466 -26.19 32.01 -14.17
CA LEU C 466 -27.28 32.17 -13.21
C LEU C 466 -27.18 33.45 -12.42
N ASN C 467 -25.99 34.05 -12.34
CA ASN C 467 -25.81 35.30 -11.62
C ASN C 467 -26.12 36.53 -12.46
N ASN C 468 -26.36 36.36 -13.76
CA ASN C 468 -26.69 37.51 -14.60
C ASN C 468 -28.07 38.03 -14.26
N GLN C 469 -28.22 39.36 -14.29
CA GLN C 469 -29.50 39.97 -13.97
C GLN C 469 -30.49 39.84 -15.12
N GLN C 470 -30.02 39.92 -16.36
CA GLN C 470 -30.93 39.80 -17.50
C GLN C 470 -31.47 38.37 -17.62
N PHE C 471 -30.65 37.38 -17.30
CA PHE C 471 -31.12 36.01 -17.27
C PHE C 471 -32.22 35.82 -16.24
N LEU C 472 -32.03 36.38 -15.04
CA LEU C 472 -33.05 36.27 -14.00
C LEU C 472 -34.27 37.12 -14.33
N ALA C 473 -34.12 38.12 -15.19
CA ALA C 473 -35.26 38.94 -15.58
C ALA C 473 -36.32 38.09 -16.28
N GLY C 474 -35.90 37.17 -17.14
CA GLY C 474 -36.82 36.27 -17.80
C GLY C 474 -36.61 36.13 -19.29
N THR C 475 -36.19 37.20 -19.96
CA THR C 475 -36.06 37.20 -21.41
C THR C 475 -34.59 37.08 -21.81
N VAL C 476 -34.30 36.11 -22.67
CA VAL C 476 -32.98 35.94 -23.28
C VAL C 476 -33.18 35.60 -24.75
N ASP C 477 -32.13 35.82 -25.53
CA ASP C 477 -32.16 35.56 -26.97
C ASP C 477 -31.11 34.52 -27.32
N THR C 478 -31.07 34.17 -28.62
CA THR C 478 -30.09 33.20 -29.07
C THR C 478 -28.68 33.79 -29.11
N GLN C 479 -28.58 35.07 -29.45
CA GLN C 479 -27.30 35.78 -29.48
C GLN C 479 -26.83 36.19 -28.09
N PHE C 480 -27.48 35.70 -27.04
CA PHE C 480 -27.21 36.19 -25.69
C PHE C 480 -25.76 35.92 -25.29
N ILE C 481 -25.25 34.72 -25.54
CA ILE C 481 -23.87 34.42 -25.19
C ILE C 481 -22.90 35.15 -26.10
N ASP C 482 -23.32 35.48 -27.32
CA ASP C 482 -22.41 36.08 -28.29
C ASP C 482 -22.11 37.54 -27.94
N GLU C 483 -23.08 38.24 -27.35
CA GLU C 483 -22.95 39.67 -27.08
C GLU C 483 -22.52 39.98 -25.66
N ASN C 484 -22.15 38.97 -24.87
CA ASN C 484 -21.70 39.17 -23.49
C ASN C 484 -20.37 38.45 -23.27
N PRO C 485 -19.25 39.02 -23.72
CA PRO C 485 -17.93 38.37 -23.52
C PRO C 485 -17.34 38.70 -22.15
N GLU C 486 -18.09 38.36 -21.10
CA GLU C 486 -17.61 38.53 -19.73
C GLU C 486 -17.83 37.25 -18.95
N LEU C 487 -18.80 36.44 -19.39
CA LEU C 487 -19.10 35.18 -18.73
C LEU C 487 -17.90 34.25 -18.81
N PHE C 488 -17.26 34.18 -19.98
CA PHE C 488 -16.09 33.33 -20.15
C PHE C 488 -14.93 33.78 -19.27
N GLN C 489 -14.63 35.08 -19.32
CA GLN C 489 -13.42 35.60 -18.67
C GLN C 489 -13.55 35.57 -17.15
N LEU C 490 -14.69 36.06 -16.63
CA LEU C 490 -14.83 36.19 -15.15
C LEU C 490 -15.10 34.84 -14.48
N ARG C 491 -14.11 33.96 -14.43
CA ARG C 491 -14.28 32.67 -13.72
C ARG C 491 -13.76 32.82 -12.28
N PRO C 492 -14.58 32.57 -11.23
CA PRO C 492 -14.10 32.61 -9.84
C PRO C 492 -12.98 31.58 -9.64
N ALA C 493 -11.92 31.96 -8.90
CA ALA C 493 -10.77 31.04 -8.76
C ALA C 493 -10.41 30.79 -7.29
N GLN C 494 -11.37 30.35 -6.47
CA GLN C 494 -11.04 29.98 -5.07
C GLN C 494 -10.30 28.66 -5.11
N ASN C 495 -10.99 27.58 -5.51
CA ASN C 495 -10.38 26.22 -5.66
C ASN C 495 -9.16 25.98 -4.76
N ARG C 496 -9.33 26.00 -3.43
CA ARG C 496 -8.21 25.64 -2.53
C ARG C 496 -8.51 24.25 -1.98
N ALA C 497 -8.07 23.94 -0.75
CA ALA C 497 -8.32 22.61 -0.10
C ALA C 497 -7.76 21.49 -0.96
N GLN C 498 -8.35 21.23 -2.13
CA GLN C 498 -7.76 20.25 -3.02
C GLN C 498 -6.30 20.58 -3.31
N LYS C 499 -5.97 21.87 -3.40
CA LYS C 499 -4.58 22.26 -3.55
C LYS C 499 -3.78 21.90 -2.31
N LEU C 500 -4.40 22.02 -1.12
CA LEU C 500 -3.72 21.59 0.09
C LEU C 500 -3.41 20.10 0.03
N LEU C 501 -4.38 19.29 -0.40
CA LEU C 501 -4.15 17.86 -0.50
C LEU C 501 -3.09 17.55 -1.55
N HIS C 502 -3.09 18.30 -2.65
CA HIS C 502 -2.05 18.13 -3.66
C HIS C 502 -0.68 18.43 -3.07
N TYR C 503 -0.57 19.48 -2.26
CA TYR C 503 0.69 19.81 -1.61
C TYR C 503 1.11 18.70 -0.65
N LEU C 504 0.15 18.15 0.09
CA LEU C 504 0.46 17.05 1.01
C LEU C 504 0.97 15.83 0.25
N GLY C 505 0.32 15.50 -0.86
CA GLY C 505 0.79 14.39 -1.68
C GLY C 505 2.16 14.67 -2.28
N HIS C 506 2.41 15.92 -2.66
CA HIS C 506 3.72 16.33 -3.15
C HIS C 506 4.79 16.06 -2.10
N VAL C 507 4.52 16.44 -0.85
CA VAL C 507 5.49 16.23 0.22
C VAL C 507 5.67 14.74 0.47
N MET C 508 4.57 13.98 0.50
CA MET C 508 4.67 12.55 0.79
C MET C 508 5.46 11.82 -0.29
N VAL C 509 5.25 12.18 -1.55
CA VAL C 509 5.88 11.48 -2.67
C VAL C 509 7.27 12.02 -2.96
N ASN C 510 7.39 13.32 -3.17
CA ASN C 510 8.63 13.93 -3.63
C ASN C 510 9.51 14.42 -2.48
N GLY C 511 9.10 14.22 -1.24
CA GLY C 511 9.91 14.59 -0.11
C GLY C 511 10.02 16.08 0.10
N PRO C 512 11.03 16.51 0.84
CA PRO C 512 11.17 17.93 1.16
C PRO C 512 11.49 18.77 -0.07
N THR C 513 11.00 20.01 -0.06
CA THR C 513 11.35 20.97 -1.11
C THR C 513 12.48 21.89 -0.68
N THR C 514 12.52 22.24 0.60
CA THR C 514 13.59 23.06 1.13
C THR C 514 14.85 22.21 1.34
N PRO C 515 16.03 22.83 1.30
CA PRO C 515 17.26 22.08 1.59
C PRO C 515 17.25 21.52 3.01
N ILE C 516 17.78 20.32 3.16
CA ILE C 516 17.85 19.67 4.46
C ILE C 516 19.33 19.55 4.85
N PRO C 517 19.81 20.40 5.75
CA PRO C 517 21.25 20.38 6.08
C PRO C 517 21.71 19.09 6.75
N VAL C 518 21.07 18.71 7.86
CA VAL C 518 21.51 17.58 8.66
C VAL C 518 20.35 16.58 8.75
N LYS C 519 20.68 15.30 8.64
CA LYS C 519 19.68 14.23 8.68
C LYS C 519 19.14 14.13 10.10
N ALA C 520 17.97 14.72 10.32
CA ALA C 520 17.33 14.72 11.62
C ALA C 520 15.81 14.81 11.44
N SER C 521 15.09 14.42 12.49
CA SER C 521 13.64 14.37 12.44
C SER C 521 13.05 15.14 13.62
N PRO C 522 11.92 15.81 13.43
CA PRO C 522 11.29 16.52 14.55
C PRO C 522 10.91 15.59 15.69
N SER C 523 11.07 16.08 16.91
CA SER C 523 10.74 15.28 18.08
C SER C 523 9.24 15.36 18.38
N PRO C 524 8.67 14.31 18.97
CA PRO C 524 7.23 14.31 19.31
C PRO C 524 6.95 14.92 20.68
N THR C 525 6.93 16.25 20.75
CA THR C 525 6.60 16.95 21.98
C THR C 525 6.11 18.36 21.62
N ASP C 526 4.82 18.59 21.82
CA ASP C 526 4.24 19.91 21.53
C ASP C 526 4.69 20.92 22.58
N PRO C 527 4.99 22.15 22.19
CA PRO C 527 5.35 23.17 23.18
C PRO C 527 4.22 23.43 24.16
N VAL C 528 4.60 23.77 25.40
CA VAL C 528 3.66 23.96 26.49
C VAL C 528 3.29 25.44 26.52
N VAL C 529 2.07 25.76 26.10
CA VAL C 529 1.57 27.13 26.11
C VAL C 529 1.04 27.41 27.52
N PRO C 530 1.53 28.45 28.20
CA PRO C 530 1.06 28.75 29.55
C PRO C 530 -0.28 29.47 29.54
N ALA C 531 -0.86 29.60 30.74
CA ALA C 531 -2.15 30.22 30.90
C ALA C 531 -2.02 31.74 30.88
N VAL C 532 -3.09 32.39 30.40
CA VAL C 532 -3.11 33.85 30.27
C VAL C 532 -4.48 34.35 30.74
N PRO C 533 -4.56 35.61 31.18
CA PRO C 533 -5.87 36.20 31.49
C PRO C 533 -6.66 36.50 30.23
N ILE C 534 -7.83 37.14 30.38
CA ILE C 534 -8.76 37.33 29.28
C ILE C 534 -8.88 38.80 28.88
N GLY C 535 -8.81 39.70 29.85
CA GLY C 535 -9.11 41.10 29.62
C GLY C 535 -8.10 41.81 28.75
N PRO C 536 -8.32 43.10 28.51
CA PRO C 536 -7.41 43.86 27.66
C PRO C 536 -6.04 43.92 28.29
N PRO C 537 -4.98 44.00 27.47
CA PRO C 537 -3.62 43.97 27.99
C PRO C 537 -3.29 45.25 28.74
N PRO C 538 -2.27 45.23 29.59
CA PRO C 538 -1.88 46.46 30.32
C PRO C 538 -1.18 47.46 29.42
N ALA C 539 -0.69 48.54 30.01
CA ALA C 539 -0.04 49.62 29.27
C ALA C 539 1.47 49.46 29.30
N GLY C 540 2.11 49.71 28.16
CA GLY C 540 3.55 49.66 28.05
C GLY C 540 4.15 50.97 27.60
N PHE C 541 4.76 50.97 26.41
CA PHE C 541 5.37 52.17 25.86
C PHE C 541 4.59 52.74 24.68
N ARG C 542 3.73 51.94 24.04
CA ARG C 542 3.07 52.40 22.82
C ARG C 542 2.18 53.61 23.09
N ASP C 543 1.49 53.63 24.23
CA ASP C 543 0.70 54.79 24.60
C ASP C 543 1.56 56.05 24.72
N ILE C 544 2.78 55.91 25.25
CA ILE C 544 3.70 57.03 25.30
C ILE C 544 4.03 57.51 23.89
N LEU C 545 4.25 56.58 22.96
CA LEU C 545 4.51 56.97 21.57
C LEU C 545 3.33 57.74 20.97
N LEU C 546 2.11 57.25 21.19
CA LEU C 546 0.95 57.91 20.60
C LEU C 546 0.71 59.28 21.21
N ARG C 547 0.86 59.41 22.53
CA ARG C 547 0.58 60.67 23.19
C ARG C 547 1.61 61.76 22.90
N GLU C 548 2.78 61.40 22.40
CA GLU C 548 3.88 62.34 22.26
C GLU C 548 4.48 62.17 20.87
N GLY C 549 5.63 62.82 20.65
CA GLY C 549 6.39 62.68 19.44
C GLY C 549 7.72 62.01 19.70
N PRO C 550 8.58 61.96 18.68
CA PRO C 550 9.92 61.39 18.89
C PRO C 550 10.72 62.11 19.96
N GLU C 551 10.61 63.44 20.04
CA GLU C 551 11.31 64.18 21.09
C GLU C 551 10.77 63.83 22.47
N GLY C 552 9.44 63.73 22.60
CA GLY C 552 8.86 63.33 23.86
C GLY C 552 9.27 61.94 24.28
N PHE C 553 9.32 61.01 23.31
CA PHE C 553 9.81 59.67 23.61
C PHE C 553 11.26 59.69 24.06
N ALA C 554 12.10 60.49 23.38
CA ALA C 554 13.50 60.57 23.77
C ALA C 554 13.65 61.08 25.18
N ARG C 555 12.94 62.16 25.51
CA ARG C 555 13.03 62.71 26.86
C ARG C 555 12.50 61.73 27.90
N ALA C 556 11.37 61.08 27.62
CA ALA C 556 10.81 60.14 28.58
C ALA C 556 11.74 58.97 28.82
N VAL C 557 12.34 58.43 27.76
CA VAL C 557 13.29 57.33 27.92
C VAL C 557 14.51 57.79 28.71
N ARG C 558 15.01 58.98 28.40
CA ARG C 558 16.20 59.50 29.10
C ARG C 558 15.91 59.70 30.59
N ASN C 559 14.69 60.10 30.93
CA ASN C 559 14.36 60.41 32.31
C ASN C 559 14.27 59.18 33.20
N HIS C 560 14.31 57.97 32.64
CA HIS C 560 14.14 56.77 33.45
C HIS C 560 15.30 56.59 34.43
N PRO C 561 15.04 56.44 35.72
CA PRO C 561 16.10 56.05 36.67
C PRO C 561 16.29 54.54 36.63
N GLY C 562 17.42 54.11 36.06
CA GLY C 562 17.70 52.69 36.01
C GLY C 562 17.89 52.13 34.62
N LEU C 563 17.36 50.94 34.37
CA LEU C 563 17.62 50.20 33.13
C LEU C 563 16.31 49.66 32.57
N LEU C 564 16.28 49.47 31.26
CA LEU C 564 15.15 48.87 30.56
C LEU C 564 15.60 47.59 29.85
N LEU C 565 14.62 46.81 29.41
CA LEU C 565 14.84 45.57 28.69
C LEU C 565 14.14 45.62 27.34
N MET C 566 14.80 45.08 26.32
CA MET C 566 14.24 45.00 24.97
C MET C 566 14.66 43.68 24.36
N ASP C 567 13.88 43.17 23.41
CA ASP C 567 14.09 41.83 22.87
C ASP C 567 14.05 41.83 21.35
N THR C 568 14.95 41.07 20.74
CA THR C 568 15.07 40.97 19.28
C THR C 568 15.09 39.51 18.83
N THR C 569 14.61 38.60 19.68
CA THR C 569 14.59 37.20 19.26
C THR C 569 13.66 36.96 18.09
N PHE C 570 12.73 37.88 17.82
CA PHE C 570 11.90 37.81 16.64
C PHE C 570 12.65 38.23 15.37
N ARG C 571 13.78 38.88 15.51
CA ARG C 571 14.54 39.28 14.32
C ARG C 571 15.97 38.77 14.31
N ASP C 572 16.69 38.87 15.42
CA ASP C 572 18.14 38.66 15.39
C ASP C 572 18.55 37.26 15.84
N ALA C 573 17.95 36.75 16.92
CA ALA C 573 18.21 35.38 17.32
C ALA C 573 17.84 34.40 16.21
N HIS C 574 16.96 34.81 15.30
CA HIS C 574 16.64 34.01 14.12
C HIS C 574 17.90 33.57 13.39
N GLN C 575 18.68 34.53 12.89
CA GLN C 575 19.92 34.18 12.21
C GLN C 575 21.03 33.82 13.19
N SER C 576 20.91 34.24 14.46
CA SER C 576 21.95 33.91 15.42
C SER C 576 22.02 32.40 15.68
N LEU C 577 20.87 31.78 15.94
CA LEU C 577 20.82 30.36 16.24
C LEU C 577 20.37 29.50 15.07
N LEU C 578 19.53 30.03 14.19
CA LEU C 578 19.07 29.32 13.01
C LEU C 578 19.52 30.08 11.77
N ALA C 579 19.01 29.66 10.61
CA ALA C 579 19.22 30.38 9.36
C ALA C 579 18.06 31.31 9.04
N THR C 580 17.44 31.89 10.07
CA THR C 580 16.23 32.69 9.95
C THR C 580 15.13 31.86 9.28
N ARG C 581 14.85 30.72 9.90
CA ARG C 581 13.93 29.73 9.35
C ARG C 581 12.69 29.54 10.21
N VAL C 582 12.35 30.50 11.07
CA VAL C 582 11.20 30.34 11.95
C VAL C 582 9.92 30.62 11.17
N ARG C 583 8.99 29.68 11.23
CA ARG C 583 7.72 29.82 10.54
C ARG C 583 6.90 30.94 11.17
N THR C 584 5.92 31.41 10.40
CA THR C 584 5.02 32.47 10.85
C THR C 584 3.84 31.94 11.65
N HIS C 585 3.48 30.67 11.48
CA HIS C 585 2.31 30.11 12.16
C HIS C 585 2.53 30.07 13.67
N ASP C 586 3.66 29.50 14.10
CA ASP C 586 3.97 29.46 15.53
C ASP C 586 4.36 30.83 16.07
N LEU C 587 4.66 31.78 15.20
CA LEU C 587 4.96 33.14 15.66
C LEU C 587 3.73 33.81 16.27
N LYS C 588 2.57 33.65 15.66
CA LYS C 588 1.36 34.28 16.16
C LYS C 588 0.64 33.40 17.18
N LYS C 589 1.40 32.93 18.16
CA LYS C 589 0.86 32.09 19.22
C LYS C 589 1.10 32.64 20.61
N ILE C 590 2.24 33.29 20.87
CA ILE C 590 2.55 33.84 22.16
C ILE C 590 2.22 35.32 22.25
N ALA C 591 1.73 35.92 21.17
CA ALA C 591 1.31 37.33 21.22
C ALA C 591 0.31 37.61 22.34
N PRO C 592 -0.72 36.79 22.58
CA PRO C 592 -1.56 37.03 23.77
C PRO C 592 -0.80 36.92 25.08
N TYR C 593 0.20 36.04 25.14
CA TYR C 593 0.88 35.79 26.40
C TYR C 593 1.78 36.95 26.81
N VAL C 594 2.74 37.32 25.96
CA VAL C 594 3.68 38.38 26.30
C VAL C 594 2.95 39.69 26.52
N ALA C 595 1.81 39.88 25.85
CA ALA C 595 1.03 41.10 26.02
C ALA C 595 0.52 41.24 27.45
N HIS C 596 0.17 40.13 28.09
CA HIS C 596 -0.35 40.18 29.45
C HIS C 596 0.72 39.93 30.51
N ASN C 597 1.97 39.74 30.11
CA ASN C 597 3.07 39.52 31.06
C ASN C 597 4.15 40.59 30.98
N PHE C 598 4.68 40.86 29.79
CA PHE C 598 5.78 41.80 29.61
C PHE C 598 5.22 43.09 28.99
N SER C 599 5.00 44.09 29.85
CA SER C 599 4.62 45.42 29.39
C SER C 599 5.71 46.46 29.62
N LYS C 600 6.51 46.29 30.67
CA LYS C 600 7.62 47.21 30.96
C LYS C 600 8.76 47.07 29.97
N LEU C 601 8.77 46.00 29.17
CA LEU C 601 9.84 45.79 28.21
C LEU C 601 9.83 46.90 27.16
N PHE C 602 11.02 47.29 26.72
CA PHE C 602 11.18 48.50 25.93
C PHE C 602 10.41 48.44 24.62
N SER C 603 10.76 47.51 23.74
CA SER C 603 10.12 47.42 22.44
C SER C 603 10.35 46.03 21.86
N MET C 604 9.77 45.82 20.68
CA MET C 604 9.94 44.57 19.94
C MET C 604 10.51 44.86 18.56
N GLU C 605 11.20 43.88 17.99
CA GLU C 605 11.76 44.00 16.64
C GLU C 605 11.57 42.69 15.89
N ASN C 606 10.85 42.76 14.76
CA ASN C 606 10.57 41.60 13.93
C ASN C 606 11.18 41.69 12.54
N TRP C 607 10.90 42.75 11.79
CA TRP C 607 11.59 42.92 10.52
C TRP C 607 13.05 43.31 10.75
N GLY C 608 13.85 43.08 9.72
CA GLY C 608 15.26 43.40 9.75
C GLY C 608 15.93 43.00 8.47
N GLY C 609 17.25 43.02 8.48
CA GLY C 609 18.01 42.54 7.36
C GLY C 609 17.75 41.07 7.12
N ALA C 610 17.67 40.29 8.21
CA ALA C 610 17.33 38.87 8.11
C ALA C 610 15.82 38.68 8.22
N THR C 611 15.08 39.25 7.29
CA THR C 611 13.63 39.09 7.30
C THR C 611 13.06 38.65 5.96
N PHE C 612 13.63 39.10 4.86
CA PHE C 612 12.99 38.86 3.57
C PHE C 612 13.72 37.80 2.75
N ASP C 613 15.04 37.90 2.64
CA ASP C 613 15.78 37.07 1.70
C ASP C 613 15.68 35.58 2.00
N VAL C 614 15.27 35.21 3.21
CA VAL C 614 15.02 33.83 3.55
C VAL C 614 13.54 33.48 3.43
N ALA C 615 12.67 34.46 3.64
CA ALA C 615 11.22 34.28 3.56
C ALA C 615 10.72 34.15 2.13
N MET C 616 11.54 34.35 1.10
CA MET C 616 11.13 34.00 -0.26
C MET C 616 11.90 32.81 -0.80
N ARG C 617 12.91 32.29 -0.09
CA ARG C 617 13.80 31.28 -0.64
C ARG C 617 13.63 29.92 0.01
N PHE C 618 13.37 29.86 1.31
CA PHE C 618 13.22 28.59 2.00
C PHE C 618 11.86 28.44 2.67
N LEU C 619 11.42 29.43 3.42
CA LEU C 619 10.09 29.42 4.02
C LEU C 619 9.15 30.12 3.05
N TYR C 620 8.23 29.36 2.46
CA TYR C 620 7.40 29.90 1.41
C TYR C 620 6.20 30.66 1.98
N GLU C 621 6.45 31.84 2.56
CA GLU C 621 5.39 32.74 2.97
C GLU C 621 5.86 34.18 2.72
N CYS C 622 5.06 35.13 3.23
CA CYS C 622 5.31 36.54 2.98
C CYS C 622 5.59 37.26 4.28
N PRO C 623 6.72 37.97 4.40
CA PRO C 623 7.00 38.71 5.64
C PRO C 623 5.96 39.77 5.96
N TRP C 624 5.38 40.39 4.93
CA TRP C 624 4.32 41.37 5.14
C TRP C 624 3.20 40.75 5.97
N ARG C 625 2.69 39.61 5.49
CA ARG C 625 1.61 38.91 6.17
C ARG C 625 2.06 38.37 7.51
N ARG C 626 3.38 38.27 7.73
CA ARG C 626 3.90 38.04 9.08
C ARG C 626 3.81 39.31 9.92
N LEU C 627 3.70 40.47 9.28
CA LEU C 627 3.68 41.69 10.08
C LEU C 627 2.26 42.18 10.40
N GLN C 628 1.34 42.21 9.42
CA GLN C 628 0.10 42.95 9.66
C GLN C 628 -0.64 42.44 10.90
N GLU C 629 -0.55 41.14 11.17
CA GLU C 629 -1.30 40.59 12.31
C GLU C 629 -0.68 40.95 13.65
N LEU C 630 0.66 41.03 13.73
CA LEU C 630 1.30 41.22 15.02
C LEU C 630 1.08 42.64 15.56
N ARG C 631 0.56 43.54 14.74
CA ARG C 631 0.27 44.89 15.23
C ARG C 631 -0.87 44.87 16.25
N GLU C 632 -2.06 44.42 15.83
CA GLU C 632 -3.20 44.45 16.73
C GLU C 632 -3.19 43.31 17.74
N LEU C 633 -2.34 42.29 17.56
CA LEU C 633 -2.18 41.27 18.58
C LEU C 633 -1.55 41.85 19.84
N ILE C 634 -0.54 42.70 19.69
CA ILE C 634 0.19 43.25 20.83
C ILE C 634 0.20 44.78 20.75
N PRO C 635 -0.88 45.46 21.12
CA PRO C 635 -0.82 46.93 21.22
C PRO C 635 -0.29 47.35 22.58
N ASN C 636 0.79 46.73 23.03
CA ASN C 636 1.36 46.99 24.34
C ASN C 636 2.85 47.31 24.24
N ILE C 637 3.55 46.66 23.33
CA ILE C 637 5.00 46.78 23.18
C ILE C 637 5.29 47.38 21.81
N PRO C 638 6.04 48.48 21.74
CA PRO C 638 6.32 49.08 20.43
C PRO C 638 7.21 48.20 19.57
N PHE C 639 7.15 48.43 18.26
CA PHE C 639 7.82 47.62 17.27
C PHE C 639 8.96 48.38 16.61
N GLN C 640 10.07 47.67 16.37
CA GLN C 640 11.19 48.21 15.62
C GLN C 640 11.55 47.27 14.49
N MET C 641 12.21 47.82 13.47
CA MET C 641 12.71 47.03 12.36
C MET C 641 14.13 47.48 12.03
N LEU C 642 14.96 46.53 11.65
CA LEU C 642 16.35 46.82 11.29
C LEU C 642 16.39 47.19 9.81
N LEU C 643 16.59 48.47 9.52
CA LEU C 643 16.61 48.99 8.16
C LEU C 643 17.92 49.73 7.91
N ARG C 644 18.48 49.51 6.73
CA ARG C 644 19.71 50.16 6.35
C ARG C 644 19.41 51.48 5.62
N GLY C 645 20.45 52.06 5.02
CA GLY C 645 20.28 53.31 4.31
C GLY C 645 19.43 53.20 3.07
N ALA C 646 19.93 52.51 2.04
CA ALA C 646 19.18 52.32 0.81
C ALA C 646 18.59 50.92 0.74
N ASN C 647 19.43 49.89 0.87
CA ASN C 647 18.99 48.51 0.75
C ASN C 647 18.29 48.04 2.02
N ALA C 648 16.98 47.76 1.92
CA ALA C 648 16.26 47.20 3.05
C ALA C 648 16.82 45.82 3.41
N VAL C 649 16.95 44.95 2.41
CA VAL C 649 17.55 43.64 2.62
C VAL C 649 18.68 43.33 1.66
N GLY C 650 18.75 43.96 0.49
CA GLY C 650 19.72 43.60 -0.53
C GLY C 650 21.13 44.09 -0.25
N TYR C 651 21.93 44.20 -1.31
CA TYR C 651 23.32 44.59 -1.18
C TYR C 651 23.73 45.72 -2.12
N THR C 652 22.79 46.29 -2.86
CA THR C 652 23.07 47.41 -3.75
C THR C 652 22.14 48.56 -3.41
N ASN C 653 22.64 49.78 -3.57
CA ASN C 653 21.83 50.96 -3.28
C ASN C 653 20.74 51.11 -4.33
N TYR C 654 19.67 51.79 -3.94
CA TYR C 654 18.47 51.92 -4.75
C TYR C 654 18.17 53.39 -4.98
N PRO C 655 17.38 53.71 -6.00
CA PRO C 655 16.96 55.10 -6.18
C PRO C 655 16.25 55.63 -4.94
N ASP C 656 16.32 56.95 -4.77
CA ASP C 656 15.75 57.54 -3.55
C ASP C 656 14.27 57.23 -3.40
N ASN C 657 13.51 57.34 -4.49
CA ASN C 657 12.08 57.10 -4.43
C ASN C 657 11.77 55.70 -3.92
N VAL C 658 12.64 54.73 -4.20
CA VAL C 658 12.47 53.38 -3.67
C VAL C 658 12.45 53.42 -2.14
N VAL C 659 13.46 54.07 -1.55
CA VAL C 659 13.54 54.12 -0.09
C VAL C 659 12.39 54.94 0.49
N PHE C 660 12.07 56.08 -0.13
CA PHE C 660 10.88 56.82 0.28
C PHE C 660 9.67 55.90 0.36
N LYS C 661 9.25 55.36 -0.78
CA LYS C 661 7.99 54.61 -0.82
C LYS C 661 8.05 53.42 0.11
N PHE C 662 9.23 52.83 0.29
CA PHE C 662 9.38 51.77 1.28
C PHE C 662 9.05 52.29 2.68
N CYS C 663 9.53 53.47 3.02
CA CYS C 663 9.26 54.04 4.34
C CYS C 663 7.78 54.33 4.53
N GLU C 664 7.14 54.99 3.54
CA GLU C 664 5.72 55.29 3.72
C GLU C 664 4.87 54.02 3.75
N VAL C 665 5.19 53.02 2.93
CA VAL C 665 4.37 51.81 2.93
C VAL C 665 4.54 51.05 4.24
N ALA C 666 5.77 51.03 4.77
CA ALA C 666 5.99 50.39 6.07
C ALA C 666 5.22 51.11 7.17
N LYS C 667 5.27 52.45 7.18
CA LYS C 667 4.53 53.20 8.18
C LYS C 667 3.02 52.96 8.06
N GLU C 668 2.49 53.01 6.84
CA GLU C 668 1.05 52.88 6.67
C GLU C 668 0.57 51.46 6.97
N ASN C 669 1.44 50.47 6.79
CA ASN C 669 1.08 49.10 7.16
C ASN C 669 0.80 48.95 8.65
N GLY C 670 1.49 49.70 9.49
CA GLY C 670 1.31 49.59 10.93
C GLY C 670 2.61 49.74 11.69
N MET C 671 3.73 49.76 10.96
CA MET C 671 5.03 49.98 11.58
C MET C 671 5.10 51.41 12.11
N ASP C 672 5.72 51.57 13.28
CA ASP C 672 5.79 52.87 13.93
C ASP C 672 7.19 53.39 14.10
N VAL C 673 8.10 52.59 14.66
CA VAL C 673 9.45 53.02 14.96
C VAL C 673 10.38 52.46 13.90
N PHE C 674 11.21 53.34 13.32
CA PHE C 674 12.11 52.97 12.23
C PHE C 674 13.55 53.11 12.69
N ARG C 675 14.36 52.11 12.35
CA ARG C 675 15.80 52.14 12.62
C ARG C 675 16.53 52.25 11.30
N VAL C 676 17.23 53.36 11.09
CA VAL C 676 18.05 53.58 9.90
C VAL C 676 19.51 53.43 10.29
N PHE C 677 20.26 52.69 9.49
CA PHE C 677 21.61 52.29 9.86
C PHE C 677 22.44 52.14 8.59
N ASP C 678 23.76 52.19 8.77
CA ASP C 678 24.69 51.99 7.67
C ASP C 678 25.97 51.37 8.20
N SER C 679 26.60 50.53 7.37
CA SER C 679 27.89 49.97 7.74
C SER C 679 28.94 51.06 7.88
N LEU C 680 28.84 52.10 7.06
CA LEU C 680 29.70 53.28 7.12
C LEU C 680 28.90 54.47 7.61
N ASN C 681 29.54 55.64 7.58
CA ASN C 681 28.95 56.87 8.08
C ASN C 681 28.60 57.84 6.98
N TYR C 682 28.13 57.34 5.83
CA TYR C 682 27.75 58.21 4.72
C TYR C 682 26.42 58.87 5.03
N LEU C 683 26.48 60.10 5.55
CA LEU C 683 25.29 60.77 6.07
C LEU C 683 24.12 60.85 5.10
N PRO C 684 24.28 61.20 3.81
CA PRO C 684 23.09 61.48 2.99
C PRO C 684 22.07 60.37 2.94
N ASN C 685 22.48 59.10 3.04
CA ASN C 685 21.50 58.01 3.04
C ASN C 685 20.67 58.03 4.31
N MET C 686 21.32 58.20 5.46
CA MET C 686 20.57 58.32 6.71
C MET C 686 19.69 59.55 6.70
N LEU C 687 20.17 60.64 6.11
CA LEU C 687 19.35 61.85 5.99
C LEU C 687 18.10 61.56 5.16
N LEU C 688 18.27 60.83 4.06
CA LEU C 688 17.12 60.32 3.33
C LEU C 688 16.17 59.59 4.28
N GLY C 689 16.72 58.67 5.08
CA GLY C 689 15.87 57.90 5.99
C GLY C 689 15.09 58.77 6.96
N MET C 690 15.78 59.64 7.70
CA MET C 690 15.11 60.44 8.72
C MET C 690 14.13 61.44 8.13
N GLU C 691 14.51 62.15 7.06
CA GLU C 691 13.58 63.14 6.51
C GLU C 691 12.39 62.48 5.80
N ALA C 692 12.61 61.34 5.14
CA ALA C 692 11.48 60.61 4.57
C ALA C 692 10.53 60.15 5.67
N ALA C 693 11.08 59.62 6.76
CA ALA C 693 10.23 59.19 7.86
C ALA C 693 9.52 60.37 8.51
N GLY C 694 10.21 61.51 8.62
CA GLY C 694 9.55 62.70 9.16
C GLY C 694 8.42 63.17 8.29
N SER C 695 8.58 63.08 6.97
CA SER C 695 7.45 63.32 6.07
C SER C 695 6.32 62.33 6.35
N ALA C 696 6.67 61.06 6.57
CA ALA C 696 5.67 60.12 7.07
C ALA C 696 5.30 60.42 8.52
N GLY C 697 6.30 60.65 9.36
CA GLY C 697 6.08 60.90 10.78
C GLY C 697 6.36 59.68 11.63
N GLY C 698 7.52 59.64 12.27
CA GLY C 698 7.87 58.50 13.10
C GLY C 698 9.23 58.66 13.72
N VAL C 699 9.51 57.78 14.67
CA VAL C 699 10.76 57.82 15.43
C VAL C 699 11.86 57.10 14.65
N VAL C 700 13.01 57.73 14.52
CA VAL C 700 14.15 57.16 13.80
C VAL C 700 15.38 57.25 14.69
N GLU C 701 16.19 56.20 14.68
CA GLU C 701 17.41 56.15 15.47
C GLU C 701 18.48 55.40 14.70
N ALA C 702 19.74 55.72 15.00
CA ALA C 702 20.88 55.12 14.33
C ALA C 702 21.79 54.42 15.33
N ALA C 703 22.53 53.43 14.84
CA ALA C 703 23.44 52.65 15.65
C ALA C 703 24.84 52.71 15.06
N ILE C 704 25.84 52.57 15.93
CA ILE C 704 27.25 52.63 15.53
C ILE C 704 27.93 51.34 15.95
N SER C 705 28.49 50.62 14.99
CA SER C 705 29.30 49.46 15.31
C SER C 705 30.66 49.91 15.83
N TYR C 706 31.10 49.30 16.93
CA TYR C 706 32.36 49.66 17.56
C TYR C 706 33.35 48.52 17.43
N THR C 707 34.62 48.87 17.23
CA THR C 707 35.70 47.90 17.11
C THR C 707 37.00 48.57 17.53
N GLY C 708 37.92 47.77 18.06
CA GLY C 708 39.24 48.26 18.43
C GLY C 708 39.28 48.86 19.82
N ASP C 709 40.51 49.18 20.24
CA ASP C 709 40.76 49.74 21.56
C ASP C 709 41.44 51.10 21.43
N VAL C 710 40.94 52.07 22.19
CA VAL C 710 41.55 53.41 22.20
C VAL C 710 42.94 53.45 22.83
N ALA C 711 43.14 52.81 23.98
CA ALA C 711 44.41 52.91 24.68
C ALA C 711 45.44 51.91 24.20
N ASP C 712 45.04 50.93 23.39
CA ASP C 712 45.97 49.94 22.90
C ASP C 712 46.82 50.55 21.78
N PRO C 713 48.14 50.60 21.91
CA PRO C 713 48.97 51.08 20.79
C PRO C 713 48.82 50.23 19.54
N SER C 714 48.59 48.92 19.69
CA SER C 714 48.37 48.07 18.53
C SER C 714 47.10 48.48 17.79
N ARG C 715 46.03 48.79 18.52
CA ARG C 715 44.81 49.26 17.89
C ARG C 715 44.87 50.78 17.76
N THR C 716 45.43 51.24 16.64
CA THR C 716 45.77 52.64 16.46
C THR C 716 44.88 53.38 15.48
N LYS C 717 44.24 52.67 14.54
CA LYS C 717 43.50 53.35 13.48
C LYS C 717 42.40 54.26 14.02
N TYR C 718 41.57 53.76 14.93
CA TYR C 718 40.43 54.53 15.45
C TYR C 718 40.52 54.65 16.97
N SER C 719 40.83 55.86 17.42
CA SER C 719 40.74 56.24 18.82
C SER C 719 39.29 56.56 19.16
N LEU C 720 39.01 56.82 20.43
CA LEU C 720 37.68 57.27 20.81
C LEU C 720 37.32 58.56 20.08
N GLN C 721 38.29 59.45 19.91
CA GLN C 721 38.05 60.72 19.26
C GLN C 721 37.49 60.55 17.85
N TYR C 722 37.82 59.44 17.18
CA TYR C 722 37.09 59.05 15.99
C TYR C 722 35.59 58.91 16.28
N TYR C 723 35.25 58.12 17.28
CA TYR C 723 33.84 57.92 17.61
C TYR C 723 33.24 59.15 18.29
N MET C 724 34.04 59.93 19.01
CA MET C 724 33.53 61.19 19.54
C MET C 724 33.14 62.14 18.42
N GLY C 725 33.99 62.26 17.40
CA GLY C 725 33.62 63.05 16.24
C GLY C 725 32.42 62.48 15.51
N LEU C 726 32.34 61.15 15.44
CA LEU C 726 31.17 60.49 14.87
C LEU C 726 29.90 60.92 15.57
N ALA C 727 29.89 60.82 16.91
CA ALA C 727 28.78 61.30 17.70
C ALA C 727 28.51 62.77 17.43
N GLU C 728 29.58 63.55 17.25
CA GLU C 728 29.42 64.97 16.96
C GLU C 728 28.62 65.19 15.69
N GLU C 729 29.01 64.57 14.58
CA GLU C 729 28.28 64.85 13.34
C GLU C 729 26.87 64.29 13.41
N LEU C 730 26.69 63.12 14.00
CA LEU C 730 25.35 62.53 14.02
C LEU C 730 24.41 63.34 14.91
N VAL C 731 24.92 63.95 15.99
CA VAL C 731 24.06 64.76 16.82
C VAL C 731 23.85 66.13 16.19
N ARG C 732 24.81 66.61 15.39
CA ARG C 732 24.60 67.85 14.65
C ARG C 732 23.52 67.66 13.58
N ALA C 733 23.44 66.46 13.00
CA ALA C 733 22.42 66.20 11.99
C ALA C 733 21.02 66.41 12.55
N GLY C 734 20.82 66.14 13.84
CA GLY C 734 19.53 66.31 14.47
C GLY C 734 18.80 65.00 14.60
N THR C 735 18.85 64.40 15.79
CA THR C 735 18.28 63.07 15.98
C THR C 735 17.42 63.02 17.24
N HIS C 736 16.85 61.86 17.52
CA HIS C 736 16.03 61.64 18.70
C HIS C 736 16.59 60.56 19.61
N ILE C 737 16.94 59.40 19.06
CA ILE C 737 17.46 58.28 19.83
C ILE C 737 18.76 57.82 19.18
N LEU C 738 19.68 57.32 20.00
CA LEU C 738 20.94 56.76 19.52
C LEU C 738 21.15 55.36 20.07
N CYS C 739 21.83 54.54 19.30
CA CYS C 739 22.16 53.17 19.67
C CYS C 739 23.63 52.91 19.40
N ILE C 740 24.17 51.91 20.09
CA ILE C 740 25.55 51.47 19.90
C ILE C 740 25.52 49.98 19.60
N LYS C 741 26.24 49.58 18.56
CA LYS C 741 26.28 48.18 18.14
C LYS C 741 27.66 47.60 18.46
N ASP C 742 27.68 46.35 18.94
CA ASP C 742 28.90 45.57 19.12
C ASP C 742 28.63 44.23 18.43
N MET C 743 28.85 44.20 17.11
CA MET C 743 28.41 43.06 16.32
C MET C 743 29.21 41.80 16.65
N ALA C 744 30.51 41.95 16.90
CA ALA C 744 31.36 40.80 17.19
C ALA C 744 31.48 40.51 18.68
N GLY C 745 30.90 41.35 19.54
CA GLY C 745 30.98 41.12 20.97
C GLY C 745 32.38 41.28 21.52
N LEU C 746 32.99 42.45 21.32
CA LEU C 746 34.40 42.66 21.63
C LEU C 746 34.62 43.73 22.68
N LEU C 747 33.83 43.77 23.75
CA LEU C 747 33.81 44.92 24.65
C LEU C 747 34.53 44.57 25.94
N LYS C 748 35.61 45.28 26.23
CA LYS C 748 36.23 45.22 27.55
C LYS C 748 35.52 46.16 28.51
N PRO C 749 35.29 45.76 29.76
CA PRO C 749 34.58 46.65 30.70
C PRO C 749 35.22 48.01 30.86
N THR C 750 36.56 48.06 30.91
CA THR C 750 37.24 49.35 30.98
C THR C 750 36.96 50.17 29.72
N ALA C 751 36.97 49.51 28.56
CA ALA C 751 36.64 50.20 27.32
C ALA C 751 35.30 50.90 27.44
N CYS C 752 34.27 50.17 27.88
CA CYS C 752 32.95 50.76 28.04
C CYS C 752 32.97 51.91 29.04
N THR C 753 33.69 51.74 30.16
CA THR C 753 33.58 52.78 31.18
C THR C 753 34.19 54.10 30.70
N MET C 754 35.39 54.08 30.10
CA MET C 754 35.88 55.41 29.69
C MET C 754 35.15 55.88 28.43
N LEU C 755 34.64 54.96 27.62
CA LEU C 755 33.88 55.35 26.44
C LEU C 755 32.62 56.12 26.83
N VAL C 756 31.85 55.56 27.77
CA VAL C 756 30.64 56.25 28.22
C VAL C 756 31.01 57.50 29.01
N SER C 757 32.11 57.47 29.77
CA SER C 757 32.56 58.68 30.45
C SER C 757 32.86 59.79 29.44
N SER C 758 33.34 59.42 28.26
CA SER C 758 33.57 60.41 27.21
C SER C 758 32.27 60.88 26.58
N LEU C 759 31.30 59.98 26.40
CA LEU C 759 30.11 60.37 25.65
C LEU C 759 28.97 60.82 26.56
N ARG C 760 28.78 60.16 27.71
CA ARG C 760 27.61 60.43 28.52
C ARG C 760 27.59 61.86 29.03
N ASP C 761 28.74 62.34 29.52
CA ASP C 761 28.81 63.72 30.00
C ASP C 761 28.65 64.71 28.86
N ARG C 762 29.22 64.40 27.70
CA ARG C 762 29.22 65.30 26.55
C ARG C 762 27.83 65.51 25.97
N PHE C 763 26.94 64.52 26.06
CA PHE C 763 25.55 64.67 25.62
C PHE C 763 24.64 63.95 26.61
N PRO C 764 24.44 64.54 27.79
CA PRO C 764 23.62 63.86 28.81
C PRO C 764 22.13 64.13 28.66
N ASP C 765 21.62 64.02 27.44
CA ASP C 765 20.19 64.25 27.22
C ASP C 765 19.54 63.21 26.33
N LEU C 766 20.32 62.49 25.52
CA LEU C 766 19.74 61.56 24.57
C LEU C 766 19.90 60.12 25.07
N PRO C 767 18.90 59.27 24.88
CA PRO C 767 19.01 57.88 25.36
C PRO C 767 20.10 57.12 24.61
N LEU C 768 20.68 56.13 25.31
CA LEU C 768 21.72 55.29 24.75
C LEU C 768 21.24 53.84 24.69
N HIS C 769 21.53 53.18 23.57
CA HIS C 769 21.24 51.77 23.39
C HIS C 769 22.54 51.03 23.07
N ILE C 770 22.72 49.86 23.67
CA ILE C 770 23.92 49.05 23.48
C ILE C 770 23.48 47.62 23.19
N HIS C 771 24.07 47.02 22.16
CA HIS C 771 23.80 45.64 21.76
C HIS C 771 25.11 44.91 21.56
N THR C 772 25.12 43.61 21.85
CA THR C 772 26.29 42.78 21.63
C THR C 772 25.85 41.36 21.30
N HIS C 773 26.83 40.53 20.95
CA HIS C 773 26.64 39.09 20.82
C HIS C 773 27.65 38.41 21.72
N ASP C 774 27.17 37.56 22.63
CA ASP C 774 28.04 36.97 23.64
C ASP C 774 28.70 35.70 23.13
N THR C 775 29.32 35.78 21.95
CA THR C 775 29.99 34.61 21.41
C THR C 775 31.22 34.27 22.24
N SER C 776 32.03 35.27 22.58
CA SER C 776 33.25 35.01 23.34
C SER C 776 32.92 34.47 24.73
N GLY C 777 31.94 35.06 25.41
CA GLY C 777 31.53 34.54 26.70
C GLY C 777 31.54 35.54 27.83
N ALA C 778 31.57 36.83 27.52
CA ALA C 778 31.60 37.87 28.55
C ALA C 778 30.69 39.04 28.19
N GLY C 779 29.68 38.80 27.35
CA GLY C 779 28.76 39.87 27.00
C GLY C 779 27.96 40.37 28.19
N VAL C 780 27.66 39.48 29.13
CA VAL C 780 26.88 39.86 30.29
C VAL C 780 27.67 40.82 31.18
N ALA C 781 28.97 40.59 31.34
CA ALA C 781 29.79 41.53 32.09
C ALA C 781 29.87 42.87 31.37
N ALA C 782 29.90 42.84 30.04
CA ALA C 782 29.91 44.07 29.26
C ALA C 782 28.66 44.90 29.52
N MET C 783 27.49 44.27 29.42
CA MET C 783 26.26 45.01 29.66
C MET C 783 26.15 45.41 31.12
N LEU C 784 26.69 44.61 32.03
CA LEU C 784 26.74 45.00 33.44
C LEU C 784 27.49 46.31 33.61
N ALA C 785 28.70 46.38 33.09
CA ALA C 785 29.52 47.58 33.24
C ALA C 785 28.86 48.76 32.55
N CYS C 786 28.33 48.56 31.35
CA CYS C 786 27.74 49.68 30.62
C CYS C 786 26.47 50.19 31.28
N ALA C 787 25.61 49.28 31.75
CA ALA C 787 24.40 49.68 32.43
C ALA C 787 24.71 50.40 33.73
N GLN C 788 25.68 49.90 34.50
CA GLN C 788 26.05 50.57 35.73
C GLN C 788 26.65 51.94 35.44
N ALA C 789 27.37 52.07 34.33
CA ALA C 789 28.04 53.33 34.02
C ALA C 789 27.08 54.33 33.35
N GLY C 790 26.59 54.00 32.17
CA GLY C 790 25.76 54.97 31.45
C GLY C 790 24.68 54.42 30.54
N ALA C 791 24.45 53.11 30.54
CA ALA C 791 23.46 52.56 29.63
C ALA C 791 22.06 52.63 30.22
N ASP C 792 21.08 52.85 29.35
CA ASP C 792 19.69 52.99 29.73
C ASP C 792 18.82 51.80 29.31
N VAL C 793 18.92 51.37 28.07
CA VAL C 793 18.14 50.24 27.56
C VAL C 793 19.10 49.22 26.96
N VAL C 794 18.96 47.96 27.37
CA VAL C 794 19.77 46.87 26.87
C VAL C 794 18.85 45.85 26.23
N ASP C 795 19.19 45.42 25.02
CA ASP C 795 18.38 44.44 24.30
C ASP C 795 18.83 43.03 24.65
N VAL C 796 17.88 42.19 25.08
CA VAL C 796 18.18 40.87 25.59
C VAL C 796 17.15 39.88 25.04
N ALA C 797 17.62 38.70 24.64
CA ALA C 797 16.77 37.65 24.10
C ALA C 797 16.39 36.65 25.18
N ALA C 798 15.53 35.70 24.81
CA ALA C 798 15.07 34.69 25.74
C ALA C 798 16.17 33.65 26.00
N ASP C 799 15.96 32.85 27.05
CA ASP C 799 16.96 31.86 27.45
C ASP C 799 17.23 30.85 26.33
N SER C 800 16.16 30.35 25.70
CA SER C 800 16.31 29.40 24.61
C SER C 800 17.04 30.00 23.41
N MET C 801 17.09 31.33 23.31
CA MET C 801 17.79 32.03 22.25
C MET C 801 18.90 32.90 22.83
N SER C 802 19.59 32.38 23.85
CA SER C 802 20.58 33.16 24.58
C SER C 802 21.93 32.46 24.50
N GLY C 803 22.97 33.20 24.89
CA GLY C 803 24.29 32.66 24.92
C GLY C 803 24.78 32.32 23.52
N MET C 804 25.70 31.36 23.48
CA MET C 804 26.17 30.80 22.22
C MET C 804 26.73 31.89 21.31
N THR C 805 25.91 32.41 20.41
CA THR C 805 26.30 33.50 19.52
C THR C 805 25.33 34.67 19.57
N SER C 806 24.28 34.57 20.39
CA SER C 806 23.32 35.64 20.54
C SER C 806 23.59 36.40 21.84
N GLN C 807 22.87 37.49 22.04
CA GLN C 807 23.01 38.25 23.26
C GLN C 807 22.47 37.45 24.45
N PRO C 808 23.04 37.65 25.63
CA PRO C 808 22.77 36.75 26.76
C PRO C 808 21.32 36.75 27.22
N SER C 809 21.07 35.92 28.23
CA SER C 809 19.73 35.57 28.67
C SER C 809 19.09 36.69 29.49
N MET C 810 17.77 36.62 29.62
CA MET C 810 17.03 37.54 30.48
C MET C 810 17.26 37.21 31.95
N GLY C 811 17.36 35.92 32.29
CA GLY C 811 17.40 35.52 33.69
C GLY C 811 18.61 36.03 34.43
N ALA C 812 19.80 35.88 33.83
CA ALA C 812 21.02 36.34 34.50
C ALA C 812 20.97 37.84 34.74
N LEU C 813 20.52 38.59 33.74
CA LEU C 813 20.43 40.04 33.88
C LEU C 813 19.44 40.44 34.96
N VAL C 814 18.23 39.85 34.93
CA VAL C 814 17.21 40.23 35.91
C VAL C 814 17.67 39.87 37.32
N ALA C 815 18.28 38.69 37.48
CA ALA C 815 18.71 38.26 38.82
C ALA C 815 19.86 39.12 39.32
N CYS C 816 20.84 39.42 38.47
CA CYS C 816 21.96 40.25 38.90
C CYS C 816 21.49 41.66 39.27
N THR C 817 20.56 42.21 38.50
CA THR C 817 19.97 43.51 38.79
C THR C 817 18.86 43.38 39.84
N ARG C 818 19.27 43.05 41.06
CA ARG C 818 18.34 42.93 42.18
C ARG C 818 18.68 43.92 43.30
N GLY C 819 19.94 43.92 43.75
CA GLY C 819 20.38 44.87 44.75
C GLY C 819 21.12 46.05 44.16
N THR C 820 20.65 46.53 43.01
CA THR C 820 21.26 47.63 42.30
C THR C 820 20.20 48.69 42.00
N PRO C 821 20.61 49.95 41.82
CA PRO C 821 19.64 51.01 41.50
C PRO C 821 19.09 50.91 40.10
N LEU C 822 19.62 50.01 39.25
CA LEU C 822 19.11 49.90 37.89
C LEU C 822 17.66 49.47 37.87
N ASP C 823 17.27 48.62 38.83
CA ASP C 823 15.85 48.34 39.12
C ASP C 823 15.12 47.79 37.90
N THR C 824 15.52 46.58 37.51
CA THR C 824 14.89 45.90 36.38
C THR C 824 13.38 45.82 36.55
N GLU C 825 12.93 45.33 37.71
CA GLU C 825 11.51 45.26 38.06
C GLU C 825 10.71 44.55 36.97
N VAL C 826 11.16 43.33 36.65
CA VAL C 826 10.47 42.47 35.69
C VAL C 826 10.06 41.20 36.43
N PRO C 827 8.80 40.78 36.35
CA PRO C 827 8.39 39.53 37.01
C PRO C 827 9.21 38.35 36.49
N MET C 828 10.05 37.78 37.35
CA MET C 828 11.05 36.81 36.92
C MET C 828 10.55 35.37 36.98
N GLU C 829 9.28 35.15 37.32
CA GLU C 829 8.72 33.81 37.24
C GLU C 829 8.25 33.49 35.83
N ARG C 830 7.47 34.39 35.23
CA ARG C 830 6.97 34.16 33.88
C ARG C 830 8.09 34.07 32.86
N VAL C 831 9.23 34.69 33.13
CA VAL C 831 10.39 34.56 32.26
C VAL C 831 10.79 33.09 32.15
N PHE C 832 10.71 32.35 33.26
CA PHE C 832 10.98 30.92 33.22
C PHE C 832 10.07 30.22 32.22
N ASP C 833 8.76 30.22 32.47
CA ASP C 833 7.85 29.49 31.59
C ASP C 833 7.99 29.92 30.15
N TYR C 834 8.31 31.20 29.92
CA TYR C 834 8.66 31.64 28.57
C TYR C 834 9.88 30.88 28.05
N SER C 835 10.89 30.71 28.91
CA SER C 835 12.10 30.01 28.50
C SER C 835 11.82 28.54 28.15
N GLU C 836 11.08 27.84 29.00
CA GLU C 836 10.79 26.43 28.68
C GLU C 836 9.88 26.32 27.46
N TYR C 837 8.93 27.23 27.28
CA TYR C 837 8.13 27.21 26.06
C TYR C 837 9.01 27.38 24.84
N TRP C 838 9.95 28.31 24.90
CA TRP C 838 10.78 28.59 23.73
C TRP C 838 11.76 27.46 23.48
N GLU C 839 12.17 26.76 24.54
CA GLU C 839 12.94 25.54 24.36
C GLU C 839 12.11 24.47 23.66
N GLY C 840 10.84 24.35 24.05
CA GLY C 840 9.98 23.37 23.38
C GLY C 840 9.77 23.69 21.92
N ALA C 841 9.46 24.96 21.62
CA ALA C 841 9.20 25.35 20.24
C ALA C 841 10.48 25.37 19.40
N ARG C 842 11.63 25.56 20.05
CA ARG C 842 12.90 25.50 19.35
C ARG C 842 13.19 24.12 18.80
N GLY C 843 12.85 23.07 19.55
CA GLY C 843 13.07 21.72 19.11
C GLY C 843 12.29 21.34 17.86
N LEU C 844 11.27 22.12 17.50
CA LEU C 844 10.53 21.86 16.28
C LEU C 844 11.43 21.97 15.06
N TYR C 845 12.32 22.97 15.04
CA TYR C 845 13.25 23.17 13.93
C TYR C 845 14.60 22.50 14.23
N ALA C 846 14.56 21.22 14.56
CA ALA C 846 15.76 20.50 14.96
C ALA C 846 16.58 19.97 13.80
N ALA C 847 16.13 20.18 12.56
CA ALA C 847 16.89 19.70 11.40
C ALA C 847 18.18 20.50 11.21
N PHE C 848 18.17 21.77 11.62
CA PHE C 848 19.33 22.63 11.45
C PHE C 848 19.35 23.64 12.60
N ASP C 849 20.48 23.77 13.27
CA ASP C 849 20.59 24.67 14.40
C ASP C 849 22.05 25.00 14.63
N CYS C 850 22.29 26.22 15.13
CA CYS C 850 23.66 26.63 15.44
C CYS C 850 24.27 25.77 16.54
N THR C 851 23.50 25.51 17.60
CA THR C 851 24.04 24.73 18.71
C THR C 851 24.32 23.30 18.29
N ALA C 852 23.48 22.74 17.40
CA ALA C 852 23.71 21.39 16.90
C ALA C 852 25.04 21.26 16.19
N THR C 853 25.48 22.30 15.48
CA THR C 853 26.75 22.29 14.75
C THR C 853 27.89 22.82 15.61
N MET C 854 27.76 24.05 16.11
CA MET C 854 28.71 24.61 17.07
C MET C 854 28.22 24.30 18.48
N LYS C 855 29.00 23.52 19.22
CA LYS C 855 28.54 22.99 20.49
C LYS C 855 28.30 24.10 21.52
N SER C 856 29.21 25.06 21.63
CA SER C 856 29.08 26.09 22.64
C SER C 856 29.65 27.41 22.12
N GLY C 857 29.20 28.51 22.72
CA GLY C 857 29.78 29.80 22.42
C GLY C 857 31.27 29.82 22.72
N ASN C 858 32.04 30.34 21.77
CA ASN C 858 33.48 30.17 21.77
C ASN C 858 34.18 31.52 21.63
N SER C 859 35.44 31.56 22.08
CA SER C 859 36.32 32.70 21.93
C SER C 859 36.86 32.76 20.51
N ASP C 860 37.91 33.55 20.30
CA ASP C 860 38.57 33.73 19.00
C ASP C 860 37.75 34.62 18.08
N VAL C 861 36.64 35.18 18.57
CA VAL C 861 35.88 36.16 17.80
C VAL C 861 36.59 37.51 17.76
N TYR C 862 37.75 37.62 18.40
CA TYR C 862 38.43 38.91 18.48
C TYR C 862 39.05 39.31 17.15
N GLU C 863 40.00 38.52 16.66
CA GLU C 863 40.71 38.91 15.45
C GLU C 863 39.92 38.54 14.19
N ASN C 864 38.83 37.78 14.35
CA ASN C 864 38.04 37.42 13.18
C ASN C 864 37.07 38.52 12.80
N GLU C 865 36.50 39.21 13.80
CA GLU C 865 35.47 40.24 13.59
C GLU C 865 34.31 39.72 12.75
N ILE C 866 33.91 38.47 12.95
CA ILE C 866 32.79 37.93 12.18
C ILE C 866 31.49 38.60 12.62
N PRO C 867 30.69 39.12 11.70
CA PRO C 867 29.34 39.55 12.07
C PRO C 867 28.53 38.39 12.60
N GLY C 868 27.61 38.70 13.52
CA GLY C 868 26.85 37.66 14.18
C GLY C 868 26.07 36.77 13.23
N GLY C 869 25.41 37.38 12.24
CA GLY C 869 24.58 36.64 11.32
C GLY C 869 25.32 35.92 10.20
N GLN C 870 26.65 35.85 10.25
CA GLN C 870 27.40 35.23 9.16
C GLN C 870 28.18 34.01 9.65
N TYR C 871 28.64 34.05 10.91
CA TYR C 871 29.41 32.93 11.43
C TYR C 871 28.58 31.65 11.42
N THR C 872 27.27 31.77 11.61
CA THR C 872 26.40 30.60 11.61
C THR C 872 26.56 29.81 10.30
N ASN C 873 26.20 30.43 9.17
CA ASN C 873 26.27 29.70 7.91
C ASN C 873 27.70 29.47 7.47
N LEU C 874 28.65 30.29 7.93
CA LEU C 874 30.05 30.05 7.58
C LEU C 874 30.55 28.75 8.17
N HIS C 875 30.41 28.56 9.49
CA HIS C 875 30.80 27.29 10.08
C HIS C 875 29.89 26.16 9.61
N PHE C 876 28.63 26.49 9.29
CA PHE C 876 27.77 25.51 8.66
C PHE C 876 28.40 24.92 7.41
N GLN C 877 28.85 25.78 6.49
CA GLN C 877 29.51 25.30 5.29
C GLN C 877 30.80 24.57 5.64
N ALA C 878 31.57 25.12 6.58
CA ALA C 878 32.88 24.54 6.91
C ALA C 878 32.75 23.10 7.37
N HIS C 879 31.82 22.83 8.29
CA HIS C 879 31.67 21.46 8.79
C HIS C 879 30.72 20.63 7.94
N SER C 880 29.95 21.26 7.05
CA SER C 880 29.12 20.48 6.13
C SER C 880 29.98 19.85 5.05
N MET C 881 30.94 20.60 4.51
CA MET C 881 31.88 20.02 3.57
C MET C 881 33.17 19.53 4.22
N GLY C 882 33.20 19.44 5.56
CA GLY C 882 34.29 18.80 6.26
C GLY C 882 35.54 19.63 6.46
N LEU C 883 35.47 20.94 6.25
CA LEU C 883 36.66 21.78 6.44
C LEU C 883 36.85 22.14 7.90
N GLY C 884 36.90 21.14 8.78
CA GLY C 884 37.18 21.42 10.17
C GLY C 884 38.57 21.98 10.39
N SER C 885 39.57 21.35 9.77
CA SER C 885 40.95 21.83 9.85
C SER C 885 41.24 22.93 8.85
N LYS C 886 40.41 23.09 7.82
CA LYS C 886 40.59 24.16 6.83
C LYS C 886 39.80 25.40 7.17
N PHE C 887 39.00 25.37 8.24
CA PHE C 887 38.28 26.58 8.66
C PHE C 887 39.22 27.60 9.26
N LYS C 888 40.31 27.16 9.89
CA LYS C 888 41.26 28.10 10.48
C LYS C 888 41.94 28.94 9.40
N GLU C 889 42.24 28.33 8.24
CA GLU C 889 42.84 29.10 7.15
C GLU C 889 41.86 30.13 6.60
N VAL C 890 40.55 29.87 6.71
CA VAL C 890 39.57 30.85 6.28
C VAL C 890 39.68 32.12 7.11
N LYS C 891 39.81 31.98 8.42
CA LYS C 891 39.99 33.14 9.29
C LYS C 891 41.44 33.62 9.33
N LYS C 892 42.40 32.78 8.91
CA LYS C 892 43.79 33.21 8.94
C LYS C 892 44.05 34.40 8.02
N ALA C 893 43.53 34.35 6.79
CA ALA C 893 43.69 35.44 5.84
C ALA C 893 42.52 36.40 5.83
N TYR C 894 41.52 36.19 6.71
CA TYR C 894 40.37 37.09 6.76
C TYR C 894 40.81 38.51 7.11
N VAL C 895 41.71 38.64 8.09
CA VAL C 895 42.27 39.94 8.42
C VAL C 895 43.04 40.51 7.24
N GLU C 896 43.87 39.68 6.61
CA GLU C 896 44.63 40.13 5.45
C GLU C 896 43.72 40.49 4.28
N ALA C 897 42.64 39.73 4.09
CA ALA C 897 41.69 40.07 3.03
C ALA C 897 41.04 41.42 3.29
N ASN C 898 40.62 41.66 4.54
CA ASN C 898 40.03 42.96 4.86
C ASN C 898 41.04 44.08 4.67
N GLN C 899 42.29 43.86 5.09
CA GLN C 899 43.30 44.90 4.96
C GLN C 899 43.64 45.16 3.49
N MET C 900 43.54 44.13 2.64
CA MET C 900 43.53 44.35 1.20
C MET C 900 42.38 45.25 0.78
N LEU C 901 41.18 44.99 1.29
CA LEU C 901 40.08 45.92 1.07
C LEU C 901 40.13 47.11 2.02
N GLY C 902 41.21 47.26 2.78
CA GLY C 902 41.31 48.31 3.77
C GLY C 902 40.57 47.96 5.04
N ASP C 903 41.18 48.31 6.17
CA ASP C 903 40.54 48.05 7.46
C ASP C 903 39.20 48.77 7.52
N LEU C 904 38.12 48.01 7.48
CA LEU C 904 36.79 48.55 7.22
C LEU C 904 35.84 48.18 8.35
N ILE C 905 34.91 49.10 8.64
CA ILE C 905 33.79 48.76 9.48
C ILE C 905 32.72 48.06 8.64
N LYS C 906 32.37 46.84 9.05
CA LYS C 906 31.68 45.89 8.19
C LYS C 906 30.39 45.42 8.86
N VAL C 907 29.26 45.57 8.20
CA VAL C 907 28.07 44.90 8.70
C VAL C 907 27.41 43.99 7.67
N THR C 908 26.72 44.57 6.69
CA THR C 908 25.98 43.67 5.81
C THR C 908 26.77 43.20 4.58
N PRO C 909 27.20 44.09 3.63
CA PRO C 909 27.72 43.54 2.37
C PRO C 909 29.13 43.00 2.48
N SER C 910 29.96 43.75 3.22
CA SER C 910 31.39 43.52 3.16
C SER C 910 31.79 42.22 3.83
N SER C 911 30.97 41.73 4.77
CA SER C 911 31.23 40.41 5.34
C SER C 911 31.22 39.35 4.24
N LYS C 912 30.17 39.33 3.42
CA LYS C 912 30.12 38.36 2.33
C LYS C 912 31.14 38.69 1.26
N ILE C 913 31.51 39.96 1.08
CA ILE C 913 32.53 40.31 0.10
C ILE C 913 33.87 39.70 0.48
N VAL C 914 34.29 39.90 1.73
CA VAL C 914 35.56 39.34 2.17
C VAL C 914 35.47 37.83 2.28
N GLY C 915 34.28 37.29 2.55
CA GLY C 915 34.12 35.84 2.51
C GLY C 915 34.34 35.28 1.13
N ASP C 916 33.80 35.94 0.11
CA ASP C 916 34.03 35.51 -1.28
C ASP C 916 35.50 35.61 -1.63
N LEU C 917 36.16 36.71 -1.25
CA LEU C 917 37.58 36.84 -1.54
C LEU C 917 38.39 35.76 -0.84
N ALA C 918 38.05 35.46 0.43
CA ALA C 918 38.77 34.44 1.18
C ALA C 918 38.57 33.06 0.59
N GLN C 919 37.34 32.73 0.17
CA GLN C 919 37.11 31.43 -0.43
C GLN C 919 37.83 31.32 -1.76
N PHE C 920 37.90 32.42 -2.52
CA PHE C 920 38.70 32.42 -3.74
C PHE C 920 40.16 32.14 -3.42
N MET C 921 40.69 32.78 -2.39
CA MET C 921 42.08 32.54 -2.00
C MET C 921 42.31 31.09 -1.60
N VAL C 922 41.40 30.54 -0.78
CA VAL C 922 41.64 29.21 -0.26
C VAL C 922 41.48 28.15 -1.35
N GLN C 923 40.58 28.39 -2.31
CA GLN C 923 40.48 27.45 -3.42
C GLN C 923 41.69 27.57 -4.34
N ASN C 924 42.28 28.77 -4.44
CA ASN C 924 43.55 28.89 -5.14
C ASN C 924 44.66 28.12 -4.45
N GLY C 925 44.76 28.21 -3.12
CA GLY C 925 45.69 27.40 -2.36
C GLY C 925 47.16 27.58 -2.67
N LEU C 926 47.60 28.83 -2.83
CA LEU C 926 49.00 29.13 -3.11
C LEU C 926 49.45 30.25 -2.19
N SER C 927 50.73 30.61 -2.29
CA SER C 927 51.33 31.63 -1.45
C SER C 927 50.67 32.99 -1.68
N ARG C 928 50.67 33.81 -0.63
CA ARG C 928 49.79 34.96 -0.58
C ARG C 928 50.31 36.13 -1.41
N ALA C 929 51.53 36.59 -1.14
CA ALA C 929 51.99 37.87 -1.67
C ALA C 929 52.06 37.86 -3.19
N GLU C 930 52.74 36.87 -3.77
CA GLU C 930 52.91 36.84 -5.21
C GLU C 930 51.59 36.60 -5.94
N ALA C 931 50.70 35.79 -5.35
CA ALA C 931 49.39 35.60 -5.95
C ALA C 931 48.59 36.88 -5.95
N GLU C 932 48.66 37.64 -4.86
CA GLU C 932 47.90 38.88 -4.77
C GLU C 932 48.58 40.00 -5.54
N ALA C 933 49.81 39.77 -6.00
CA ALA C 933 50.51 40.77 -6.80
C ALA C 933 49.77 41.07 -8.09
N GLN C 934 49.26 40.04 -8.76
CA GLN C 934 48.53 40.21 -10.02
C GLN C 934 47.08 40.62 -9.76
N ALA C 935 46.93 41.71 -9.01
CA ALA C 935 45.62 42.26 -8.73
C ALA C 935 45.23 43.36 -9.71
N GLU C 936 46.16 43.78 -10.58
CA GLU C 936 45.91 44.86 -11.52
C GLU C 936 44.83 44.50 -12.53
N GLU C 937 45.13 43.52 -13.39
CA GLU C 937 44.22 43.18 -14.49
C GLU C 937 43.22 42.09 -14.12
N LEU C 938 43.53 41.26 -13.13
CA LEU C 938 42.61 40.21 -12.74
C LEU C 938 41.38 40.81 -12.08
N SER C 939 40.21 40.45 -12.61
CA SER C 939 38.96 41.01 -12.13
C SER C 939 38.49 40.32 -10.86
N PHE C 940 37.53 40.95 -10.19
CA PHE C 940 36.90 40.50 -8.96
C PHE C 940 35.48 40.03 -9.23
N PRO C 941 34.90 39.23 -8.33
CA PRO C 941 33.51 38.79 -8.54
C PRO C 941 32.55 39.97 -8.66
N ARG C 942 31.38 39.69 -9.22
CA ARG C 942 30.43 40.75 -9.58
C ARG C 942 30.10 41.63 -8.38
N SER C 943 29.89 41.02 -7.21
CA SER C 943 29.58 41.81 -6.03
C SER C 943 30.75 42.72 -5.66
N VAL C 944 31.98 42.20 -5.74
CA VAL C 944 33.14 43.00 -5.32
C VAL C 944 33.32 44.20 -6.24
N VAL C 945 33.21 43.99 -7.55
CA VAL C 945 33.40 45.08 -8.48
C VAL C 945 32.24 46.08 -8.39
N GLU C 946 31.03 45.58 -8.14
CA GLU C 946 29.90 46.49 -7.94
C GLU C 946 30.10 47.35 -6.71
N PHE C 947 30.61 46.76 -5.63
CA PHE C 947 30.93 47.55 -4.44
C PHE C 947 32.02 48.57 -4.72
N LEU C 948 33.06 48.16 -5.46
CA LEU C 948 34.19 49.04 -5.71
C LEU C 948 33.81 50.21 -6.61
N GLN C 949 32.97 49.98 -7.62
CA GLN C 949 32.75 50.98 -8.66
C GLN C 949 32.15 52.26 -8.10
N GLY C 950 31.14 52.13 -7.25
CA GLY C 950 30.46 53.28 -6.71
C GLY C 950 29.03 53.49 -7.17
N TYR C 951 28.42 52.52 -7.85
CA TYR C 951 26.98 52.58 -8.05
C TYR C 951 26.25 52.66 -6.72
N ILE C 952 26.84 52.05 -5.68
CA ILE C 952 26.36 52.27 -4.32
C ILE C 952 26.57 53.72 -3.92
N GLY C 953 27.63 54.34 -4.41
CA GLY C 953 27.96 55.70 -4.05
C GLY C 953 29.34 55.76 -3.43
N VAL C 954 29.45 56.61 -2.42
CA VAL C 954 30.71 56.79 -1.69
C VAL C 954 30.46 56.55 -0.21
N PRO C 955 31.36 55.89 0.50
CA PRO C 955 31.23 55.78 1.95
C PRO C 955 31.72 57.04 2.65
N HIS C 956 31.69 57.04 3.99
CA HIS C 956 32.14 58.20 4.74
C HIS C 956 33.64 58.43 4.58
N GLY C 957 34.44 57.39 4.80
CA GLY C 957 35.88 57.52 4.70
C GLY C 957 36.37 57.32 3.29
N GLY C 958 35.44 57.15 2.35
CA GLY C 958 35.79 56.96 0.97
C GLY C 958 36.24 55.54 0.67
N PHE C 959 36.54 55.31 -0.60
CA PHE C 959 36.97 54.02 -1.09
C PHE C 959 38.38 54.12 -1.67
N PRO C 960 39.17 53.06 -1.58
CA PRO C 960 40.54 53.11 -2.10
C PRO C 960 40.56 53.33 -3.59
N GLU C 961 41.35 54.31 -4.02
CA GLU C 961 41.53 54.63 -5.44
C GLU C 961 42.45 53.66 -6.19
N PRO C 962 43.54 53.13 -5.60
CA PRO C 962 44.42 52.28 -6.42
C PRO C 962 43.75 51.00 -6.89
N PHE C 963 43.06 50.29 -6.00
CA PHE C 963 42.44 49.03 -6.38
C PHE C 963 41.33 49.24 -7.39
N ARG C 964 40.53 50.31 -7.20
CA ARG C 964 39.46 50.58 -8.15
C ARG C 964 40.02 50.98 -9.51
N SER C 965 41.12 51.73 -9.53
CA SER C 965 41.77 52.04 -10.79
C SER C 965 42.31 50.77 -11.46
N LYS C 966 42.84 49.84 -10.65
CA LYS C 966 43.31 48.58 -11.18
C LYS C 966 42.18 47.79 -11.85
N VAL C 967 41.06 47.63 -11.15
CA VAL C 967 40.09 46.60 -11.50
C VAL C 967 38.99 47.16 -12.41
N LEU C 968 38.49 48.37 -12.11
CA LEU C 968 37.28 48.86 -12.74
C LEU C 968 37.44 49.06 -14.24
N LYS C 969 38.69 49.07 -14.73
CA LYS C 969 38.97 49.27 -16.15
C LYS C 969 38.44 50.61 -16.63
N ASP C 970 37.28 50.60 -17.29
CA ASP C 970 36.67 51.80 -17.82
C ASP C 970 35.15 51.80 -17.62
N LEU C 971 34.70 51.13 -16.57
CA LEU C 971 33.27 51.08 -16.26
C LEU C 971 32.77 52.45 -15.83
N PRO C 972 31.50 52.78 -16.12
CA PRO C 972 31.02 54.14 -15.84
C PRO C 972 30.93 54.42 -14.35
N ARG C 973 31.02 55.70 -14.01
CA ARG C 973 31.12 56.17 -12.63
C ARG C 973 29.83 56.88 -12.23
N VAL C 974 29.33 56.56 -11.04
CA VAL C 974 28.21 57.27 -10.44
C VAL C 974 28.68 57.82 -9.10
N GLU C 975 28.60 59.13 -8.95
CA GLU C 975 29.09 59.82 -7.76
C GLU C 975 27.97 60.65 -7.14
N GLY C 976 28.29 61.33 -6.05
CA GLY C 976 27.30 62.09 -5.31
C GLY C 976 26.33 61.18 -4.59
N ARG C 977 25.09 61.63 -4.50
CA ARG C 977 24.03 60.82 -3.91
C ARG C 977 23.35 59.97 -4.97
N PRO C 978 23.56 58.65 -4.96
CA PRO C 978 22.94 57.82 -6.01
C PRO C 978 21.42 57.84 -5.98
N GLY C 979 20.81 58.21 -4.85
CA GLY C 979 19.37 58.33 -4.82
C GLY C 979 18.84 59.31 -5.85
N ALA C 980 19.51 60.45 -5.98
CA ALA C 980 19.16 61.40 -7.03
C ALA C 980 20.01 61.18 -8.28
N SER C 981 21.28 60.79 -8.10
CA SER C 981 22.18 60.64 -9.24
C SER C 981 21.72 59.53 -10.18
N LEU C 982 21.41 58.35 -9.65
CA LEU C 982 20.84 57.32 -10.48
C LEU C 982 19.42 57.72 -10.88
N PRO C 983 19.04 57.57 -12.15
CA PRO C 983 17.77 58.10 -12.62
C PRO C 983 16.60 57.46 -11.91
N PRO C 984 15.79 58.25 -11.20
CA PRO C 984 14.59 57.70 -10.57
C PRO C 984 13.63 57.15 -11.60
N LEU C 985 12.92 56.08 -11.24
CA LEU C 985 12.02 55.39 -12.15
C LEU C 985 10.59 55.53 -11.68
N ASP C 986 9.67 55.60 -12.65
CA ASP C 986 8.24 55.54 -12.34
C ASP C 986 7.80 54.09 -12.25
N LEU C 987 7.08 53.76 -11.20
CA LEU C 987 6.71 52.38 -10.90
C LEU C 987 5.34 51.99 -11.46
N GLN C 988 4.73 52.83 -12.30
CA GLN C 988 3.39 52.55 -12.78
C GLN C 988 3.35 51.30 -13.66
N ALA C 989 4.36 51.11 -14.52
CA ALA C 989 4.32 49.99 -15.46
C ALA C 989 4.78 48.68 -14.82
N LEU C 990 5.41 48.74 -13.64
CA LEU C 990 5.82 47.52 -12.97
C LEU C 990 4.63 46.65 -12.62
N GLU C 991 3.56 47.26 -12.12
CA GLU C 991 2.36 46.48 -11.82
C GLU C 991 1.72 45.95 -13.10
N LYS C 992 1.76 46.73 -14.18
CA LYS C 992 1.28 46.23 -15.46
C LYS C 992 2.01 44.94 -15.85
N GLU C 993 3.34 44.98 -15.85
CA GLU C 993 4.09 43.81 -16.30
C GLU C 993 3.90 42.63 -15.35
N LEU C 994 3.88 42.88 -14.04
CA LEU C 994 3.70 41.78 -13.09
C LEU C 994 2.34 41.10 -13.29
N VAL C 995 1.26 41.89 -13.34
CA VAL C 995 -0.07 41.33 -13.54
C VAL C 995 -0.13 40.58 -14.86
N ASP C 996 0.46 41.15 -15.92
CA ASP C 996 0.40 40.49 -17.21
C ASP C 996 1.17 39.17 -17.23
N ARG C 997 2.31 39.07 -16.55
CA ARG C 997 3.08 37.85 -16.79
C ARG C 997 2.79 36.79 -15.74
N HIS C 998 2.79 37.15 -14.44
CA HIS C 998 2.22 36.18 -13.49
C HIS C 998 1.35 36.78 -12.38
N GLY C 999 1.02 38.06 -12.42
CA GLY C 999 0.48 38.76 -11.25
C GLY C 999 -1.03 38.74 -11.13
N GLU C 1000 -1.51 38.71 -9.88
CA GLU C 1000 -2.93 38.71 -9.59
C GLU C 1000 -3.32 39.52 -8.36
N GLU C 1001 -2.38 40.15 -7.65
CA GLU C 1001 -2.64 40.73 -6.33
C GLU C 1001 -1.93 42.06 -6.13
N VAL C 1002 -1.37 42.63 -7.19
CA VAL C 1002 -0.31 43.63 -7.05
C VAL C 1002 -0.74 44.78 -6.17
N THR C 1003 0.16 45.18 -5.28
CA THR C 1003 0.11 46.34 -4.42
C THR C 1003 1.49 47.00 -4.45
N PRO C 1004 1.61 48.26 -4.04
CA PRO C 1004 2.91 48.93 -4.21
C PRO C 1004 4.08 48.21 -3.55
N GLU C 1005 3.83 47.50 -2.44
CA GLU C 1005 4.89 46.69 -1.87
C GLU C 1005 5.26 45.52 -2.77
N ASP C 1006 4.29 44.96 -3.51
CA ASP C 1006 4.67 43.94 -4.50
C ASP C 1006 5.56 44.52 -5.58
N VAL C 1007 5.25 45.73 -6.04
CA VAL C 1007 6.13 46.40 -6.99
C VAL C 1007 7.51 46.58 -6.39
N LEU C 1008 7.57 46.92 -5.10
CA LEU C 1008 8.83 47.10 -4.40
C LEU C 1008 9.63 45.80 -4.34
N SER C 1009 8.97 44.68 -4.06
CA SER C 1009 9.65 43.40 -4.02
C SER C 1009 10.15 43.01 -5.39
N ALA C 1010 9.34 43.23 -6.43
CA ALA C 1010 9.80 43.03 -7.80
C ALA C 1010 11.00 43.91 -8.10
N ALA C 1011 11.04 45.10 -7.53
CA ALA C 1011 12.20 45.98 -7.68
C ALA C 1011 13.45 45.38 -7.05
N MET C 1012 13.31 44.73 -5.88
CA MET C 1012 14.51 44.13 -5.32
C MET C 1012 14.80 42.73 -5.86
N TYR C 1013 13.84 41.81 -5.81
CA TYR C 1013 14.05 40.41 -6.14
C TYR C 1013 12.97 39.91 -7.08
N PRO C 1014 13.05 40.26 -8.37
CA PRO C 1014 12.05 39.71 -9.31
C PRO C 1014 12.11 38.20 -9.43
N ASP C 1015 13.32 37.63 -9.42
CA ASP C 1015 13.49 36.20 -9.71
C ASP C 1015 12.91 35.32 -8.62
N VAL C 1016 13.39 35.49 -7.38
CA VAL C 1016 12.92 34.65 -6.30
C VAL C 1016 11.46 34.94 -5.99
N PHE C 1017 10.99 36.17 -6.23
CA PHE C 1017 9.57 36.45 -6.08
C PHE C 1017 8.74 35.69 -7.10
N ALA C 1018 9.21 35.61 -8.35
CA ALA C 1018 8.51 34.82 -9.34
C ALA C 1018 8.49 33.36 -8.95
N HIS C 1019 9.63 32.83 -8.50
CA HIS C 1019 9.70 31.44 -8.06
C HIS C 1019 8.75 31.18 -6.90
N PHE C 1020 8.78 32.08 -5.91
CA PHE C 1020 7.85 32.01 -4.78
C PHE C 1020 6.41 31.96 -5.22
N LYS C 1021 5.98 32.91 -6.06
CA LYS C 1021 4.57 32.99 -6.38
C LYS C 1021 4.13 31.80 -7.23
N ASP C 1022 4.94 31.40 -8.21
CA ASP C 1022 4.55 30.24 -9.01
C ASP C 1022 4.47 28.97 -8.16
N PHE C 1023 5.45 28.78 -7.27
CA PHE C 1023 5.45 27.59 -6.42
C PHE C 1023 4.24 27.58 -5.49
N THR C 1024 3.92 28.72 -4.88
CA THR C 1024 2.81 28.74 -3.93
C THR C 1024 1.46 28.68 -4.61
N ALA C 1025 1.24 29.42 -5.70
CA ALA C 1025 -0.03 29.35 -6.40
C ALA C 1025 -0.26 27.97 -7.00
N THR C 1026 0.83 27.30 -7.40
CA THR C 1026 0.70 25.94 -7.91
C THR C 1026 0.28 24.98 -6.80
N PHE C 1027 0.84 25.14 -5.61
CA PHE C 1027 0.66 24.19 -4.53
C PHE C 1027 -0.22 24.71 -3.40
N GLY C 1028 -1.07 25.69 -3.66
CA GLY C 1028 -2.03 26.14 -2.69
C GLY C 1028 -1.41 26.98 -1.59
N PRO C 1029 -2.23 27.49 -0.68
CA PRO C 1029 -1.70 28.30 0.41
C PRO C 1029 -0.98 27.45 1.45
N LEU C 1030 -0.19 28.13 2.26
CA LEU C 1030 0.61 27.55 3.33
C LEU C 1030 0.27 28.27 4.64
N ASP C 1031 1.14 28.09 5.64
CA ASP C 1031 1.08 28.81 6.91
C ASP C 1031 0.00 28.24 7.81
N SER C 1032 -0.78 27.29 7.30
CA SER C 1032 -1.80 26.61 8.10
C SER C 1032 -1.29 25.33 8.73
N LEU C 1033 -0.05 24.94 8.45
CA LEU C 1033 0.50 23.67 8.90
C LEU C 1033 1.54 23.89 10.00
N ASN C 1034 1.63 22.90 10.88
CA ASN C 1034 2.68 22.92 11.90
C ASN C 1034 4.00 22.50 11.27
N THR C 1035 5.07 22.63 12.05
CA THR C 1035 6.41 22.28 11.56
C THR C 1035 6.49 20.82 11.16
N ARG C 1036 5.93 19.91 11.98
CA ARG C 1036 5.89 18.50 11.61
C ARG C 1036 5.25 18.33 10.24
N LEU C 1037 4.15 19.04 10.00
CA LEU C 1037 3.48 18.95 8.71
C LEU C 1037 4.30 19.61 7.61
N PHE C 1038 4.87 20.78 7.89
CA PHE C 1038 5.48 21.57 6.83
C PHE C 1038 6.78 20.96 6.36
N LEU C 1039 7.65 20.55 7.27
CA LEU C 1039 8.96 20.05 6.87
C LEU C 1039 9.01 18.54 6.71
N GLN C 1040 8.24 17.78 7.50
CA GLN C 1040 8.24 16.33 7.38
C GLN C 1040 6.91 15.78 6.85
N GLY C 1041 5.79 16.31 7.33
CA GLY C 1041 4.50 15.87 6.86
C GLY C 1041 3.84 14.88 7.79
N PRO C 1042 2.65 14.40 7.41
CA PRO C 1042 1.92 13.47 8.27
C PRO C 1042 2.36 12.03 8.08
N LYS C 1043 1.90 11.18 9.00
CA LYS C 1043 2.18 9.76 8.96
C LYS C 1043 0.89 8.97 8.83
N ILE C 1044 1.02 7.73 8.36
CA ILE C 1044 -0.12 6.83 8.27
C ILE C 1044 -0.57 6.45 9.68
N ALA C 1045 -1.87 6.25 9.85
CA ALA C 1045 -2.46 5.79 11.11
C ALA C 1045 -2.27 6.81 12.23
N GLU C 1046 -2.63 8.07 11.93
CA GLU C 1046 -2.72 9.11 12.96
C GLU C 1046 -3.61 10.22 12.42
N GLU C 1047 -4.39 10.82 13.31
CA GLU C 1047 -5.19 11.96 12.91
C GLU C 1047 -4.56 13.25 13.44
N PHE C 1048 -4.45 14.24 12.56
CA PHE C 1048 -3.87 15.53 12.89
C PHE C 1048 -4.81 16.63 12.44
N GLU C 1049 -4.47 17.86 12.81
CA GLU C 1049 -5.35 19.00 12.58
C GLU C 1049 -4.60 20.13 11.89
N VAL C 1050 -5.32 20.84 11.02
CA VAL C 1050 -4.78 21.97 10.28
C VAL C 1050 -5.76 23.13 10.42
N GLU C 1051 -5.24 24.29 10.81
CA GLU C 1051 -6.05 25.50 11.01
C GLU C 1051 -5.80 26.45 9.85
N LEU C 1052 -6.80 26.62 8.98
CA LEU C 1052 -6.68 27.55 7.86
C LEU C 1052 -7.03 28.97 8.28
N GLU C 1053 -8.26 29.18 8.74
CA GLU C 1053 -8.71 30.46 9.25
C GLU C 1053 -9.69 30.19 10.37
N ARG C 1054 -9.82 31.14 11.29
CA ARG C 1054 -10.47 30.86 12.57
C ARG C 1054 -11.90 30.37 12.36
N GLY C 1055 -12.51 30.67 11.21
CA GLY C 1055 -13.82 30.13 10.93
C GLY C 1055 -13.84 28.62 10.75
N LYS C 1056 -12.78 28.06 10.17
CA LYS C 1056 -12.77 26.65 9.77
C LYS C 1056 -11.54 25.94 10.33
N THR C 1057 -11.72 24.65 10.60
CA THR C 1057 -10.61 23.77 10.95
C THR C 1057 -10.98 22.37 10.49
N LEU C 1058 -10.10 21.75 9.71
CA LEU C 1058 -10.43 20.54 8.99
C LEU C 1058 -9.51 19.40 9.39
N HIS C 1059 -10.10 18.22 9.53
CA HIS C 1059 -9.41 17.00 9.95
C HIS C 1059 -8.84 16.25 8.76
N ILE C 1060 -7.69 15.62 8.97
CA ILE C 1060 -7.06 14.80 7.94
C ILE C 1060 -6.58 13.51 8.59
N LYS C 1061 -6.77 12.40 7.88
CA LYS C 1061 -6.29 11.09 8.31
C LYS C 1061 -5.66 10.38 7.12
N ALA C 1062 -4.47 9.84 7.33
CA ALA C 1062 -3.70 9.19 6.27
C ALA C 1062 -4.05 7.71 6.23
N LEU C 1063 -4.79 7.30 5.21
CA LEU C 1063 -5.23 5.91 5.11
C LEU C 1063 -4.15 5.02 4.52
N ALA C 1064 -3.79 5.28 3.26
CA ALA C 1064 -2.80 4.48 2.56
C ALA C 1064 -2.45 5.15 1.25
N VAL C 1065 -1.36 4.69 0.65
CA VAL C 1065 -0.87 5.19 -0.63
C VAL C 1065 -0.60 4.01 -1.55
N SER C 1066 -1.02 4.14 -2.80
CA SER C 1066 -0.85 3.07 -3.78
C SER C 1066 0.55 3.15 -4.39
N ASP C 1067 0.84 2.24 -5.33
CA ASP C 1067 2.10 2.23 -6.05
C ASP C 1067 1.90 2.78 -7.46
N LEU C 1068 2.96 3.36 -8.00
CA LEU C 1068 2.89 3.96 -9.33
C LEU C 1068 2.52 2.91 -10.36
N ASN C 1069 1.55 3.25 -11.22
CA ASN C 1069 1.03 2.30 -12.20
C ASN C 1069 1.32 2.74 -13.63
N ARG C 1070 0.85 3.91 -14.07
CA ARG C 1070 0.99 4.35 -15.45
C ARG C 1070 0.96 5.87 -15.51
N ALA C 1071 1.59 6.43 -16.53
CA ALA C 1071 1.62 7.88 -16.77
C ALA C 1071 2.26 8.63 -15.61
N GLY C 1072 2.94 7.91 -14.71
CA GLY C 1072 3.55 8.50 -13.55
C GLY C 1072 2.55 9.25 -12.69
N GLN C 1073 1.34 8.71 -12.57
CA GLN C 1073 0.24 9.39 -11.90
C GLN C 1073 -0.24 8.49 -10.77
N ARG C 1074 0.40 8.61 -9.61
CA ARG C 1074 0.03 7.85 -8.43
C ARG C 1074 -1.28 8.35 -7.85
N GLN C 1075 -1.96 7.47 -7.11
CA GLN C 1075 -3.18 7.80 -6.41
C GLN C 1075 -3.01 7.47 -4.94
N VAL C 1076 -3.40 8.41 -4.07
CA VAL C 1076 -3.28 8.26 -2.64
C VAL C 1076 -4.65 8.50 -2.01
N PHE C 1077 -4.92 7.79 -0.91
CA PHE C 1077 -6.23 7.81 -0.27
C PHE C 1077 -6.12 8.50 1.09
N PHE C 1078 -6.65 9.72 1.16
CA PHE C 1078 -6.77 10.46 2.40
C PHE C 1078 -8.25 10.63 2.72
N GLU C 1079 -8.56 10.91 3.98
CA GLU C 1079 -9.94 11.21 4.34
C GLU C 1079 -9.98 12.60 4.94
N LEU C 1080 -10.77 13.49 4.33
CA LEU C 1080 -11.10 14.75 4.95
C LEU C 1080 -12.24 14.45 5.93
N ASN C 1081 -12.51 15.37 6.85
CA ASN C 1081 -13.38 15.02 7.98
C ASN C 1081 -14.76 14.59 7.53
N GLY C 1082 -15.04 13.29 7.64
CA GLY C 1082 -16.34 12.76 7.25
C GLY C 1082 -16.46 12.23 5.83
N GLN C 1083 -15.37 12.19 5.08
CA GLN C 1083 -15.41 11.63 3.73
C GLN C 1083 -14.06 11.00 3.44
N LEU C 1084 -13.92 10.42 2.25
CA LEU C 1084 -12.67 9.82 1.81
C LEU C 1084 -12.28 10.47 0.49
N ARG C 1085 -10.99 10.72 0.33
CA ARG C 1085 -10.49 11.45 -0.83
C ARG C 1085 -9.36 10.69 -1.49
N SER C 1086 -9.26 10.86 -2.80
CA SER C 1086 -8.17 10.31 -3.59
C SER C 1086 -7.68 11.39 -4.54
N ILE C 1087 -6.37 11.56 -4.63
CA ILE C 1087 -5.76 12.69 -5.33
C ILE C 1087 -4.80 12.17 -6.38
N LEU C 1088 -4.82 12.79 -7.56
CA LEU C 1088 -3.94 12.44 -8.66
C LEU C 1088 -2.64 13.22 -8.50
N VAL C 1089 -1.54 12.50 -8.31
CA VAL C 1089 -0.24 13.12 -8.07
C VAL C 1089 0.76 12.60 -9.09
N LYS C 1090 1.64 13.49 -9.54
CA LYS C 1090 2.66 13.13 -10.52
C LYS C 1090 3.97 12.78 -9.81
N ASP C 1091 4.49 11.59 -10.08
CA ASP C 1091 5.78 11.18 -9.53
C ASP C 1091 6.88 11.52 -10.52
N THR C 1092 7.93 12.16 -10.04
CA THR C 1092 9.07 12.54 -10.88
C THR C 1092 10.42 12.22 -10.27
N GLN C 1093 10.49 12.03 -8.95
CA GLN C 1093 11.77 11.96 -8.25
C GLN C 1093 12.61 10.74 -8.65
N ALA C 1094 11.99 9.63 -9.04
CA ALA C 1094 12.75 8.39 -9.23
C ALA C 1094 13.62 8.45 -10.48
N MET C 1095 12.97 8.52 -11.66
CA MET C 1095 13.66 8.56 -12.95
C MET C 1095 14.78 7.53 -13.08
N LYS C 1096 14.62 6.37 -12.45
CA LYS C 1096 15.56 5.26 -12.60
C LYS C 1096 15.07 4.21 -13.58
N GLU C 1097 13.75 4.11 -13.78
CA GLU C 1097 13.19 3.23 -14.79
C GLU C 1097 13.59 3.70 -16.18
N MET C 1098 13.33 2.86 -17.18
CA MET C 1098 13.57 3.22 -18.57
C MET C 1098 12.82 4.52 -18.87
N HIS C 1099 13.57 5.59 -19.16
CA HIS C 1099 12.99 6.92 -19.28
C HIS C 1099 13.44 7.64 -20.54
N PHE C 1100 13.89 6.89 -21.56
CA PHE C 1100 14.32 7.45 -22.84
C PHE C 1100 15.55 8.35 -22.69
N HIS C 1101 16.26 8.66 -23.77
CA HIS C 1101 16.21 7.99 -25.07
C HIS C 1101 17.62 7.98 -25.64
N PRO C 1102 17.95 7.03 -26.51
CA PRO C 1102 19.16 7.17 -27.32
C PRO C 1102 19.07 8.46 -28.14
N LYS C 1103 19.91 9.43 -27.81
CA LYS C 1103 19.71 10.79 -28.31
C LYS C 1103 20.43 11.00 -29.63
N ALA C 1104 19.73 11.63 -30.58
CA ALA C 1104 20.32 12.00 -31.87
C ALA C 1104 20.88 13.41 -31.80
N LEU C 1105 21.33 13.93 -32.94
CA LEU C 1105 21.91 15.27 -32.98
C LEU C 1105 21.35 15.99 -34.20
N LYS C 1106 21.29 17.32 -34.15
CA LYS C 1106 20.65 18.10 -35.20
C LYS C 1106 21.55 19.21 -35.72
N ASP C 1107 22.47 19.70 -34.89
CA ASP C 1107 23.30 20.83 -35.28
C ASP C 1107 24.25 20.45 -36.42
N VAL C 1108 24.56 19.16 -36.54
CA VAL C 1108 25.44 18.70 -37.62
C VAL C 1108 24.76 18.95 -38.96
N LYS C 1109 25.50 19.57 -39.88
CA LYS C 1109 24.94 19.85 -41.20
C LYS C 1109 24.65 18.56 -41.95
N GLY C 1110 25.50 17.55 -41.78
CA GLY C 1110 25.24 16.26 -42.41
C GLY C 1110 24.00 15.58 -41.87
N GLN C 1111 23.85 15.59 -40.55
CA GLN C 1111 22.69 14.98 -39.89
C GLN C 1111 21.58 16.02 -39.74
N ILE C 1112 20.92 16.30 -40.88
CA ILE C 1112 19.82 17.26 -40.91
C ILE C 1112 18.62 16.68 -40.16
N GLY C 1113 18.04 17.48 -39.27
CA GLY C 1113 16.85 17.08 -38.55
C GLY C 1113 15.59 17.35 -39.35
N ALA C 1114 14.46 17.09 -38.72
CA ALA C 1114 13.17 17.31 -39.36
C ALA C 1114 12.93 18.82 -39.49
N PRO C 1115 12.75 19.34 -40.71
CA PRO C 1115 12.50 20.79 -40.83
C PRO C 1115 11.21 21.23 -40.15
N MET C 1116 10.23 20.34 -40.05
CA MET C 1116 8.97 20.63 -39.40
C MET C 1116 8.81 19.68 -38.22
N PRO C 1117 8.46 20.19 -37.03
CA PRO C 1117 8.42 19.33 -35.84
C PRO C 1117 7.34 18.27 -35.94
N GLY C 1118 7.59 17.15 -35.27
CA GLY C 1118 6.64 16.06 -35.27
C GLY C 1118 7.22 14.86 -34.54
N LYS C 1119 6.56 13.72 -34.71
CA LYS C 1119 7.02 12.46 -34.14
C LYS C 1119 7.45 11.53 -35.26
N VAL C 1120 8.70 11.09 -35.20
CA VAL C 1120 9.26 10.23 -36.24
C VAL C 1120 8.71 8.83 -36.09
N ILE C 1121 8.18 8.28 -37.19
CA ILE C 1121 7.59 6.95 -37.14
C ILE C 1121 8.68 5.88 -37.07
N ASP C 1122 9.51 5.80 -38.10
CA ASP C 1122 10.56 4.79 -38.17
C ASP C 1122 11.64 5.25 -39.13
N ILE C 1123 12.79 4.57 -39.07
CA ILE C 1123 13.90 4.79 -39.98
C ILE C 1123 14.01 3.57 -40.88
N LYS C 1124 14.01 3.79 -42.19
CA LYS C 1124 13.93 2.71 -43.17
C LYS C 1124 15.30 2.16 -43.55
N VAL C 1125 16.32 2.37 -42.70
CA VAL C 1125 17.67 1.91 -42.97
C VAL C 1125 17.86 0.55 -42.31
N VAL C 1126 18.17 -0.46 -43.11
CA VAL C 1126 18.37 -1.81 -42.63
C VAL C 1126 19.79 -2.24 -42.96
N ALA C 1127 20.34 -3.12 -42.11
CA ALA C 1127 21.71 -3.58 -42.28
C ALA C 1127 21.79 -4.67 -43.35
N GLY C 1128 22.88 -4.65 -44.11
CA GLY C 1128 23.15 -5.68 -45.09
C GLY C 1128 22.18 -5.74 -46.26
N ALA C 1129 21.79 -4.61 -46.81
CA ALA C 1129 20.91 -4.56 -47.96
C ALA C 1129 21.42 -3.52 -48.94
N LYS C 1130 21.09 -3.73 -50.22
CA LYS C 1130 21.50 -2.80 -51.26
C LYS C 1130 20.68 -1.52 -51.18
N VAL C 1131 21.32 -0.39 -51.48
CA VAL C 1131 20.67 0.91 -51.44
C VAL C 1131 20.51 1.42 -52.86
N ALA C 1132 19.55 2.31 -53.05
CA ALA C 1132 19.19 2.85 -54.36
C ALA C 1132 19.63 4.29 -54.49
N LYS C 1133 19.53 4.81 -55.71
CA LYS C 1133 19.90 6.18 -56.03
C LYS C 1133 18.65 6.97 -56.43
N GLY C 1134 18.52 8.16 -55.87
CA GLY C 1134 17.44 9.07 -56.22
C GLY C 1134 16.06 8.58 -55.83
N GLN C 1135 15.92 8.07 -54.61
CA GLN C 1135 14.63 7.61 -54.12
C GLN C 1135 14.34 8.20 -52.73
N PRO C 1136 13.07 8.43 -52.40
CA PRO C 1136 12.75 8.94 -51.06
C PRO C 1136 13.13 7.95 -49.98
N LEU C 1137 13.54 8.49 -48.82
CA LEU C 1137 14.05 7.66 -47.73
C LEU C 1137 13.25 7.75 -46.44
N CYS C 1138 12.47 8.82 -46.24
CA CYS C 1138 11.71 8.98 -45.02
C CYS C 1138 10.38 9.66 -45.33
N VAL C 1139 9.43 9.48 -44.41
CA VAL C 1139 8.10 10.10 -44.50
C VAL C 1139 7.90 10.94 -43.24
N LEU C 1140 7.49 12.20 -43.43
CA LEU C 1140 7.26 13.12 -42.34
C LEU C 1140 5.78 13.16 -41.99
N SER C 1141 5.49 13.24 -40.70
CA SER C 1141 4.12 13.24 -40.19
C SER C 1141 3.71 14.64 -39.75
N ALA C 1142 2.55 15.08 -40.20
CA ALA C 1142 1.97 16.37 -39.81
C ALA C 1142 0.56 16.15 -39.27
N MET C 1143 -0.13 17.25 -38.98
CA MET C 1143 -1.43 17.15 -38.30
C MET C 1143 -2.46 16.43 -39.15
N LYS C 1144 -2.90 17.05 -40.24
CA LYS C 1144 -3.91 16.44 -41.10
C LYS C 1144 -3.63 16.67 -42.58
N MET C 1145 -2.45 17.21 -42.91
CA MET C 1145 -2.07 17.43 -44.29
C MET C 1145 -0.60 17.06 -44.45
N GLU C 1146 -0.22 16.72 -45.67
CA GLU C 1146 1.11 16.20 -45.94
C GLU C 1146 1.98 17.26 -46.60
N THR C 1147 3.15 17.48 -46.02
CA THR C 1147 4.15 18.40 -46.55
C THR C 1147 5.28 17.59 -47.18
N VAL C 1148 5.68 17.95 -48.38
CA VAL C 1148 6.67 17.21 -49.16
C VAL C 1148 8.06 17.59 -48.66
N VAL C 1149 8.77 16.61 -48.09
CA VAL C 1149 10.12 16.79 -47.60
C VAL C 1149 11.03 15.82 -48.34
N THR C 1150 11.92 16.34 -49.17
CA THR C 1150 12.91 15.57 -49.89
C THR C 1150 14.28 16.16 -49.63
N SER C 1151 15.28 15.31 -49.48
CA SER C 1151 16.64 15.77 -49.21
C SER C 1151 17.13 16.65 -50.35
N PRO C 1152 17.72 17.81 -50.07
CA PRO C 1152 18.20 18.68 -51.17
C PRO C 1152 19.23 18.02 -52.05
N MET C 1153 20.01 17.08 -51.51
CA MET C 1153 20.96 16.31 -52.30
C MET C 1153 20.77 14.83 -51.99
N GLU C 1154 21.05 14.00 -52.99
CA GLU C 1154 20.82 12.57 -52.88
C GLU C 1154 22.09 11.87 -52.43
N GLY C 1155 21.96 11.01 -51.43
CA GLY C 1155 23.09 10.26 -50.92
C GLY C 1155 22.67 8.85 -50.56
N THR C 1156 23.64 8.05 -50.14
CA THR C 1156 23.42 6.65 -49.80
C THR C 1156 23.84 6.39 -48.37
N VAL C 1157 23.08 5.56 -47.67
CA VAL C 1157 23.41 5.12 -46.32
C VAL C 1157 24.25 3.85 -46.44
N ARG C 1158 25.48 3.92 -45.94
CA ARG C 1158 26.42 2.84 -46.16
C ARG C 1158 26.44 1.85 -44.99
N LYS C 1159 26.73 2.34 -43.79
CA LYS C 1159 26.79 1.50 -42.60
C LYS C 1159 26.24 2.25 -41.41
N VAL C 1160 25.37 1.59 -40.65
CA VAL C 1160 24.74 2.17 -39.48
C VAL C 1160 25.04 1.32 -38.26
N HIS C 1161 25.43 1.97 -37.17
CA HIS C 1161 25.78 1.26 -35.95
C HIS C 1161 24.54 0.74 -35.22
N VAL C 1162 23.37 1.32 -35.52
CA VAL C 1162 22.12 0.87 -34.92
C VAL C 1162 21.71 -0.44 -35.57
N THR C 1163 21.53 -1.49 -34.76
CA THR C 1163 21.29 -2.84 -35.28
C THR C 1163 19.81 -3.19 -35.31
N LYS C 1164 19.14 -3.15 -34.17
CA LYS C 1164 17.79 -3.67 -34.06
C LYS C 1164 17.07 -2.98 -32.90
N ASP C 1165 15.91 -3.54 -32.55
CA ASP C 1165 15.07 -3.13 -31.41
C ASP C 1165 15.13 -1.63 -31.16
N MET C 1166 14.75 -0.86 -32.19
CA MET C 1166 14.77 0.60 -32.12
C MET C 1166 13.38 1.15 -32.36
N THR C 1167 12.89 1.93 -31.39
CA THR C 1167 11.63 2.62 -31.55
C THR C 1167 11.88 4.13 -31.57
N LEU C 1168 11.36 4.79 -32.59
CA LEU C 1168 11.62 6.21 -32.83
C LEU C 1168 10.60 7.06 -32.07
N GLU C 1169 11.11 8.00 -31.28
CA GLU C 1169 10.27 8.91 -30.53
C GLU C 1169 10.26 10.29 -31.20
N GLY C 1170 9.59 11.25 -30.56
CA GLY C 1170 9.41 12.54 -31.18
C GLY C 1170 10.73 13.29 -31.32
N ASP C 1171 10.87 14.00 -32.44
CA ASP C 1171 12.04 14.82 -32.73
C ASP C 1171 13.31 13.96 -32.75
N ASP C 1172 13.35 13.01 -33.68
CA ASP C 1172 14.50 12.14 -33.88
C ASP C 1172 15.11 12.39 -35.24
N LEU C 1173 16.38 12.03 -35.39
CA LEU C 1173 17.10 12.22 -36.65
C LEU C 1173 16.48 11.33 -37.73
N ILE C 1174 16.36 11.87 -38.94
CA ILE C 1174 15.76 11.16 -40.06
C ILE C 1174 16.80 10.69 -41.07
N LEU C 1175 17.87 11.47 -41.25
CA LEU C 1175 18.94 11.12 -42.18
C LEU C 1175 20.21 10.82 -41.40
N GLU C 1176 20.77 9.63 -41.62
CA GLU C 1176 22.00 9.19 -40.96
C GLU C 1176 23.04 8.92 -42.05
N ILE C 1177 24.04 9.79 -42.13
CA ILE C 1177 25.03 9.73 -43.20
C ILE C 1177 26.05 8.65 -42.87
N GLU C 1178 26.43 7.90 -43.90
CA GLU C 1178 27.43 6.85 -43.81
C GLU C 1178 27.21 5.91 -42.63
N TYR D 34 -37.91 44.81 11.91
CA TYR D 34 -37.00 44.01 11.09
C TYR D 34 -35.60 44.16 11.63
N LYS D 35 -34.95 43.04 11.93
CA LYS D 35 -33.55 43.03 12.34
C LYS D 35 -32.84 41.94 11.54
N PRO D 36 -32.12 42.31 10.48
CA PRO D 36 -31.48 41.29 9.63
C PRO D 36 -30.49 40.45 10.42
N ILE D 37 -30.41 39.18 10.05
CA ILE D 37 -29.52 38.22 10.70
C ILE D 37 -28.31 38.02 9.81
N LYS D 38 -27.11 38.13 10.40
CA LYS D 38 -25.89 38.02 9.62
C LYS D 38 -25.38 36.59 9.60
N LYS D 39 -25.42 35.90 10.73
CA LYS D 39 -25.02 34.50 10.80
C LYS D 39 -25.84 33.78 11.85
N VAL D 40 -25.88 32.45 11.72
CA VAL D 40 -26.68 31.59 12.59
C VAL D 40 -25.83 30.40 12.99
N MET D 41 -25.92 30.01 14.27
CA MET D 41 -25.23 28.84 14.78
C MET D 41 -26.23 27.80 15.20
N VAL D 42 -25.99 26.55 14.81
CA VAL D 42 -26.89 25.43 15.08
C VAL D 42 -26.35 24.64 16.26
N ALA D 43 -27.26 24.21 17.14
CA ALA D 43 -26.90 23.52 18.38
C ALA D 43 -27.34 22.06 18.36
N ASN D 44 -27.15 21.39 17.23
CA ASN D 44 -27.52 19.99 17.08
C ASN D 44 -26.48 19.30 16.21
N ARG D 45 -26.80 18.09 15.77
CA ARG D 45 -25.94 17.32 14.88
C ARG D 45 -26.81 16.39 14.05
N GLY D 46 -26.26 15.92 12.95
CA GLY D 46 -26.93 14.97 12.09
C GLY D 46 -27.61 15.65 10.91
N GLU D 47 -28.77 15.12 10.50
CA GLU D 47 -29.41 15.60 9.27
C GLU D 47 -30.08 16.94 9.47
N ILE D 48 -30.56 17.23 10.69
CA ILE D 48 -31.23 18.50 10.92
C ILE D 48 -30.26 19.66 10.76
N ALA D 49 -29.02 19.49 11.23
CA ALA D 49 -28.02 20.53 11.03
C ALA D 49 -27.75 20.75 9.56
N ILE D 50 -27.68 19.67 8.77
CA ILE D 50 -27.46 19.81 7.34
C ILE D 50 -28.62 20.56 6.68
N ARG D 51 -29.85 20.23 7.08
CA ARG D 51 -31.01 20.90 6.52
C ARG D 51 -30.98 22.39 6.83
N VAL D 52 -30.68 22.74 8.07
CA VAL D 52 -30.63 24.15 8.45
C VAL D 52 -29.49 24.86 7.71
N PHE D 53 -28.34 24.20 7.56
CA PHE D 53 -27.22 24.79 6.85
C PHE D 53 -27.60 25.10 5.40
N ARG D 54 -28.26 24.14 4.74
CA ARG D 54 -28.69 24.37 3.36
C ARG D 54 -29.66 25.53 3.28
N ALA D 55 -30.64 25.58 4.20
CA ALA D 55 -31.62 26.65 4.17
C ALA D 55 -30.97 28.01 4.38
N CYS D 56 -30.00 28.10 5.29
CA CYS D 56 -29.32 29.36 5.53
C CYS D 56 -28.45 29.77 4.35
N THR D 57 -27.69 28.82 3.78
CA THR D 57 -26.86 29.14 2.63
C THR D 57 -27.69 29.61 1.45
N GLU D 58 -28.90 29.06 1.28
CA GLU D 58 -29.77 29.53 0.21
C GLU D 58 -30.16 30.99 0.39
N LEU D 59 -30.09 31.52 1.62
CA LEU D 59 -30.40 32.92 1.89
C LEU D 59 -29.17 33.78 2.05
N GLY D 60 -27.98 33.26 1.73
CA GLY D 60 -26.76 34.05 1.86
C GLY D 60 -26.44 34.45 3.29
N ILE D 61 -26.52 33.50 4.21
CA ILE D 61 -26.25 33.75 5.62
C ILE D 61 -25.09 32.87 6.04
N ARG D 62 -24.11 33.46 6.72
CA ARG D 62 -22.97 32.70 7.21
C ARG D 62 -23.43 31.67 8.25
N THR D 63 -22.71 30.55 8.30
CA THR D 63 -23.08 29.44 9.16
C THR D 63 -21.95 29.12 10.13
N VAL D 64 -22.31 28.90 11.38
CA VAL D 64 -21.36 28.52 12.43
C VAL D 64 -21.82 27.21 13.03
N ALA D 65 -20.92 26.23 13.11
CA ALA D 65 -21.25 24.91 13.58
C ALA D 65 -20.44 24.55 14.82
N ILE D 66 -21.00 23.67 15.64
CA ILE D 66 -20.35 23.17 16.85
C ILE D 66 -20.29 21.65 16.76
N TYR D 67 -19.29 21.07 17.42
CA TYR D 67 -19.14 19.63 17.41
C TYR D 67 -18.40 19.20 18.67
N SER D 68 -18.60 17.94 19.04
CA SER D 68 -17.96 17.35 20.20
C SER D 68 -16.67 16.65 19.78
N GLU D 69 -15.89 16.25 20.79
CA GLU D 69 -14.61 15.60 20.51
C GLU D 69 -14.82 14.26 19.80
N GLN D 70 -15.73 13.43 20.32
CA GLN D 70 -15.97 12.13 19.70
C GLN D 70 -16.53 12.27 18.30
N ASP D 71 -17.47 13.20 18.11
CA ASP D 71 -18.12 13.40 16.81
C ASP D 71 -17.29 14.33 15.92
N THR D 72 -16.08 13.89 15.57
CA THR D 72 -15.17 14.70 14.78
C THR D 72 -15.15 14.32 13.30
N GLY D 73 -15.53 13.10 12.96
CA GLY D 73 -15.59 12.66 11.58
C GLY D 73 -16.95 12.80 10.93
N GLN D 74 -17.89 13.49 11.56
CA GLN D 74 -19.22 13.63 11.02
C GLN D 74 -19.20 14.60 9.83
N MET D 75 -20.24 14.53 9.01
CA MET D 75 -20.36 15.36 7.83
C MET D 75 -21.04 16.71 8.10
N HIS D 76 -21.64 16.88 9.28
CA HIS D 76 -22.33 18.14 9.56
C HIS D 76 -21.36 19.29 9.78
N ARG D 77 -20.16 19.02 10.29
CA ARG D 77 -19.16 20.05 10.54
C ARG D 77 -18.39 20.41 9.28
N GLN D 78 -18.60 19.70 8.17
CA GLN D 78 -17.88 19.94 6.94
C GLN D 78 -18.68 20.77 5.94
N LYS D 79 -19.98 20.94 6.15
CA LYS D 79 -20.83 21.71 5.25
C LYS D 79 -21.16 23.08 5.85
N ALA D 80 -20.34 23.54 6.79
CA ALA D 80 -20.55 24.82 7.45
C ALA D 80 -19.27 25.65 7.36
N ASP D 81 -19.46 26.97 7.34
CA ASP D 81 -18.31 27.87 7.18
C ASP D 81 -17.44 27.86 8.44
N GLU D 82 -18.04 27.67 9.61
CA GLU D 82 -17.32 27.77 10.86
C GLU D 82 -17.57 26.52 11.70
N ALA D 83 -16.52 26.03 12.35
CA ALA D 83 -16.62 24.87 13.21
C ALA D 83 -15.76 25.08 14.46
N TYR D 84 -16.35 24.80 15.62
CA TYR D 84 -15.65 24.96 16.90
C TYR D 84 -15.88 23.74 17.78
N LEU D 85 -14.91 23.45 18.66
CA LEU D 85 -15.04 22.29 19.58
C LEU D 85 -15.80 22.71 20.84
N ILE D 86 -16.63 21.82 21.41
CA ILE D 86 -17.40 22.10 22.66
C ILE D 86 -17.39 20.85 23.55
N GLY D 87 -17.70 21.01 24.85
CA GLY D 87 -17.72 19.85 25.78
C GLY D 87 -16.44 19.06 25.70
N ARG D 88 -15.31 19.68 26.02
CA ARG D 88 -13.98 19.00 25.91
C ARG D 88 -13.93 17.77 26.81
N GLY D 89 -14.04 17.94 28.13
CA GLY D 89 -13.91 16.82 29.04
C GLY D 89 -15.20 16.14 29.41
N LEU D 90 -16.32 16.66 28.92
CA LEU D 90 -17.62 16.16 29.30
C LEU D 90 -17.92 14.81 28.63
N ALA D 91 -19.01 14.19 29.07
CA ALA D 91 -19.45 12.95 28.46
C ALA D 91 -19.98 13.23 27.06
N PRO D 92 -19.83 12.27 26.13
CA PRO D 92 -20.21 12.53 24.73
C PRO D 92 -21.68 12.88 24.54
N VAL D 93 -22.57 12.25 25.31
CA VAL D 93 -24.00 12.50 25.11
C VAL D 93 -24.40 13.87 25.66
N GLN D 94 -23.79 14.29 26.76
CA GLN D 94 -24.15 15.54 27.41
C GLN D 94 -23.24 16.69 27.02
N ALA D 95 -22.33 16.49 26.06
CA ALA D 95 -21.52 17.59 25.56
C ALA D 95 -22.38 18.65 24.90
N TYR D 96 -23.43 18.24 24.18
CA TYR D 96 -24.35 19.17 23.55
C TYR D 96 -25.38 19.74 24.52
N LEU D 97 -25.18 19.55 25.84
CA LEU D 97 -26.16 19.98 26.83
C LEU D 97 -25.59 21.03 27.77
N HIS D 98 -24.40 21.55 27.49
CA HIS D 98 -23.74 22.53 28.34
C HIS D 98 -24.09 23.92 27.83
N ILE D 99 -25.08 24.56 28.49
CA ILE D 99 -25.49 25.89 28.06
C ILE D 99 -24.38 26.93 28.16
N PRO D 100 -23.62 27.02 29.26
CA PRO D 100 -22.59 28.07 29.33
C PRO D 100 -21.57 28.02 28.20
N ASP D 101 -21.13 26.83 27.81
CA ASP D 101 -20.15 26.72 26.73
C ASP D 101 -20.74 27.20 25.41
N ILE D 102 -21.98 26.81 25.12
CA ILE D 102 -22.62 27.25 23.88
C ILE D 102 -22.78 28.76 23.88
N ILE D 103 -23.19 29.33 25.01
CA ILE D 103 -23.35 30.78 25.09
C ILE D 103 -22.02 31.49 24.88
N LYS D 104 -20.96 30.97 25.51
CA LYS D 104 -19.64 31.60 25.35
C LYS D 104 -19.17 31.53 23.91
N VAL D 105 -19.39 30.39 23.24
CA VAL D 105 -18.97 30.26 21.84
C VAL D 105 -19.77 31.22 20.96
N ALA D 106 -21.09 31.29 21.17
CA ALA D 106 -21.92 32.13 20.33
C ALA D 106 -21.60 33.61 20.51
N LYS D 107 -21.39 34.04 21.76
CA LYS D 107 -21.16 35.45 22.02
C LYS D 107 -19.87 35.94 21.38
N GLU D 108 -18.83 35.10 21.39
CA GLU D 108 -17.52 35.55 20.93
C GLU D 108 -17.49 35.77 19.42
N ASN D 109 -18.11 34.86 18.65
CA ASN D 109 -18.02 34.89 17.20
C ASN D 109 -19.09 35.74 16.54
N ASN D 110 -19.73 36.64 17.30
CA ASN D 110 -20.69 37.60 16.75
C ASN D 110 -21.87 36.88 16.08
N VAL D 111 -22.45 35.93 16.79
CA VAL D 111 -23.61 35.18 16.30
C VAL D 111 -24.86 35.99 16.58
N ASP D 112 -25.84 35.88 15.68
CA ASP D 112 -27.08 36.64 15.79
C ASP D 112 -28.24 35.80 16.30
N ALA D 113 -28.40 34.57 15.79
CA ALA D 113 -29.53 33.73 16.17
C ALA D 113 -29.08 32.28 16.23
N VAL D 114 -29.84 31.47 16.95
CA VAL D 114 -29.54 30.05 17.14
C VAL D 114 -30.77 29.23 16.78
N HIS D 115 -30.54 28.14 16.06
CA HIS D 115 -31.59 27.18 15.75
C HIS D 115 -31.40 25.95 16.62
N PRO D 116 -32.30 25.65 17.55
CA PRO D 116 -32.09 24.51 18.44
C PRO D 116 -32.26 23.16 17.76
N GLY D 117 -33.17 23.07 16.80
CA GLY D 117 -33.44 21.83 16.12
C GLY D 117 -34.46 20.98 16.84
N TYR D 118 -34.11 19.74 17.16
CA TYR D 118 -35.00 18.89 17.94
C TYR D 118 -34.18 17.88 18.71
N GLY D 119 -34.75 17.42 19.83
CA GLY D 119 -34.19 16.29 20.55
C GLY D 119 -33.26 16.61 21.69
N PHE D 120 -32.39 17.60 21.52
CA PHE D 120 -31.34 17.87 22.50
C PHE D 120 -31.72 18.98 23.47
N LEU D 121 -32.08 20.16 22.96
CA LEU D 121 -32.38 21.29 23.82
C LEU D 121 -33.61 22.07 23.38
N SER D 122 -34.50 21.48 22.57
CA SER D 122 -35.68 22.19 22.13
C SER D 122 -36.65 22.46 23.27
N GLU D 123 -36.85 21.47 24.14
CA GLU D 123 -37.82 21.58 25.23
C GLU D 123 -37.29 22.35 26.43
N ARG D 124 -35.98 22.54 26.55
CA ARG D 124 -35.43 23.16 27.74
C ARG D 124 -35.74 24.65 27.76
N ALA D 125 -36.44 25.09 28.79
CA ALA D 125 -36.80 26.50 28.93
C ALA D 125 -35.65 27.36 29.43
N ASP D 126 -34.74 26.79 30.21
CA ASP D 126 -33.59 27.55 30.69
C ASP D 126 -32.66 27.98 29.56
N PHE D 127 -32.47 27.12 28.56
CA PHE D 127 -31.60 27.46 27.44
C PHE D 127 -32.14 28.66 26.67
N ALA D 128 -33.45 28.69 26.42
CA ALA D 128 -34.04 29.83 25.73
C ALA D 128 -33.87 31.11 26.54
N GLN D 129 -34.06 31.04 27.86
CA GLN D 129 -33.88 32.21 28.70
C GLN D 129 -32.44 32.69 28.68
N ALA D 130 -31.48 31.76 28.72
CA ALA D 130 -30.08 32.13 28.66
C ALA D 130 -29.74 32.80 27.34
N CYS D 131 -30.28 32.27 26.24
CA CYS D 131 -30.06 32.90 24.95
C CYS D 131 -30.66 34.29 24.90
N GLN D 132 -31.85 34.46 25.46
CA GLN D 132 -32.45 35.80 25.52
C GLN D 132 -31.62 36.75 26.36
N ASP D 133 -30.97 36.25 27.41
CA ASP D 133 -30.21 37.11 28.31
C ASP D 133 -28.92 37.62 27.69
N ALA D 134 -28.33 36.88 26.75
CA ALA D 134 -27.06 37.26 26.15
C ALA D 134 -27.23 38.08 24.88
N GLY D 135 -28.45 38.46 24.52
CA GLY D 135 -28.70 39.22 23.33
C GLY D 135 -28.78 38.41 22.04
N VAL D 136 -28.64 37.09 22.13
CA VAL D 136 -28.72 36.22 20.95
C VAL D 136 -30.17 35.84 20.73
N ARG D 137 -30.60 35.89 19.47
CA ARG D 137 -31.97 35.54 19.14
C ARG D 137 -32.17 34.03 19.20
N PHE D 138 -33.35 33.62 19.65
CA PHE D 138 -33.72 32.21 19.73
C PHE D 138 -34.86 31.96 18.75
N ILE D 139 -34.65 31.00 17.84
CA ILE D 139 -35.64 30.71 16.80
C ILE D 139 -36.64 29.70 17.37
N GLY D 140 -37.87 30.15 17.59
CA GLY D 140 -38.89 29.31 18.15
C GLY D 140 -39.88 30.11 18.99
N PRO D 141 -40.64 29.42 19.82
CA PRO D 141 -41.58 30.10 20.72
C PRO D 141 -40.86 30.68 21.93
N SER D 142 -41.55 31.60 22.60
CA SER D 142 -40.99 32.23 23.78
C SER D 142 -40.83 31.21 24.91
N PRO D 143 -39.88 31.44 25.83
CA PRO D 143 -39.69 30.47 26.93
C PRO D 143 -40.92 30.28 27.78
N GLU D 144 -41.74 31.33 27.96
CA GLU D 144 -42.96 31.18 28.74
C GLU D 144 -43.90 30.17 28.10
N VAL D 145 -44.05 30.21 26.78
CA VAL D 145 -44.91 29.26 26.09
C VAL D 145 -44.38 27.84 26.23
N VAL D 146 -43.05 27.69 26.13
CA VAL D 146 -42.45 26.36 26.26
C VAL D 146 -42.70 25.81 27.66
N ARG D 147 -42.53 26.64 28.69
CA ARG D 147 -42.82 26.19 30.05
C ARG D 147 -44.30 25.88 30.23
N LYS D 148 -45.17 26.66 29.58
CA LYS D 148 -46.61 26.39 29.64
C LYS D 148 -46.93 25.02 29.06
N MET D 149 -46.30 24.67 27.94
CA MET D 149 -46.40 23.30 27.44
C MET D 149 -45.86 22.33 28.47
N GLY D 150 -44.56 22.38 28.74
CA GLY D 150 -43.94 21.77 29.90
C GLY D 150 -44.43 20.39 30.28
N ASP D 151 -44.99 20.28 31.48
CA ASP D 151 -45.48 19.02 32.00
C ASP D 151 -46.90 18.78 31.50
N LYS D 152 -47.52 17.68 31.95
CA LYS D 152 -48.79 17.24 31.38
C LYS D 152 -50.00 17.87 32.06
N VAL D 153 -49.91 18.21 33.34
CA VAL D 153 -51.09 18.71 34.05
C VAL D 153 -51.52 20.07 33.52
N GLU D 154 -50.57 20.94 33.19
CA GLU D 154 -50.91 22.25 32.64
C GLU D 154 -51.57 22.11 31.28
N ALA D 155 -51.05 21.21 30.43
CA ALA D 155 -51.69 20.95 29.15
C ALA D 155 -53.08 20.38 29.33
N ARG D 156 -53.25 19.48 30.30
CA ARG D 156 -54.56 18.97 30.65
C ARG D 156 -55.53 20.11 30.95
N ALA D 157 -55.11 21.01 31.85
CA ALA D 157 -55.98 22.11 32.26
C ALA D 157 -56.28 23.05 31.11
N ILE D 158 -55.29 23.34 30.27
CA ILE D 158 -55.50 24.26 29.15
C ILE D 158 -56.48 23.64 28.15
N ALA D 159 -56.34 22.35 27.87
CA ALA D 159 -57.29 21.68 26.97
C ALA D 159 -58.73 21.89 27.48
N ILE D 160 -58.99 21.53 28.75
CA ILE D 160 -60.38 21.64 29.30
C ILE D 160 -60.86 23.09 29.35
N ALA D 161 -60.01 24.03 29.81
CA ALA D 161 -60.47 25.44 29.99
C ALA D 161 -60.86 26.06 28.65
N ALA D 162 -60.05 25.85 27.61
CA ALA D 162 -60.35 26.38 26.25
C ALA D 162 -59.65 25.43 25.27
N GLY D 163 -60.41 24.63 24.53
CA GLY D 163 -59.75 23.59 23.73
C GLY D 163 -60.70 22.49 23.30
N VAL D 164 -60.15 21.38 22.81
CA VAL D 164 -60.98 20.25 22.29
C VAL D 164 -61.18 19.22 23.42
N PRO D 165 -62.16 18.26 23.39
CA PRO D 165 -62.25 17.26 24.46
C PRO D 165 -60.97 16.44 24.55
N VAL D 166 -60.81 15.79 25.70
CA VAL D 166 -59.62 14.99 25.98
C VAL D 166 -60.08 13.66 26.56
N VAL D 167 -59.21 12.65 26.43
CA VAL D 167 -59.54 11.32 26.94
C VAL D 167 -59.78 11.38 28.44
N PRO D 168 -60.83 10.75 28.97
CA PRO D 168 -61.04 10.75 30.42
C PRO D 168 -59.86 10.14 31.16
N GLY D 169 -59.54 10.73 32.30
CA GLY D 169 -58.40 10.29 33.08
C GLY D 169 -58.27 11.12 34.33
N THR D 170 -57.29 10.75 35.14
CA THR D 170 -57.07 11.43 36.41
C THR D 170 -56.15 12.62 36.21
N ASP D 171 -56.59 13.80 36.64
CA ASP D 171 -55.76 14.99 36.51
C ASP D 171 -54.55 14.94 37.43
N ALA D 172 -54.76 14.61 38.68
CA ALA D 172 -53.65 14.54 39.62
C ALA D 172 -52.87 13.24 39.44
N PRO D 173 -51.59 13.23 39.80
CA PRO D 173 -50.84 11.97 39.79
C PRO D 173 -51.40 10.99 40.82
N ILE D 174 -51.24 9.71 40.54
CA ILE D 174 -51.82 8.63 41.33
C ILE D 174 -50.71 7.93 42.09
N THR D 175 -50.88 7.81 43.41
CA THR D 175 -49.98 7.04 44.25
C THR D 175 -50.69 6.11 45.22
N SER D 176 -52.01 6.05 45.20
CA SER D 176 -52.78 5.26 46.15
C SER D 176 -53.45 4.07 45.47
N LEU D 177 -53.49 2.95 46.18
CA LEU D 177 -54.23 1.79 45.71
C LEU D 177 -55.72 2.10 45.63
N HIS D 178 -56.24 2.86 46.61
CA HIS D 178 -57.65 3.23 46.59
C HIS D 178 -57.98 4.07 45.37
N GLU D 179 -57.08 4.98 44.98
CA GLU D 179 -57.33 5.80 43.80
C GLU D 179 -57.46 4.94 42.55
N ALA D 180 -56.51 4.01 42.35
CA ALA D 180 -56.57 3.13 41.19
C ALA D 180 -57.82 2.28 41.21
N HIS D 181 -58.14 1.71 42.37
CA HIS D 181 -59.34 0.87 42.48
C HIS D 181 -60.60 1.67 42.17
N GLU D 182 -60.68 2.90 42.68
CA GLU D 182 -61.89 3.70 42.48
C GLU D 182 -62.05 4.12 41.04
N PHE D 183 -60.97 4.58 40.40
CA PHE D 183 -61.10 5.01 39.02
C PHE D 183 -61.21 3.83 38.06
N SER D 184 -60.79 2.63 38.49
CA SER D 184 -61.12 1.44 37.72
C SER D 184 -62.60 1.12 37.85
N ASN D 185 -63.15 1.28 39.05
CA ASN D 185 -64.57 1.07 39.27
C ASN D 185 -65.43 2.04 38.46
N THR D 186 -65.02 3.30 38.40
CA THR D 186 -65.90 4.35 37.89
C THR D 186 -66.07 4.29 36.37
N TYR D 187 -64.99 4.50 35.62
CA TYR D 187 -65.12 4.63 34.17
C TYR D 187 -65.15 3.27 33.48
N GLY D 188 -64.09 2.49 33.64
CA GLY D 188 -64.02 1.23 32.93
C GLY D 188 -62.83 0.40 33.39
N PHE D 189 -62.82 -0.84 32.92
CA PHE D 189 -61.84 -1.84 33.32
C PHE D 189 -60.49 -1.69 32.63
N PRO D 190 -60.43 -1.53 31.30
CA PRO D 190 -59.12 -1.37 30.66
C PRO D 190 -58.57 0.03 30.90
N ILE D 191 -57.43 0.11 31.58
CA ILE D 191 -56.79 1.37 31.92
C ILE D 191 -55.31 1.27 31.60
N ILE D 192 -54.67 2.42 31.37
CA ILE D 192 -53.27 2.50 31.03
C ILE D 192 -52.55 3.30 32.11
N PHE D 193 -51.38 2.83 32.52
CA PHE D 193 -50.54 3.55 33.46
C PHE D 193 -49.51 4.38 32.69
N LYS D 194 -49.52 5.69 32.92
CA LYS D 194 -48.62 6.61 32.24
C LYS D 194 -47.76 7.33 33.27
N ALA D 195 -46.48 7.47 32.96
CA ALA D 195 -45.52 8.09 33.87
C ALA D 195 -45.27 9.53 33.45
N ALA D 196 -45.36 10.44 34.42
CA ALA D 196 -45.07 11.85 34.19
C ALA D 196 -43.63 12.17 34.57
N TYR D 197 -43.18 13.34 34.14
CA TYR D 197 -41.80 13.80 34.37
C TYR D 197 -40.80 12.79 33.82
N GLY D 198 -41.09 12.28 32.63
CA GLY D 198 -40.22 11.33 31.97
C GLY D 198 -40.57 11.13 30.51
N GLY D 199 -39.56 10.93 29.67
CA GLY D 199 -39.80 10.73 28.25
C GLY D 199 -39.71 9.28 27.85
N GLY D 200 -39.18 8.43 28.72
CA GLY D 200 -39.07 7.02 28.42
C GLY D 200 -40.43 6.35 28.33
N GLY D 201 -40.54 5.35 27.45
CA GLY D 201 -41.80 4.60 27.33
C GLY D 201 -41.86 3.46 28.32
N ARG D 202 -40.92 3.43 29.29
CA ARG D 202 -40.87 2.35 30.30
C ARG D 202 -42.14 2.37 31.15
N GLY D 203 -42.61 3.58 31.52
CA GLY D 203 -43.84 3.71 32.31
C GLY D 203 -45.08 3.70 31.43
N MET D 204 -45.45 2.52 30.90
CA MET D 204 -46.63 2.41 30.01
C MET D 204 -47.12 0.96 30.00
N ARG D 205 -47.91 0.55 31.01
CA ARG D 205 -48.37 -0.82 31.07
C ARG D 205 -49.89 -0.82 31.01
N VAL D 206 -50.45 -1.98 30.62
CA VAL D 206 -51.87 -2.13 30.34
C VAL D 206 -52.49 -3.00 31.42
N VAL D 207 -53.73 -2.69 31.77
CA VAL D 207 -54.50 -3.44 32.77
C VAL D 207 -55.79 -3.91 32.13
N HIS D 208 -56.12 -5.19 32.35
CA HIS D 208 -57.37 -5.76 31.85
C HIS D 208 -58.32 -6.20 32.95
N SER D 209 -57.81 -6.70 34.08
CA SER D 209 -58.66 -7.23 35.13
C SER D 209 -58.08 -6.89 36.50
N TYR D 210 -58.92 -7.07 37.53
CA TYR D 210 -58.53 -6.77 38.91
C TYR D 210 -57.24 -7.48 39.28
N GLU D 211 -57.17 -8.80 39.04
CA GLU D 211 -55.99 -9.56 39.41
C GLU D 211 -54.75 -9.04 38.69
N GLU D 212 -54.87 -8.74 37.40
CA GLU D 212 -53.77 -8.12 36.68
C GLU D 212 -53.56 -6.68 37.13
N LEU D 213 -54.64 -5.99 37.52
CA LEU D 213 -54.54 -4.59 37.92
C LEU D 213 -53.62 -4.43 39.12
N GLU D 214 -53.78 -5.27 40.13
CA GLU D 214 -52.97 -5.11 41.34
C GLU D 214 -51.48 -5.26 41.05
N GLU D 215 -51.10 -6.34 40.37
CA GLU D 215 -49.68 -6.58 40.11
C GLU D 215 -49.11 -5.54 39.14
N ASN D 216 -49.90 -5.13 38.14
CA ASN D 216 -49.45 -4.07 37.24
C ASN D 216 -49.20 -2.78 37.98
N TYR D 217 -50.11 -2.42 38.90
CA TYR D 217 -49.89 -1.23 39.71
C TYR D 217 -48.62 -1.35 40.54
N THR D 218 -48.40 -2.51 41.15
CA THR D 218 -47.22 -2.69 41.99
C THR D 218 -45.94 -2.52 41.17
N ARG D 219 -45.83 -3.25 40.05
CA ARG D 219 -44.60 -3.17 39.26
C ARG D 219 -44.41 -1.78 38.65
N ALA D 220 -45.50 -1.18 38.14
CA ALA D 220 -45.37 0.12 37.51
C ALA D 220 -44.94 1.18 38.52
N TYR D 221 -45.55 1.18 39.71
CA TYR D 221 -45.16 2.14 40.73
C TYR D 221 -43.72 1.94 41.15
N SER D 222 -43.30 0.68 41.35
CA SER D 222 -41.93 0.42 41.76
C SER D 222 -40.94 0.88 40.69
N GLU D 223 -41.20 0.56 39.42
CA GLU D 223 -40.25 0.92 38.37
C GLU D 223 -40.24 2.43 38.14
N ALA D 224 -41.39 3.09 38.27
CA ALA D 224 -41.42 4.54 38.12
C ALA D 224 -40.64 5.24 39.23
N LEU D 225 -40.79 4.77 40.47
CA LEU D 225 -40.03 5.38 41.56
C LEU D 225 -38.55 5.02 41.48
N ALA D 226 -38.20 3.87 40.91
CA ALA D 226 -36.80 3.42 40.87
C ALA D 226 -36.02 4.05 39.72
N ALA D 227 -36.50 3.85 38.48
CA ALA D 227 -35.75 4.31 37.32
C ALA D 227 -35.62 5.83 37.28
N PHE D 228 -36.68 6.53 37.67
CA PHE D 228 -36.74 7.98 37.63
C PHE D 228 -36.95 8.52 39.05
N GLY D 229 -37.25 9.81 39.14
CA GLY D 229 -37.41 10.44 40.44
C GLY D 229 -38.84 10.34 40.91
N ASN D 230 -39.57 11.45 40.91
CA ASN D 230 -40.96 11.41 41.35
C ASN D 230 -41.80 10.49 40.47
N GLY D 231 -42.61 9.64 41.12
CA GLY D 231 -43.41 8.65 40.42
C GLY D 231 -44.82 9.10 40.13
N ALA D 232 -44.97 10.20 39.39
CA ALA D 232 -46.29 10.73 39.07
C ALA D 232 -46.92 9.86 37.99
N LEU D 233 -47.55 8.77 38.41
CA LEU D 233 -48.21 7.86 37.50
C LEU D 233 -49.62 8.35 37.20
N PHE D 234 -50.12 8.00 36.01
CA PHE D 234 -51.41 8.46 35.54
C PHE D 234 -52.30 7.28 35.17
N VAL D 235 -53.60 7.48 35.33
CA VAL D 235 -54.61 6.47 35.02
C VAL D 235 -55.49 7.03 33.92
N GLU D 236 -55.59 6.29 32.81
CA GLU D 236 -56.40 6.70 31.67
C GLU D 236 -56.94 5.47 30.96
N LYS D 237 -58.16 5.60 30.42
CA LYS D 237 -58.79 4.50 29.72
C LYS D 237 -58.08 4.21 28.40
N PHE D 238 -57.91 2.93 28.10
CA PHE D 238 -57.34 2.50 26.84
C PHE D 238 -58.39 2.57 25.73
N ILE D 239 -57.92 2.85 24.51
CA ILE D 239 -58.77 2.89 23.33
C ILE D 239 -58.40 1.71 22.44
N GLU D 240 -59.43 0.99 21.97
CA GLU D 240 -59.22 -0.33 21.37
C GLU D 240 -58.24 -0.26 20.20
N LYS D 241 -58.64 0.43 19.12
CA LYS D 241 -57.80 0.59 17.93
C LYS D 241 -57.51 2.07 17.77
N PRO D 242 -56.50 2.58 18.48
CA PRO D 242 -56.18 4.00 18.38
C PRO D 242 -55.60 4.34 17.01
N ARG D 243 -55.78 5.60 16.61
CA ARG D 243 -55.31 6.07 15.32
C ARG D 243 -55.11 7.57 15.45
N HIS D 244 -53.85 8.00 15.58
CA HIS D 244 -53.55 9.37 15.96
C HIS D 244 -53.18 10.21 14.74
N ILE D 245 -53.58 11.47 14.77
CA ILE D 245 -53.42 12.39 13.66
C ILE D 245 -52.58 13.57 14.13
N GLU D 246 -51.55 13.91 13.38
CA GLU D 246 -50.70 15.06 13.68
C GLU D 246 -51.04 16.21 12.74
N VAL D 247 -51.24 17.40 13.31
CA VAL D 247 -51.56 18.60 12.56
C VAL D 247 -50.42 19.59 12.75
N GLN D 248 -49.97 20.18 11.65
CA GLN D 248 -48.83 21.09 11.67
C GLN D 248 -49.29 22.53 11.77
N ILE D 249 -48.73 23.27 12.72
CA ILE D 249 -49.16 24.62 13.05
C ILE D 249 -48.00 25.58 12.81
N LEU D 250 -48.27 26.67 12.10
CA LEU D 250 -47.31 27.73 11.87
C LEU D 250 -47.91 29.05 12.29
N GLY D 251 -47.12 29.87 12.99
CA GLY D 251 -47.60 31.16 13.46
C GLY D 251 -46.48 32.18 13.54
N ASP D 252 -46.86 33.45 13.42
CA ASP D 252 -45.94 34.56 13.44
C ASP D 252 -46.16 35.40 14.70
N GLN D 253 -45.45 36.53 14.75
CA GLN D 253 -45.44 37.38 15.94
C GLN D 253 -46.58 38.39 15.96
N TYR D 254 -47.44 38.42 14.95
CA TYR D 254 -48.55 39.38 14.90
C TYR D 254 -49.90 38.68 15.04
N GLY D 255 -49.92 37.52 15.70
CA GLY D 255 -51.17 36.81 15.91
C GLY D 255 -51.81 36.26 14.65
N ASN D 256 -50.99 35.77 13.70
CA ASN D 256 -51.49 35.10 12.52
C ASN D 256 -50.97 33.67 12.53
N ILE D 257 -51.90 32.71 12.46
CA ILE D 257 -51.57 31.29 12.59
C ILE D 257 -52.04 30.58 11.32
N LEU D 258 -51.16 29.79 10.74
CA LEU D 258 -51.46 29.05 9.50
C LEU D 258 -51.14 27.58 9.74
N HIS D 259 -52.17 26.74 9.68
CA HIS D 259 -51.96 25.30 9.73
C HIS D 259 -51.60 24.78 8.34
N LEU D 260 -50.71 23.79 8.30
CA LEU D 260 -50.29 23.27 7.00
C LEU D 260 -51.29 22.25 6.46
N TYR D 261 -51.39 21.09 7.14
CA TYR D 261 -52.40 20.02 7.03
C TYR D 261 -52.06 18.85 7.94
N GLU D 262 -52.96 17.88 8.02
CA GLU D 262 -52.83 16.75 8.91
C GLU D 262 -51.73 15.80 8.45
N ARG D 263 -51.57 14.70 9.19
CA ARG D 263 -50.60 13.68 8.88
C ARG D 263 -51.09 12.36 9.47
N ASP D 264 -50.47 11.26 9.03
CA ASP D 264 -50.80 9.93 9.52
C ASP D 264 -49.53 9.21 9.92
N CYS D 265 -49.49 8.69 11.14
CA CYS D 265 -48.36 7.86 11.56
C CYS D 265 -48.87 6.66 12.35
N SER D 266 -49.98 6.06 11.91
CA SER D 266 -50.58 4.96 12.65
C SER D 266 -49.67 3.74 12.72
N ILE D 267 -48.67 3.64 11.86
CA ILE D 267 -47.71 2.55 11.93
C ILE D 267 -46.87 2.77 13.19
N GLN D 268 -47.11 1.96 14.22
CA GLN D 268 -46.56 2.21 15.54
C GLN D 268 -45.97 0.91 16.05
N ARG D 269 -44.65 0.85 16.17
CA ARG D 269 -43.98 -0.42 16.47
C ARG D 269 -44.41 -0.89 17.86
N ARG D 270 -44.03 -0.17 18.92
CA ARG D 270 -44.82 -0.18 20.15
C ARG D 270 -45.29 1.22 20.50
N HIS D 271 -44.38 2.19 20.64
CA HIS D 271 -44.76 3.58 20.84
C HIS D 271 -43.82 4.54 20.12
N GLN D 272 -42.94 4.03 19.26
CA GLN D 272 -41.98 4.84 18.53
C GLN D 272 -42.24 4.73 17.04
N LYS D 273 -42.26 5.87 16.36
CA LYS D 273 -42.70 5.93 14.97
C LYS D 273 -41.71 5.25 14.04
N VAL D 274 -42.22 4.65 12.97
CA VAL D 274 -41.40 4.05 11.93
C VAL D 274 -41.73 4.57 10.53
N VAL D 275 -43.01 4.69 10.20
CA VAL D 275 -43.44 5.05 8.85
C VAL D 275 -44.56 6.08 8.95
N GLU D 276 -44.54 7.08 8.05
CA GLU D 276 -45.51 8.16 8.07
C GLU D 276 -46.09 8.39 6.68
N ILE D 277 -47.37 8.72 6.64
CA ILE D 277 -48.10 9.04 5.40
C ILE D 277 -48.73 10.41 5.58
N ALA D 278 -48.54 11.30 4.59
CA ALA D 278 -49.03 12.67 4.76
C ALA D 278 -50.54 12.77 4.65
N PRO D 279 -51.19 12.41 3.51
CA PRO D 279 -52.64 12.61 3.41
C PRO D 279 -53.38 11.68 4.35
N ALA D 280 -54.55 12.11 4.79
CA ALA D 280 -55.42 11.23 5.56
C ALA D 280 -55.85 10.06 4.69
N ALA D 281 -55.65 8.84 5.21
CA ALA D 281 -55.98 7.64 4.44
C ALA D 281 -57.47 7.57 4.13
N HIS D 282 -58.28 7.44 5.17
CA HIS D 282 -59.74 7.45 5.04
C HIS D 282 -60.29 8.28 6.20
N LEU D 283 -60.38 9.59 5.98
CA LEU D 283 -60.90 10.51 6.99
C LEU D 283 -61.95 11.38 6.34
N ASP D 284 -63.09 11.53 7.02
CA ASP D 284 -64.16 12.37 6.50
C ASP D 284 -63.71 13.82 6.43
N PRO D 285 -64.12 14.55 5.39
CA PRO D 285 -63.76 15.98 5.32
C PRO D 285 -64.24 16.79 6.49
N GLN D 286 -65.41 16.45 7.04
CA GLN D 286 -65.88 17.14 8.23
C GLN D 286 -64.94 16.95 9.41
N LEU D 287 -64.40 15.75 9.58
CA LEU D 287 -63.51 15.49 10.71
C LEU D 287 -62.19 16.24 10.56
N ARG D 288 -61.64 16.28 9.34
CA ARG D 288 -60.40 17.02 9.14
C ARG D 288 -60.61 18.52 9.32
N THR D 289 -61.77 19.04 8.88
CA THR D 289 -62.10 20.43 9.15
C THR D 289 -62.22 20.70 10.64
N ARG D 290 -62.84 19.77 11.37
CA ARG D 290 -62.95 19.93 12.82
C ARG D 290 -61.58 19.94 13.48
N LEU D 291 -60.69 19.05 13.05
CA LEU D 291 -59.33 19.04 13.59
C LEU D 291 -58.61 20.35 13.29
N THR D 292 -58.75 20.86 12.06
CA THR D 292 -58.16 22.14 11.72
C THR D 292 -58.66 23.24 12.64
N SER D 293 -59.99 23.35 12.79
CA SER D 293 -60.56 24.41 13.62
C SER D 293 -60.09 24.29 15.06
N ASP D 294 -60.10 23.08 15.62
CA ASP D 294 -59.70 22.90 17.01
C ASP D 294 -58.22 23.22 17.21
N SER D 295 -57.37 22.79 16.29
CA SER D 295 -55.95 23.08 16.42
C SER D 295 -55.67 24.58 16.31
N VAL D 296 -56.33 25.26 15.38
CA VAL D 296 -56.14 26.70 15.25
C VAL D 296 -56.62 27.42 16.50
N LYS D 297 -57.78 27.00 17.04
CA LYS D 297 -58.29 27.63 18.25
C LYS D 297 -57.33 27.43 19.41
N LEU D 298 -56.80 26.21 19.56
CA LEU D 298 -55.86 25.94 20.64
C LEU D 298 -54.60 26.79 20.49
N ALA D 299 -54.08 26.90 19.27
CA ALA D 299 -52.88 27.69 19.06
C ALA D 299 -53.12 29.16 19.37
N LYS D 300 -54.26 29.70 18.95
CA LYS D 300 -54.54 31.11 19.19
C LYS D 300 -54.78 31.39 20.67
N GLN D 301 -55.41 30.45 21.37
CA GLN D 301 -55.69 30.67 22.78
C GLN D 301 -54.40 30.82 23.60
N VAL D 302 -53.43 29.95 23.35
CA VAL D 302 -52.16 30.04 24.06
C VAL D 302 -51.37 31.25 23.61
N GLY D 303 -51.31 31.50 22.30
CA GLY D 303 -50.48 32.54 21.76
C GLY D 303 -49.16 32.00 21.26
N TYR D 304 -49.23 30.94 20.44
CA TYR D 304 -48.00 30.27 19.93
C TYR D 304 -47.15 31.16 19.00
N GLU D 305 -45.86 30.87 18.81
CA GLU D 305 -45.02 31.84 18.03
C GLU D 305 -44.21 31.22 16.89
N ASN D 306 -44.19 29.90 16.70
CA ASN D 306 -43.30 29.33 15.66
C ASN D 306 -43.81 27.97 15.16
N ALA D 307 -42.91 27.17 14.58
CA ALA D 307 -43.28 25.80 14.13
C ALA D 307 -43.96 25.06 15.29
N GLY D 308 -45.26 24.75 15.13
CA GLY D 308 -46.04 24.08 16.19
C GLY D 308 -46.56 22.75 15.70
N THR D 309 -46.92 21.86 16.61
CA THR D 309 -47.35 20.49 16.21
C THR D 309 -48.39 19.99 17.21
N VAL D 310 -49.62 19.74 16.77
CA VAL D 310 -50.68 19.36 17.70
C VAL D 310 -51.06 17.92 17.41
N GLU D 311 -51.04 17.07 18.44
CA GLU D 311 -51.25 15.64 18.30
C GLU D 311 -52.63 15.25 18.83
N PHE D 312 -53.33 14.43 18.06
CA PHE D 312 -54.69 14.00 18.40
C PHE D 312 -54.74 12.48 18.52
N LEU D 313 -55.95 11.96 18.69
CA LEU D 313 -56.19 10.51 18.78
C LEU D 313 -57.67 10.28 18.53
N VAL D 314 -57.99 9.55 17.45
CA VAL D 314 -59.37 9.39 17.02
C VAL D 314 -59.79 7.93 17.21
N ASP D 315 -61.09 7.74 17.44
CA ASP D 315 -61.66 6.43 17.74
C ASP D 315 -62.35 5.87 16.49
N ARG D 316 -62.76 4.61 16.56
CA ARG D 316 -63.44 3.98 15.43
C ARG D 316 -64.76 4.66 15.13
N HIS D 317 -65.53 4.99 16.16
CA HIS D 317 -66.84 5.62 15.96
C HIS D 317 -66.74 7.02 15.39
N GLY D 318 -65.54 7.61 15.35
CA GLY D 318 -65.37 8.94 14.82
C GLY D 318 -65.30 10.00 15.90
N LYS D 319 -64.61 9.69 17.00
CA LYS D 319 -64.47 10.59 18.13
C LYS D 319 -62.98 10.78 18.41
N HIS D 320 -62.54 12.03 18.37
CA HIS D 320 -61.14 12.35 18.61
C HIS D 320 -60.92 12.74 20.07
N TYR D 321 -59.68 12.57 20.52
CA TYR D 321 -59.29 12.90 21.88
C TYR D 321 -57.90 13.52 21.87
N PHE D 322 -57.78 14.69 22.50
CA PHE D 322 -56.50 15.40 22.55
C PHE D 322 -55.50 14.63 23.39
N ILE D 323 -54.21 14.74 23.03
CA ILE D 323 -53.13 14.05 23.73
C ILE D 323 -52.10 15.03 24.28
N GLU D 324 -51.44 15.79 23.40
CA GLU D 324 -50.38 16.69 23.82
C GLU D 324 -50.05 17.63 22.66
N VAL D 325 -49.17 18.58 22.94
CA VAL D 325 -48.72 19.55 21.95
C VAL D 325 -47.20 19.60 21.99
N ASN D 326 -46.58 19.48 20.83
CA ASN D 326 -45.13 19.59 20.71
C ASN D 326 -44.74 21.01 20.32
N SER D 327 -43.71 21.52 20.99
CA SER D 327 -43.30 22.91 20.83
C SER D 327 -42.17 23.11 19.82
N ARG D 328 -41.69 22.05 19.19
CA ARG D 328 -40.57 22.15 18.25
C ARG D 328 -41.02 21.77 16.84
N LEU D 329 -40.05 21.70 15.94
CA LEU D 329 -40.28 21.26 14.57
C LEU D 329 -40.00 19.75 14.50
N GLN D 330 -41.00 18.99 14.07
CA GLN D 330 -40.95 17.54 14.15
C GLN D 330 -40.07 16.97 13.04
N VAL D 331 -39.66 15.71 13.24
CA VAL D 331 -38.82 15.02 12.27
C VAL D 331 -39.58 14.78 10.97
N GLU D 332 -40.87 14.43 11.05
CA GLU D 332 -41.67 14.11 9.88
C GLU D 332 -42.22 15.37 9.18
N HIS D 333 -41.62 16.53 9.45
CA HIS D 333 -42.07 17.75 8.78
C HIS D 333 -41.80 17.71 7.29
N THR D 334 -40.73 17.01 6.86
CA THR D 334 -40.37 16.98 5.46
C THR D 334 -41.48 16.41 4.59
N VAL D 335 -42.29 15.52 5.16
CA VAL D 335 -43.34 14.87 4.38
C VAL D 335 -44.46 15.85 4.07
N THR D 336 -44.89 16.62 5.07
CA THR D 336 -45.84 17.70 4.82
C THR D 336 -45.21 18.78 3.93
N GLU D 337 -43.89 18.90 3.99
CA GLU D 337 -43.18 19.91 3.21
C GLU D 337 -43.36 19.73 1.71
N GLU D 338 -43.65 18.50 1.26
CA GLU D 338 -43.75 18.22 -0.17
C GLU D 338 -45.17 18.28 -0.72
N ILE D 339 -46.18 17.97 0.10
CA ILE D 339 -47.54 18.02 -0.39
C ILE D 339 -47.97 19.44 -0.71
N THR D 340 -47.54 20.40 0.11
CA THR D 340 -47.85 21.81 -0.12
C THR D 340 -46.72 22.59 -0.77
N ASP D 341 -45.53 21.99 -0.89
CA ASP D 341 -44.37 22.65 -1.49
C ASP D 341 -44.06 23.97 -0.79
N VAL D 342 -44.05 23.94 0.54
CA VAL D 342 -43.74 25.10 1.36
C VAL D 342 -42.54 24.76 2.23
N ASP D 343 -41.50 25.60 2.18
CA ASP D 343 -40.29 25.37 2.94
C ASP D 343 -40.48 25.87 4.37
N LEU D 344 -40.37 24.96 5.34
CA LEU D 344 -40.63 25.31 6.73
C LEU D 344 -39.48 26.11 7.34
N VAL D 345 -38.23 25.75 7.04
CA VAL D 345 -37.10 26.45 7.64
C VAL D 345 -37.04 27.89 7.14
N HIS D 346 -37.39 28.11 5.88
CA HIS D 346 -37.45 29.45 5.34
C HIS D 346 -38.45 30.30 6.13
N ALA D 347 -39.64 29.76 6.37
CA ALA D 347 -40.63 30.48 7.14
C ALA D 347 -40.16 30.70 8.58
N GLN D 348 -39.49 29.71 9.16
CA GLN D 348 -38.96 29.85 10.52
C GLN D 348 -38.02 31.04 10.61
N ILE D 349 -37.05 31.11 9.70
CA ILE D 349 -36.08 32.20 9.75
C ILE D 349 -36.74 33.53 9.43
N HIS D 350 -37.68 33.54 8.48
CA HIS D 350 -38.36 34.78 8.14
C HIS D 350 -39.16 35.31 9.32
N VAL D 351 -39.81 34.43 10.07
CA VAL D 351 -40.50 34.84 11.28
C VAL D 351 -39.49 35.29 12.33
N ALA D 352 -38.33 34.64 12.38
CA ALA D 352 -37.29 35.04 13.33
C ALA D 352 -36.83 36.46 13.10
N GLU D 353 -36.69 36.88 11.83
CA GLU D 353 -36.39 38.29 11.56
C GLU D 353 -37.53 39.17 12.02
N GLY D 354 -38.77 38.73 11.83
CA GLY D 354 -39.94 39.48 12.22
C GLY D 354 -40.93 39.74 11.09
N ARG D 355 -40.72 39.19 9.90
CA ARG D 355 -41.64 39.40 8.80
C ARG D 355 -42.96 38.70 9.06
N SER D 356 -44.05 39.40 8.75
CA SER D 356 -45.36 38.80 8.88
C SER D 356 -45.63 37.84 7.72
N LEU D 357 -46.49 36.86 7.98
CA LEU D 357 -46.78 35.84 6.97
C LEU D 357 -47.38 36.40 5.69
N PRO D 358 -48.34 37.33 5.70
CA PRO D 358 -48.86 37.84 4.43
C PRO D 358 -47.81 38.48 3.54
N ASP D 359 -46.75 39.07 4.10
CA ASP D 359 -45.68 39.59 3.27
C ASP D 359 -44.89 38.49 2.59
N LEU D 360 -44.91 37.27 3.14
CA LEU D 360 -44.29 36.12 2.52
C LEU D 360 -45.22 35.41 1.53
N GLY D 361 -46.44 35.89 1.37
CA GLY D 361 -47.38 35.25 0.47
C GLY D 361 -47.81 33.85 0.90
N LEU D 362 -48.05 33.66 2.19
CA LEU D 362 -48.48 32.38 2.72
C LEU D 362 -49.82 32.57 3.42
N ARG D 363 -50.89 32.11 2.78
CA ARG D 363 -52.24 32.22 3.34
C ARG D 363 -52.94 30.89 3.21
N GLN D 364 -54.14 30.81 3.80
CA GLN D 364 -54.91 29.58 3.74
C GLN D 364 -55.32 29.25 2.31
N GLU D 365 -55.72 30.27 1.55
CA GLU D 365 -56.22 30.02 0.20
C GLU D 365 -55.12 29.56 -0.75
N ASN D 366 -53.88 29.94 -0.50
CA ASN D 366 -52.79 29.63 -1.42
C ASN D 366 -52.11 28.30 -1.11
N ILE D 367 -52.61 27.53 -0.16
CA ILE D 367 -52.04 26.23 0.17
C ILE D 367 -52.98 25.14 -0.35
N ARG D 368 -52.42 24.17 -1.07
CA ARG D 368 -53.24 23.14 -1.69
C ARG D 368 -52.52 21.79 -1.58
N ILE D 369 -53.32 20.72 -1.67
CA ILE D 369 -52.82 19.36 -1.67
C ILE D 369 -52.43 18.98 -3.09
N ASN D 370 -51.31 18.27 -3.22
CA ASN D 370 -50.88 17.79 -4.54
C ASN D 370 -50.06 16.51 -4.33
N GLY D 371 -50.71 15.37 -4.55
CA GLY D 371 -50.05 14.09 -4.51
C GLY D 371 -50.08 13.42 -3.15
N CYS D 372 -49.20 12.44 -2.99
CA CYS D 372 -49.07 11.70 -1.74
C CYS D 372 -47.59 11.41 -1.50
N ALA D 373 -47.23 11.26 -0.24
CA ALA D 373 -45.85 11.05 0.14
C ALA D 373 -45.76 9.98 1.22
N ILE D 374 -44.62 9.30 1.27
CA ILE D 374 -44.36 8.25 2.25
C ILE D 374 -42.98 8.46 2.82
N GLN D 375 -42.84 8.23 4.13
CA GLN D 375 -41.59 8.45 4.85
C GLN D 375 -41.11 7.15 5.46
N CYS D 376 -39.82 6.88 5.33
CA CYS D 376 -39.19 5.74 6.00
C CYS D 376 -37.82 6.17 6.49
N ARG D 377 -37.39 5.60 7.61
CA ARG D 377 -36.09 5.89 8.19
C ARG D 377 -35.26 4.61 8.19
N VAL D 378 -34.07 4.68 7.59
CA VAL D 378 -33.15 3.55 7.58
C VAL D 378 -32.34 3.60 8.87
N THR D 379 -32.39 2.54 9.66
CA THR D 379 -31.77 2.49 10.96
C THR D 379 -30.98 1.20 11.11
N THR D 380 -29.88 1.26 11.83
CA THR D 380 -29.04 0.07 12.07
C THR D 380 -29.59 -0.74 13.26
N GLU D 381 -30.86 -1.12 13.12
CA GLU D 381 -31.53 -1.96 14.10
C GLU D 381 -31.81 -3.30 13.48
N ASP D 382 -31.75 -4.35 14.31
CA ASP D 382 -31.94 -5.71 13.84
C ASP D 382 -33.40 -6.11 14.03
N PRO D 383 -34.23 -6.09 12.99
CA PRO D 383 -35.65 -6.37 13.18
C PRO D 383 -35.95 -7.78 13.64
N ALA D 384 -34.97 -8.68 13.63
CA ALA D 384 -35.24 -10.07 13.98
C ALA D 384 -35.33 -10.27 15.49
N ARG D 385 -34.23 -10.07 16.20
CA ARG D 385 -34.22 -10.37 17.63
C ARG D 385 -35.11 -9.44 18.46
N SER D 386 -34.72 -8.16 18.62
CA SER D 386 -35.50 -7.25 19.43
C SER D 386 -35.45 -5.82 18.92
N PHE D 387 -35.13 -5.62 17.64
CA PHE D 387 -34.74 -4.30 17.12
C PHE D 387 -33.57 -3.74 17.91
N GLN D 388 -32.64 -4.61 18.27
CA GLN D 388 -31.45 -4.19 18.99
C GLN D 388 -30.51 -3.45 18.06
N PRO D 389 -30.09 -2.22 18.40
CA PRO D 389 -29.21 -1.48 17.50
C PRO D 389 -27.86 -2.18 17.32
N ASP D 390 -27.30 -2.03 16.13
CA ASP D 390 -26.04 -2.64 15.76
C ASP D 390 -25.00 -1.57 15.47
N THR D 391 -23.74 -1.88 15.75
CA THR D 391 -22.64 -0.96 15.55
C THR D 391 -21.57 -1.60 14.68
N GLY D 392 -20.88 -0.77 13.92
CA GLY D 392 -19.83 -1.27 13.04
C GLY D 392 -19.41 -0.24 12.03
N ARG D 393 -18.75 -0.71 10.97
CA ARG D 393 -18.21 0.14 9.93
C ARG D 393 -18.89 -0.17 8.60
N ILE D 394 -19.32 0.87 7.90
CA ILE D 394 -19.95 0.72 6.60
C ILE D 394 -18.86 0.46 5.57
N GLU D 395 -19.02 -0.61 4.80
CA GLU D 395 -18.02 -1.00 3.82
C GLU D 395 -18.34 -0.55 2.40
N VAL D 396 -19.61 -0.60 2.00
CA VAL D 396 -20.02 -0.09 0.69
C VAL D 396 -21.35 0.62 0.86
N PHE D 397 -21.49 1.77 0.20
CA PHE D 397 -22.72 2.55 0.24
C PHE D 397 -23.07 2.99 -1.17
N ARG D 398 -24.37 3.02 -1.46
CA ARG D 398 -24.85 3.48 -2.75
C ARG D 398 -26.19 4.18 -2.54
N SER D 399 -26.49 5.11 -3.45
CA SER D 399 -27.70 5.91 -3.37
C SER D 399 -28.73 5.41 -4.37
N GLY D 400 -29.98 5.77 -4.12
CA GLY D 400 -31.09 5.29 -4.94
C GLY D 400 -32.01 6.39 -5.42
N GLU D 401 -31.43 7.54 -5.78
CA GLU D 401 -32.23 8.66 -6.27
C GLU D 401 -32.93 8.30 -7.57
N GLY D 402 -34.11 8.86 -7.76
CA GLY D 402 -34.93 8.55 -8.91
C GLY D 402 -35.84 9.68 -9.30
N MET D 403 -37.02 9.34 -9.82
CA MET D 403 -37.96 10.35 -10.29
C MET D 403 -38.54 11.15 -9.14
N GLY D 404 -39.26 10.49 -8.23
CA GLY D 404 -39.90 11.17 -7.13
C GLY D 404 -39.27 10.84 -5.80
N ILE D 405 -37.95 10.76 -5.76
CA ILE D 405 -37.21 10.36 -4.57
C ILE D 405 -36.44 11.57 -4.06
N ARG D 406 -36.65 11.90 -2.79
CA ARG D 406 -35.86 12.91 -2.10
C ARG D 406 -35.03 12.24 -1.02
N LEU D 407 -33.75 12.62 -0.93
CA LEU D 407 -32.81 11.97 -0.04
C LEU D 407 -32.22 13.00 0.92
N ASP D 408 -32.15 12.64 2.20
CA ASP D 408 -31.55 13.47 3.23
C ASP D 408 -30.49 12.63 3.94
N ASN D 409 -29.29 12.62 3.40
CA ASN D 409 -28.20 11.81 3.93
C ASN D 409 -27.63 12.49 5.18
N ALA D 410 -27.84 11.86 6.33
CA ALA D 410 -27.29 12.39 7.58
C ALA D 410 -25.80 12.07 7.68
N SER D 411 -25.47 10.78 7.75
CA SER D 411 -24.07 10.34 7.79
C SER D 411 -24.02 8.96 7.15
N ALA D 412 -23.73 8.93 5.85
CA ALA D 412 -23.63 7.65 5.14
C ALA D 412 -22.62 7.83 4.01
N PHE D 413 -21.53 7.08 4.10
CA PHE D 413 -20.42 7.20 3.16
C PHE D 413 -19.49 6.00 3.36
N GLN D 414 -18.61 5.79 2.38
CA GLN D 414 -17.66 4.69 2.44
C GLN D 414 -16.80 4.80 3.69
N GLY D 415 -16.63 3.69 4.39
CA GLY D 415 -15.77 3.67 5.56
C GLY D 415 -16.28 4.49 6.73
N ALA D 416 -17.59 4.69 6.81
CA ALA D 416 -18.18 5.40 7.94
C ALA D 416 -18.23 4.47 9.16
N VAL D 417 -18.22 5.09 10.33
CA VAL D 417 -18.28 4.36 11.59
C VAL D 417 -19.53 4.83 12.34
N ILE D 418 -20.33 3.87 12.82
CA ILE D 418 -21.56 4.16 13.55
C ILE D 418 -21.23 4.15 15.04
N SER D 419 -21.53 5.26 15.71
CA SER D 419 -21.27 5.45 17.13
C SER D 419 -22.23 4.58 17.96
N PRO D 420 -21.73 3.92 19.00
CA PRO D 420 -22.61 3.11 19.85
C PRO D 420 -23.35 3.91 20.92
N HIS D 421 -23.17 5.23 20.96
CA HIS D 421 -23.72 6.03 22.04
C HIS D 421 -24.62 7.17 21.56
N TYR D 422 -24.55 7.55 20.30
CA TYR D 422 -25.48 8.53 19.75
C TYR D 422 -26.64 7.79 19.08
N ASP D 423 -27.49 8.54 18.39
CA ASP D 423 -28.64 7.95 17.70
C ASP D 423 -28.14 7.11 16.53
N SER D 424 -29.03 6.28 15.99
CA SER D 424 -28.69 5.27 15.00
C SER D 424 -29.40 5.50 13.67
N LEU D 425 -29.60 6.76 13.30
CA LEU D 425 -30.22 7.10 12.01
C LEU D 425 -29.15 7.13 10.93
N LEU D 426 -29.37 6.38 9.85
CA LEU D 426 -28.45 6.36 8.72
C LEU D 426 -28.86 7.32 7.62
N VAL D 427 -30.04 7.10 7.02
CA VAL D 427 -30.52 7.90 5.91
C VAL D 427 -32.02 8.11 6.06
N LYS D 428 -32.48 9.33 5.78
CA LYS D 428 -33.89 9.65 5.76
C LYS D 428 -34.36 9.67 4.30
N VAL D 429 -35.20 8.70 3.94
CA VAL D 429 -35.62 8.51 2.55
C VAL D 429 -37.07 8.93 2.43
N ILE D 430 -37.37 9.73 1.41
CA ILE D 430 -38.71 10.23 1.17
C ILE D 430 -39.10 9.91 -0.27
N ALA D 431 -40.31 9.38 -0.46
CA ALA D 431 -40.82 9.06 -1.78
C ALA D 431 -42.11 9.82 -2.02
N HIS D 432 -42.24 10.43 -3.18
CA HIS D 432 -43.41 11.23 -3.53
C HIS D 432 -44.03 10.67 -4.80
N GLY D 433 -45.36 10.63 -4.82
CA GLY D 433 -46.08 10.14 -5.98
C GLY D 433 -47.47 10.73 -6.08
N LYS D 434 -48.15 10.47 -7.19
CA LYS D 434 -49.49 10.99 -7.42
C LYS D 434 -50.57 10.25 -6.65
N ASP D 435 -50.29 9.02 -6.20
CA ASP D 435 -51.25 8.25 -5.44
C ASP D 435 -50.50 7.32 -4.49
N HIS D 436 -51.22 6.82 -3.50
CA HIS D 436 -50.60 5.98 -2.47
C HIS D 436 -49.95 4.72 -3.04
N PRO D 437 -50.62 3.90 -3.87
CA PRO D 437 -49.92 2.74 -4.43
C PRO D 437 -48.70 3.09 -5.26
N THR D 438 -48.78 4.19 -6.03
CA THR D 438 -47.64 4.61 -6.83
C THR D 438 -46.46 4.99 -5.94
N ALA D 439 -46.73 5.74 -4.87
CA ALA D 439 -45.67 6.10 -3.94
C ALA D 439 -45.08 4.87 -3.28
N ALA D 440 -45.93 3.90 -2.91
CA ALA D 440 -45.42 2.67 -2.32
C ALA D 440 -44.51 1.93 -3.29
N THR D 441 -44.92 1.82 -4.56
CA THR D 441 -44.08 1.15 -5.54
C THR D 441 -42.75 1.87 -5.74
N LYS D 442 -42.79 3.21 -5.82
CA LYS D 442 -41.57 3.97 -5.99
C LYS D 442 -40.62 3.77 -4.81
N MET D 443 -41.18 3.80 -3.60
CA MET D 443 -40.39 3.63 -2.35
C MET D 443 -39.79 2.22 -2.33
N SER D 444 -40.55 1.22 -2.78
CA SER D 444 -40.08 -0.19 -2.80
C SER D 444 -38.89 -0.33 -3.75
N ARG D 445 -38.99 0.26 -4.94
CA ARG D 445 -37.89 0.19 -5.95
C ARG D 445 -36.68 0.98 -5.45
N ALA D 446 -36.91 2.13 -4.80
CA ALA D 446 -35.82 2.96 -4.28
C ALA D 446 -35.06 2.21 -3.18
N LEU D 447 -35.80 1.52 -2.30
CA LEU D 447 -35.20 0.77 -1.18
C LEU D 447 -34.39 -0.43 -1.72
N ALA D 448 -34.85 -1.00 -2.84
CA ALA D 448 -34.18 -2.17 -3.46
C ALA D 448 -32.86 -1.72 -4.11
N GLU D 449 -32.79 -0.46 -4.56
CA GLU D 449 -31.57 0.08 -5.21
C GLU D 449 -30.48 0.34 -4.18
N PHE D 450 -30.88 0.69 -2.95
CA PHE D 450 -29.92 0.97 -1.85
C PHE D 450 -29.15 -0.31 -1.49
N ARG D 451 -27.81 -0.22 -1.41
CA ARG D 451 -26.98 -1.36 -1.07
C ARG D 451 -26.06 -0.92 0.07
N VAL D 452 -26.36 -1.35 1.29
CA VAL D 452 -25.52 -1.00 2.47
C VAL D 452 -25.02 -2.29 3.13
N ARG D 453 -23.97 -2.92 2.59
CA ARG D 453 -23.53 -4.23 3.15
C ARG D 453 -22.65 -4.05 4.40
N GLY D 454 -22.44 -5.12 5.18
CA GLY D 454 -21.56 -5.09 6.36
C GLY D 454 -22.17 -4.50 7.63
N VAL D 455 -22.79 -3.32 7.54
CA VAL D 455 -23.50 -2.78 8.73
C VAL D 455 -24.92 -3.37 8.69
N LYS D 456 -25.35 -4.03 9.78
CA LYS D 456 -26.68 -4.69 9.76
C LYS D 456 -27.76 -3.61 9.61
N THR D 457 -28.90 -3.95 9.00
CA THR D 457 -29.91 -2.92 8.70
C THR D 457 -31.33 -3.50 8.74
N ASN D 458 -32.35 -2.64 8.76
CA ASN D 458 -33.74 -3.07 8.78
C ASN D 458 -34.47 -2.80 7.45
N ILE D 459 -33.77 -2.96 6.32
CA ILE D 459 -34.42 -2.75 5.03
C ILE D 459 -35.48 -3.82 4.78
N ALA D 460 -35.18 -5.07 5.11
CA ALA D 460 -36.08 -6.17 4.78
C ALA D 460 -37.44 -6.01 5.48
N PHE D 461 -37.41 -5.59 6.75
CA PHE D 461 -38.66 -5.36 7.47
C PHE D 461 -39.49 -4.28 6.79
N LEU D 462 -38.84 -3.21 6.34
CA LEU D 462 -39.56 -2.14 5.67
C LEU D 462 -40.16 -2.61 4.36
N GLN D 463 -39.42 -3.43 3.61
CA GLN D 463 -39.95 -3.97 2.37
C GLN D 463 -41.15 -4.87 2.63
N ASN D 464 -41.08 -5.70 3.67
CA ASN D 464 -42.21 -6.54 4.02
C ASN D 464 -43.42 -5.69 4.40
N VAL D 465 -43.20 -4.61 5.15
CA VAL D 465 -44.29 -3.72 5.51
C VAL D 465 -44.91 -3.10 4.26
N LEU D 466 -44.08 -2.67 3.33
CA LEU D 466 -44.58 -2.04 2.11
C LEU D 466 -45.33 -3.03 1.23
N ASN D 467 -44.95 -4.31 1.27
CA ASN D 467 -45.58 -5.30 0.41
C ASN D 467 -46.89 -5.84 0.98
N ASN D 468 -47.18 -5.59 2.25
CA ASN D 468 -48.41 -6.10 2.84
C ASN D 468 -49.62 -5.45 2.20
N GLN D 469 -50.61 -6.28 1.87
CA GLN D 469 -51.81 -5.78 1.21
C GLN D 469 -52.65 -4.88 2.11
N GLN D 470 -52.58 -5.10 3.42
CA GLN D 470 -53.32 -4.24 4.36
C GLN D 470 -52.82 -2.80 4.28
N PHE D 471 -51.51 -2.61 4.14
CA PHE D 471 -50.97 -1.25 4.00
C PHE D 471 -51.52 -0.56 2.77
N LEU D 472 -51.52 -1.24 1.63
CA LEU D 472 -52.07 -0.65 0.41
C LEU D 472 -53.58 -0.50 0.48
N ALA D 473 -54.25 -1.24 1.37
CA ALA D 473 -55.69 -1.06 1.55
C ALA D 473 -56.00 0.35 2.04
N GLY D 474 -55.21 0.86 2.97
CA GLY D 474 -55.38 2.22 3.45
C GLY D 474 -55.70 2.31 4.92
N THR D 475 -56.55 1.41 5.42
CA THR D 475 -56.94 1.43 6.82
C THR D 475 -55.94 0.63 7.66
N VAL D 476 -55.29 1.31 8.60
CA VAL D 476 -54.30 0.70 9.48
C VAL D 476 -54.50 1.26 10.88
N ASP D 477 -54.42 0.39 11.89
CA ASP D 477 -54.54 0.78 13.28
C ASP D 477 -53.19 0.66 13.97
N THR D 478 -53.17 1.02 15.26
CA THR D 478 -51.92 1.04 16.00
C THR D 478 -51.38 -0.38 16.24
N GLN D 479 -52.24 -1.32 16.58
CA GLN D 479 -51.82 -2.69 16.84
C GLN D 479 -51.62 -3.50 15.56
N PHE D 480 -51.50 -2.84 14.42
CA PHE D 480 -51.35 -3.54 13.15
C PHE D 480 -50.09 -4.40 13.13
N ILE D 481 -48.98 -3.87 13.67
CA ILE D 481 -47.77 -4.67 13.75
C ILE D 481 -47.87 -5.71 14.86
N ASP D 482 -48.69 -5.46 15.89
CA ASP D 482 -48.77 -6.39 17.01
C ASP D 482 -49.51 -7.68 16.64
N GLU D 483 -50.37 -7.64 15.64
CA GLU D 483 -51.19 -8.78 15.26
C GLU D 483 -50.65 -9.52 14.05
N ASN D 484 -49.45 -9.17 13.58
CA ASN D 484 -48.87 -9.78 12.39
C ASN D 484 -47.47 -10.29 12.71
N PRO D 485 -47.38 -11.40 13.45
CA PRO D 485 -46.06 -12.02 13.65
C PRO D 485 -45.43 -12.54 12.38
N GLU D 486 -46.23 -12.76 11.34
CA GLU D 486 -45.70 -13.22 10.05
C GLU D 486 -45.14 -12.08 9.23
N LEU D 487 -45.21 -10.84 9.72
CA LEU D 487 -44.62 -9.73 8.99
C LEU D 487 -43.10 -9.82 8.98
N PHE D 488 -42.55 -10.60 9.90
CA PHE D 488 -41.08 -10.74 10.00
C PHE D 488 -40.59 -11.88 9.08
N GLN D 489 -40.68 -11.67 7.76
CA GLN D 489 -40.19 -12.67 6.79
C GLN D 489 -38.68 -12.85 6.94
N LEU D 490 -37.97 -11.76 7.24
CA LEU D 490 -36.49 -11.83 7.48
C LEU D 490 -35.79 -12.46 6.26
N ARG D 491 -36.06 -11.92 5.07
CA ARG D 491 -35.53 -12.51 3.80
C ARG D 491 -34.02 -12.72 3.90
N PRO D 492 -33.53 -13.97 3.83
CA PRO D 492 -32.09 -14.23 3.82
C PRO D 492 -31.57 -14.02 2.40
N ALA D 493 -31.29 -12.77 2.02
CA ALA D 493 -30.87 -12.47 0.63
C ALA D 493 -29.57 -13.20 0.30
N GLN D 494 -29.37 -13.54 -0.97
CA GLN D 494 -28.18 -14.31 -1.39
C GLN D 494 -26.91 -13.47 -1.19
N ASN D 495 -27.04 -12.14 -1.22
CA ASN D 495 -25.93 -11.18 -0.96
C ASN D 495 -24.67 -11.63 -1.69
N ARG D 496 -24.79 -12.07 -2.94
CA ARG D 496 -23.65 -12.67 -3.68
C ARG D 496 -22.40 -11.77 -3.70
N ALA D 497 -22.42 -10.65 -4.43
CA ALA D 497 -21.22 -9.79 -4.60
C ALA D 497 -20.46 -9.58 -3.29
N GLN D 498 -21.13 -9.14 -2.22
CA GLN D 498 -20.51 -8.82 -0.95
C GLN D 498 -19.84 -10.02 -0.33
N LYS D 499 -20.54 -11.17 -0.31
CA LYS D 499 -19.93 -12.37 0.24
C LYS D 499 -18.72 -12.80 -0.60
N LEU D 500 -18.83 -12.69 -1.93
CA LEU D 500 -17.68 -12.95 -2.78
C LEU D 500 -16.49 -12.11 -2.37
N LEU D 501 -16.64 -10.78 -2.38
CA LEU D 501 -15.51 -9.91 -2.09
C LEU D 501 -15.00 -10.12 -0.67
N HIS D 502 -15.87 -10.55 0.25
CA HIS D 502 -15.41 -10.92 1.58
C HIS D 502 -14.46 -12.11 1.49
N TYR D 503 -14.83 -13.12 0.70
CA TYR D 503 -13.93 -14.25 0.50
C TYR D 503 -12.64 -13.80 -0.17
N LEU D 504 -12.73 -12.88 -1.13
CA LEU D 504 -11.54 -12.41 -1.82
C LEU D 504 -10.60 -11.69 -0.87
N GLY D 505 -11.15 -10.87 0.02
CA GLY D 505 -10.32 -10.23 1.03
C GLY D 505 -9.69 -11.22 1.98
N HIS D 506 -10.45 -12.26 2.34
CA HIS D 506 -9.89 -13.33 3.16
C HIS D 506 -8.73 -14.01 2.44
N VAL D 507 -8.88 -14.23 1.14
CA VAL D 507 -7.81 -14.84 0.34
C VAL D 507 -6.59 -13.93 0.29
N MET D 508 -6.80 -12.62 0.16
CA MET D 508 -5.69 -11.68 0.16
C MET D 508 -4.95 -11.67 1.48
N VAL D 509 -5.64 -11.29 2.56
CA VAL D 509 -4.96 -11.13 3.84
C VAL D 509 -4.46 -12.47 4.37
N ASN D 510 -5.33 -13.48 4.38
CA ASN D 510 -4.93 -14.80 4.82
C ASN D 510 -4.48 -15.63 3.62
N GLY D 511 -4.35 -16.93 3.80
CA GLY D 511 -4.10 -17.83 2.70
C GLY D 511 -5.39 -18.39 2.15
N PRO D 512 -5.29 -19.19 1.09
CA PRO D 512 -6.49 -19.88 0.58
C PRO D 512 -7.05 -20.85 1.61
N THR D 513 -8.38 -20.94 1.67
CA THR D 513 -9.02 -21.83 2.62
C THR D 513 -8.76 -23.29 2.28
N THR D 514 -8.99 -23.68 1.04
CA THR D 514 -8.71 -25.04 0.64
C THR D 514 -7.20 -25.28 0.64
N PRO D 515 -6.74 -26.34 1.31
CA PRO D 515 -5.30 -26.58 1.42
C PRO D 515 -4.66 -26.76 0.05
N ILE D 516 -3.48 -26.17 -0.10
CA ILE D 516 -2.69 -26.30 -1.32
C ILE D 516 -1.55 -27.26 -1.03
N PRO D 517 -1.55 -28.45 -1.60
CA PRO D 517 -0.55 -29.47 -1.23
C PRO D 517 0.89 -29.03 -1.48
N VAL D 518 1.22 -28.69 -2.71
CA VAL D 518 2.56 -28.24 -3.08
C VAL D 518 2.44 -26.81 -3.59
N LYS D 519 3.48 -26.01 -3.33
CA LYS D 519 3.43 -24.58 -3.60
C LYS D 519 3.62 -24.32 -5.09
N ALA D 520 2.63 -23.70 -5.73
CA ALA D 520 2.70 -23.34 -7.13
C ALA D 520 1.67 -22.26 -7.40
N SER D 521 1.80 -21.60 -8.54
CA SER D 521 0.89 -20.55 -8.92
C SER D 521 0.40 -20.75 -10.33
N PRO D 522 -0.88 -20.48 -10.59
CA PRO D 522 -1.43 -20.66 -11.94
C PRO D 522 -0.84 -19.66 -12.93
N SER D 523 -0.77 -20.08 -14.19
CA SER D 523 -0.31 -19.20 -15.24
C SER D 523 -1.40 -18.20 -15.61
N PRO D 524 -1.04 -16.97 -16.00
CA PRO D 524 -2.07 -15.99 -16.37
C PRO D 524 -2.75 -16.28 -17.69
N THR D 525 -2.22 -17.20 -18.50
CA THR D 525 -2.79 -17.45 -19.82
C THR D 525 -4.18 -18.06 -19.70
N ASP D 526 -5.09 -17.56 -20.54
CA ASP D 526 -6.47 -18.04 -20.57
C ASP D 526 -6.57 -19.13 -21.63
N PRO D 527 -7.00 -20.35 -21.26
CA PRO D 527 -7.17 -21.40 -22.28
C PRO D 527 -8.18 -20.98 -23.34
N VAL D 528 -7.91 -21.39 -24.57
CA VAL D 528 -8.68 -20.97 -25.74
C VAL D 528 -9.87 -21.91 -25.93
N VAL D 529 -10.97 -21.35 -26.43
CA VAL D 529 -12.19 -22.11 -26.71
C VAL D 529 -12.23 -22.39 -28.21
N PRO D 530 -12.14 -23.65 -28.64
CA PRO D 530 -12.26 -23.93 -30.08
C PRO D 530 -13.62 -23.55 -30.62
N ALA D 531 -13.65 -23.20 -31.90
CA ALA D 531 -14.86 -22.74 -32.54
C ALA D 531 -15.95 -23.82 -32.54
N VAL D 532 -17.19 -23.40 -32.35
CA VAL D 532 -18.33 -24.30 -32.35
C VAL D 532 -19.42 -23.74 -33.25
N PRO D 533 -20.16 -24.58 -33.97
CA PRO D 533 -21.26 -24.08 -34.80
C PRO D 533 -22.39 -23.51 -33.96
N ILE D 534 -23.05 -22.50 -34.52
CA ILE D 534 -24.13 -21.82 -33.80
C ILE D 534 -25.36 -22.73 -33.71
N GLY D 535 -25.59 -23.57 -34.71
CA GLY D 535 -26.78 -24.38 -34.77
C GLY D 535 -26.81 -25.47 -33.72
N PRO D 536 -27.98 -26.08 -33.52
CA PRO D 536 -28.08 -27.15 -32.54
C PRO D 536 -27.21 -28.34 -32.94
N PRO D 537 -26.64 -29.06 -31.96
CA PRO D 537 -25.81 -30.20 -32.30
C PRO D 537 -26.65 -31.35 -32.84
N PRO D 538 -26.05 -32.26 -33.61
CA PRO D 538 -26.84 -33.37 -34.16
C PRO D 538 -27.29 -34.36 -33.10
N ALA D 539 -28.30 -35.17 -33.42
CA ALA D 539 -28.88 -36.10 -32.47
C ALA D 539 -28.08 -37.40 -32.43
N GLY D 540 -28.05 -38.02 -31.25
CA GLY D 540 -27.26 -39.21 -31.04
C GLY D 540 -28.04 -40.43 -30.60
N PHE D 541 -27.61 -41.04 -29.49
CA PHE D 541 -28.18 -42.30 -29.02
C PHE D 541 -29.36 -42.12 -28.07
N ARG D 542 -29.66 -40.89 -27.65
CA ARG D 542 -30.69 -40.69 -26.64
C ARG D 542 -32.09 -40.92 -27.19
N ASP D 543 -32.30 -40.69 -28.50
CA ASP D 543 -33.60 -40.95 -29.10
C ASP D 543 -33.95 -42.43 -29.05
N ILE D 544 -32.93 -43.30 -29.10
CA ILE D 544 -33.18 -44.73 -28.96
C ILE D 544 -33.76 -45.05 -27.58
N LEU D 545 -33.18 -44.47 -26.53
CA LEU D 545 -33.70 -44.70 -25.19
C LEU D 545 -35.08 -44.08 -25.02
N LEU D 546 -35.30 -42.90 -25.59
CA LEU D 546 -36.62 -42.28 -25.50
C LEU D 546 -37.67 -43.06 -26.29
N ARG D 547 -37.23 -43.80 -27.32
CA ARG D 547 -38.13 -44.55 -28.19
C ARG D 547 -38.18 -46.02 -27.81
N GLU D 548 -37.04 -46.69 -27.79
CA GLU D 548 -36.95 -48.09 -27.40
C GLU D 548 -36.58 -48.20 -25.93
N GLY D 549 -36.85 -49.38 -25.36
CA GLY D 549 -36.49 -49.63 -23.99
C GLY D 549 -35.01 -49.94 -23.84
N PRO D 550 -34.59 -50.13 -22.59
CA PRO D 550 -33.20 -50.52 -22.35
C PRO D 550 -32.82 -51.81 -23.06
N GLU D 551 -33.73 -52.78 -23.11
CA GLU D 551 -33.51 -53.96 -23.94
C GLU D 551 -33.42 -53.58 -25.41
N GLY D 552 -34.32 -52.69 -25.86
CA GLY D 552 -34.25 -52.22 -27.23
C GLY D 552 -32.97 -51.45 -27.52
N PHE D 553 -32.53 -50.63 -26.58
CA PHE D 553 -31.28 -49.91 -26.75
C PHE D 553 -30.10 -50.87 -26.85
N ALA D 554 -30.08 -51.89 -26.00
CA ALA D 554 -29.01 -52.88 -26.07
C ALA D 554 -29.03 -53.63 -27.40
N ARG D 555 -30.23 -53.98 -27.86
CA ARG D 555 -30.34 -54.65 -29.16
C ARG D 555 -29.83 -53.77 -30.29
N ALA D 556 -30.22 -52.49 -30.29
CA ALA D 556 -29.76 -51.58 -31.33
C ALA D 556 -28.25 -51.40 -31.27
N VAL D 557 -27.69 -51.32 -30.06
CA VAL D 557 -26.24 -51.18 -29.92
C VAL D 557 -25.53 -52.41 -30.47
N ARG D 558 -26.01 -53.60 -30.12
CA ARG D 558 -25.33 -54.81 -30.56
C ARG D 558 -25.47 -54.99 -32.07
N ASN D 559 -26.63 -54.62 -32.63
CA ASN D 559 -26.86 -54.76 -34.06
C ASN D 559 -26.02 -53.80 -34.89
N HIS D 560 -25.50 -52.74 -34.30
CA HIS D 560 -24.74 -51.76 -35.07
C HIS D 560 -23.40 -52.34 -35.48
N PRO D 561 -23.04 -52.29 -36.76
CA PRO D 561 -21.74 -52.82 -37.21
C PRO D 561 -20.65 -51.78 -37.03
N GLY D 562 -19.53 -52.19 -36.44
CA GLY D 562 -18.40 -51.31 -36.22
C GLY D 562 -17.99 -51.33 -34.77
N LEU D 563 -17.52 -50.18 -34.30
CA LEU D 563 -17.08 -50.01 -32.92
C LEU D 563 -17.66 -48.72 -32.35
N LEU D 564 -17.96 -48.75 -31.06
CA LEU D 564 -18.46 -47.59 -30.33
C LEU D 564 -17.51 -47.26 -29.20
N LEU D 565 -17.46 -45.98 -28.83
CA LEU D 565 -16.57 -45.48 -27.80
C LEU D 565 -17.33 -44.58 -26.84
N MET D 566 -16.88 -44.58 -25.59
CA MET D 566 -17.46 -43.73 -24.55
C MET D 566 -16.34 -42.95 -23.88
N ASP D 567 -16.53 -41.65 -23.71
CA ASP D 567 -15.52 -40.78 -23.14
C ASP D 567 -15.77 -40.58 -21.65
N THR D 568 -14.72 -40.76 -20.85
CA THR D 568 -14.81 -40.65 -19.40
C THR D 568 -13.88 -39.59 -18.83
N THR D 569 -13.51 -38.59 -19.64
CA THR D 569 -12.61 -37.54 -19.17
C THR D 569 -13.21 -36.75 -18.02
N PHE D 570 -14.51 -36.46 -18.08
CA PHE D 570 -15.15 -35.65 -17.05
C PHE D 570 -15.14 -36.34 -15.69
N ARG D 571 -15.05 -37.68 -15.67
CA ARG D 571 -15.09 -38.42 -14.42
C ARG D 571 -13.77 -39.12 -14.11
N ASP D 572 -13.30 -40.00 -15.00
CA ASP D 572 -12.16 -40.83 -14.65
C ASP D 572 -10.85 -40.06 -14.73
N ALA D 573 -10.73 -39.14 -15.69
CA ALA D 573 -9.48 -38.39 -15.83
C ALA D 573 -9.23 -37.50 -14.62
N HIS D 574 -10.29 -36.91 -14.07
CA HIS D 574 -10.13 -36.03 -12.91
C HIS D 574 -9.44 -36.75 -11.76
N GLN D 575 -9.94 -37.94 -11.41
CA GLN D 575 -9.39 -38.67 -10.28
C GLN D 575 -8.08 -39.35 -10.65
N SER D 576 -7.96 -39.81 -11.90
CA SER D 576 -6.77 -40.55 -12.31
C SER D 576 -5.53 -39.67 -12.30
N LEU D 577 -5.59 -38.52 -12.97
CA LEU D 577 -4.45 -37.61 -12.97
C LEU D 577 -4.46 -36.72 -11.74
N LEU D 578 -5.47 -35.88 -11.61
CA LEU D 578 -5.53 -34.88 -10.57
C LEU D 578 -6.12 -35.50 -9.30
N ALA D 579 -6.42 -34.69 -8.30
CA ALA D 579 -7.17 -35.10 -7.13
C ALA D 579 -8.65 -34.82 -7.32
N THR D 580 -9.12 -34.95 -8.56
CA THR D 580 -10.47 -34.63 -9.01
C THR D 580 -11.00 -33.36 -8.33
N ARG D 581 -10.15 -32.34 -8.33
CA ARG D 581 -10.51 -31.02 -7.84
C ARG D 581 -10.97 -30.09 -8.94
N VAL D 582 -11.27 -30.63 -10.12
CA VAL D 582 -11.66 -29.79 -11.25
C VAL D 582 -12.99 -29.13 -10.94
N ARG D 583 -13.06 -27.81 -11.16
CA ARG D 583 -14.28 -27.06 -10.93
C ARG D 583 -15.24 -27.27 -12.09
N THR D 584 -16.52 -27.00 -11.81
CA THR D 584 -17.56 -27.24 -12.80
C THR D 584 -17.48 -26.24 -13.95
N HIS D 585 -16.92 -25.06 -13.71
CA HIS D 585 -16.90 -24.01 -14.72
C HIS D 585 -16.07 -24.42 -15.94
N ASP D 586 -14.96 -25.11 -15.70
CA ASP D 586 -14.13 -25.57 -16.82
C ASP D 586 -14.90 -26.55 -17.69
N LEU D 587 -15.66 -27.45 -17.07
CA LEU D 587 -16.48 -28.39 -17.84
C LEU D 587 -17.60 -27.65 -18.57
N LYS D 588 -18.15 -26.62 -17.95
CA LYS D 588 -19.18 -25.81 -18.62
C LYS D 588 -18.63 -25.14 -19.86
N LYS D 589 -17.38 -24.66 -19.79
CA LYS D 589 -16.80 -23.97 -20.94
C LYS D 589 -16.54 -24.91 -22.11
N ILE D 590 -16.36 -26.20 -21.84
CA ILE D 590 -16.03 -27.17 -22.87
C ILE D 590 -17.22 -27.97 -23.36
N ALA D 591 -18.31 -28.02 -22.59
CA ALA D 591 -19.46 -28.86 -22.95
C ALA D 591 -19.99 -28.63 -24.37
N PRO D 592 -20.22 -27.39 -24.83
CA PRO D 592 -20.75 -27.23 -26.20
C PRO D 592 -19.85 -27.82 -27.27
N TYR D 593 -18.53 -27.78 -27.08
CA TYR D 593 -17.62 -28.42 -28.01
C TYR D 593 -17.90 -29.90 -28.16
N VAL D 594 -18.00 -30.62 -27.04
CA VAL D 594 -18.28 -32.05 -27.08
C VAL D 594 -19.65 -32.29 -27.70
N ALA D 595 -20.64 -31.46 -27.33
CA ALA D 595 -21.99 -31.65 -27.86
C ALA D 595 -22.02 -31.53 -29.38
N HIS D 596 -21.35 -30.51 -29.93
CA HIS D 596 -21.41 -30.27 -31.36
C HIS D 596 -20.40 -31.11 -32.14
N ASN D 597 -19.45 -31.74 -31.48
CA ASN D 597 -18.42 -32.51 -32.16
C ASN D 597 -18.49 -34.00 -31.87
N PHE D 598 -18.63 -34.38 -30.60
CA PHE D 598 -18.59 -35.79 -30.21
C PHE D 598 -20.00 -36.35 -30.12
N SER D 599 -20.76 -36.15 -31.20
CA SER D 599 -22.13 -36.63 -31.27
C SER D 599 -22.23 -38.10 -31.62
N LYS D 600 -21.16 -38.71 -32.11
CA LYS D 600 -21.12 -40.13 -32.40
C LYS D 600 -20.77 -40.97 -31.18
N LEU D 601 -20.51 -40.32 -30.04
CA LEU D 601 -20.12 -41.03 -28.83
C LEU D 601 -21.26 -41.92 -28.35
N PHE D 602 -20.90 -43.10 -27.85
CA PHE D 602 -21.91 -44.02 -27.32
C PHE D 602 -22.65 -43.41 -26.14
N SER D 603 -21.90 -42.92 -25.15
CA SER D 603 -22.46 -42.24 -23.99
C SER D 603 -21.34 -41.44 -23.35
N MET D 604 -21.67 -40.77 -22.25
CA MET D 604 -20.71 -39.94 -21.53
C MET D 604 -20.67 -40.38 -20.08
N GLU D 605 -19.48 -40.38 -19.49
CA GLU D 605 -19.31 -40.68 -18.08
C GLU D 605 -18.97 -39.39 -17.34
N ASN D 606 -19.87 -38.94 -16.47
CA ASN D 606 -19.75 -37.66 -15.79
C ASN D 606 -19.57 -37.79 -14.29
N TRP D 607 -20.48 -38.48 -13.62
CA TRP D 607 -20.54 -38.50 -12.16
C TRP D 607 -19.91 -39.77 -11.63
N GLY D 608 -19.04 -39.63 -10.62
CA GLY D 608 -18.38 -40.76 -10.02
C GLY D 608 -18.53 -40.75 -8.51
N GLY D 609 -17.91 -41.74 -7.88
CA GLY D 609 -17.99 -41.84 -6.42
C GLY D 609 -17.20 -40.76 -5.71
N ALA D 610 -15.91 -40.63 -6.06
CA ALA D 610 -15.06 -39.68 -5.36
C ALA D 610 -15.47 -38.23 -5.64
N THR D 611 -16.17 -37.99 -6.75
CA THR D 611 -16.59 -36.63 -7.08
C THR D 611 -17.56 -36.09 -6.04
N PHE D 612 -18.51 -36.92 -5.60
CA PHE D 612 -19.46 -36.50 -4.59
C PHE D 612 -18.75 -36.16 -3.28
N ASP D 613 -17.75 -36.96 -2.90
CA ASP D 613 -17.00 -36.71 -1.69
C ASP D 613 -16.21 -35.40 -1.80
N VAL D 614 -15.53 -35.18 -2.93
CA VAL D 614 -14.67 -34.02 -3.06
C VAL D 614 -15.49 -32.74 -3.14
N ALA D 615 -16.63 -32.76 -3.84
CA ALA D 615 -17.46 -31.57 -3.94
C ALA D 615 -17.98 -31.13 -2.57
N MET D 616 -17.96 -32.02 -1.58
CA MET D 616 -18.30 -31.69 -0.21
C MET D 616 -17.08 -31.29 0.63
N ARG D 617 -16.04 -32.13 0.66
CA ARG D 617 -14.99 -31.96 1.66
C ARG D 617 -14.05 -30.81 1.32
N PHE D 618 -13.31 -30.93 0.22
CA PHE D 618 -12.30 -29.92 -0.09
C PHE D 618 -12.90 -28.74 -0.84
N LEU D 619 -13.48 -28.98 -2.00
CA LEU D 619 -14.17 -27.93 -2.72
C LEU D 619 -15.59 -27.77 -2.17
N TYR D 620 -16.30 -26.77 -2.67
CA TYR D 620 -17.64 -26.44 -2.18
C TYR D 620 -18.59 -26.32 -3.36
N GLU D 621 -19.15 -27.45 -3.80
CA GLU D 621 -20.10 -27.48 -4.90
C GLU D 621 -21.14 -28.55 -4.63
N CYS D 622 -22.33 -28.36 -5.19
CA CYS D 622 -23.37 -29.37 -5.10
C CYS D 622 -23.31 -30.27 -6.33
N PRO D 623 -22.93 -31.54 -6.17
CA PRO D 623 -22.81 -32.42 -7.35
C PRO D 623 -24.10 -32.56 -8.13
N TRP D 624 -25.24 -32.53 -7.45
CA TRP D 624 -26.52 -32.62 -8.12
C TRP D 624 -26.72 -31.45 -9.07
N ARG D 625 -26.38 -30.24 -8.63
CA ARG D 625 -26.43 -29.09 -9.52
C ARG D 625 -25.54 -29.33 -10.74
N ARG D 626 -24.28 -29.67 -10.49
CA ARG D 626 -23.33 -29.92 -11.58
C ARG D 626 -23.91 -30.89 -12.60
N LEU D 627 -24.51 -31.98 -12.14
CA LEU D 627 -25.16 -32.90 -13.07
C LEU D 627 -26.30 -32.22 -13.81
N GLN D 628 -27.02 -31.33 -13.14
CA GLN D 628 -28.14 -30.64 -13.80
C GLN D 628 -27.65 -29.77 -14.96
N GLU D 629 -26.62 -28.95 -14.73
CA GLU D 629 -26.12 -28.14 -15.84
C GLU D 629 -25.46 -28.99 -16.91
N LEU D 630 -24.80 -30.08 -16.52
CA LEU D 630 -24.22 -30.97 -17.52
C LEU D 630 -25.30 -31.56 -18.43
N ARG D 631 -26.42 -31.98 -17.84
CA ARG D 631 -27.51 -32.52 -18.67
C ARG D 631 -28.15 -31.43 -19.51
N GLU D 632 -28.31 -30.23 -18.95
CA GLU D 632 -28.93 -29.14 -19.69
C GLU D 632 -28.09 -28.75 -20.91
N LEU D 633 -26.77 -28.69 -20.75
CA LEU D 633 -25.91 -28.33 -21.87
C LEU D 633 -25.66 -29.49 -22.82
N ILE D 634 -25.87 -30.72 -22.37
CA ILE D 634 -25.65 -31.90 -23.21
C ILE D 634 -26.94 -32.71 -23.26
N PRO D 635 -27.91 -32.33 -24.09
CA PRO D 635 -29.18 -33.05 -24.16
C PRO D 635 -29.24 -34.17 -25.19
N ASN D 636 -28.11 -34.57 -25.78
CA ASN D 636 -28.14 -35.55 -26.86
C ASN D 636 -27.04 -36.60 -26.76
N ILE D 637 -26.44 -36.78 -25.59
CA ILE D 637 -25.56 -37.92 -25.33
C ILE D 637 -25.94 -38.52 -23.99
N PRO D 638 -26.16 -39.83 -23.92
CA PRO D 638 -26.51 -40.44 -22.63
C PRO D 638 -25.37 -40.34 -21.63
N PHE D 639 -25.73 -40.23 -20.36
CA PHE D 639 -24.79 -40.06 -19.27
C PHE D 639 -24.60 -41.36 -18.50
N GLN D 640 -23.39 -41.57 -17.99
CA GLN D 640 -23.05 -42.76 -17.23
C GLN D 640 -22.43 -42.36 -15.89
N MET D 641 -22.99 -42.88 -14.80
CA MET D 641 -22.50 -42.61 -13.46
C MET D 641 -22.11 -43.92 -12.79
N LEU D 642 -20.91 -43.96 -12.23
CA LEU D 642 -20.44 -45.14 -11.51
C LEU D 642 -21.19 -45.24 -10.18
N LEU D 643 -21.74 -46.42 -9.90
CA LEU D 643 -22.50 -46.65 -8.68
C LEU D 643 -22.09 -47.96 -8.06
N ARG D 644 -21.78 -47.92 -6.76
CA ARG D 644 -21.49 -49.14 -6.02
C ARG D 644 -22.79 -49.89 -5.73
N GLY D 645 -22.65 -51.13 -5.27
CA GLY D 645 -23.79 -52.03 -5.19
C GLY D 645 -24.87 -51.64 -4.21
N ALA D 646 -24.60 -51.76 -2.90
CA ALA D 646 -25.59 -51.40 -1.89
C ALA D 646 -25.41 -49.97 -1.43
N ASN D 647 -24.21 -49.64 -0.94
CA ASN D 647 -23.86 -48.25 -0.64
C ASN D 647 -23.90 -47.43 -1.93
N ALA D 648 -24.60 -46.30 -1.90
CA ALA D 648 -24.74 -45.49 -3.10
C ALA D 648 -23.45 -44.78 -3.44
N VAL D 649 -22.98 -43.89 -2.56
CA VAL D 649 -21.77 -43.13 -2.81
C VAL D 649 -20.82 -43.28 -1.63
N GLY D 650 -21.34 -43.74 -0.51
CA GLY D 650 -20.54 -43.96 0.68
C GLY D 650 -19.81 -45.29 0.60
N TYR D 651 -19.26 -45.70 1.74
CA TYR D 651 -18.52 -46.95 1.82
C TYR D 651 -19.26 -48.03 2.62
N THR D 652 -20.26 -47.67 3.41
CA THR D 652 -21.02 -48.63 4.20
C THR D 652 -22.42 -48.74 3.62
N ASN D 653 -22.95 -49.98 3.61
CA ASN D 653 -24.23 -50.22 2.98
C ASN D 653 -25.34 -49.53 3.76
N TYR D 654 -26.49 -49.37 3.10
CA TYR D 654 -27.58 -48.53 3.56
C TYR D 654 -28.88 -49.31 3.52
N PRO D 655 -29.90 -48.87 4.25
CA PRO D 655 -31.23 -49.45 4.10
C PRO D 655 -31.71 -49.29 2.66
N ASP D 656 -32.45 -50.30 2.19
CA ASP D 656 -32.79 -50.36 0.78
C ASP D 656 -33.71 -49.23 0.35
N ASN D 657 -34.55 -48.71 1.26
CA ASN D 657 -35.49 -47.66 0.87
C ASN D 657 -34.76 -46.41 0.42
N VAL D 658 -33.73 -45.99 1.16
CA VAL D 658 -33.03 -44.77 0.80
C VAL D 658 -32.24 -44.95 -0.49
N VAL D 659 -31.67 -46.13 -0.71
CA VAL D 659 -30.94 -46.37 -1.95
C VAL D 659 -31.89 -46.37 -3.14
N PHE D 660 -33.06 -46.99 -2.99
CA PHE D 660 -34.05 -46.99 -4.05
C PHE D 660 -34.54 -45.59 -4.36
N LYS D 661 -34.80 -44.79 -3.32
CA LYS D 661 -35.19 -43.40 -3.55
C LYS D 661 -34.07 -42.62 -4.21
N PHE D 662 -32.82 -42.90 -3.85
CA PHE D 662 -31.68 -42.26 -4.48
C PHE D 662 -31.64 -42.55 -5.97
N CYS D 663 -31.81 -43.83 -6.33
CA CYS D 663 -31.83 -44.19 -7.74
C CYS D 663 -33.00 -43.54 -8.47
N GLU D 664 -34.17 -43.49 -7.83
CA GLU D 664 -35.33 -42.87 -8.45
C GLU D 664 -35.09 -41.38 -8.70
N VAL D 665 -34.49 -40.69 -7.73
CA VAL D 665 -34.22 -39.27 -7.89
C VAL D 665 -33.16 -39.05 -8.95
N ALA D 666 -32.16 -39.92 -9.02
CA ALA D 666 -31.17 -39.80 -10.09
C ALA D 666 -31.81 -39.95 -11.45
N LYS D 667 -32.71 -40.94 -11.59
CA LYS D 667 -33.41 -41.12 -12.86
C LYS D 667 -34.28 -39.90 -13.20
N GLU D 668 -35.01 -39.38 -12.22
CA GLU D 668 -35.89 -38.24 -12.47
C GLU D 668 -35.10 -36.96 -12.76
N ASN D 669 -33.86 -36.87 -12.29
CA ASN D 669 -33.06 -35.68 -12.53
C ASN D 669 -32.69 -35.55 -14.01
N GLY D 670 -32.45 -36.67 -14.68
CA GLY D 670 -32.02 -36.64 -16.07
C GLY D 670 -31.00 -37.70 -16.37
N MET D 671 -30.55 -38.40 -15.33
CA MET D 671 -29.55 -39.44 -15.48
C MET D 671 -30.12 -40.60 -16.29
N ASP D 672 -29.31 -41.16 -17.19
CA ASP D 672 -29.78 -42.17 -18.12
C ASP D 672 -29.22 -43.55 -17.83
N VAL D 673 -27.90 -43.71 -17.82
CA VAL D 673 -27.27 -45.02 -17.71
C VAL D 673 -26.62 -45.15 -16.34
N PHE D 674 -26.91 -46.26 -15.66
CA PHE D 674 -26.38 -46.53 -14.34
C PHE D 674 -25.47 -47.74 -14.41
N ARG D 675 -24.23 -47.57 -13.95
CA ARG D 675 -23.25 -48.64 -13.89
C ARG D 675 -23.18 -49.15 -12.47
N VAL D 676 -23.43 -50.45 -12.28
CA VAL D 676 -23.59 -51.05 -10.97
C VAL D 676 -22.56 -52.16 -10.79
N PHE D 677 -21.93 -52.18 -9.63
CA PHE D 677 -20.89 -53.16 -9.34
C PHE D 677 -20.69 -53.25 -7.84
N ASP D 678 -19.95 -54.27 -7.42
CA ASP D 678 -19.51 -54.38 -6.03
C ASP D 678 -18.00 -54.30 -5.97
N SER D 679 -17.51 -53.85 -4.81
CA SER D 679 -16.08 -53.91 -4.54
C SER D 679 -15.59 -55.34 -4.48
N LEU D 680 -16.38 -56.24 -3.88
CA LEU D 680 -15.98 -57.63 -3.68
C LEU D 680 -16.86 -58.62 -4.43
N ASN D 681 -17.78 -58.15 -5.26
CA ASN D 681 -18.70 -59.00 -6.03
C ASN D 681 -19.53 -59.89 -5.12
N TYR D 682 -20.38 -59.25 -4.32
CA TYR D 682 -21.39 -59.93 -3.52
C TYR D 682 -22.69 -60.02 -4.31
N LEU D 683 -23.09 -61.24 -4.66
CA LEU D 683 -24.23 -61.42 -5.54
C LEU D 683 -25.51 -60.73 -5.05
N PRO D 684 -25.90 -60.84 -3.77
CA PRO D 684 -27.09 -60.11 -3.33
C PRO D 684 -26.98 -58.61 -3.54
N ASN D 685 -25.77 -58.04 -3.45
CA ASN D 685 -25.64 -56.60 -3.63
C ASN D 685 -25.78 -56.20 -5.09
N MET D 686 -25.24 -56.99 -6.02
CA MET D 686 -25.55 -56.74 -7.43
C MET D 686 -27.04 -56.88 -7.68
N LEU D 687 -27.69 -57.87 -7.07
CA LEU D 687 -29.12 -58.02 -7.25
C LEU D 687 -29.87 -56.79 -6.75
N LEU D 688 -29.50 -56.28 -5.58
CA LEU D 688 -30.14 -55.09 -5.04
C LEU D 688 -29.91 -53.89 -5.95
N GLY D 689 -28.69 -53.72 -6.44
CA GLY D 689 -28.41 -52.60 -7.33
C GLY D 689 -29.21 -52.69 -8.62
N MET D 690 -29.26 -53.87 -9.22
CA MET D 690 -29.96 -54.00 -10.50
C MET D 690 -31.47 -53.85 -10.32
N GLU D 691 -32.02 -54.36 -9.21
CA GLU D 691 -33.46 -54.18 -9.00
C GLU D 691 -33.78 -52.72 -8.70
N ALA D 692 -32.90 -52.02 -7.99
CA ALA D 692 -33.09 -50.59 -7.80
C ALA D 692 -33.05 -49.84 -9.11
N ALA D 693 -32.10 -50.20 -9.99
CA ALA D 693 -32.03 -49.55 -11.30
C ALA D 693 -33.27 -49.84 -12.13
N GLY D 694 -33.74 -51.09 -12.12
CA GLY D 694 -34.94 -51.42 -12.85
C GLY D 694 -36.17 -50.69 -12.33
N SER D 695 -36.28 -50.57 -11.01
CA SER D 695 -37.37 -49.77 -10.44
C SER D 695 -37.26 -48.32 -10.88
N ALA D 696 -36.04 -47.78 -10.91
CA ALA D 696 -35.85 -46.43 -11.42
C ALA D 696 -36.24 -46.33 -12.89
N GLY D 697 -35.83 -47.32 -13.69
CA GLY D 697 -36.19 -47.34 -15.10
C GLY D 697 -35.10 -46.83 -16.00
N GLY D 698 -34.36 -47.73 -16.63
CA GLY D 698 -33.29 -47.34 -17.51
C GLY D 698 -32.36 -48.50 -17.77
N VAL D 699 -31.32 -48.22 -18.56
CA VAL D 699 -30.35 -49.24 -18.90
C VAL D 699 -29.56 -49.62 -17.66
N VAL D 700 -29.50 -50.92 -17.38
CA VAL D 700 -28.79 -51.45 -16.22
C VAL D 700 -27.47 -52.02 -16.69
N GLU D 701 -26.38 -51.42 -16.25
CA GLU D 701 -25.04 -51.83 -16.65
C GLU D 701 -24.40 -52.63 -15.52
N ALA D 702 -24.02 -53.86 -15.82
CA ALA D 702 -23.35 -54.74 -14.87
C ALA D 702 -21.86 -54.76 -15.16
N ALA D 703 -21.06 -54.49 -14.13
CA ALA D 703 -19.62 -54.44 -14.26
C ALA D 703 -19.00 -55.66 -13.59
N ILE D 704 -18.24 -56.42 -14.36
CA ILE D 704 -17.48 -57.57 -13.84
C ILE D 704 -16.05 -57.11 -13.64
N SER D 705 -15.61 -57.08 -12.40
CA SER D 705 -14.24 -56.68 -12.12
C SER D 705 -13.25 -57.71 -12.65
N TYR D 706 -12.16 -57.22 -13.21
CA TYR D 706 -11.09 -58.07 -13.70
C TYR D 706 -9.88 -57.93 -12.77
N THR D 707 -9.23 -59.05 -12.51
CA THR D 707 -8.08 -59.07 -11.62
C THR D 707 -7.19 -60.24 -11.98
N GLY D 708 -5.89 -60.08 -11.74
CA GLY D 708 -4.97 -61.15 -12.01
C GLY D 708 -4.79 -61.41 -13.50
N ASP D 709 -4.35 -62.63 -13.81
CA ASP D 709 -4.08 -63.04 -15.17
C ASP D 709 -4.86 -64.30 -15.50
N VAL D 710 -5.58 -64.28 -16.62
CA VAL D 710 -6.29 -65.47 -17.09
C VAL D 710 -5.51 -66.21 -18.17
N ALA D 711 -4.42 -65.64 -18.66
CA ALA D 711 -3.58 -66.29 -19.67
C ALA D 711 -2.55 -67.22 -19.08
N ASP D 712 -2.41 -67.24 -17.74
CA ASP D 712 -1.50 -68.15 -17.09
C ASP D 712 -2.29 -69.26 -16.42
N PRO D 713 -2.12 -70.52 -16.82
CA PRO D 713 -2.84 -71.61 -16.14
C PRO D 713 -2.46 -71.76 -14.69
N SER D 714 -1.33 -71.19 -14.26
CA SER D 714 -0.94 -71.28 -12.85
C SER D 714 -1.98 -70.63 -11.95
N ARG D 715 -2.63 -69.57 -12.42
CA ARG D 715 -3.67 -68.91 -11.62
C ARG D 715 -5.01 -69.55 -11.89
N THR D 716 -5.57 -70.20 -10.88
CA THR D 716 -6.88 -70.84 -10.98
C THR D 716 -7.87 -70.36 -9.93
N LYS D 717 -7.44 -69.57 -8.94
CA LYS D 717 -8.38 -69.08 -7.94
C LYS D 717 -9.51 -68.28 -8.58
N TYR D 718 -9.18 -67.48 -9.59
CA TYR D 718 -10.18 -66.80 -10.41
C TYR D 718 -9.83 -67.13 -11.85
N SER D 719 -10.29 -68.29 -12.30
CA SER D 719 -10.01 -68.76 -13.65
C SER D 719 -11.06 -68.23 -14.62
N LEU D 720 -10.89 -68.61 -15.89
CA LEU D 720 -11.86 -68.21 -16.89
C LEU D 720 -13.25 -68.75 -16.57
N GLN D 721 -13.33 -69.99 -16.06
CA GLN D 721 -14.61 -70.60 -15.75
C GLN D 721 -15.32 -69.87 -14.62
N TYR D 722 -14.56 -69.29 -13.68
CA TYR D 722 -15.17 -68.51 -12.62
C TYR D 722 -15.92 -67.32 -13.18
N TYR D 723 -15.28 -66.57 -14.07
CA TYR D 723 -15.95 -65.44 -14.72
C TYR D 723 -17.06 -65.93 -15.64
N MET D 724 -16.91 -67.12 -16.22
CA MET D 724 -18.02 -67.71 -16.98
C MET D 724 -19.25 -67.85 -16.10
N GLY D 725 -19.10 -68.52 -14.96
CA GLY D 725 -20.23 -68.69 -14.06
C GLY D 725 -20.81 -67.36 -13.63
N LEU D 726 -19.94 -66.41 -13.32
CA LEU D 726 -20.37 -65.04 -13.04
C LEU D 726 -21.27 -64.53 -14.17
N ALA D 727 -20.85 -64.78 -15.41
CA ALA D 727 -21.63 -64.34 -16.56
C ALA D 727 -23.00 -65.00 -16.61
N GLU D 728 -23.08 -66.31 -16.34
CA GLU D 728 -24.41 -66.94 -16.38
C GLU D 728 -25.33 -66.36 -15.31
N GLU D 729 -24.84 -66.17 -14.08
CA GLU D 729 -25.80 -65.62 -13.12
C GLU D 729 -26.13 -64.16 -13.41
N LEU D 730 -25.18 -63.39 -13.95
CA LEU D 730 -25.49 -62.01 -14.33
C LEU D 730 -26.53 -61.96 -15.43
N VAL D 731 -26.40 -62.82 -16.43
CA VAL D 731 -27.41 -62.87 -17.50
C VAL D 731 -28.75 -63.31 -16.94
N ARG D 732 -28.74 -64.31 -16.04
CA ARG D 732 -29.98 -64.75 -15.41
C ARG D 732 -30.64 -63.63 -14.62
N ALA D 733 -29.85 -62.71 -14.07
CA ALA D 733 -30.42 -61.57 -13.38
C ALA D 733 -31.24 -60.71 -14.33
N GLY D 734 -30.74 -60.49 -15.55
CA GLY D 734 -31.46 -59.71 -16.53
C GLY D 734 -30.75 -58.42 -16.89
N THR D 735 -29.44 -58.39 -16.74
CA THR D 735 -28.67 -57.20 -17.06
C THR D 735 -28.78 -56.88 -18.54
N HIS D 736 -29.04 -55.60 -18.85
CA HIS D 736 -29.25 -55.20 -20.24
C HIS D 736 -27.94 -55.24 -21.01
N ILE D 737 -26.88 -54.68 -20.44
CA ILE D 737 -25.55 -54.67 -21.06
C ILE D 737 -24.54 -55.11 -20.00
N LEU D 738 -23.69 -56.06 -20.37
CA LEU D 738 -22.68 -56.59 -19.45
C LEU D 738 -21.33 -55.95 -19.74
N CYS D 739 -20.58 -55.66 -18.68
CA CYS D 739 -19.32 -54.95 -18.81
C CYS D 739 -18.22 -55.68 -18.05
N ILE D 740 -17.00 -55.59 -18.57
CA ILE D 740 -15.81 -56.12 -17.92
C ILE D 740 -15.07 -54.93 -17.32
N LYS D 741 -14.76 -55.01 -16.03
CA LYS D 741 -14.23 -53.88 -15.27
C LYS D 741 -12.77 -54.12 -14.91
N ASP D 742 -11.94 -53.12 -15.16
CA ASP D 742 -10.53 -53.14 -14.81
C ASP D 742 -10.10 -51.78 -14.28
N MET D 743 -9.71 -51.73 -13.01
CA MET D 743 -9.13 -50.54 -12.40
C MET D 743 -7.62 -50.46 -12.59
N ALA D 744 -6.92 -51.58 -12.41
CA ALA D 744 -5.48 -51.60 -12.51
C ALA D 744 -4.98 -51.71 -13.95
N GLY D 745 -5.87 -51.85 -14.92
CA GLY D 745 -5.44 -51.95 -16.30
C GLY D 745 -4.59 -53.17 -16.56
N LEU D 746 -5.03 -54.33 -16.07
CA LEU D 746 -4.28 -55.57 -16.18
C LEU D 746 -4.67 -56.38 -17.41
N LEU D 747 -5.15 -55.72 -18.47
CA LEU D 747 -5.62 -56.40 -19.67
C LEU D 747 -4.43 -56.62 -20.60
N LYS D 748 -4.24 -57.88 -21.02
CA LYS D 748 -3.25 -58.29 -22.01
C LYS D 748 -3.96 -58.76 -23.28
N PRO D 749 -3.30 -58.66 -24.44
CA PRO D 749 -3.99 -58.94 -25.71
C PRO D 749 -4.55 -60.35 -25.81
N THR D 750 -3.71 -61.38 -25.65
CA THR D 750 -4.19 -62.75 -25.79
C THR D 750 -5.26 -63.09 -24.76
N ALA D 751 -5.03 -62.68 -23.51
CA ALA D 751 -5.99 -62.96 -22.45
C ALA D 751 -7.34 -62.34 -22.79
N CYS D 752 -7.36 -61.05 -23.16
CA CYS D 752 -8.63 -60.41 -23.45
C CYS D 752 -9.30 -61.02 -24.67
N THR D 753 -8.53 -61.32 -25.71
CA THR D 753 -9.18 -61.84 -26.92
C THR D 753 -9.82 -63.19 -26.66
N MET D 754 -9.13 -64.09 -25.93
CA MET D 754 -9.75 -65.38 -25.65
C MET D 754 -10.90 -65.23 -24.66
N LEU D 755 -10.80 -64.29 -23.72
CA LEU D 755 -11.91 -64.05 -22.79
C LEU D 755 -13.14 -63.54 -23.51
N VAL D 756 -12.97 -62.57 -24.42
CA VAL D 756 -14.11 -62.03 -25.15
C VAL D 756 -14.67 -63.07 -26.10
N SER D 757 -13.82 -63.97 -26.61
CA SER D 757 -14.33 -65.10 -27.36
C SER D 757 -15.23 -65.97 -26.49
N SER D 758 -14.75 -66.32 -25.29
CA SER D 758 -15.52 -67.16 -24.38
C SER D 758 -16.78 -66.47 -23.87
N LEU D 759 -16.84 -65.14 -23.97
CA LEU D 759 -18.08 -64.43 -23.69
C LEU D 759 -19.04 -64.41 -24.88
N ARG D 760 -18.58 -63.88 -26.02
CA ARG D 760 -19.43 -63.70 -27.19
C ARG D 760 -19.87 -65.01 -27.82
N ASP D 761 -19.25 -66.13 -27.46
CA ASP D 761 -19.61 -67.41 -28.08
C ASP D 761 -21.07 -67.75 -27.80
N ARG D 762 -21.53 -67.55 -26.56
CA ARG D 762 -22.88 -67.93 -26.17
C ARG D 762 -23.88 -66.78 -26.21
N PHE D 763 -23.42 -65.55 -26.45
CA PHE D 763 -24.29 -64.37 -26.32
C PHE D 763 -24.11 -63.48 -27.55
N PRO D 764 -24.74 -63.86 -28.67
CA PRO D 764 -24.58 -63.06 -29.90
C PRO D 764 -25.28 -61.71 -29.86
N ASP D 765 -26.34 -61.56 -29.05
CA ASP D 765 -27.09 -60.31 -29.01
C ASP D 765 -26.79 -59.45 -27.79
N LEU D 766 -26.02 -59.95 -26.84
CA LEU D 766 -25.73 -59.19 -25.63
C LEU D 766 -24.50 -58.31 -25.86
N PRO D 767 -24.63 -56.98 -25.81
CA PRO D 767 -23.47 -56.12 -26.04
C PRO D 767 -22.47 -56.20 -24.90
N LEU D 768 -21.21 -55.93 -25.24
CA LEU D 768 -20.12 -55.98 -24.28
C LEU D 768 -19.51 -54.60 -24.10
N HIS D 769 -18.97 -54.37 -22.90
CA HIS D 769 -18.35 -53.10 -22.55
C HIS D 769 -17.03 -53.36 -21.85
N ILE D 770 -15.99 -52.63 -22.26
CA ILE D 770 -14.65 -52.80 -21.72
C ILE D 770 -14.18 -51.46 -21.16
N HIS D 771 -13.64 -51.51 -19.94
CA HIS D 771 -13.09 -50.33 -19.28
C HIS D 771 -11.76 -50.68 -18.66
N THR D 772 -10.74 -49.87 -18.92
CA THR D 772 -9.40 -50.16 -18.42
C THR D 772 -8.65 -48.85 -18.24
N HIS D 773 -7.52 -48.94 -17.52
CA HIS D 773 -6.66 -47.80 -17.25
C HIS D 773 -5.28 -48.08 -17.85
N ASP D 774 -4.76 -47.12 -18.60
CA ASP D 774 -3.45 -47.28 -19.24
C ASP D 774 -2.31 -46.88 -18.30
N THR D 775 -2.32 -47.44 -17.10
CA THR D 775 -1.26 -47.14 -16.14
C THR D 775 0.03 -47.85 -16.50
N SER D 776 -0.06 -49.10 -16.96
CA SER D 776 1.13 -49.87 -17.27
C SER D 776 1.83 -49.41 -18.54
N GLY D 777 1.15 -48.66 -19.40
CA GLY D 777 1.73 -48.18 -20.63
C GLY D 777 1.40 -49.00 -21.86
N ALA D 778 0.45 -49.93 -21.78
CA ALA D 778 0.04 -50.73 -22.93
C ALA D 778 -1.48 -50.87 -22.99
N GLY D 779 -2.20 -49.82 -22.56
CA GLY D 779 -3.65 -49.89 -22.58
C GLY D 779 -4.22 -49.99 -23.98
N VAL D 780 -3.59 -49.30 -24.94
CA VAL D 780 -4.13 -49.28 -26.30
C VAL D 780 -4.00 -50.64 -26.97
N ALA D 781 -2.94 -51.39 -26.64
CA ALA D 781 -2.76 -52.72 -27.24
C ALA D 781 -3.90 -53.65 -26.82
N ALA D 782 -4.14 -53.75 -25.51
CA ALA D 782 -5.27 -54.54 -25.04
C ALA D 782 -6.59 -53.97 -25.54
N MET D 783 -6.67 -52.65 -25.71
CA MET D 783 -7.90 -52.04 -26.19
C MET D 783 -8.23 -52.52 -27.61
N LEU D 784 -7.25 -52.49 -28.50
CA LEU D 784 -7.47 -52.99 -29.86
C LEU D 784 -7.73 -54.50 -29.86
N ALA D 785 -7.02 -55.25 -29.00
CA ALA D 785 -7.25 -56.68 -28.93
C ALA D 785 -8.69 -56.98 -28.53
N CYS D 786 -9.18 -56.28 -27.50
CA CYS D 786 -10.56 -56.48 -27.05
C CYS D 786 -11.55 -56.05 -28.13
N ALA D 787 -11.29 -54.92 -28.79
CA ALA D 787 -12.20 -54.44 -29.82
C ALA D 787 -12.31 -55.43 -30.98
N GLN D 788 -11.18 -55.97 -31.43
CA GLN D 788 -11.20 -56.95 -32.51
C GLN D 788 -11.81 -58.26 -32.04
N ALA D 789 -11.66 -58.58 -30.76
CA ALA D 789 -12.22 -59.81 -30.22
C ALA D 789 -13.75 -59.82 -30.23
N GLY D 790 -14.37 -58.66 -30.41
CA GLY D 790 -15.82 -58.61 -30.49
C GLY D 790 -16.45 -57.59 -29.55
N ALA D 791 -15.63 -56.72 -28.98
CA ALA D 791 -16.15 -55.68 -28.11
C ALA D 791 -16.95 -54.67 -28.93
N ASP D 792 -17.86 -53.98 -28.25
CA ASP D 792 -18.72 -53.00 -28.90
C ASP D 792 -18.56 -51.60 -28.33
N VAL D 793 -18.45 -51.45 -27.02
CA VAL D 793 -18.31 -50.16 -26.37
C VAL D 793 -17.07 -50.17 -25.49
N VAL D 794 -16.28 -49.10 -25.57
CA VAL D 794 -15.03 -49.00 -24.83
C VAL D 794 -14.92 -47.61 -24.22
N ASP D 795 -14.16 -47.53 -23.12
CA ASP D 795 -13.96 -46.30 -22.38
C ASP D 795 -12.69 -45.61 -22.89
N VAL D 796 -12.69 -44.28 -22.87
CA VAL D 796 -11.55 -43.51 -23.33
C VAL D 796 -11.55 -42.15 -22.65
N ALA D 797 -10.39 -41.50 -22.60
CA ALA D 797 -10.22 -40.18 -22.03
C ALA D 797 -9.68 -39.22 -23.08
N ALA D 798 -9.58 -37.95 -22.72
CA ALA D 798 -9.08 -36.94 -23.63
C ALA D 798 -7.60 -37.17 -23.93
N ASP D 799 -7.19 -36.74 -25.13
CA ASP D 799 -5.83 -37.03 -25.61
C ASP D 799 -4.78 -36.40 -24.70
N SER D 800 -4.89 -35.10 -24.43
CA SER D 800 -3.96 -34.46 -23.53
C SER D 800 -4.16 -34.89 -22.08
N MET D 801 -5.32 -35.45 -21.75
CA MET D 801 -5.61 -35.94 -20.41
C MET D 801 -5.23 -37.41 -20.25
N SER D 802 -4.66 -38.01 -21.28
CA SER D 802 -4.44 -39.44 -21.33
C SER D 802 -3.03 -39.78 -20.85
N GLY D 803 -2.62 -41.02 -21.10
CA GLY D 803 -1.31 -41.46 -20.71
C GLY D 803 -1.19 -41.63 -19.20
N MET D 804 0.04 -41.86 -18.77
CA MET D 804 0.35 -42.00 -17.36
C MET D 804 -0.53 -43.09 -16.74
N THR D 805 -1.65 -42.70 -16.12
CA THR D 805 -2.50 -43.65 -15.41
C THR D 805 -3.92 -43.71 -15.97
N SER D 806 -4.30 -42.80 -16.86
CA SER D 806 -5.68 -42.71 -17.32
C SER D 806 -5.89 -43.61 -18.54
N GLN D 807 -7.01 -43.40 -19.23
CA GLN D 807 -7.38 -44.20 -20.38
C GLN D 807 -6.41 -43.97 -21.53
N PRO D 808 -6.30 -44.93 -22.44
CA PRO D 808 -5.45 -44.73 -23.63
C PRO D 808 -5.93 -43.55 -24.45
N SER D 809 -4.98 -42.89 -25.13
CA SER D 809 -5.27 -41.67 -25.85
C SER D 809 -6.33 -41.90 -26.93
N MET D 810 -7.32 -41.01 -26.95
CA MET D 810 -8.42 -41.16 -27.89
C MET D 810 -7.97 -40.91 -29.32
N GLY D 811 -6.99 -40.04 -29.51
CA GLY D 811 -6.48 -39.80 -30.85
C GLY D 811 -5.92 -41.05 -31.48
N ALA D 812 -5.13 -41.81 -30.72
CA ALA D 812 -4.57 -43.05 -31.24
C ALA D 812 -5.66 -44.04 -31.63
N LEU D 813 -6.69 -44.16 -30.79
CA LEU D 813 -7.77 -45.10 -31.07
C LEU D 813 -8.54 -44.69 -32.33
N VAL D 814 -8.90 -43.41 -32.44
CA VAL D 814 -9.69 -42.97 -33.58
C VAL D 814 -8.84 -42.98 -34.85
N ALA D 815 -7.52 -42.90 -34.70
CA ALA D 815 -6.65 -42.87 -35.88
C ALA D 815 -6.36 -44.28 -36.38
N CYS D 816 -6.06 -45.22 -35.48
CA CYS D 816 -5.52 -46.52 -35.86
C CYS D 816 -6.53 -47.41 -36.57
N THR D 817 -7.72 -46.90 -36.90
CA THR D 817 -8.78 -47.70 -37.51
C THR D 817 -9.11 -47.26 -38.93
N ARG D 818 -8.07 -47.02 -39.75
CA ARG D 818 -8.30 -46.56 -41.12
C ARG D 818 -9.07 -47.59 -41.93
N GLY D 819 -8.46 -48.74 -42.19
CA GLY D 819 -9.07 -49.78 -43.01
C GLY D 819 -9.56 -50.96 -42.18
N THR D 820 -9.20 -50.98 -40.90
CA THR D 820 -9.71 -52.00 -40.01
C THR D 820 -11.24 -51.91 -39.93
N PRO D 821 -11.95 -53.04 -40.01
CA PRO D 821 -13.41 -52.99 -40.06
C PRO D 821 -14.07 -52.36 -38.84
N LEU D 822 -13.29 -51.94 -37.85
CA LEU D 822 -13.86 -51.27 -36.69
C LEU D 822 -14.55 -49.97 -37.09
N ASP D 823 -13.92 -49.19 -37.98
CA ASP D 823 -14.59 -48.10 -38.68
C ASP D 823 -15.20 -47.06 -37.74
N THR D 824 -14.36 -46.27 -37.07
CA THR D 824 -14.86 -45.19 -36.23
C THR D 824 -15.49 -44.08 -37.07
N GLU D 825 -14.80 -43.61 -38.10
CA GLU D 825 -15.18 -42.43 -38.88
C GLU D 825 -15.45 -41.23 -37.99
N VAL D 826 -14.39 -40.77 -37.32
CA VAL D 826 -14.43 -39.54 -36.55
C VAL D 826 -13.22 -38.69 -36.94
N PRO D 827 -13.41 -37.42 -37.28
CA PRO D 827 -12.30 -36.61 -37.78
C PRO D 827 -11.21 -36.41 -36.73
N MET D 828 -9.98 -36.28 -37.22
CA MET D 828 -8.84 -36.03 -36.34
C MET D 828 -8.90 -34.66 -35.71
N GLU D 829 -9.47 -33.68 -36.41
CA GLU D 829 -9.46 -32.29 -35.95
C GLU D 829 -10.21 -32.13 -34.64
N ARG D 830 -11.29 -32.90 -34.46
CA ARG D 830 -12.03 -32.82 -33.20
C ARG D 830 -11.14 -33.21 -32.03
N VAL D 831 -10.43 -34.33 -32.17
CA VAL D 831 -9.50 -34.78 -31.14
C VAL D 831 -8.41 -33.74 -30.92
N PHE D 832 -7.91 -33.14 -32.01
CA PHE D 832 -6.86 -32.14 -31.89
C PHE D 832 -7.31 -30.95 -31.04
N ASP D 833 -8.49 -30.40 -31.36
CA ASP D 833 -8.96 -29.23 -30.63
C ASP D 833 -9.29 -29.58 -29.18
N TYR D 834 -9.89 -30.75 -28.95
CA TYR D 834 -10.17 -31.18 -27.59
C TYR D 834 -8.87 -31.30 -26.79
N SER D 835 -7.86 -31.94 -27.38
CA SER D 835 -6.59 -32.13 -26.69
C SER D 835 -5.92 -30.80 -26.39
N GLU D 836 -5.93 -29.87 -27.34
CA GLU D 836 -5.26 -28.59 -27.09
C GLU D 836 -6.00 -27.79 -26.02
N TYR D 837 -7.33 -27.82 -26.03
CA TYR D 837 -8.07 -27.11 -24.99
C TYR D 837 -7.74 -27.68 -23.62
N TRP D 838 -7.76 -29.01 -23.49
CA TRP D 838 -7.49 -29.60 -22.19
C TRP D 838 -6.03 -29.39 -21.78
N GLU D 839 -5.11 -29.36 -22.75
CA GLU D 839 -3.73 -29.03 -22.46
C GLU D 839 -3.61 -27.63 -21.88
N GLY D 840 -4.33 -26.67 -22.47
CA GLY D 840 -4.31 -25.32 -21.95
C GLY D 840 -4.94 -25.22 -20.57
N ALA D 841 -6.03 -25.94 -20.35
CA ALA D 841 -6.74 -25.83 -19.07
C ALA D 841 -6.01 -26.55 -17.95
N ARG D 842 -5.22 -27.59 -18.26
CA ARG D 842 -4.59 -28.38 -17.21
C ARG D 842 -3.59 -27.56 -16.41
N GLY D 843 -3.02 -26.51 -17.01
CA GLY D 843 -2.04 -25.70 -16.31
C GLY D 843 -2.62 -24.96 -15.12
N LEU D 844 -3.93 -24.70 -15.14
CA LEU D 844 -4.55 -23.95 -14.05
C LEU D 844 -4.44 -24.70 -12.72
N TYR D 845 -4.65 -26.01 -12.74
CA TYR D 845 -4.56 -26.83 -11.53
C TYR D 845 -3.16 -27.40 -11.35
N ALA D 846 -2.14 -26.55 -11.43
CA ALA D 846 -0.77 -27.01 -11.30
C ALA D 846 -0.32 -27.11 -9.84
N ALA D 847 -1.04 -26.49 -8.91
CA ALA D 847 -0.65 -26.53 -7.51
C ALA D 847 -0.92 -27.89 -6.87
N PHE D 848 -1.73 -28.73 -7.51
CA PHE D 848 -1.97 -30.08 -7.04
C PHE D 848 -2.04 -31.07 -8.20
N ASP D 849 -1.34 -30.78 -9.29
CA ASP D 849 -1.31 -31.68 -10.44
C ASP D 849 -0.28 -32.78 -10.20
N CYS D 850 -0.63 -34.00 -10.59
CA CYS D 850 0.28 -35.12 -10.46
C CYS D 850 1.51 -34.99 -11.36
N THR D 851 1.39 -34.31 -12.51
CA THR D 851 2.53 -34.15 -13.38
C THR D 851 3.65 -33.33 -12.74
N ALA D 852 3.32 -32.48 -11.77
CA ALA D 852 4.37 -31.86 -10.96
C ALA D 852 5.10 -32.91 -10.14
N THR D 853 4.39 -33.94 -9.72
CA THR D 853 4.97 -35.04 -8.95
C THR D 853 5.39 -36.20 -9.84
N MET D 854 4.43 -36.81 -10.54
CA MET D 854 4.69 -38.01 -11.33
C MET D 854 4.97 -37.63 -12.77
N LYS D 855 6.06 -38.16 -13.33
CA LYS D 855 6.45 -37.84 -14.70
C LYS D 855 5.72 -38.69 -15.74
N SER D 856 5.61 -39.99 -15.52
CA SER D 856 4.97 -40.87 -16.48
C SER D 856 4.44 -42.09 -15.74
N GLY D 857 3.42 -42.72 -16.34
CA GLY D 857 2.90 -43.94 -15.80
C GLY D 857 3.91 -45.06 -15.83
N ASN D 858 3.77 -45.98 -14.89
CA ASN D 858 4.75 -47.05 -14.70
C ASN D 858 4.07 -48.40 -14.77
N SER D 859 4.89 -49.42 -15.04
CA SER D 859 4.43 -50.80 -15.08
C SER D 859 4.45 -51.46 -13.70
N ASP D 860 4.51 -50.65 -12.63
CA ASP D 860 4.47 -51.19 -11.27
C ASP D 860 3.03 -51.47 -10.86
N VAL D 861 2.30 -52.21 -11.68
CA VAL D 861 0.88 -52.43 -11.47
C VAL D 861 0.55 -53.92 -11.36
N TYR D 862 1.08 -54.74 -12.26
CA TYR D 862 0.78 -56.17 -12.23
C TYR D 862 1.20 -56.82 -10.92
N GLU D 863 2.12 -56.22 -10.18
CA GLU D 863 2.48 -56.70 -8.85
C GLU D 863 1.91 -55.85 -7.73
N ASN D 864 1.25 -54.75 -8.04
CA ASN D 864 0.66 -53.87 -7.04
C ASN D 864 -0.85 -53.68 -7.22
N GLU D 865 -1.36 -53.90 -8.44
CA GLU D 865 -2.78 -53.85 -8.77
C GLU D 865 -3.50 -52.69 -8.09
N ILE D 866 -2.85 -51.55 -7.98
CA ILE D 866 -3.47 -50.37 -7.37
C ILE D 866 -4.42 -49.74 -8.38
N PRO D 867 -5.65 -49.40 -7.99
CA PRO D 867 -6.57 -48.76 -8.93
C PRO D 867 -6.08 -47.37 -9.32
N GLY D 868 -6.46 -46.94 -10.53
CA GLY D 868 -5.93 -45.71 -11.07
C GLY D 868 -6.28 -44.49 -10.24
N GLY D 869 -7.55 -44.38 -9.85
CA GLY D 869 -8.00 -43.20 -9.13
C GLY D 869 -7.53 -43.13 -7.70
N GLN D 870 -7.08 -44.25 -7.13
CA GLN D 870 -6.61 -44.33 -5.76
C GLN D 870 -5.09 -44.33 -5.69
N TYR D 871 -4.44 -44.34 -6.84
CA TYR D 871 -2.99 -44.38 -6.95
C TYR D 871 -2.38 -42.98 -7.04
N THR D 872 -3.04 -42.07 -7.75
CA THR D 872 -2.51 -40.73 -7.94
C THR D 872 -2.26 -40.04 -6.62
N ASN D 873 -3.32 -39.79 -5.84
CA ASN D 873 -3.14 -39.08 -4.58
C ASN D 873 -2.35 -39.89 -3.58
N LEU D 874 -2.41 -41.23 -3.67
CA LEU D 874 -1.60 -42.07 -2.79
C LEU D 874 -0.12 -41.77 -2.94
N HIS D 875 0.36 -41.75 -4.18
CA HIS D 875 1.74 -41.32 -4.42
C HIS D 875 1.92 -39.85 -4.10
N PHE D 876 0.93 -39.03 -4.43
CA PHE D 876 1.13 -37.59 -4.51
C PHE D 876 1.25 -36.97 -3.13
N GLN D 877 0.45 -37.42 -2.17
CA GLN D 877 0.58 -36.93 -0.80
C GLN D 877 1.96 -37.27 -0.24
N ALA D 878 2.41 -38.51 -0.44
CA ALA D 878 3.70 -38.93 0.08
C ALA D 878 4.83 -38.13 -0.54
N HIS D 879 4.77 -37.87 -1.84
CA HIS D 879 5.84 -37.11 -2.48
C HIS D 879 5.78 -35.61 -2.17
N SER D 880 4.59 -35.01 -2.07
CA SER D 880 4.45 -33.57 -1.91
C SER D 880 4.67 -33.15 -0.45
N MET D 881 4.01 -33.83 0.50
CA MET D 881 4.35 -33.59 1.90
C MET D 881 5.78 -34.00 2.21
N GLY D 882 6.37 -34.84 1.37
CA GLY D 882 7.76 -35.20 1.52
C GLY D 882 7.95 -36.46 2.34
N LEU D 883 9.20 -36.95 2.30
CA LEU D 883 9.63 -38.11 3.06
C LEU D 883 8.92 -39.39 2.62
N GLY D 884 8.03 -39.26 1.62
CA GLY D 884 7.36 -40.41 1.07
C GLY D 884 7.82 -40.66 -0.35
N SER D 885 8.93 -40.03 -0.73
CA SER D 885 9.49 -40.25 -2.07
C SER D 885 9.90 -41.70 -2.25
N LYS D 886 10.55 -42.28 -1.25
CA LYS D 886 10.88 -43.71 -1.26
C LYS D 886 9.58 -44.43 -0.95
N PHE D 887 8.77 -44.62 -1.99
CA PHE D 887 7.43 -45.14 -1.83
C PHE D 887 7.40 -46.66 -1.91
N LYS D 888 8.57 -47.29 -2.09
CA LYS D 888 8.64 -48.74 -2.28
C LYS D 888 8.08 -49.49 -1.09
N GLU D 889 8.41 -49.06 0.12
CA GLU D 889 7.93 -49.78 1.30
C GLU D 889 6.43 -49.71 1.41
N VAL D 890 5.80 -48.65 0.89
CA VAL D 890 4.35 -48.59 0.83
C VAL D 890 3.81 -49.66 -0.11
N LYS D 891 4.41 -49.76 -1.30
CA LYS D 891 4.06 -50.84 -2.21
C LYS D 891 4.53 -52.20 -1.70
N LYS D 892 5.56 -52.21 -0.85
CA LYS D 892 5.98 -53.47 -0.24
C LYS D 892 4.91 -54.02 0.68
N ALA D 893 4.27 -53.17 1.47
CA ALA D 893 3.33 -53.64 2.48
C ALA D 893 1.94 -53.90 1.92
N TYR D 894 1.58 -53.23 0.82
CA TYR D 894 0.22 -53.27 0.32
C TYR D 894 -0.18 -54.68 -0.12
N VAL D 895 0.76 -55.41 -0.73
CA VAL D 895 0.46 -56.73 -1.25
C VAL D 895 0.11 -57.69 -0.11
N GLU D 896 0.93 -57.73 0.93
CA GLU D 896 0.61 -58.63 2.04
C GLU D 896 -0.52 -58.08 2.90
N ALA D 897 -0.79 -56.77 2.83
CA ALA D 897 -2.00 -56.25 3.44
C ALA D 897 -3.23 -56.84 2.78
N ASN D 898 -3.21 -56.95 1.45
CA ASN D 898 -4.25 -57.71 0.76
C ASN D 898 -4.20 -59.19 1.16
N GLN D 899 -2.99 -59.76 1.25
CA GLN D 899 -2.84 -61.18 1.49
C GLN D 899 -3.45 -61.59 2.83
N MET D 900 -3.35 -60.73 3.84
CA MET D 900 -4.00 -61.01 5.12
C MET D 900 -5.49 -61.23 4.94
N LEU D 901 -6.15 -60.35 4.18
CA LEU D 901 -7.55 -60.49 3.85
C LEU D 901 -7.79 -61.49 2.72
N GLY D 902 -6.72 -62.06 2.17
CA GLY D 902 -6.81 -62.91 1.01
C GLY D 902 -6.85 -62.11 -0.29
N ASP D 903 -6.65 -62.82 -1.40
CA ASP D 903 -6.68 -62.17 -2.70
C ASP D 903 -8.09 -61.64 -2.95
N LEU D 904 -8.26 -60.34 -2.77
CA LEU D 904 -9.57 -59.72 -2.73
C LEU D 904 -9.75 -58.77 -3.90
N ILE D 905 -10.96 -58.70 -4.41
CA ILE D 905 -11.31 -57.75 -5.46
C ILE D 905 -11.20 -56.34 -4.88
N LYS D 906 -10.21 -55.58 -5.35
CA LYS D 906 -9.88 -54.29 -4.74
C LYS D 906 -10.38 -53.16 -5.63
N VAL D 907 -11.51 -52.56 -5.24
CA VAL D 907 -11.99 -51.33 -5.85
C VAL D 907 -12.09 -50.35 -4.68
N THR D 908 -12.58 -49.14 -4.94
CA THR D 908 -12.53 -48.03 -3.99
C THR D 908 -12.75 -48.42 -2.52
N PRO D 909 -13.80 -49.17 -2.14
CA PRO D 909 -13.91 -49.56 -0.72
C PRO D 909 -12.80 -50.52 -0.31
N SER D 910 -12.65 -51.64 -1.02
CA SER D 910 -11.62 -52.60 -0.67
C SER D 910 -10.22 -52.00 -0.84
N SER D 911 -10.03 -51.22 -1.90
CA SER D 911 -8.73 -50.60 -2.11
C SER D 911 -8.39 -49.65 -0.96
N LYS D 912 -9.37 -48.86 -0.52
CA LYS D 912 -9.10 -47.96 0.60
C LYS D 912 -8.87 -48.75 1.89
N ILE D 913 -9.54 -49.89 2.07
CA ILE D 913 -9.30 -50.70 3.26
C ILE D 913 -7.87 -51.21 3.26
N VAL D 914 -7.42 -51.75 2.13
CA VAL D 914 -6.06 -52.28 2.06
C VAL D 914 -5.05 -51.16 2.20
N GLY D 915 -5.34 -49.99 1.65
CA GLY D 915 -4.42 -48.86 1.77
C GLY D 915 -4.31 -48.36 3.19
N ASP D 916 -5.44 -48.22 3.89
CA ASP D 916 -5.40 -47.82 5.29
C ASP D 916 -4.70 -48.87 6.14
N LEU D 917 -4.93 -50.15 5.84
CA LEU D 917 -4.21 -51.21 6.55
C LEU D 917 -2.71 -51.11 6.33
N ALA D 918 -2.30 -50.85 5.09
CA ALA D 918 -0.87 -50.71 4.80
C ALA D 918 -0.28 -49.50 5.51
N GLN D 919 -1.04 -48.41 5.56
CA GLN D 919 -0.59 -47.24 6.31
C GLN D 919 -0.43 -47.55 7.79
N PHE D 920 -1.37 -48.31 8.34
CA PHE D 920 -1.27 -48.76 9.73
C PHE D 920 -0.03 -49.61 9.93
N MET D 921 0.23 -50.52 9.00
CA MET D 921 1.40 -51.40 9.10
C MET D 921 2.70 -50.61 9.04
N VAL D 922 2.80 -49.66 8.12
CA VAL D 922 4.04 -48.91 7.96
C VAL D 922 4.26 -47.96 9.14
N GLN D 923 3.18 -47.34 9.64
CA GLN D 923 3.32 -46.51 10.83
C GLN D 923 3.58 -47.35 12.06
N ASN D 924 3.35 -48.66 11.99
CA ASN D 924 3.74 -49.57 13.06
C ASN D 924 4.98 -50.37 12.74
N GLY D 925 5.35 -50.52 11.46
CA GLY D 925 6.58 -51.19 11.08
C GLY D 925 6.64 -52.65 11.47
N LEU D 926 5.57 -53.39 11.18
CA LEU D 926 5.48 -54.80 11.53
C LEU D 926 5.22 -55.62 10.27
N SER D 927 5.70 -56.87 10.29
CA SER D 927 5.58 -57.78 9.17
C SER D 927 4.21 -58.46 9.17
N ARG D 928 4.08 -59.50 8.32
CA ARG D 928 2.81 -60.20 8.19
C ARG D 928 2.63 -61.24 9.27
N ALA D 929 3.61 -62.12 9.44
CA ALA D 929 3.49 -63.22 10.40
C ALA D 929 3.35 -62.69 11.83
N GLU D 930 4.14 -61.68 12.19
CA GLU D 930 4.01 -61.11 13.53
C GLU D 930 2.70 -60.37 13.70
N ALA D 931 2.20 -59.74 12.64
CA ALA D 931 0.89 -59.10 12.73
C ALA D 931 -0.21 -60.12 12.99
N GLU D 932 -0.16 -61.26 12.28
CA GLU D 932 -1.18 -62.29 12.49
C GLU D 932 -1.01 -62.96 13.85
N ALA D 933 0.22 -63.05 14.35
CA ALA D 933 0.46 -63.70 15.63
C ALA D 933 -0.27 -63.00 16.76
N GLN D 934 -0.21 -61.67 16.79
CA GLN D 934 -0.89 -60.88 17.81
C GLN D 934 -2.08 -60.12 17.23
N ALA D 935 -2.77 -60.73 16.26
CA ALA D 935 -3.87 -60.06 15.58
C ALA D 935 -4.97 -59.66 16.56
N GLU D 936 -5.27 -60.54 17.52
CA GLU D 936 -6.19 -60.17 18.60
C GLU D 936 -5.64 -59.01 19.41
N GLU D 937 -4.33 -59.03 19.68
CA GLU D 937 -3.73 -57.99 20.52
C GLU D 937 -3.71 -56.64 19.83
N LEU D 938 -3.55 -56.63 18.51
CA LEU D 938 -3.47 -55.37 17.77
C LEU D 938 -4.79 -54.63 17.80
N SER D 939 -4.71 -53.30 17.70
CA SER D 939 -5.88 -52.43 17.67
C SER D 939 -6.04 -51.92 16.24
N PHE D 940 -6.85 -52.63 15.46
CA PHE D 940 -7.05 -52.28 14.07
C PHE D 940 -7.97 -51.07 13.95
N PRO D 941 -7.87 -50.32 12.84
CA PRO D 941 -8.70 -49.13 12.69
C PRO D 941 -10.19 -49.45 12.60
N ARG D 942 -10.99 -48.38 12.53
CA ARG D 942 -12.43 -48.53 12.61
C ARG D 942 -13.03 -49.15 11.35
N SER D 943 -12.48 -48.81 10.18
CA SER D 943 -13.12 -49.26 8.95
C SER D 943 -12.88 -50.74 8.70
N VAL D 944 -11.69 -51.25 9.03
CA VAL D 944 -11.43 -52.67 8.83
C VAL D 944 -12.28 -53.53 9.76
N VAL D 945 -12.45 -53.10 11.01
CA VAL D 945 -13.30 -53.86 11.92
C VAL D 945 -14.76 -53.71 11.53
N GLU D 946 -15.14 -52.56 10.95
CA GLU D 946 -16.49 -52.41 10.42
C GLU D 946 -16.74 -53.41 9.29
N PHE D 947 -15.75 -53.58 8.40
CA PHE D 947 -15.92 -54.53 7.31
C PHE D 947 -15.97 -55.96 7.82
N LEU D 948 -15.04 -56.32 8.70
CA LEU D 948 -15.05 -57.67 9.27
C LEU D 948 -16.34 -57.96 10.01
N GLN D 949 -16.94 -56.92 10.62
CA GLN D 949 -18.18 -57.10 11.36
C GLN D 949 -19.29 -57.59 10.45
N GLY D 950 -19.40 -57.04 9.25
CA GLY D 950 -20.39 -57.50 8.30
C GLY D 950 -21.29 -56.40 7.76
N TYR D 951 -21.13 -55.18 8.28
CA TYR D 951 -21.87 -54.06 7.73
C TYR D 951 -21.50 -53.81 6.27
N ILE D 952 -20.20 -53.91 5.95
CA ILE D 952 -19.79 -53.89 4.56
C ILE D 952 -20.30 -55.12 3.84
N GLY D 953 -20.29 -56.26 4.51
CA GLY D 953 -20.81 -57.50 3.95
C GLY D 953 -19.75 -58.58 4.03
N VAL D 954 -20.14 -59.77 3.59
CA VAL D 954 -19.26 -60.93 3.54
C VAL D 954 -18.54 -60.92 2.21
N PRO D 955 -17.22 -61.08 2.19
CA PRO D 955 -16.49 -61.15 0.92
C PRO D 955 -16.88 -62.39 0.13
N HIS D 956 -16.73 -62.28 -1.19
CA HIS D 956 -17.07 -63.39 -2.07
C HIS D 956 -16.22 -64.61 -1.75
N GLY D 957 -14.92 -64.40 -1.51
CA GLY D 957 -14.10 -65.50 -1.03
C GLY D 957 -14.45 -65.93 0.38
N GLY D 958 -14.79 -64.98 1.23
CA GLY D 958 -15.11 -65.25 2.63
C GLY D 958 -14.04 -64.69 3.57
N PHE D 959 -14.49 -64.39 4.79
CA PHE D 959 -13.58 -63.84 5.78
C PHE D 959 -12.51 -64.86 6.14
N PRO D 960 -11.30 -64.39 6.49
CA PRO D 960 -10.32 -65.30 7.11
C PRO D 960 -10.74 -65.62 8.53
N GLU D 961 -11.07 -66.87 8.79
CA GLU D 961 -11.68 -67.23 10.08
C GLU D 961 -10.81 -66.90 11.28
N PRO D 962 -9.52 -67.27 11.33
CA PRO D 962 -8.73 -66.86 12.51
C PRO D 962 -8.63 -65.35 12.67
N PHE D 963 -8.46 -64.62 11.57
CA PHE D 963 -8.37 -63.17 11.66
C PHE D 963 -9.68 -62.55 12.13
N ARG D 964 -10.80 -63.00 11.55
CA ARG D 964 -12.10 -62.48 11.96
C ARG D 964 -12.38 -62.80 13.42
N SER D 965 -12.06 -64.02 13.85
CA SER D 965 -12.30 -64.40 15.24
C SER D 965 -11.45 -63.58 16.19
N LYS D 966 -10.18 -63.37 15.85
CA LYS D 966 -9.31 -62.56 16.71
C LYS D 966 -9.78 -61.12 16.78
N VAL D 967 -10.18 -60.55 15.64
CA VAL D 967 -10.53 -59.13 15.61
C VAL D 967 -11.89 -58.89 16.25
N LEU D 968 -12.94 -59.51 15.69
CA LEU D 968 -14.29 -59.23 16.17
C LEU D 968 -14.49 -59.75 17.60
N LYS D 969 -14.10 -61.00 17.84
CA LYS D 969 -14.31 -61.70 19.11
C LYS D 969 -15.66 -61.37 19.73
N ASP D 970 -15.68 -60.57 20.80
CA ASP D 970 -16.91 -60.23 21.50
C ASP D 970 -17.79 -59.24 20.73
N LEU D 971 -17.27 -58.60 19.69
CA LEU D 971 -18.07 -57.66 18.93
C LEU D 971 -19.19 -58.40 18.19
N PRO D 972 -20.38 -57.80 18.10
CA PRO D 972 -21.48 -58.45 17.39
C PRO D 972 -21.16 -58.68 15.92
N ARG D 973 -21.70 -59.77 15.38
CA ARG D 973 -21.53 -60.12 13.98
C ARG D 973 -22.87 -60.02 13.27
N VAL D 974 -22.90 -59.25 12.17
CA VAL D 974 -24.09 -59.09 11.34
C VAL D 974 -23.87 -59.89 10.06
N GLU D 975 -24.76 -60.84 9.80
CA GLU D 975 -24.66 -61.71 8.65
C GLU D 975 -25.91 -61.57 7.77
N GLY D 976 -26.00 -62.42 6.76
CA GLY D 976 -27.02 -62.27 5.74
C GLY D 976 -26.72 -61.07 4.87
N ARG D 977 -27.77 -60.56 4.23
CA ARG D 977 -27.62 -59.34 3.46
C ARG D 977 -27.70 -58.14 4.40
N PRO D 978 -26.64 -57.34 4.51
CA PRO D 978 -26.69 -56.18 5.41
C PRO D 978 -27.79 -55.19 5.07
N GLY D 979 -28.12 -55.02 3.79
CA GLY D 979 -29.21 -54.15 3.42
C GLY D 979 -30.53 -54.62 4.01
N ALA D 980 -30.76 -55.93 4.03
CA ALA D 980 -31.95 -56.48 4.67
C ALA D 980 -31.80 -56.45 6.19
N SER D 981 -30.59 -56.69 6.70
CA SER D 981 -30.38 -56.70 8.14
C SER D 981 -30.48 -55.31 8.75
N LEU D 982 -30.04 -54.29 8.02
CA LEU D 982 -30.07 -52.93 8.55
C LEU D 982 -31.52 -52.46 8.70
N PRO D 983 -31.87 -51.81 9.80
CA PRO D 983 -33.23 -51.28 9.94
C PRO D 983 -33.46 -50.15 8.96
N PRO D 984 -34.65 -50.08 8.35
CA PRO D 984 -34.94 -48.98 7.43
C PRO D 984 -34.98 -47.65 8.16
N LEU D 985 -34.61 -46.59 7.45
CA LEU D 985 -34.54 -45.25 8.00
C LEU D 985 -35.59 -44.37 7.34
N ASP D 986 -36.30 -43.59 8.15
CA ASP D 986 -37.34 -42.71 7.62
C ASP D 986 -36.72 -41.49 6.96
N LEU D 987 -37.22 -41.15 5.77
CA LEU D 987 -36.77 -39.99 5.04
C LEU D 987 -37.50 -38.72 5.41
N GLN D 988 -38.51 -38.81 6.28
CA GLN D 988 -39.31 -37.65 6.67
C GLN D 988 -38.83 -37.01 7.96
N ALA D 989 -38.20 -37.77 8.85
CA ALA D 989 -37.67 -37.18 10.07
C ALA D 989 -36.47 -36.28 9.78
N LEU D 990 -35.59 -36.72 8.90
CA LEU D 990 -34.36 -35.97 8.63
C LEU D 990 -34.65 -34.63 7.99
N GLU D 991 -35.63 -34.57 7.08
CA GLU D 991 -35.94 -33.32 6.41
C GLU D 991 -36.49 -32.29 7.40
N LYS D 992 -37.37 -32.71 8.31
CA LYS D 992 -37.85 -31.80 9.34
C LYS D 992 -36.72 -31.37 10.26
N GLU D 993 -35.85 -32.31 10.65
CA GLU D 993 -34.73 -31.98 11.52
C GLU D 993 -33.81 -30.94 10.87
N LEU D 994 -33.56 -31.09 9.57
CA LEU D 994 -32.68 -30.15 8.87
C LEU D 994 -33.36 -28.80 8.68
N VAL D 995 -34.65 -28.79 8.32
CA VAL D 995 -35.33 -27.53 8.07
C VAL D 995 -35.48 -26.76 9.38
N ASP D 996 -35.52 -27.46 10.51
CA ASP D 996 -35.48 -26.79 11.80
C ASP D 996 -34.07 -26.43 12.24
N ARG D 997 -33.05 -27.15 11.75
CA ARG D 997 -31.67 -26.84 12.12
C ARG D 997 -31.22 -25.54 11.48
N HIS D 998 -31.49 -25.36 10.20
CA HIS D 998 -31.08 -24.15 9.49
C HIS D 998 -31.84 -24.05 8.18
N GLY D 999 -32.19 -22.81 7.82
CA GLY D 999 -32.76 -22.53 6.54
C GLY D 999 -34.14 -23.10 6.34
N GLU D 1000 -34.77 -22.70 5.23
CA GLU D 1000 -36.08 -23.21 4.83
C GLU D 1000 -36.06 -23.75 3.40
N GLU D 1001 -34.94 -24.31 2.97
CA GLU D 1001 -34.78 -24.86 1.63
C GLU D 1001 -35.20 -26.32 1.63
N VAL D 1002 -35.89 -26.74 0.57
CA VAL D 1002 -36.50 -28.07 0.48
C VAL D 1002 -35.96 -28.75 -0.76
N THR D 1003 -35.36 -29.93 -0.57
CA THR D 1003 -34.93 -30.81 -1.65
C THR D 1003 -34.52 -32.13 -1.03
N PRO D 1004 -34.66 -33.25 -1.75
CA PRO D 1004 -34.23 -34.54 -1.20
C PRO D 1004 -32.73 -34.79 -1.34
N GLU D 1005 -32.08 -34.15 -2.31
CA GLU D 1005 -30.67 -34.44 -2.59
C GLU D 1005 -29.79 -34.09 -1.38
N ASP D 1006 -30.00 -32.91 -0.79
CA ASP D 1006 -29.21 -32.54 0.37
C ASP D 1006 -29.51 -33.44 1.56
N VAL D 1007 -30.77 -33.89 1.70
CA VAL D 1007 -31.12 -34.82 2.75
C VAL D 1007 -30.33 -36.11 2.60
N LEU D 1008 -30.27 -36.62 1.36
CA LEU D 1008 -29.48 -37.83 1.11
C LEU D 1008 -28.01 -37.60 1.43
N SER D 1009 -27.46 -36.48 0.97
CA SER D 1009 -26.05 -36.20 1.20
C SER D 1009 -25.74 -36.15 2.69
N ALA D 1010 -26.60 -35.49 3.47
CA ALA D 1010 -26.43 -35.48 4.91
C ALA D 1010 -26.57 -36.88 5.49
N ALA D 1011 -27.42 -37.71 4.87
CA ALA D 1011 -27.55 -39.09 5.33
C ALA D 1011 -26.23 -39.84 5.17
N MET D 1012 -25.54 -39.65 4.04
CA MET D 1012 -24.21 -40.24 3.92
C MET D 1012 -23.21 -39.59 4.88
N TYR D 1013 -23.25 -38.26 5.01
CA TYR D 1013 -22.32 -37.54 5.87
C TYR D 1013 -23.00 -36.32 6.47
N PRO D 1014 -23.33 -36.37 7.75
CA PRO D 1014 -23.94 -35.20 8.41
C PRO D 1014 -22.96 -34.05 8.64
N ASP D 1015 -21.77 -34.37 9.16
CA ASP D 1015 -20.84 -33.33 9.59
C ASP D 1015 -20.32 -32.52 8.40
N VAL D 1016 -19.89 -33.20 7.34
CA VAL D 1016 -19.38 -32.50 6.18
C VAL D 1016 -20.48 -31.69 5.53
N PHE D 1017 -21.70 -32.22 5.50
CA PHE D 1017 -22.82 -31.46 4.97
C PHE D 1017 -23.09 -30.19 5.77
N ALA D 1018 -23.05 -30.29 7.10
CA ALA D 1018 -23.28 -29.11 7.93
C ALA D 1018 -22.20 -28.07 7.70
N HIS D 1019 -20.94 -28.51 7.64
CA HIS D 1019 -19.84 -27.57 7.41
C HIS D 1019 -19.98 -26.90 6.04
N PHE D 1020 -20.33 -27.67 5.01
CA PHE D 1020 -20.48 -27.11 3.67
C PHE D 1020 -21.64 -26.13 3.62
N LYS D 1021 -22.75 -26.46 4.28
CA LYS D 1021 -23.89 -25.55 4.31
C LYS D 1021 -23.54 -24.25 5.01
N ASP D 1022 -22.81 -24.33 6.13
CA ASP D 1022 -22.37 -23.12 6.83
C ASP D 1022 -21.46 -22.28 5.94
N PHE D 1023 -20.52 -22.92 5.26
CA PHE D 1023 -19.60 -22.20 4.38
C PHE D 1023 -20.36 -21.50 3.25
N THR D 1024 -21.32 -22.19 2.64
CA THR D 1024 -22.10 -21.59 1.57
C THR D 1024 -22.96 -20.44 2.06
N ALA D 1025 -23.59 -20.59 3.24
CA ALA D 1025 -24.38 -19.50 3.78
C ALA D 1025 -23.52 -18.29 4.11
N THR D 1026 -22.27 -18.53 4.52
CA THR D 1026 -21.38 -17.42 4.85
C THR D 1026 -20.91 -16.70 3.58
N PHE D 1027 -20.26 -17.43 2.67
CA PHE D 1027 -19.57 -16.82 1.55
C PHE D 1027 -20.39 -16.79 0.26
N GLY D 1028 -21.65 -17.21 0.30
CA GLY D 1028 -22.51 -17.10 -0.86
C GLY D 1028 -22.15 -18.02 -1.99
N PRO D 1029 -22.46 -17.61 -3.22
CA PRO D 1029 -22.24 -18.49 -4.38
C PRO D 1029 -20.78 -18.61 -4.79
N LEU D 1030 -20.21 -19.78 -4.54
CA LEU D 1030 -18.86 -20.09 -4.99
C LEU D 1030 -18.92 -20.55 -6.45
N ASP D 1031 -17.88 -21.25 -6.91
CA ASP D 1031 -17.76 -21.97 -8.19
C ASP D 1031 -18.23 -21.13 -9.38
N SER D 1032 -18.27 -19.81 -9.20
CA SER D 1032 -18.48 -18.87 -10.30
C SER D 1032 -17.21 -18.12 -10.66
N LEU D 1033 -16.08 -18.48 -10.05
CA LEU D 1033 -14.82 -17.77 -10.20
C LEU D 1033 -13.96 -18.45 -11.26
N ASN D 1034 -12.95 -17.72 -11.71
CA ASN D 1034 -11.86 -18.35 -12.44
C ASN D 1034 -11.06 -19.23 -11.49
N THR D 1035 -10.52 -20.33 -12.02
CA THR D 1035 -9.78 -21.25 -11.18
C THR D 1035 -8.57 -20.57 -10.56
N ARG D 1036 -7.82 -19.80 -11.36
CA ARG D 1036 -6.71 -19.05 -10.82
C ARG D 1036 -7.18 -18.01 -9.82
N LEU D 1037 -8.31 -17.35 -10.11
CA LEU D 1037 -8.87 -16.37 -9.19
C LEU D 1037 -9.27 -17.02 -7.87
N PHE D 1038 -9.86 -18.20 -7.94
CA PHE D 1038 -10.30 -18.89 -6.72
C PHE D 1038 -9.13 -19.48 -5.96
N LEU D 1039 -8.03 -19.82 -6.63
CA LEU D 1039 -6.89 -20.46 -5.99
C LEU D 1039 -5.92 -19.47 -5.37
N GLN D 1040 -5.55 -18.41 -6.10
CA GLN D 1040 -4.60 -17.45 -5.56
C GLN D 1040 -5.22 -16.11 -5.23
N GLY D 1041 -6.25 -15.70 -5.99
CA GLY D 1041 -6.87 -14.41 -5.78
C GLY D 1041 -6.36 -13.40 -6.78
N PRO D 1042 -6.97 -12.22 -6.79
CA PRO D 1042 -6.59 -11.19 -7.77
C PRO D 1042 -5.15 -10.75 -7.58
N LYS D 1043 -4.50 -10.45 -8.69
CA LYS D 1043 -3.20 -9.80 -8.64
C LYS D 1043 -3.38 -8.30 -8.44
N ILE D 1044 -2.32 -7.66 -7.95
CA ILE D 1044 -2.44 -6.27 -7.52
C ILE D 1044 -2.68 -5.36 -8.73
N ALA D 1045 -3.72 -4.53 -8.63
CA ALA D 1045 -4.01 -3.48 -9.60
C ALA D 1045 -4.18 -4.03 -11.02
N GLU D 1046 -4.85 -5.17 -11.14
CA GLU D 1046 -5.23 -5.69 -12.44
C GLU D 1046 -6.73 -5.98 -12.43
N GLU D 1047 -7.39 -5.64 -13.53
CA GLU D 1047 -8.82 -5.86 -13.66
C GLU D 1047 -9.08 -7.30 -14.11
N PHE D 1048 -9.90 -8.02 -13.36
CA PHE D 1048 -10.34 -9.34 -13.73
C PHE D 1048 -11.86 -9.33 -13.90
N GLU D 1049 -12.40 -10.44 -14.41
CA GLU D 1049 -13.83 -10.55 -14.66
C GLU D 1049 -14.34 -11.85 -14.06
N VAL D 1050 -15.47 -11.75 -13.37
CA VAL D 1050 -16.15 -12.91 -12.81
C VAL D 1050 -17.60 -12.87 -13.25
N GLU D 1051 -18.11 -14.01 -13.71
CA GLU D 1051 -19.50 -14.16 -14.11
C GLU D 1051 -20.27 -14.92 -13.04
N LEU D 1052 -21.56 -14.63 -12.95
CA LEU D 1052 -22.43 -15.21 -11.94
C LEU D 1052 -23.64 -15.91 -12.53
N GLU D 1053 -24.11 -15.46 -13.69
CA GLU D 1053 -25.31 -16.00 -14.32
C GLU D 1053 -25.16 -15.78 -15.82
N ARG D 1054 -26.24 -16.02 -16.58
CA ARG D 1054 -26.21 -15.74 -18.00
C ARG D 1054 -26.01 -14.25 -18.27
N GLY D 1055 -26.57 -13.40 -17.41
CA GLY D 1055 -26.45 -11.96 -17.59
C GLY D 1055 -25.68 -11.28 -16.50
N LYS D 1056 -25.48 -11.96 -15.37
CA LYS D 1056 -24.76 -11.40 -14.23
C LYS D 1056 -23.26 -11.59 -14.45
N THR D 1057 -22.57 -10.49 -14.73
CA THR D 1057 -21.12 -10.51 -14.94
C THR D 1057 -20.51 -9.34 -14.18
N LEU D 1058 -19.40 -9.59 -13.51
CA LEU D 1058 -18.76 -8.57 -12.69
C LEU D 1058 -17.30 -8.40 -13.08
N HIS D 1059 -16.87 -7.15 -13.15
CA HIS D 1059 -15.47 -6.78 -13.35
C HIS D 1059 -15.01 -6.07 -12.08
N ILE D 1060 -13.96 -6.61 -11.46
CA ILE D 1060 -13.48 -6.11 -10.17
C ILE D 1060 -11.99 -5.80 -10.29
N LYS D 1061 -11.59 -4.67 -9.72
CA LYS D 1061 -10.20 -4.23 -9.72
C LYS D 1061 -9.73 -4.12 -8.28
N ALA D 1062 -8.48 -4.48 -8.03
CA ALA D 1062 -7.89 -4.42 -6.70
C ALA D 1062 -7.08 -3.14 -6.57
N LEU D 1063 -7.39 -2.34 -5.54
CA LEU D 1063 -6.72 -1.06 -5.37
C LEU D 1063 -5.48 -1.17 -4.50
N ALA D 1064 -5.65 -1.53 -3.23
CA ALA D 1064 -4.54 -1.54 -2.28
C ALA D 1064 -4.97 -2.26 -1.01
N VAL D 1065 -3.98 -2.59 -0.19
CA VAL D 1065 -4.19 -3.21 1.11
C VAL D 1065 -3.47 -2.38 2.17
N SER D 1066 -4.17 -2.08 3.26
CA SER D 1066 -3.60 -1.30 4.34
C SER D 1066 -2.94 -2.23 5.36
N ASP D 1067 -2.58 -1.70 6.52
CA ASP D 1067 -1.95 -2.46 7.58
C ASP D 1067 -2.88 -2.51 8.79
N LEU D 1068 -2.49 -3.31 9.78
CA LEU D 1068 -3.27 -3.48 11.01
C LEU D 1068 -3.65 -2.13 11.61
N ASN D 1069 -4.95 -1.85 11.65
CA ASN D 1069 -5.40 -0.53 12.12
C ASN D 1069 -5.51 -0.48 13.63
N ARG D 1070 -6.43 -1.25 14.23
CA ARG D 1070 -6.61 -1.20 15.67
C ARG D 1070 -6.69 -2.58 16.33
N ALA D 1071 -7.21 -3.58 15.64
CA ALA D 1071 -7.33 -4.91 16.21
C ALA D 1071 -6.95 -5.97 15.18
N GLY D 1072 -5.86 -5.72 14.46
CA GLY D 1072 -5.40 -6.66 13.45
C GLY D 1072 -6.39 -6.86 12.32
N GLN D 1073 -7.08 -5.79 11.91
CA GLN D 1073 -8.13 -5.85 10.91
C GLN D 1073 -7.74 -4.92 9.77
N ARG D 1074 -6.98 -5.44 8.81
CA ARG D 1074 -6.51 -4.65 7.68
C ARG D 1074 -7.70 -4.17 6.84
N GLN D 1075 -7.48 -3.06 6.15
CA GLN D 1075 -8.47 -2.51 5.23
C GLN D 1075 -7.96 -2.69 3.81
N VAL D 1076 -8.63 -3.56 3.05
CA VAL D 1076 -8.25 -3.88 1.68
C VAL D 1076 -9.17 -3.12 0.75
N PHE D 1077 -8.59 -2.52 -0.29
CA PHE D 1077 -9.32 -1.62 -1.17
C PHE D 1077 -9.51 -2.29 -2.53
N PHE D 1078 -10.76 -2.38 -2.97
CA PHE D 1078 -11.12 -3.01 -4.22
C PHE D 1078 -11.93 -2.02 -5.05
N GLU D 1079 -11.95 -2.23 -6.37
CA GLU D 1079 -12.77 -1.44 -7.27
C GLU D 1079 -13.83 -2.32 -7.91
N LEU D 1080 -15.06 -1.80 -7.97
CA LEU D 1080 -16.16 -2.45 -8.68
C LEU D 1080 -16.02 -2.20 -10.18
N ASN D 1081 -17.06 -2.54 -10.95
CA ASN D 1081 -17.05 -2.21 -12.37
C ASN D 1081 -16.73 -0.75 -12.59
N GLY D 1082 -17.37 0.13 -11.83
CA GLY D 1082 -17.06 1.55 -11.90
C GLY D 1082 -16.78 2.15 -10.54
N GLN D 1083 -17.14 1.43 -9.48
CA GLN D 1083 -17.00 1.92 -8.12
C GLN D 1083 -15.74 1.35 -7.47
N LEU D 1084 -15.57 1.69 -6.19
CA LEU D 1084 -14.45 1.23 -5.38
C LEU D 1084 -14.96 0.71 -4.05
N ARG D 1085 -14.22 -0.24 -3.46
CA ARG D 1085 -14.66 -0.93 -2.26
C ARG D 1085 -13.55 -0.91 -1.24
N SER D 1086 -13.92 -0.87 0.04
CA SER D 1086 -12.98 -1.01 1.15
C SER D 1086 -13.58 -1.94 2.20
N ILE D 1087 -12.79 -2.91 2.66
CA ILE D 1087 -13.30 -4.01 3.46
C ILE D 1087 -12.41 -4.21 4.68
N LEU D 1088 -13.04 -4.46 5.82
CA LEU D 1088 -12.36 -4.82 7.06
C LEU D 1088 -12.38 -6.34 7.20
N VAL D 1089 -11.20 -6.94 7.35
CA VAL D 1089 -11.05 -8.38 7.44
C VAL D 1089 -10.10 -8.72 8.57
N LYS D 1090 -10.43 -9.77 9.32
CA LYS D 1090 -9.69 -10.14 10.52
C LYS D 1090 -8.52 -11.03 10.14
N ASP D 1091 -7.30 -10.55 10.40
CA ASP D 1091 -6.11 -11.34 10.15
C ASP D 1091 -6.01 -12.50 11.13
N THR D 1092 -5.38 -13.58 10.70
CA THR D 1092 -5.17 -14.74 11.56
C THR D 1092 -3.72 -15.22 11.59
N GLN D 1093 -3.01 -15.20 10.46
CA GLN D 1093 -1.64 -15.69 10.43
C GLN D 1093 -0.64 -14.69 10.98
N ALA D 1094 -0.98 -13.41 11.01
CA ALA D 1094 -0.06 -12.40 11.53
C ALA D 1094 -0.09 -12.43 13.06
N MET D 1095 0.49 -11.39 13.66
CA MET D 1095 0.53 -11.32 15.11
C MET D 1095 -0.89 -11.26 15.65
N LYS D 1096 -1.36 -12.40 16.15
CA LYS D 1096 -2.70 -12.51 16.71
C LYS D 1096 -2.66 -12.94 18.16
N GLU D 1097 -1.52 -12.78 18.83
CA GLU D 1097 -1.43 -13.04 20.26
C GLU D 1097 -2.36 -12.11 21.02
N MET D 1098 -2.53 -12.39 22.32
CA MET D 1098 -3.60 -11.77 23.11
C MET D 1098 -3.63 -10.27 22.94
N HIS D 1099 -4.73 -9.77 22.36
CA HIS D 1099 -4.93 -8.34 22.17
C HIS D 1099 -6.39 -7.98 22.41
N PHE D 1100 -6.68 -6.67 22.49
CA PHE D 1100 -7.89 -6.14 23.12
C PHE D 1100 -8.27 -6.97 24.35
N HIS D 1101 -9.54 -7.36 24.46
CA HIS D 1101 -9.85 -8.13 25.65
C HIS D 1101 -10.27 -9.55 25.26
N PRO D 1102 -10.18 -10.52 26.19
CA PRO D 1102 -10.65 -11.88 25.86
C PRO D 1102 -12.15 -11.89 25.56
N LYS D 1103 -12.50 -12.27 24.33
CA LYS D 1103 -13.89 -12.22 23.90
C LYS D 1103 -14.73 -13.21 24.68
N ALA D 1104 -16.02 -12.91 24.80
CA ALA D 1104 -16.95 -13.76 25.55
C ALA D 1104 -17.04 -15.15 24.94
N LEU D 1105 -17.00 -16.16 25.79
CA LEU D 1105 -17.19 -17.53 25.34
C LEU D 1105 -18.68 -17.82 25.17
N LYS D 1106 -19.13 -17.90 23.92
CA LYS D 1106 -20.54 -18.13 23.65
C LYS D 1106 -20.98 -19.55 23.96
N ASP D 1107 -20.05 -20.51 23.92
CA ASP D 1107 -20.40 -21.90 24.20
C ASP D 1107 -20.83 -22.08 25.65
N VAL D 1108 -20.16 -21.38 26.57
CA VAL D 1108 -20.43 -21.54 28.00
C VAL D 1108 -21.68 -20.75 28.35
N LYS D 1109 -22.75 -21.45 28.73
CA LYS D 1109 -23.96 -20.79 29.17
C LYS D 1109 -23.80 -20.15 30.55
N GLY D 1110 -22.98 -20.76 31.41
CA GLY D 1110 -22.78 -20.21 32.74
C GLY D 1110 -22.12 -18.85 32.72
N GLN D 1111 -21.19 -18.62 31.80
CA GLN D 1111 -20.62 -17.30 31.63
C GLN D 1111 -21.70 -16.30 31.22
N ILE D 1112 -21.72 -15.16 31.89
CA ILE D 1112 -22.68 -14.09 31.62
C ILE D 1112 -21.98 -13.04 30.78
N GLY D 1113 -22.34 -12.97 29.50
CA GLY D 1113 -21.74 -12.03 28.58
C GLY D 1113 -22.77 -11.43 27.65
N ALA D 1114 -22.48 -10.21 27.21
CA ALA D 1114 -23.42 -9.49 26.36
C ALA D 1114 -22.95 -9.54 24.91
N PRO D 1115 -23.64 -10.26 24.03
CA PRO D 1115 -23.30 -10.17 22.59
C PRO D 1115 -23.72 -8.86 21.96
N MET D 1116 -24.41 -8.00 22.71
CA MET D 1116 -24.85 -6.70 22.23
C MET D 1116 -23.78 -5.67 22.56
N PRO D 1117 -23.62 -4.62 21.75
CA PRO D 1117 -22.67 -3.56 22.12
C PRO D 1117 -23.11 -2.86 23.40
N GLY D 1118 -22.12 -2.44 24.18
CA GLY D 1118 -22.38 -1.76 25.44
C GLY D 1118 -21.09 -1.28 26.05
N LYS D 1119 -21.23 -0.50 27.12
CA LYS D 1119 -20.10 0.10 27.80
C LYS D 1119 -20.20 -0.14 29.30
N VAL D 1120 -19.06 -0.13 29.97
CA VAL D 1120 -19.00 -0.30 31.42
C VAL D 1120 -19.21 1.06 32.06
N ILE D 1121 -20.46 1.38 32.40
CA ILE D 1121 -20.77 2.68 32.97
C ILE D 1121 -21.00 2.59 34.47
N ASP D 1122 -22.05 1.87 34.87
CA ASP D 1122 -22.39 1.70 36.28
C ASP D 1122 -23.30 0.47 36.42
N ILE D 1123 -23.26 -0.14 37.60
CA ILE D 1123 -24.04 -1.33 37.90
C ILE D 1123 -24.80 -1.09 39.20
N LYS D 1124 -26.11 -1.38 39.18
CA LYS D 1124 -26.92 -1.16 40.38
C LYS D 1124 -26.54 -2.13 41.50
N VAL D 1125 -26.73 -3.42 41.27
CA VAL D 1125 -26.39 -4.45 42.24
C VAL D 1125 -24.99 -4.95 41.89
N VAL D 1126 -24.07 -4.86 42.85
CA VAL D 1126 -22.65 -5.07 42.58
C VAL D 1126 -22.43 -6.42 41.90
N ALA D 1127 -21.58 -6.41 40.88
CA ALA D 1127 -21.29 -7.62 40.12
C ALA D 1127 -20.63 -8.66 41.00
N GLY D 1128 -20.99 -9.92 40.77
CA GLY D 1128 -20.52 -10.99 41.63
C GLY D 1128 -21.42 -11.31 42.80
N ALA D 1129 -22.72 -11.00 42.68
CA ALA D 1129 -23.67 -11.24 43.75
C ALA D 1129 -24.69 -12.29 43.30
N LYS D 1130 -25.51 -12.72 44.25
CA LYS D 1130 -26.50 -13.76 43.97
C LYS D 1130 -27.61 -13.21 43.09
N VAL D 1131 -28.48 -14.12 42.66
CA VAL D 1131 -29.50 -13.85 41.65
C VAL D 1131 -30.83 -13.58 42.34
N ALA D 1132 -31.45 -12.45 42.00
CA ALA D 1132 -32.82 -12.14 42.39
C ALA D 1132 -33.67 -11.93 41.15
N LYS D 1133 -34.81 -12.63 41.12
CA LYS D 1133 -35.65 -12.61 39.94
C LYS D 1133 -36.49 -11.35 39.88
N GLY D 1134 -36.64 -10.80 38.67
CA GLY D 1134 -37.46 -9.63 38.47
C GLY D 1134 -36.98 -8.38 39.16
N GLN D 1135 -35.66 -8.21 39.28
CA GLN D 1135 -35.08 -7.05 39.92
C GLN D 1135 -33.92 -6.52 39.09
N PRO D 1136 -33.78 -5.20 38.94
CA PRO D 1136 -32.63 -4.66 38.23
C PRO D 1136 -31.34 -5.03 38.95
N LEU D 1137 -30.40 -5.58 38.18
CA LEU D 1137 -29.18 -6.14 38.75
C LEU D 1137 -27.90 -5.57 38.16
N CYS D 1138 -27.89 -5.28 36.86
CA CYS D 1138 -26.75 -4.63 36.23
C CYS D 1138 -27.26 -3.69 35.15
N VAL D 1139 -26.47 -2.65 34.87
CA VAL D 1139 -26.82 -1.63 33.90
C VAL D 1139 -25.72 -1.54 32.86
N LEU D 1140 -26.09 -1.70 31.59
CA LEU D 1140 -25.21 -1.46 30.47
C LEU D 1140 -25.88 -0.45 29.54
N SER D 1141 -25.10 0.51 29.06
CA SER D 1141 -25.65 1.60 28.25
C SER D 1141 -25.98 1.05 26.87
N ALA D 1142 -27.11 0.35 26.78
CA ALA D 1142 -27.59 -0.20 25.51
C ALA D 1142 -28.80 0.61 25.05
N MET D 1143 -29.30 0.30 23.86
CA MET D 1143 -30.37 1.11 23.28
C MET D 1143 -31.74 0.49 23.54
N LYS D 1144 -31.87 -0.83 23.33
CA LYS D 1144 -33.20 -1.43 23.39
C LYS D 1144 -33.28 -2.66 24.29
N MET D 1145 -32.21 -3.01 25.01
CA MET D 1145 -32.27 -4.09 25.99
C MET D 1145 -31.46 -3.72 27.23
N GLU D 1146 -31.96 -4.18 28.37
CA GLU D 1146 -31.25 -4.11 29.64
C GLU D 1146 -31.03 -5.53 30.14
N THR D 1147 -30.05 -5.71 31.01
CA THR D 1147 -29.63 -7.04 31.46
C THR D 1147 -29.83 -7.17 32.96
N VAL D 1148 -30.42 -8.29 33.37
CA VAL D 1148 -30.51 -8.68 34.78
C VAL D 1148 -29.65 -9.91 34.97
N VAL D 1149 -28.92 -9.95 36.07
CA VAL D 1149 -27.95 -11.02 36.32
C VAL D 1149 -28.69 -12.28 36.75
N THR D 1150 -28.94 -13.17 35.80
CA THR D 1150 -29.57 -14.46 36.07
C THR D 1150 -28.57 -15.56 35.77
N SER D 1151 -28.11 -16.25 36.81
CA SER D 1151 -27.15 -17.32 36.64
C SER D 1151 -27.86 -18.60 36.21
N PRO D 1152 -27.52 -19.18 35.06
CA PRO D 1152 -28.13 -20.46 34.67
C PRO D 1152 -27.89 -21.56 35.69
N MET D 1153 -26.72 -21.60 36.32
CA MET D 1153 -26.42 -22.56 37.37
C MET D 1153 -25.52 -21.89 38.39
N GLU D 1154 -25.50 -22.45 39.59
CA GLU D 1154 -24.72 -21.87 40.68
C GLU D 1154 -23.23 -22.03 40.40
N GLY D 1155 -22.53 -20.91 40.38
CA GLY D 1155 -21.09 -20.91 40.15
C GLY D 1155 -20.42 -19.81 40.95
N THR D 1156 -19.20 -20.10 41.38
CA THR D 1156 -18.42 -19.16 42.19
C THR D 1156 -17.69 -18.18 41.26
N VAL D 1157 -17.82 -16.89 41.57
CA VAL D 1157 -17.23 -15.83 40.77
C VAL D 1157 -16.06 -15.23 41.56
N ARG D 1158 -14.91 -15.10 40.90
CA ARG D 1158 -13.73 -14.50 41.49
C ARG D 1158 -13.30 -13.22 40.78
N LYS D 1159 -13.35 -13.21 39.45
CA LYS D 1159 -13.02 -12.05 38.66
C LYS D 1159 -14.21 -11.66 37.81
N VAL D 1160 -14.58 -10.38 37.86
CA VAL D 1160 -15.62 -9.84 37.00
C VAL D 1160 -14.98 -9.44 35.67
N HIS D 1161 -15.53 -9.95 34.57
CA HIS D 1161 -15.01 -9.57 33.27
C HIS D 1161 -15.41 -8.16 32.88
N VAL D 1162 -16.48 -7.63 33.46
CA VAL D 1162 -16.85 -6.23 33.25
C VAL D 1162 -15.83 -5.27 33.84
N THR D 1163 -15.18 -5.66 34.94
CA THR D 1163 -14.15 -4.85 35.62
C THR D 1163 -14.77 -3.48 35.92
N LYS D 1164 -14.09 -2.37 35.63
CA LYS D 1164 -14.66 -1.05 35.85
C LYS D 1164 -13.89 -0.07 34.96
N ASP D 1165 -14.63 0.73 34.18
CA ASP D 1165 -14.06 1.74 33.31
C ASP D 1165 -13.07 1.11 32.32
N MET D 1166 -13.53 0.05 31.65
CA MET D 1166 -12.74 -0.67 30.68
C MET D 1166 -13.56 -0.85 29.41
N THR D 1167 -12.87 -0.79 28.27
CA THR D 1167 -13.54 -0.71 26.98
C THR D 1167 -14.42 -1.93 26.74
N LEU D 1168 -15.67 -1.69 26.34
CA LEU D 1168 -16.61 -2.76 26.08
C LEU D 1168 -17.32 -2.49 24.76
N GLU D 1169 -17.69 -3.57 24.09
CA GLU D 1169 -18.40 -3.53 22.81
C GLU D 1169 -19.25 -4.80 22.66
N GLY D 1170 -19.66 -5.10 21.44
CA GLY D 1170 -20.47 -6.28 21.20
C GLY D 1170 -19.68 -7.56 21.43
N ASP D 1171 -20.40 -8.66 21.63
CA ASP D 1171 -19.82 -9.98 21.84
C ASP D 1171 -18.81 -9.96 23.00
N ASP D 1172 -19.23 -9.31 24.09
CA ASP D 1172 -18.35 -9.09 25.23
C ASP D 1172 -18.90 -9.82 26.45
N LEU D 1173 -17.97 -10.25 27.31
CA LEU D 1173 -18.33 -10.92 28.55
C LEU D 1173 -18.52 -9.87 29.65
N ILE D 1174 -19.65 -9.93 30.35
CA ILE D 1174 -19.96 -8.97 31.40
C ILE D 1174 -19.78 -9.57 32.79
N LEU D 1175 -19.79 -10.90 32.90
CA LEU D 1175 -19.49 -11.57 34.15
C LEU D 1175 -18.72 -12.84 33.85
N GLU D 1176 -17.56 -12.99 34.49
CA GLU D 1176 -16.70 -14.16 34.31
C GLU D 1176 -16.91 -15.11 35.47
N ILE D 1177 -17.25 -16.36 35.14
CA ILE D 1177 -17.60 -17.37 36.13
C ILE D 1177 -16.44 -18.36 36.26
N GLU D 1178 -16.01 -18.60 37.50
CA GLU D 1178 -14.91 -19.52 37.76
C GLU D 1178 -15.43 -20.87 38.24
#